data_7MY3
#
_entry.id   7MY3
#
_cell.length_a   1.00
_cell.length_b   1.00
_cell.length_c   1.00
_cell.angle_alpha   90.00
_cell.angle_beta   90.00
_cell.angle_gamma   90.00
#
_symmetry.space_group_name_H-M   'P 1'
#
loop_
_entity.id
_entity.type
_entity.pdbx_description
1 polymer 'Spike glycoprotein'
2 polymer 'Nanobody Nb12'
3 branched beta-D-mannopyranose-(1-4)-2-acetamido-2-deoxy-beta-D-glucopyranose-(1-4)-2-acetamido-2-deoxy-beta-D-glucopyranose
4 branched 2-acetamido-2-deoxy-beta-D-glucopyranose-(1-4)-2-acetamido-2-deoxy-beta-D-glucopyranose
5 non-polymer 2-acetamido-2-deoxy-beta-D-glucopyranose
#
loop_
_entity_poly.entity_id
_entity_poly.type
_entity_poly.pdbx_seq_one_letter_code
_entity_poly.pdbx_strand_id
1 'polypeptide(L)'
;MFVFLVLLPLVSSQCVNLTTRTQLPPAYTNSFTRGVYYPDKVFRSSVLHSTQDLFLPFFSNVTWFHAIHVSGTNGTKRFD
NPVLPFNDGVYFASTEKSNIIRGWIFGTTLDSKTQSLLIVNNATNVVIKVCEFQFCNDPFLGVYYHKNNKSWMESEFRVY
SSANNCTFEYVSQPFLMDLEGKQGNFKNLREFVFKNIDGYFKIYSKHTPINLVRDLPQGFSALEPLVDLPIGINITRFQT
LLALHRSYLTPGDSSSGWTAGAAAYYVGYLQPRTFLLKYNENGTITDAVDCALDPLSETKCTLKSFTVEKGIYQTSNFRV
QPTESIVRFPNITNLCPFGEVFNATRFASVYAWNRKRISNCVADYSVLYNSASFSTFKCYGVSPTKLNDLCFTNVYADSF
VIRGDEVRQIAPGQTGKIADYNYKLPDDFTGCVIAWNSNNLDSKVGGNYNYLYRLFRKSNLKPFERDISTEIYQAGSTPC
NGVEGFNCYFPLQSYGFQPTNGVGYQPYRVVVLSFELLHAPATVCGPKKSTNLVKNKCVNFNFNGLTGTGVLTESNKKFL
PFQQFGRDIADTTDAVRDPQTLEILDITPCSFGGVSVITPGTNTSNQVAVLYQDVNCTEVPVAIHADQLTPTWRVYSTGS
NVFQTRAGCLIGAEHVNNSYECDIPIGAGICASYQTQTNSPGSASSVASQSIIAYTMSLGAENSVAYSNNSIAIPTNFTI
SVTTEILPVSMTKTSVDCTMYICGDSTECSNLLLQYGSFCTQLNRALTGIAVEQDKNTQEVFAQVKQIYKTPPIKDFGGF
NFSQILPDPSKPSKRSPIEDLLFNKVTLADAGFIKQYGDCLGDIAARDLICAQKFNGLTVLPPLLTDEMIAQYTSALLAG
TITSGWTFGAGPALQIPFPMQMAYRFNGIGVTQNVLYENQKLIANQFNSAIGKIQDSLSSTPSALGKLQDVVNQNAQALN
TLVKQLSSNFGAISSVLNDILSRLDPPEAEVQIDRLITGRLQSLQTYVTQQLIRAAEIRASANLAATKMSECVLGQSKRV
DFCGKGYHLMSFPQSAPHGVVFLHVTYVPAQEKNFTTAPAICHDGKAHFPREGVFVSNGTHWFVTQRNFYEPQIITTDNT
FVSGNCDVVIGIVNNTVYDPLQPELDSFKEELDKYFKNHTSPDVDLGDISGINASVVNIQKEIDRLNEVAKNLNESLIDL
QELGKYEQGSGYIPEAPRDGQAYVRKDGEWVLLSTFLGRSLEVLFQGPGHHHHHHHHSAWSHPQFEKGGGSGGGGSGGSA
WSHPQFEK
;
A,C,B
2 'polypeptide(L)'
;QVKLEESGGGSVQAGGSLRLICTAPGLTHNNCGLDWYRRAPGKEREFVSSISADGTTSYADSVKGRFTISKDKVEDTVYL
QMNSLKPEDTAIYSCKTAFPYFGNSCVLDYWGQGTSVTVSSHHHHHH
;
H,E,D
#
loop_
_chem_comp.id
_chem_comp.type
_chem_comp.name
_chem_comp.formula
BMA D-saccharide, beta linking beta-D-mannopyranose 'C6 H12 O6'
NAG D-saccharide, beta linking 2-acetamido-2-deoxy-beta-D-glucopyranose 'C8 H15 N O6'
#
# COMPACT_ATOMS: atom_id res chain seq x y z
N GLN A 23 -13.53 -23.41 66.97
CA GLN A 23 -14.49 -23.03 65.94
C GLN A 23 -14.60 -21.51 65.86
N LEU A 24 -14.01 -20.92 64.83
CA LEU A 24 -13.88 -19.48 64.68
C LEU A 24 -14.30 -19.04 63.29
N PRO A 25 -14.65 -17.77 63.12
CA PRO A 25 -15.00 -17.27 61.78
C PRO A 25 -13.76 -16.92 60.99
N PRO A 26 -13.83 -16.97 59.65
CA PRO A 26 -12.65 -16.68 58.84
C PRO A 26 -12.16 -15.25 59.03
N ALA A 27 -10.85 -15.07 58.92
CA ALA A 27 -10.23 -13.76 59.01
C ALA A 27 -9.66 -13.37 57.65
N TYR A 28 -9.49 -12.07 57.45
CA TYR A 28 -8.98 -11.54 56.18
C TYR A 28 -7.90 -10.52 56.48
N THR A 29 -7.05 -10.26 55.49
CA THR A 29 -6.14 -9.12 55.64
C THR A 29 -5.72 -8.63 54.26
N ASN A 30 -4.79 -7.66 54.23
CA ASN A 30 -4.55 -6.85 53.06
C ASN A 30 -3.13 -7.06 52.55
N SER A 31 -3.01 -7.59 51.33
CA SER A 31 -1.71 -7.79 50.70
C SER A 31 -1.32 -6.51 50.00
N PHE A 32 -0.47 -5.71 50.64
CA PHE A 32 -0.22 -4.38 50.14
C PHE A 32 0.41 -4.38 48.75
N THR A 33 1.66 -4.82 48.66
CA THR A 33 2.33 -5.00 47.38
C THR A 33 3.18 -6.25 47.52
N ARG A 34 2.60 -7.38 47.18
CA ARG A 34 3.27 -8.66 47.36
C ARG A 34 2.96 -9.55 46.17
N GLY A 35 3.86 -10.48 45.89
CA GLY A 35 3.58 -11.48 44.89
C GLY A 35 3.93 -11.04 43.49
N VAL A 36 5.09 -10.45 43.32
CA VAL A 36 5.61 -10.08 42.01
C VAL A 36 6.77 -11.00 41.70
N TYR A 37 6.69 -11.70 40.58
CA TYR A 37 7.67 -12.69 40.21
C TYR A 37 8.22 -12.36 38.84
N TYR A 38 9.51 -12.67 38.64
CA TYR A 38 10.13 -12.48 37.35
C TYR A 38 9.38 -13.28 36.31
N PRO A 39 8.66 -12.64 35.40
CA PRO A 39 7.80 -13.38 34.48
C PRO A 39 8.54 -14.32 33.55
N ASP A 40 9.82 -14.08 33.28
CA ASP A 40 10.56 -14.93 32.35
C ASP A 40 12.06 -14.73 32.57
N LYS A 41 12.84 -15.52 31.85
CA LYS A 41 14.29 -15.60 32.08
C LYS A 41 15.03 -14.72 31.08
N VAL A 42 14.88 -13.41 31.27
CA VAL A 42 15.53 -12.42 30.42
C VAL A 42 16.16 -11.37 31.32
N PHE A 43 17.30 -10.85 30.91
CA PHE A 43 18.03 -9.85 31.67
C PHE A 43 17.76 -8.49 31.06
N ARG A 44 17.40 -7.53 31.89
CA ARG A 44 17.27 -6.14 31.47
C ARG A 44 17.91 -5.27 32.52
N SER A 45 18.37 -4.10 32.12
CA SER A 45 19.12 -3.23 33.02
C SER A 45 18.59 -1.81 32.93
N SER A 46 18.23 -1.24 34.07
CA SER A 46 17.83 0.15 34.18
C SER A 46 16.80 0.52 33.13
N VAL A 47 15.64 -0.12 33.22
CA VAL A 47 14.61 0.03 32.19
C VAL A 47 13.25 -0.21 32.82
N LEU A 48 12.20 0.21 32.14
CA LEU A 48 10.84 0.09 32.62
C LEU A 48 10.06 -0.77 31.64
N HIS A 49 9.78 -2.00 32.02
CA HIS A 49 9.10 -2.93 31.14
C HIS A 49 7.62 -2.99 31.46
N SER A 50 6.84 -3.48 30.50
CA SER A 50 5.39 -3.52 30.62
C SER A 50 4.91 -4.92 30.28
N THR A 51 4.41 -5.64 31.28
CA THR A 51 4.03 -7.03 31.09
C THR A 51 2.54 -7.21 31.31
N GLN A 52 2.00 -8.28 30.73
CA GLN A 52 0.59 -8.61 30.84
C GLN A 52 0.47 -10.08 31.16
N ASP A 53 0.06 -10.42 32.37
CA ASP A 53 0.12 -11.81 32.80
C ASP A 53 -0.69 -11.97 34.09
N LEU A 54 -0.62 -13.14 34.69
CA LEU A 54 -1.42 -13.46 35.88
C LEU A 54 -0.67 -13.00 37.11
N PHE A 55 -1.20 -11.98 37.78
CA PHE A 55 -0.59 -11.47 39.00
C PHE A 55 -1.63 -11.37 40.10
N LEU A 56 -1.14 -11.08 41.29
CA LEU A 56 -1.98 -10.83 42.45
C LEU A 56 -2.32 -9.34 42.51
N PRO A 57 -3.56 -8.94 42.30
CA PRO A 57 -3.89 -7.52 42.30
C PRO A 57 -3.49 -6.85 43.60
N PHE A 58 -3.00 -5.62 43.48
CA PHE A 58 -2.51 -4.89 44.64
C PHE A 58 -3.65 -4.62 45.61
N PHE A 59 -3.30 -4.53 46.90
CA PHE A 59 -4.22 -4.09 47.94
C PHE A 59 -5.52 -4.90 47.91
N SER A 60 -5.41 -6.19 48.16
CA SER A 60 -6.58 -7.06 48.11
C SER A 60 -6.61 -7.94 49.36
N ASN A 61 -7.80 -8.51 49.62
CA ASN A 61 -7.93 -9.52 50.65
C ASN A 61 -7.16 -10.78 50.32
N VAL A 62 -6.32 -11.18 51.25
CA VAL A 62 -5.83 -12.54 51.34
C VAL A 62 -6.57 -13.20 52.50
N THR A 63 -7.08 -14.40 52.24
CA THR A 63 -7.67 -15.19 53.29
C THR A 63 -6.57 -15.61 54.27
N TRP A 64 -6.97 -15.81 55.53
CA TRP A 64 -6.04 -15.84 56.63
C TRP A 64 -6.28 -17.09 57.47
N PHE A 65 -5.66 -18.20 57.09
CA PHE A 65 -5.88 -19.35 57.93
C PHE A 65 -4.85 -19.36 59.06
N HIS A 66 -5.20 -20.07 60.12
CA HIS A 66 -4.42 -19.98 61.33
C HIS A 66 -4.45 -21.28 62.11
N PRO A 82 -7.86 -27.95 55.47
CA PRO A 82 -8.89 -27.10 54.90
C PRO A 82 -8.82 -27.03 53.39
N VAL A 83 -9.64 -27.83 52.70
CA VAL A 83 -9.56 -27.91 51.25
C VAL A 83 -9.95 -26.57 50.63
N LEU A 84 -9.20 -26.15 49.62
CA LEU A 84 -9.31 -24.86 48.98
C LEU A 84 -9.31 -25.05 47.47
N PRO A 85 -9.81 -24.08 46.72
CA PRO A 85 -9.81 -24.20 45.26
C PRO A 85 -8.51 -23.68 44.65
N PHE A 86 -8.39 -23.92 43.34
CA PHE A 86 -7.19 -23.60 42.57
C PHE A 86 -7.59 -22.95 41.25
N ASN A 87 -8.37 -21.88 41.33
CA ASN A 87 -8.95 -21.24 40.15
C ASN A 87 -7.95 -21.08 39.01
N ASP A 88 -6.94 -20.25 39.20
CA ASP A 88 -5.93 -20.06 38.17
C ASP A 88 -4.50 -20.02 38.68
N GLY A 89 -4.29 -19.72 39.95
CA GLY A 89 -2.95 -19.71 40.51
C GLY A 89 -3.09 -19.43 41.98
N VAL A 90 -1.98 -19.55 42.70
CA VAL A 90 -2.03 -19.36 44.14
C VAL A 90 -0.81 -18.56 44.58
N TYR A 91 -1.04 -17.57 45.42
CA TYR A 91 0.02 -16.91 46.16
C TYR A 91 -0.09 -17.40 47.60
N PHE A 92 0.76 -18.34 47.98
CA PHE A 92 0.80 -18.84 49.34
C PHE A 92 1.91 -18.10 50.08
N ALA A 93 1.66 -17.73 51.32
CA ALA A 93 2.72 -17.19 52.14
C ALA A 93 2.57 -17.72 53.56
N SER A 94 3.68 -17.72 54.30
CA SER A 94 3.60 -18.23 55.65
C SER A 94 4.79 -17.72 56.46
N THR A 95 4.52 -17.25 57.66
CA THR A 95 5.55 -16.84 58.60
C THR A 95 5.57 -17.83 59.75
N GLU A 96 6.76 -18.20 60.18
CA GLU A 96 6.87 -19.08 61.35
C GLU A 96 8.29 -19.03 61.89
N LYS A 97 8.49 -19.84 62.93
CA LYS A 97 9.76 -19.97 63.63
C LYS A 97 10.15 -21.41 63.94
N SER A 98 9.20 -22.34 63.95
CA SER A 98 9.45 -23.72 64.36
C SER A 98 9.19 -24.71 63.22
N ASN A 99 9.10 -24.23 61.99
CA ASN A 99 8.92 -25.11 60.82
C ASN A 99 7.71 -26.01 60.99
N ILE A 100 6.62 -25.45 61.54
CA ILE A 100 5.44 -26.24 61.81
C ILE A 100 4.70 -26.65 60.54
N ILE A 101 5.06 -26.07 59.40
CA ILE A 101 4.41 -26.35 58.13
C ILE A 101 5.31 -27.25 57.30
N ARG A 102 4.70 -28.19 56.57
CA ARG A 102 5.46 -29.18 55.82
C ARG A 102 5.33 -29.03 54.32
N GLY A 103 4.13 -29.12 53.76
CA GLY A 103 4.05 -29.27 52.33
C GLY A 103 2.66 -29.13 51.77
N TRP A 104 2.46 -29.71 50.60
CA TRP A 104 1.27 -29.43 49.81
C TRP A 104 0.80 -30.68 49.09
N ILE A 105 -0.51 -30.74 48.84
CA ILE A 105 -1.13 -31.81 48.08
C ILE A 105 -2.05 -31.17 47.05
N PHE A 106 -1.81 -31.44 45.77
CA PHE A 106 -2.60 -30.82 44.72
C PHE A 106 -3.30 -31.89 43.89
N GLY A 107 -4.44 -31.54 43.32
CA GLY A 107 -5.09 -32.46 42.42
C GLY A 107 -6.53 -32.06 42.16
N THR A 108 -7.33 -33.04 41.75
CA THR A 108 -8.74 -32.84 41.43
C THR A 108 -9.66 -33.59 42.38
N THR A 109 -9.53 -34.92 42.48
CA THR A 109 -10.39 -35.72 43.35
C THR A 109 -9.57 -36.08 44.58
N LEU A 110 -9.53 -35.17 45.54
CA LEU A 110 -8.70 -35.35 46.72
C LEU A 110 -9.54 -35.46 47.98
N SER A 116 -2.86 -36.32 40.73
CA SER A 116 -2.72 -35.75 42.07
C SER A 116 -1.28 -35.88 42.53
N LEU A 117 -0.64 -34.76 42.84
CA LEU A 117 0.77 -34.78 43.20
C LEU A 117 0.96 -34.29 44.62
N LEU A 118 2.17 -34.49 45.12
CA LEU A 118 2.48 -34.35 46.53
C LEU A 118 3.87 -33.77 46.68
N ILE A 119 4.01 -32.86 47.63
CA ILE A 119 5.30 -32.23 47.92
C ILE A 119 5.45 -32.16 49.42
N VAL A 120 6.43 -32.89 49.97
CA VAL A 120 6.63 -32.89 51.41
C VAL A 120 8.08 -32.63 51.74
N ASN A 121 8.31 -32.13 52.95
CA ASN A 121 9.64 -31.85 53.46
C ASN A 121 9.70 -32.25 54.93
N ASN A 122 10.09 -33.50 55.17
CA ASN A 122 10.46 -33.96 56.51
C ASN A 122 11.86 -33.46 56.82
N ALA A 123 12.53 -34.11 57.77
CA ALA A 123 13.74 -33.62 58.48
C ALA A 123 14.64 -32.85 57.52
N THR A 124 15.16 -33.46 56.45
CA THR A 124 16.05 -32.73 55.55
C THR A 124 15.59 -32.80 54.11
N ASN A 125 15.25 -34.01 53.63
CA ASN A 125 15.08 -34.23 52.20
C ASN A 125 13.65 -33.93 51.76
N VAL A 126 13.53 -33.30 50.59
CA VAL A 126 12.25 -32.87 50.06
C VAL A 126 11.84 -33.84 48.96
N VAL A 127 10.66 -34.43 49.12
CA VAL A 127 10.16 -35.45 48.20
C VAL A 127 9.01 -34.85 47.42
N ILE A 128 9.12 -34.86 46.10
CA ILE A 128 8.10 -34.33 45.21
C ILE A 128 7.68 -35.47 44.29
N LYS A 129 6.53 -36.08 44.58
CA LYS A 129 6.13 -37.29 43.86
C LYS A 129 4.72 -37.14 43.32
N VAL A 130 4.48 -37.72 42.15
CA VAL A 130 3.15 -37.77 41.55
C VAL A 130 2.74 -39.24 41.42
N CYS A 131 1.63 -39.58 42.07
CA CYS A 131 1.10 -40.94 42.08
C CYS A 131 -0.42 -40.81 42.25
N GLU A 132 -1.07 -41.90 42.63
CA GLU A 132 -2.44 -41.84 43.15
C GLU A 132 -2.41 -42.36 44.58
N PHE A 133 -3.04 -41.63 45.49
CA PHE A 133 -2.77 -41.82 46.90
C PHE A 133 -4.04 -42.16 47.69
N GLN A 134 -3.86 -42.17 49.01
CA GLN A 134 -4.92 -42.40 49.97
C GLN A 134 -4.84 -41.27 50.99
N PHE A 135 -5.95 -40.57 51.19
CA PHE A 135 -5.92 -39.38 52.02
C PHE A 135 -6.86 -39.49 53.21
N ASP A 138 -8.09 -36.96 56.20
CA ASP A 138 -7.48 -35.90 57.01
C ASP A 138 -5.97 -36.10 57.10
N PRO A 139 -5.24 -35.49 56.18
CA PRO A 139 -3.78 -35.61 56.20
C PRO A 139 -3.17 -34.86 57.38
N PHE A 140 -1.99 -35.32 57.78
CA PHE A 140 -1.23 -34.68 58.85
C PHE A 140 0.18 -35.24 58.82
N LEU A 141 1.03 -34.72 59.71
CA LEU A 141 2.40 -35.19 59.82
C LEU A 141 3.01 -34.73 61.13
N CYS A 166 3.12 -44.32 39.19
CA CYS A 166 3.90 -43.22 39.76
C CYS A 166 4.75 -42.55 38.70
N THR A 167 4.15 -41.60 37.97
CA THR A 167 4.74 -41.10 36.73
C THR A 167 5.98 -40.25 36.95
N PHE A 168 6.29 -39.86 38.17
CA PHE A 168 7.49 -39.07 38.43
C PHE A 168 7.76 -39.02 39.91
N GLU A 169 9.03 -39.00 40.27
CA GLU A 169 9.41 -38.86 41.67
C GLU A 169 10.77 -38.17 41.71
N TYR A 170 10.74 -36.84 41.79
CA TYR A 170 11.99 -36.08 41.81
C TYR A 170 12.55 -35.96 43.22
N VAL A 171 12.64 -37.10 43.91
CA VAL A 171 13.06 -37.07 45.31
C VAL A 171 14.49 -36.55 45.44
N SER A 172 14.82 -36.09 46.62
CA SER A 172 16.12 -35.48 46.87
C SER A 172 16.53 -35.61 48.33
N PHE A 186 8.20 -13.96 65.80
CA PHE A 186 8.26 -14.57 64.48
C PHE A 186 9.54 -14.18 63.77
N LYS A 187 10.13 -15.11 63.03
CA LYS A 187 11.44 -14.85 62.46
C LYS A 187 11.52 -15.07 60.96
N ASN A 188 10.89 -16.10 60.43
CA ASN A 188 11.06 -16.45 59.03
C ASN A 188 9.77 -16.25 58.26
N LEU A 189 9.88 -15.77 57.02
CA LEU A 189 8.75 -15.66 56.12
C LEU A 189 9.09 -16.31 54.79
N ARG A 190 8.22 -17.20 54.33
CA ARG A 190 8.38 -17.90 53.07
C ARG A 190 7.22 -17.54 52.16
N GLU A 191 7.53 -17.18 50.92
CA GLU A 191 6.52 -16.83 49.94
C GLU A 191 6.66 -17.73 48.74
N PHE A 192 5.53 -18.24 48.23
CA PHE A 192 5.53 -19.14 47.10
C PHE A 192 4.39 -18.74 46.16
N VAL A 193 4.63 -18.94 44.87
CA VAL A 193 3.62 -18.74 43.85
C VAL A 193 3.56 -20.00 43.03
N PHE A 194 2.38 -20.58 42.92
CA PHE A 194 2.17 -21.81 42.16
C PHE A 194 1.27 -21.52 40.98
N LYS A 195 1.65 -21.98 39.79
CA LYS A 195 0.73 -21.91 38.67
C LYS A 195 0.96 -23.08 37.74
N ASN A 196 -0.02 -23.32 36.87
CA ASN A 196 -0.06 -24.51 36.04
C ASN A 196 -0.41 -24.10 34.62
N ILE A 197 0.59 -24.10 33.74
CA ILE A 197 0.43 -23.57 32.39
C ILE A 197 0.93 -24.61 31.39
N ASP A 198 0.08 -24.95 30.41
CA ASP A 198 0.47 -25.72 29.23
C ASP A 198 1.23 -26.99 29.61
N GLY A 199 0.64 -27.76 30.52
CA GLY A 199 1.22 -29.03 30.91
C GLY A 199 2.38 -28.94 31.87
N TYR A 200 2.85 -27.74 32.18
CA TYR A 200 3.94 -27.56 33.13
C TYR A 200 3.38 -26.99 34.42
N PHE A 201 4.06 -27.28 35.51
CA PHE A 201 3.71 -26.78 36.82
C PHE A 201 4.90 -25.99 37.33
N LYS A 202 4.69 -24.70 37.57
CA LYS A 202 5.78 -23.77 37.85
C LYS A 202 5.67 -23.25 39.27
N ILE A 203 6.82 -23.21 39.95
CA ILE A 203 6.91 -22.82 41.35
C ILE A 203 7.96 -21.72 41.46
N TYR A 204 7.55 -20.57 41.99
CA TYR A 204 8.44 -19.47 42.32
C TYR A 204 8.43 -19.29 43.84
N SER A 205 9.52 -18.79 44.39
CA SER A 205 9.61 -18.72 45.84
C SER A 205 10.57 -17.63 46.27
N LYS A 206 10.57 -17.37 47.57
CA LYS A 206 11.46 -16.39 48.18
C LYS A 206 11.40 -16.52 49.70
N HIS A 207 12.53 -16.27 50.36
CA HIS A 207 12.64 -16.31 51.81
C HIS A 207 13.03 -14.92 52.31
N THR A 208 12.65 -14.62 53.56
CA THR A 208 13.08 -13.34 54.12
C THR A 208 12.99 -13.39 55.64
N PRO A 209 13.81 -12.61 56.34
CA PRO A 209 13.70 -12.51 57.80
C PRO A 209 12.81 -11.37 58.23
N ILE A 210 11.96 -11.65 59.22
CA ILE A 210 11.05 -10.67 59.76
C ILE A 210 11.12 -10.69 61.28
N ASN A 211 10.72 -9.58 61.89
CA ASN A 211 10.53 -9.49 63.34
C ASN A 211 9.25 -8.68 63.53
N LEU A 212 8.11 -9.36 63.51
CA LEU A 212 6.81 -8.72 63.51
C LEU A 212 5.78 -9.82 63.72
N VAL A 213 4.64 -9.45 64.27
CA VAL A 213 3.67 -10.40 64.76
C VAL A 213 2.34 -10.21 64.06
N ARG A 214 1.75 -11.31 63.63
CA ARG A 214 0.30 -11.47 63.56
C ARG A 214 -0.30 -10.75 62.35
N ASP A 215 0.56 -10.32 61.41
CA ASP A 215 0.25 -9.45 60.29
C ASP A 215 1.34 -9.53 59.23
N LEU A 216 0.97 -9.29 57.96
CA LEU A 216 1.91 -9.16 56.84
C LEU A 216 2.68 -7.85 56.84
N PRO A 217 3.98 -7.87 56.70
CA PRO A 217 4.74 -6.63 56.57
C PRO A 217 4.48 -5.93 55.24
N GLN A 218 4.63 -4.61 55.25
CA GLN A 218 4.56 -3.82 54.02
C GLN A 218 5.94 -3.75 53.40
N GLY A 219 6.13 -4.41 52.26
CA GLY A 219 7.41 -4.35 51.59
C GLY A 219 7.30 -4.85 50.17
N PHE A 220 8.37 -4.66 49.42
CA PHE A 220 8.45 -5.14 48.06
C PHE A 220 9.66 -6.05 47.91
N SER A 221 9.43 -7.22 47.31
CA SER A 221 10.50 -8.17 47.05
C SER A 221 10.03 -9.12 45.97
N ALA A 222 10.85 -9.33 44.96
CA ALA A 222 10.45 -10.18 43.86
C ALA A 222 10.69 -11.65 44.19
N LEU A 223 10.18 -12.52 43.34
CA LEU A 223 10.19 -13.96 43.57
C LEU A 223 10.87 -14.67 42.41
N GLU A 224 12.12 -15.08 42.62
CA GLU A 224 12.83 -15.82 41.59
C GLU A 224 12.13 -17.15 41.32
N PRO A 225 12.20 -17.65 40.09
CA PRO A 225 11.66 -18.97 39.82
C PRO A 225 12.46 -20.03 40.54
N LEU A 226 11.80 -21.12 40.88
CA LEU A 226 12.42 -22.17 41.67
C LEU A 226 12.41 -23.51 40.97
N VAL A 227 11.31 -23.88 40.32
CA VAL A 227 11.28 -25.17 39.65
C VAL A 227 10.17 -25.17 38.60
N ASP A 228 10.34 -26.02 37.60
CA ASP A 228 9.30 -26.34 36.64
C ASP A 228 9.25 -27.86 36.53
N LEU A 229 8.05 -28.42 36.62
CA LEU A 229 7.89 -29.86 36.55
C LEU A 229 6.87 -30.18 35.46
N PRO A 230 7.21 -31.03 34.50
CA PRO A 230 6.35 -31.25 33.32
C PRO A 230 5.36 -32.40 33.50
N ILE A 231 4.43 -32.25 34.44
CA ILE A 231 3.51 -33.34 34.73
C ILE A 231 2.41 -33.41 33.68
N GLY A 232 1.55 -32.40 33.64
CA GLY A 232 0.41 -32.41 32.75
C GLY A 232 -0.84 -33.04 33.36
N ILE A 233 -1.26 -32.56 34.53
CA ILE A 233 -2.47 -33.04 35.19
C ILE A 233 -3.37 -31.86 35.49
N ASN A 234 -4.65 -32.01 35.22
CA ASN A 234 -5.61 -31.00 35.63
C ASN A 234 -5.61 -30.88 37.15
N ILE A 235 -5.55 -29.66 37.64
CA ILE A 235 -5.59 -29.39 39.08
C ILE A 235 -6.67 -28.36 39.33
N THR A 236 -7.54 -28.63 40.31
CA THR A 236 -8.54 -27.65 40.73
C THR A 236 -8.64 -27.49 42.23
N ARG A 237 -7.90 -28.25 43.02
CA ARG A 237 -7.99 -28.13 44.46
C ARG A 237 -6.66 -28.51 45.08
N PHE A 238 -6.47 -28.08 46.31
CA PHE A 238 -5.21 -28.33 46.99
C PHE A 238 -5.40 -28.19 48.49
N GLN A 239 -4.36 -28.57 49.23
CA GLN A 239 -4.44 -28.54 50.68
C GLN A 239 -3.05 -28.55 51.28
N THR A 240 -2.86 -27.80 52.36
CA THR A 240 -1.57 -27.74 53.02
C THR A 240 -1.42 -28.86 54.04
N LEU A 241 -0.17 -29.12 54.41
CA LEU A 241 0.20 -30.18 55.35
C LEU A 241 1.17 -29.60 56.35
N LEU A 242 0.92 -29.88 57.63
CA LEU A 242 1.72 -29.27 58.68
C LEU A 242 1.69 -30.12 59.95
N ALA A 264 -0.05 -20.09 60.95
CA ALA A 264 -0.46 -18.82 60.37
C ALA A 264 -0.08 -18.75 58.91
N TYR A 265 -1.05 -18.84 58.00
CA TYR A 265 -0.65 -18.82 56.60
C TYR A 265 -1.73 -18.17 55.73
N TYR A 266 -1.26 -17.50 54.69
CA TYR A 266 -2.04 -16.54 53.93
C TYR A 266 -2.22 -17.05 52.51
N VAL A 267 -3.42 -16.85 51.96
CA VAL A 267 -3.73 -17.35 50.63
C VAL A 267 -4.36 -16.24 49.80
N GLY A 268 -3.90 -16.09 48.56
CA GLY A 268 -4.50 -15.16 47.62
C GLY A 268 -4.88 -15.84 46.32
N TYR A 269 -5.07 -15.06 45.26
CA TYR A 269 -5.38 -15.62 43.96
C TYR A 269 -4.84 -14.71 42.88
N LEU A 270 -4.68 -15.26 41.68
CA LEU A 270 -4.08 -14.56 40.56
C LEU A 270 -5.11 -14.32 39.48
N GLN A 271 -5.08 -13.13 38.90
CA GLN A 271 -5.95 -12.74 37.81
C GLN A 271 -5.11 -12.14 36.70
N PRO A 272 -5.61 -12.13 35.46
CA PRO A 272 -4.90 -11.45 34.38
C PRO A 272 -4.90 -9.95 34.61
N ARG A 273 -3.71 -9.35 34.58
CA ARG A 273 -3.51 -7.93 34.81
C ARG A 273 -2.39 -7.45 33.93
N THR A 274 -2.15 -6.13 33.97
CA THR A 274 -1.01 -5.50 33.35
C THR A 274 -0.21 -4.80 34.42
N PHE A 275 1.11 -4.93 34.35
CA PHE A 275 2.00 -4.35 35.35
C PHE A 275 3.13 -3.62 34.65
N LEU A 276 3.68 -2.65 35.34
CA LEU A 276 4.88 -1.96 34.89
C LEU A 276 5.99 -2.23 35.89
N LEU A 277 7.06 -2.87 35.42
CA LEU A 277 8.14 -3.34 36.27
C LEU A 277 9.39 -2.52 36.03
N LYS A 278 10.17 -2.30 37.08
CA LYS A 278 11.35 -1.45 36.99
C LYS A 278 12.60 -2.26 37.29
N TYR A 279 13.47 -2.39 36.31
CA TYR A 279 14.74 -3.10 36.47
C TYR A 279 15.85 -2.11 36.72
N ASN A 280 16.65 -2.37 37.74
CA ASN A 280 17.78 -1.52 38.10
C ASN A 280 19.00 -1.90 37.25
N GLU A 281 20.17 -1.43 37.68
CA GLU A 281 21.38 -1.66 36.90
C GLU A 281 21.71 -3.14 36.78
N ASN A 282 21.53 -3.89 37.86
CA ASN A 282 21.96 -5.28 37.90
C ASN A 282 20.90 -6.26 37.46
N GLY A 283 19.76 -5.79 37.01
CA GLY A 283 18.73 -6.67 36.53
C GLY A 283 17.77 -7.18 37.58
N THR A 284 17.73 -6.56 38.75
CA THR A 284 16.81 -6.95 39.82
C THR A 284 15.58 -6.05 39.77
N ILE A 285 14.40 -6.66 39.83
CA ILE A 285 13.17 -5.90 39.90
C ILE A 285 13.09 -5.24 41.26
N THR A 286 13.01 -3.91 41.28
CA THR A 286 12.94 -3.20 42.55
C THR A 286 11.61 -2.52 42.80
N ASP A 287 10.78 -2.32 41.78
CA ASP A 287 9.51 -1.65 42.00
C ASP A 287 8.57 -1.97 40.85
N ALA A 288 7.27 -1.77 41.11
CA ALA A 288 6.26 -2.09 40.12
C ALA A 288 5.05 -1.20 40.35
N VAL A 289 4.26 -1.06 39.29
CA VAL A 289 3.02 -0.29 39.32
C VAL A 289 1.92 -1.15 38.76
N ASP A 290 0.87 -1.34 39.55
CA ASP A 290 -0.33 -2.01 39.08
C ASP A 290 -1.07 -1.06 38.17
N CYS A 291 -1.49 -1.54 37.01
CA CYS A 291 -1.86 -0.65 35.94
C CYS A 291 -3.36 -0.42 35.87
N ALA A 292 -4.12 -0.90 36.84
CA ALA A 292 -5.56 -0.62 36.84
C ALA A 292 -6.07 -0.33 38.24
N LEU A 293 -5.20 0.04 39.17
CA LEU A 293 -5.64 0.31 40.53
C LEU A 293 -6.50 1.56 40.60
N ASP A 294 -6.01 2.66 40.05
CA ASP A 294 -6.65 3.96 40.21
C ASP A 294 -6.21 4.84 39.04
N PRO A 295 -6.81 6.02 38.87
CA PRO A 295 -6.44 6.83 37.71
C PRO A 295 -4.97 7.18 37.63
N LEU A 296 -4.33 7.47 38.76
CA LEU A 296 -2.93 7.87 38.72
C LEU A 296 -2.06 6.76 38.19
N SER A 297 -2.34 5.52 38.58
CA SER A 297 -1.58 4.39 38.07
C SER A 297 -1.75 4.23 36.57
N GLU A 298 -2.97 4.42 36.08
CA GLU A 298 -3.18 4.35 34.64
C GLU A 298 -2.39 5.42 33.92
N THR A 299 -2.35 6.62 34.48
CA THR A 299 -1.55 7.69 33.90
C THR A 299 -0.09 7.26 33.83
N LYS A 300 0.45 6.77 34.94
CA LYS A 300 1.83 6.30 34.93
C LYS A 300 2.05 5.18 33.92
N CYS A 301 1.02 4.40 33.61
CA CYS A 301 1.20 3.39 32.57
C CYS A 301 1.32 4.01 31.19
N THR A 302 0.40 4.91 30.83
CA THR A 302 0.43 5.47 29.48
C THR A 302 1.73 6.21 29.23
N LEU A 303 2.18 6.98 30.20
CA LEU A 303 3.50 7.60 30.18
C LEU A 303 4.46 6.65 30.87
N LYS A 304 5.24 5.91 30.10
CA LYS A 304 5.97 4.80 30.69
C LYS A 304 7.04 5.37 31.61
N SER A 305 6.60 5.82 32.77
CA SER A 305 7.45 6.51 33.74
C SER A 305 6.83 6.40 35.11
N PHE A 306 7.65 6.63 36.13
CA PHE A 306 7.22 6.55 37.51
C PHE A 306 6.97 7.92 38.13
N THR A 307 7.21 9.00 37.39
CA THR A 307 6.90 10.33 37.86
C THR A 307 6.13 11.05 36.77
N VAL A 308 5.24 11.95 37.20
CA VAL A 308 4.33 12.63 36.29
C VAL A 308 4.44 14.12 36.52
N GLU A 309 4.63 14.87 35.43
CA GLU A 309 4.67 16.31 35.48
C GLU A 309 3.26 16.88 35.50
N LYS A 310 3.13 18.08 36.06
CA LYS A 310 1.84 18.73 36.13
C LYS A 310 1.25 18.91 34.73
N GLY A 311 -0.02 18.57 34.59
CA GLY A 311 -0.67 18.68 33.30
C GLY A 311 -1.96 17.88 33.28
N ILE A 312 -2.46 17.66 32.06
CA ILE A 312 -3.67 16.90 31.82
C ILE A 312 -3.39 15.86 30.77
N TYR A 313 -3.68 14.60 31.07
CA TYR A 313 -3.34 13.50 30.20
C TYR A 313 -4.57 12.67 29.88
N GLN A 314 -4.59 12.10 28.69
CA GLN A 314 -5.77 11.43 28.17
C GLN A 314 -5.45 9.94 28.09
N THR A 315 -6.11 9.14 28.92
CA THR A 315 -5.70 7.77 29.15
C THR A 315 -6.59 6.73 28.48
N SER A 316 -7.90 6.85 28.59
CA SER A 316 -8.77 5.75 28.18
C SER A 316 -10.04 6.30 27.57
N ASN A 317 -10.87 5.38 27.09
CA ASN A 317 -12.20 5.70 26.59
C ASN A 317 -13.24 5.10 27.51
N PHE A 318 -14.46 5.62 27.38
CA PHE A 318 -15.55 5.24 28.27
C PHE A 318 -16.80 5.06 27.44
N ARG A 319 -17.41 3.89 27.54
CA ARG A 319 -18.59 3.55 26.75
C ARG A 319 -19.64 2.94 27.65
N VAL A 320 -20.89 3.40 27.49
CA VAL A 320 -21.99 2.81 28.24
C VAL A 320 -22.26 1.41 27.69
N GLN A 321 -22.84 0.54 28.52
CA GLN A 321 -22.97 -0.81 28.04
C GLN A 321 -24.42 -1.24 27.99
N PRO A 322 -24.80 -2.07 27.01
CA PRO A 322 -26.19 -2.50 26.91
C PRO A 322 -26.61 -3.31 28.13
N THR A 323 -27.86 -3.12 28.54
CA THR A 323 -28.38 -3.83 29.69
C THR A 323 -29.11 -5.11 29.29
N GLU A 324 -30.02 -5.01 28.33
CA GLU A 324 -30.89 -6.13 27.97
C GLU A 324 -30.82 -6.46 26.49
N SER A 325 -31.73 -7.29 26.03
CA SER A 325 -31.92 -7.55 24.62
C SER A 325 -33.40 -7.50 24.30
N ILE A 326 -33.73 -7.08 23.08
CA ILE A 326 -35.10 -7.00 22.62
C ILE A 326 -35.20 -7.63 21.25
N VAL A 327 -36.22 -8.47 21.06
CA VAL A 327 -36.52 -9.08 19.78
C VAL A 327 -37.98 -8.84 19.48
N ARG A 328 -38.27 -8.36 18.28
CA ARG A 328 -39.65 -8.10 17.86
C ARG A 328 -39.87 -8.64 16.46
N PHE A 329 -40.68 -9.67 16.36
CA PHE A 329 -41.10 -10.29 15.11
C PHE A 329 -42.61 -10.26 15.03
N PRO A 330 -43.17 -10.38 13.82
CA PRO A 330 -44.63 -10.43 13.71
C PRO A 330 -45.17 -11.72 14.27
N ASN A 331 -46.46 -11.72 14.58
CA ASN A 331 -47.09 -12.80 15.33
C ASN A 331 -47.82 -13.79 14.44
N ILE A 332 -47.29 -14.08 13.27
CA ILE A 332 -47.86 -15.14 12.44
C ILE A 332 -47.35 -16.48 12.95
N THR A 333 -48.12 -17.54 12.67
CA THR A 333 -47.80 -18.87 13.17
C THR A 333 -47.75 -19.94 12.09
N ASN A 334 -48.22 -19.67 10.88
CA ASN A 334 -48.26 -20.70 9.85
C ASN A 334 -46.86 -21.05 9.39
N LEU A 335 -46.54 -22.33 9.43
CA LEU A 335 -45.23 -22.80 8.98
C LEU A 335 -45.16 -22.80 7.46
N CYS A 336 -43.94 -22.65 6.94
CA CYS A 336 -43.76 -22.67 5.51
C CYS A 336 -44.01 -24.08 4.97
N PRO A 337 -44.53 -24.19 3.76
CA PRO A 337 -44.90 -25.51 3.22
C PRO A 337 -43.72 -26.23 2.58
N PHE A 338 -42.76 -26.63 3.42
CA PHE A 338 -41.64 -27.40 2.90
C PHE A 338 -42.03 -28.82 2.57
N GLY A 339 -42.98 -29.39 3.31
CA GLY A 339 -43.41 -30.75 3.05
C GLY A 339 -43.93 -30.92 1.64
N GLU A 340 -44.70 -29.94 1.15
CA GLU A 340 -45.23 -30.02 -0.20
C GLU A 340 -44.11 -30.08 -1.23
N VAL A 341 -43.10 -29.23 -1.06
CA VAL A 341 -42.02 -29.18 -2.04
C VAL A 341 -41.19 -30.45 -1.97
N PHE A 342 -40.80 -30.86 -0.77
CA PHE A 342 -39.90 -32.00 -0.63
C PHE A 342 -40.65 -33.31 -0.78
N ASN A 343 -41.61 -33.57 0.10
CA ASN A 343 -42.42 -34.77 0.02
C ASN A 343 -43.53 -34.54 -1.01
N ALA A 344 -43.11 -34.41 -2.26
CA ALA A 344 -44.00 -34.11 -3.37
C ALA A 344 -44.48 -35.41 -4.00
N THR A 345 -45.09 -35.31 -5.17
CA THR A 345 -45.61 -36.45 -5.91
C THR A 345 -44.88 -36.69 -7.22
N ARG A 346 -44.80 -35.68 -8.08
CA ARG A 346 -44.20 -35.84 -9.41
C ARG A 346 -43.34 -34.62 -9.71
N PHE A 347 -42.03 -34.80 -9.68
CA PHE A 347 -41.12 -33.72 -9.98
C PHE A 347 -41.12 -33.43 -11.48
N ALA A 348 -41.02 -32.15 -11.82
CA ALA A 348 -40.98 -31.76 -13.23
C ALA A 348 -39.63 -32.10 -13.85
N SER A 349 -39.64 -32.24 -15.17
CA SER A 349 -38.40 -32.50 -15.90
C SER A 349 -37.53 -31.25 -15.92
N VAL A 350 -36.23 -31.47 -16.13
CA VAL A 350 -35.25 -30.42 -15.89
C VAL A 350 -35.41 -29.27 -16.88
N TYR A 351 -35.77 -29.57 -18.13
CA TYR A 351 -35.87 -28.48 -19.10
C TYR A 351 -37.00 -27.51 -18.73
N ALA A 352 -37.98 -27.96 -17.94
CA ALA A 352 -39.05 -27.10 -17.43
C ALA A 352 -39.13 -27.32 -15.93
N TRP A 353 -38.31 -26.59 -15.17
CA TRP A 353 -38.22 -26.76 -13.74
C TRP A 353 -39.21 -25.85 -13.03
N ASN A 354 -39.96 -26.41 -12.09
CA ASN A 354 -40.93 -25.63 -11.35
C ASN A 354 -40.24 -24.83 -10.25
N ARG A 355 -40.54 -23.53 -10.22
CA ARG A 355 -40.07 -22.60 -9.21
C ARG A 355 -41.24 -22.07 -8.43
N LYS A 356 -41.18 -22.18 -7.11
CA LYS A 356 -42.24 -21.72 -6.23
C LYS A 356 -41.69 -20.67 -5.28
N ARG A 357 -42.38 -19.54 -5.19
CA ARG A 357 -42.02 -18.52 -4.21
C ARG A 357 -42.55 -18.92 -2.85
N ILE A 358 -41.80 -18.56 -1.81
CA ILE A 358 -42.21 -18.81 -0.44
C ILE A 358 -42.21 -17.49 0.30
N SER A 359 -43.33 -17.16 0.96
CA SER A 359 -43.42 -15.92 1.70
C SER A 359 -44.52 -16.04 2.74
N ASN A 360 -44.46 -15.14 3.73
CA ASN A 360 -45.46 -15.03 4.79
C ASN A 360 -45.62 -16.35 5.55
N CYS A 361 -44.52 -16.84 6.10
CA CYS A 361 -44.59 -18.04 6.90
C CYS A 361 -43.32 -18.17 7.73
N VAL A 362 -43.49 -18.71 8.94
CA VAL A 362 -42.35 -19.08 9.76
C VAL A 362 -41.61 -20.24 9.09
N ALA A 363 -40.31 -20.11 8.97
CA ALA A 363 -39.50 -21.08 8.23
C ALA A 363 -38.63 -21.85 9.21
N ASP A 364 -39.18 -22.93 9.78
CA ASP A 364 -38.42 -23.79 10.67
C ASP A 364 -37.71 -24.86 9.83
N TYR A 365 -36.40 -24.97 10.00
CA TYR A 365 -35.61 -25.90 9.23
C TYR A 365 -35.28 -27.18 9.99
N SER A 366 -35.73 -27.31 11.23
CA SER A 366 -35.41 -28.50 12.02
C SER A 366 -35.86 -29.76 11.33
N VAL A 367 -36.93 -29.67 10.53
CA VAL A 367 -37.41 -30.85 9.81
C VAL A 367 -36.37 -31.33 8.82
N LEU A 368 -35.79 -30.41 8.04
CA LEU A 368 -34.72 -30.81 7.14
C LEU A 368 -33.49 -31.24 7.90
N TYR A 369 -33.33 -30.73 9.13
CA TYR A 369 -32.17 -31.10 9.93
C TYR A 369 -32.25 -32.56 10.37
N ASN A 370 -33.41 -32.97 10.88
CA ASN A 370 -33.54 -34.31 11.46
C ASN A 370 -33.31 -35.40 10.41
N SER A 371 -33.89 -35.24 9.24
CA SER A 371 -33.78 -36.27 8.21
C SER A 371 -32.33 -36.48 7.82
N ALA A 372 -31.96 -37.74 7.61
CA ALA A 372 -30.57 -38.11 7.32
C ALA A 372 -30.42 -38.83 5.99
N SER A 373 -31.43 -38.75 5.12
CA SER A 373 -31.41 -39.43 3.84
C SER A 373 -31.01 -38.50 2.71
N PHE A 374 -30.11 -37.57 2.96
CA PHE A 374 -29.69 -36.60 1.96
C PHE A 374 -28.31 -36.95 1.44
N SER A 375 -28.13 -36.82 0.13
CA SER A 375 -26.83 -37.06 -0.48
C SER A 375 -26.00 -35.80 -0.62
N THR A 376 -26.63 -34.63 -0.59
CA THR A 376 -25.90 -33.37 -0.66
C THR A 376 -26.73 -32.27 -0.03
N PHE A 377 -26.12 -31.54 0.90
CA PHE A 377 -26.79 -30.43 1.61
C PHE A 377 -25.72 -29.35 1.77
N LYS A 378 -25.67 -28.42 0.82
CA LYS A 378 -24.59 -27.44 0.84
C LYS A 378 -25.12 -26.04 0.58
N CYS A 379 -24.78 -25.11 1.46
CA CYS A 379 -25.20 -23.73 1.35
C CYS A 379 -24.00 -22.86 1.01
N TYR A 380 -24.20 -21.91 0.10
CA TYR A 380 -23.07 -21.18 -0.48
C TYR A 380 -22.77 -19.88 0.25
N GLY A 381 -23.73 -18.97 0.31
CA GLY A 381 -23.48 -17.68 0.90
C GLY A 381 -23.81 -17.56 2.36
N VAL A 382 -24.01 -18.67 3.06
CA VAL A 382 -24.45 -18.64 4.44
C VAL A 382 -24.00 -19.93 5.13
N SER A 383 -24.02 -19.93 6.45
CA SER A 383 -23.64 -21.11 7.21
C SER A 383 -24.84 -22.03 7.37
N PRO A 384 -24.75 -23.29 6.95
CA PRO A 384 -25.94 -24.15 6.95
C PRO A 384 -26.55 -24.38 8.31
N THR A 385 -25.82 -24.15 9.39
CA THR A 385 -26.33 -24.44 10.72
C THR A 385 -26.89 -23.21 11.42
N LYS A 386 -27.03 -22.10 10.70
CA LYS A 386 -27.56 -20.88 11.29
C LYS A 386 -28.88 -20.45 10.67
N LEU A 387 -29.48 -21.30 9.84
CA LEU A 387 -30.64 -20.89 9.08
C LEU A 387 -31.85 -20.57 9.95
N ASN A 388 -31.89 -21.08 11.18
CA ASN A 388 -33.03 -20.81 12.05
C ASN A 388 -33.06 -19.40 12.60
N ASP A 389 -32.02 -18.61 12.37
CA ASP A 389 -31.92 -17.29 13.00
C ASP A 389 -32.11 -16.14 12.04
N LEU A 390 -31.88 -16.34 10.76
CA LEU A 390 -31.85 -15.25 9.80
C LEU A 390 -33.25 -14.75 9.47
N CYS A 391 -33.32 -13.81 8.54
CA CYS A 391 -34.57 -13.31 7.99
C CYS A 391 -34.35 -12.94 6.54
N PHE A 392 -35.10 -13.56 5.65
CA PHE A 392 -34.87 -13.48 4.21
C PHE A 392 -35.90 -12.58 3.54
N THR A 393 -35.47 -11.90 2.48
CA THR A 393 -36.40 -11.04 1.75
C THR A 393 -37.22 -11.83 0.75
N ASN A 394 -36.56 -12.42 -0.25
CA ASN A 394 -37.24 -13.19 -1.29
C ASN A 394 -36.65 -14.57 -1.33
N VAL A 395 -37.51 -15.60 -1.36
CA VAL A 395 -37.11 -16.99 -1.27
C VAL A 395 -37.81 -17.79 -2.37
N TYR A 396 -37.02 -18.51 -3.16
CA TYR A 396 -37.50 -19.33 -4.26
C TYR A 396 -37.04 -20.75 -4.07
N ALA A 397 -37.89 -21.70 -4.45
CA ALA A 397 -37.55 -23.13 -4.39
C ALA A 397 -37.71 -23.71 -5.79
N ASP A 398 -36.63 -24.31 -6.30
CA ASP A 398 -36.61 -24.92 -7.62
C ASP A 398 -36.54 -26.43 -7.46
N SER A 399 -37.36 -27.15 -8.23
CA SER A 399 -37.38 -28.61 -8.09
C SER A 399 -37.16 -29.29 -9.43
N PHE A 400 -36.39 -30.38 -9.43
CA PHE A 400 -36.34 -31.25 -10.61
C PHE A 400 -35.61 -32.55 -10.28
N VAL A 401 -35.38 -33.37 -11.30
CA VAL A 401 -34.82 -34.72 -11.16
C VAL A 401 -33.77 -34.92 -12.23
N ILE A 402 -32.61 -35.46 -11.83
CA ILE A 402 -31.46 -35.58 -12.72
C ILE A 402 -30.80 -36.94 -12.53
N ARG A 403 -30.05 -37.37 -13.55
CA ARG A 403 -29.09 -38.45 -13.40
C ARG A 403 -28.10 -38.12 -12.29
N GLY A 404 -27.71 -39.15 -11.54
CA GLY A 404 -26.70 -38.94 -10.51
C GLY A 404 -25.41 -38.39 -11.07
N ASP A 405 -24.99 -38.88 -12.25
CA ASP A 405 -23.72 -38.47 -12.82
C ASP A 405 -23.67 -36.98 -13.10
N GLU A 406 -24.80 -36.37 -13.45
CA GLU A 406 -24.84 -34.95 -13.74
C GLU A 406 -25.04 -34.10 -12.49
N VAL A 407 -25.14 -34.71 -11.31
CA VAL A 407 -25.38 -33.95 -10.09
C VAL A 407 -24.26 -32.94 -9.86
N ARG A 408 -23.03 -33.31 -10.18
CA ARG A 408 -21.91 -32.40 -9.97
C ARG A 408 -22.09 -31.10 -10.76
N GLN A 409 -22.90 -31.12 -11.82
CA GLN A 409 -23.08 -29.95 -12.64
C GLN A 409 -23.89 -28.85 -11.95
N ILE A 410 -24.50 -29.12 -10.81
CA ILE A 410 -25.26 -28.11 -10.08
C ILE A 410 -24.28 -27.44 -9.12
N ALA A 411 -23.59 -26.42 -9.62
CA ALA A 411 -22.64 -25.63 -8.85
C ALA A 411 -22.22 -24.43 -9.69
N PRO A 412 -22.03 -23.27 -9.07
CA PRO A 412 -21.66 -22.08 -9.85
C PRO A 412 -20.36 -22.28 -10.59
N GLY A 413 -20.31 -21.76 -11.82
CA GLY A 413 -19.09 -21.76 -12.60
C GLY A 413 -18.78 -23.05 -13.32
N GLN A 414 -19.58 -24.09 -13.16
CA GLN A 414 -19.28 -25.34 -13.83
C GLN A 414 -19.81 -25.33 -15.25
N THR A 415 -19.33 -26.28 -16.04
CA THR A 415 -19.71 -26.42 -17.44
C THR A 415 -20.29 -27.80 -17.69
N GLY A 416 -20.89 -27.96 -18.86
CA GLY A 416 -21.53 -29.21 -19.22
C GLY A 416 -22.83 -28.98 -19.95
N LYS A 417 -23.53 -30.07 -20.30
CA LYS A 417 -24.79 -29.91 -21.02
C LYS A 417 -25.89 -29.40 -20.10
N ILE A 418 -25.97 -29.93 -18.89
CA ILE A 418 -26.91 -29.39 -17.92
C ILE A 418 -26.56 -27.94 -17.60
N ALA A 419 -25.27 -27.67 -17.39
CA ALA A 419 -24.86 -26.35 -16.92
C ALA A 419 -25.02 -25.29 -18.00
N ASP A 420 -25.09 -25.69 -19.26
CA ASP A 420 -25.15 -24.73 -20.34
C ASP A 420 -26.47 -24.70 -21.10
N TYR A 421 -27.27 -25.75 -21.00
CA TYR A 421 -28.47 -25.88 -21.81
C TYR A 421 -29.75 -26.03 -21.01
N ASN A 422 -29.66 -26.28 -19.72
CA ASN A 422 -30.88 -26.59 -18.99
C ASN A 422 -31.07 -25.77 -17.72
N TYR A 423 -29.99 -25.51 -16.98
CA TYR A 423 -30.11 -24.81 -15.70
C TYR A 423 -28.75 -24.26 -15.34
N LYS A 424 -28.62 -22.94 -15.34
CA LYS A 424 -27.34 -22.26 -15.09
C LYS A 424 -27.41 -21.52 -13.78
N LEU A 425 -26.42 -21.73 -12.92
CA LEU A 425 -26.36 -21.02 -11.65
C LEU A 425 -25.41 -19.84 -11.74
N PRO A 426 -25.78 -18.70 -11.16
CA PRO A 426 -24.92 -17.52 -11.26
C PRO A 426 -23.64 -17.69 -10.46
N ASP A 427 -22.68 -16.82 -10.76
CA ASP A 427 -21.39 -16.87 -10.09
C ASP A 427 -21.40 -16.20 -8.72
N ASP A 428 -22.47 -15.49 -8.37
CA ASP A 428 -22.63 -14.90 -7.05
C ASP A 428 -23.84 -15.49 -6.34
N PHE A 429 -24.02 -16.79 -6.46
CA PHE A 429 -25.20 -17.45 -5.91
C PHE A 429 -25.21 -17.36 -4.40
N THR A 430 -26.41 -17.36 -3.83
CA THR A 430 -26.60 -17.27 -2.38
C THR A 430 -27.79 -18.14 -2.02
N GLY A 431 -27.53 -19.36 -1.61
CA GLY A 431 -28.61 -20.27 -1.26
C GLY A 431 -28.07 -21.63 -0.89
N CYS A 432 -28.95 -22.61 -0.91
CA CYS A 432 -28.60 -23.98 -0.56
C CYS A 432 -29.07 -24.94 -1.65
N VAL A 433 -28.30 -26.01 -1.81
CA VAL A 433 -28.62 -27.10 -2.74
C VAL A 433 -28.80 -28.37 -1.93
N ILE A 434 -29.95 -29.02 -2.10
CA ILE A 434 -30.29 -30.22 -1.34
C ILE A 434 -30.71 -31.28 -2.34
N ALA A 435 -29.94 -32.36 -2.42
CA ALA A 435 -30.21 -33.43 -3.37
C ALA A 435 -30.15 -34.77 -2.66
N TRP A 436 -31.02 -35.69 -3.07
CA TRP A 436 -31.02 -37.05 -2.53
C TRP A 436 -31.48 -38.01 -3.60
N ASN A 437 -31.44 -39.30 -3.28
CA ASN A 437 -31.67 -40.36 -4.26
C ASN A 437 -33.12 -40.83 -4.22
N SER A 438 -33.66 -41.14 -5.39
CA SER A 438 -35.06 -41.48 -5.57
C SER A 438 -35.22 -42.74 -6.40
N ASN A 439 -34.42 -43.76 -6.11
CA ASN A 439 -34.49 -44.99 -6.87
C ASN A 439 -35.85 -45.66 -6.72
N ASN A 440 -36.37 -45.71 -5.50
CA ASN A 440 -37.60 -46.42 -5.21
C ASN A 440 -38.85 -45.62 -5.49
N LEU A 441 -38.78 -44.58 -6.32
CA LEU A 441 -39.99 -43.82 -6.62
C LEU A 441 -40.14 -43.38 -8.07
N ASP A 442 -39.09 -43.43 -8.88
CA ASP A 442 -39.11 -42.81 -10.20
C ASP A 442 -38.53 -43.75 -11.26
N SER A 443 -39.03 -44.97 -11.32
CA SER A 443 -38.56 -45.93 -12.30
C SER A 443 -39.73 -46.79 -12.78
N LYS A 444 -39.79 -47.04 -14.09
CA LYS A 444 -40.73 -47.99 -14.65
C LYS A 444 -40.10 -49.38 -14.70
N VAL A 445 -40.94 -50.37 -15.01
CA VAL A 445 -40.46 -51.75 -15.05
C VAL A 445 -39.35 -51.90 -16.09
N GLY A 446 -39.55 -51.32 -17.27
CA GLY A 446 -38.52 -51.23 -18.27
C GLY A 446 -37.72 -49.95 -18.24
N GLY A 447 -37.99 -49.09 -17.26
CA GLY A 447 -37.33 -47.80 -17.19
C GLY A 447 -38.24 -46.67 -17.59
N ASN A 448 -38.50 -45.75 -16.67
CA ASN A 448 -39.38 -44.63 -16.96
C ASN A 448 -38.79 -43.76 -18.05
N TYR A 449 -39.64 -43.29 -18.95
CA TYR A 449 -39.22 -42.48 -20.08
C TYR A 449 -39.85 -41.10 -20.10
N ASN A 450 -40.60 -40.74 -19.04
CA ASN A 450 -41.25 -39.43 -19.02
C ASN A 450 -40.25 -38.30 -18.95
N TYR A 451 -39.27 -38.42 -18.06
CA TYR A 451 -38.32 -37.33 -17.83
C TYR A 451 -37.50 -37.06 -19.09
N LEU A 452 -37.28 -35.77 -19.34
CA LEU A 452 -36.74 -35.30 -20.61
C LEU A 452 -35.79 -34.16 -20.35
N TYR A 453 -34.93 -33.87 -21.33
CA TYR A 453 -34.04 -32.72 -21.17
C TYR A 453 -33.58 -32.22 -22.53
N ARG A 454 -33.35 -30.92 -22.61
CA ARG A 454 -32.75 -30.33 -23.80
C ARG A 454 -31.33 -30.84 -23.96
N LEU A 455 -30.95 -31.11 -25.21
CA LEU A 455 -29.61 -31.58 -25.50
C LEU A 455 -29.04 -30.96 -26.77
N PHE A 456 -29.76 -30.04 -27.41
CA PHE A 456 -29.30 -29.45 -28.67
C PHE A 456 -29.90 -28.06 -28.76
N ARG A 457 -29.11 -27.05 -28.41
CA ARG A 457 -29.56 -25.66 -28.41
C ARG A 457 -28.48 -24.79 -29.04
N LYS A 458 -28.91 -23.79 -29.79
CA LYS A 458 -27.98 -22.93 -30.52
C LYS A 458 -27.19 -22.00 -29.61
N SER A 459 -27.52 -21.92 -28.33
CA SER A 459 -26.88 -20.97 -27.43
C SER A 459 -26.84 -21.52 -26.02
N ASN A 460 -25.91 -21.00 -25.23
CA ASN A 460 -25.83 -21.33 -23.81
C ASN A 460 -26.93 -20.62 -23.04
N LEU A 461 -27.14 -21.06 -21.81
CA LEU A 461 -28.16 -20.46 -20.96
C LEU A 461 -27.53 -19.47 -19.99
N LYS A 462 -28.02 -18.22 -20.04
CA LYS A 462 -27.71 -17.28 -18.99
C LYS A 462 -28.36 -17.77 -17.70
N PRO A 463 -27.84 -17.37 -16.53
CA PRO A 463 -28.32 -17.96 -15.28
C PRO A 463 -29.80 -17.69 -15.05
N PHE A 464 -30.48 -18.69 -14.50
CA PHE A 464 -31.90 -18.61 -14.16
C PHE A 464 -32.75 -18.29 -15.39
N GLU A 465 -32.38 -18.84 -16.53
CA GLU A 465 -33.14 -18.67 -17.76
C GLU A 465 -33.77 -20.00 -18.16
N ARG A 466 -35.08 -19.99 -18.34
CA ARG A 466 -35.80 -21.17 -18.77
C ARG A 466 -36.09 -21.07 -20.27
N ASP A 467 -36.13 -22.23 -20.93
CA ASP A 467 -36.37 -22.29 -22.36
C ASP A 467 -37.06 -23.61 -22.67
N ILE A 468 -38.29 -23.55 -23.18
CA ILE A 468 -39.04 -24.77 -23.45
C ILE A 468 -39.56 -24.76 -24.89
N SER A 469 -38.81 -24.11 -25.78
CA SER A 469 -39.16 -24.15 -27.20
C SER A 469 -38.92 -25.54 -27.78
N THR A 470 -39.61 -25.82 -28.88
CA THR A 470 -39.64 -27.16 -29.47
C THR A 470 -39.29 -27.10 -30.96
N GLU A 471 -38.20 -26.43 -31.30
CA GLU A 471 -37.76 -26.31 -32.67
C GLU A 471 -36.65 -27.32 -32.95
N ILE A 472 -36.79 -28.08 -34.04
CA ILE A 472 -35.76 -29.04 -34.44
C ILE A 472 -34.44 -28.31 -34.62
N TYR A 473 -33.38 -28.84 -34.02
CA TYR A 473 -32.07 -28.22 -34.13
C TYR A 473 -31.51 -28.50 -35.52
N GLN A 474 -31.17 -27.43 -36.23
CA GLN A 474 -30.53 -27.55 -37.53
C GLN A 474 -29.04 -27.82 -37.35
N ALA A 475 -28.56 -28.92 -37.93
CA ALA A 475 -27.14 -29.24 -37.91
C ALA A 475 -26.43 -28.85 -39.19
N GLY A 476 -27.07 -28.98 -40.34
CA GLY A 476 -26.48 -28.65 -41.62
C GLY A 476 -26.69 -27.21 -42.02
N SER A 477 -26.63 -26.96 -43.33
CA SER A 477 -26.83 -25.63 -43.89
C SER A 477 -28.15 -25.50 -44.63
N THR A 478 -29.07 -26.43 -44.42
CA THR A 478 -30.40 -26.38 -45.02
C THR A 478 -31.44 -26.32 -43.92
N PRO A 479 -32.35 -25.35 -43.97
CA PRO A 479 -33.34 -25.21 -42.89
C PRO A 479 -34.19 -26.45 -42.72
N CYS A 480 -34.49 -26.78 -41.48
CA CYS A 480 -35.26 -27.99 -41.18
C CYS A 480 -36.68 -27.90 -41.70
N ASN A 481 -37.32 -26.73 -41.57
CA ASN A 481 -38.71 -26.55 -41.97
C ASN A 481 -39.60 -27.61 -41.35
N GLY A 482 -39.33 -27.93 -40.09
CA GLY A 482 -40.11 -28.93 -39.39
C GLY A 482 -39.90 -30.35 -39.85
N VAL A 483 -38.76 -30.64 -40.48
CA VAL A 483 -38.45 -31.97 -40.99
C VAL A 483 -37.22 -32.47 -40.25
N GLU A 484 -37.40 -33.51 -39.43
CA GLU A 484 -36.28 -34.15 -38.76
C GLU A 484 -35.61 -35.16 -39.69
N GLY A 485 -34.38 -35.53 -39.34
CA GLY A 485 -33.64 -36.48 -40.14
C GLY A 485 -32.27 -35.98 -40.53
N PHE A 486 -32.03 -35.80 -41.82
CA PHE A 486 -30.76 -35.31 -42.30
C PHE A 486 -30.54 -33.87 -41.85
N ASN A 487 -29.38 -33.60 -41.27
CA ASN A 487 -29.00 -32.25 -40.84
C ASN A 487 -30.04 -31.62 -39.92
N CYS A 488 -30.81 -32.45 -39.23
CA CYS A 488 -31.88 -31.97 -38.35
C CYS A 488 -32.04 -32.94 -37.20
N TYR A 489 -32.00 -32.42 -35.98
CA TYR A 489 -32.14 -33.25 -34.79
C TYR A 489 -33.12 -32.60 -33.82
N PHE A 490 -33.86 -33.44 -33.12
CA PHE A 490 -34.80 -32.94 -32.12
C PHE A 490 -34.03 -32.43 -30.91
N PRO A 491 -34.35 -31.24 -30.40
CA PRO A 491 -33.52 -30.63 -29.34
C PRO A 491 -33.64 -31.29 -27.98
N LEU A 492 -34.34 -32.41 -27.87
CA LEU A 492 -34.60 -33.02 -26.58
C LEU A 492 -34.19 -34.49 -26.60
N GLN A 493 -34.06 -35.06 -25.41
CA GLN A 493 -33.73 -36.47 -25.26
C GLN A 493 -34.18 -36.93 -23.88
N SER A 494 -34.63 -38.17 -23.80
CA SER A 494 -35.29 -38.68 -22.61
C SER A 494 -34.35 -39.54 -21.78
N TYR A 495 -34.85 -39.98 -20.64
CA TYR A 495 -34.12 -40.83 -19.71
C TYR A 495 -34.70 -42.24 -19.72
N GLY A 496 -33.84 -43.21 -19.45
CA GLY A 496 -34.32 -44.54 -19.14
C GLY A 496 -33.88 -44.93 -17.74
N PHE A 497 -34.82 -44.98 -16.80
CA PHE A 497 -34.49 -45.24 -15.40
C PHE A 497 -34.79 -46.71 -15.09
N GLN A 498 -33.90 -47.58 -15.56
CA GLN A 498 -34.04 -48.99 -15.26
C GLN A 498 -33.73 -49.23 -13.78
N PRO A 499 -34.64 -49.85 -13.03
CA PRO A 499 -34.46 -49.93 -11.57
C PRO A 499 -33.26 -50.74 -11.12
N THR A 500 -32.45 -51.26 -12.03
CA THR A 500 -31.31 -52.09 -11.64
C THR A 500 -29.99 -51.53 -12.16
N ASN A 501 -29.98 -50.27 -12.61
CA ASN A 501 -28.75 -49.67 -13.11
C ASN A 501 -27.79 -49.41 -11.96
N GLY A 502 -26.62 -48.86 -12.30
CA GLY A 502 -25.73 -48.34 -11.29
C GLY A 502 -26.23 -47.03 -10.74
N VAL A 503 -25.78 -46.70 -9.53
CA VAL A 503 -26.20 -45.46 -8.89
C VAL A 503 -25.80 -44.26 -9.73
N GLY A 504 -24.81 -44.39 -10.60
CA GLY A 504 -24.47 -43.33 -11.50
C GLY A 504 -25.56 -42.97 -12.49
N TYR A 505 -26.61 -43.79 -12.58
CA TYR A 505 -27.70 -43.56 -13.51
C TYR A 505 -29.07 -43.48 -12.84
N GLN A 506 -29.18 -43.86 -11.57
CA GLN A 506 -30.47 -43.83 -10.90
C GLN A 506 -30.96 -42.39 -10.71
N PRO A 507 -32.28 -42.19 -10.66
CA PRO A 507 -32.80 -40.82 -10.56
C PRO A 507 -32.47 -40.18 -9.22
N TYR A 508 -32.25 -38.87 -9.26
CA TYR A 508 -31.93 -38.09 -8.08
C TYR A 508 -32.86 -36.89 -8.03
N ARG A 509 -33.50 -36.68 -6.89
CA ARG A 509 -34.39 -35.55 -6.70
C ARG A 509 -33.59 -34.40 -6.09
N VAL A 510 -33.67 -33.23 -6.71
CA VAL A 510 -32.86 -32.08 -6.33
C VAL A 510 -33.76 -30.86 -6.15
N VAL A 511 -33.51 -30.14 -5.06
CA VAL A 511 -34.22 -28.92 -4.68
C VAL A 511 -33.17 -27.83 -4.46
N VAL A 512 -33.45 -26.63 -4.95
CA VAL A 512 -32.53 -25.51 -4.82
C VAL A 512 -33.27 -24.36 -4.18
N LEU A 513 -32.81 -23.94 -3.01
CA LEU A 513 -33.38 -22.79 -2.32
C LEU A 513 -32.49 -21.60 -2.57
N SER A 514 -33.05 -20.55 -3.19
CA SER A 514 -32.30 -19.34 -3.47
C SER A 514 -33.00 -18.16 -2.85
N PHE A 515 -32.26 -17.35 -2.09
CA PHE A 515 -32.89 -16.26 -1.35
C PHE A 515 -31.96 -15.06 -1.29
N GLU A 516 -32.58 -13.88 -1.31
CA GLU A 516 -31.88 -12.62 -1.19
C GLU A 516 -31.90 -12.17 0.26
N LEU A 517 -30.80 -11.59 0.72
CA LEU A 517 -30.53 -11.48 2.15
C LEU A 517 -30.06 -10.07 2.51
N LEU A 518 -30.83 -9.07 2.09
CA LEU A 518 -30.55 -7.68 2.43
C LEU A 518 -30.83 -7.42 3.91
N HIS A 519 -30.62 -6.17 4.32
CA HIS A 519 -31.08 -5.66 5.61
C HIS A 519 -32.33 -4.83 5.34
N ALA A 520 -33.48 -5.35 5.76
CA ALA A 520 -34.73 -4.92 5.15
C ALA A 520 -35.91 -5.35 6.01
N PRO A 521 -37.16 -5.05 5.59
CA PRO A 521 -38.31 -5.61 6.32
C PRO A 521 -38.25 -7.12 6.50
N ALA A 522 -37.75 -7.85 5.50
CA ALA A 522 -37.46 -9.28 5.64
C ALA A 522 -38.74 -10.05 6.00
N THR A 523 -39.63 -10.12 5.02
CA THR A 523 -40.93 -10.77 5.20
C THR A 523 -40.83 -12.19 5.74
N VAL A 524 -39.80 -12.93 5.34
CA VAL A 524 -39.63 -14.32 5.77
C VAL A 524 -38.65 -14.36 6.93
N CYS A 525 -39.10 -14.84 8.08
CA CYS A 525 -38.27 -14.88 9.29
C CYS A 525 -38.40 -16.23 9.97
N GLY A 526 -37.31 -16.68 10.58
CA GLY A 526 -37.26 -17.97 11.21
C GLY A 526 -38.01 -17.99 12.53
N PRO A 527 -37.93 -19.13 13.21
CA PRO A 527 -38.64 -19.27 14.49
C PRO A 527 -37.89 -18.52 15.58
N LYS A 528 -38.63 -17.71 16.33
CA LYS A 528 -38.03 -16.89 17.38
C LYS A 528 -39.15 -16.30 18.22
N LYS A 529 -38.85 -16.03 19.48
CA LYS A 529 -39.84 -15.54 20.42
C LYS A 529 -39.69 -14.04 20.60
N SER A 530 -40.79 -13.31 20.41
CA SER A 530 -40.79 -11.89 20.65
C SER A 530 -40.74 -11.59 22.14
N THR A 531 -40.29 -10.38 22.48
CA THR A 531 -40.25 -9.93 23.87
C THR A 531 -40.97 -8.59 24.01
N ASN A 532 -40.86 -7.97 25.17
CA ASN A 532 -41.50 -6.69 25.38
C ASN A 532 -40.67 -5.56 24.81
N LEU A 533 -41.11 -4.34 25.06
CA LEU A 533 -40.45 -3.13 24.57
C LEU A 533 -39.88 -2.35 25.74
N VAL A 534 -38.68 -1.81 25.55
CA VAL A 534 -38.00 -1.05 26.59
C VAL A 534 -37.56 0.28 26.00
N LYS A 535 -37.81 1.37 26.71
CA LYS A 535 -37.49 2.69 26.22
C LYS A 535 -36.54 3.40 27.17
N ASN A 536 -35.74 4.30 26.60
CA ASN A 536 -34.87 5.19 27.36
C ASN A 536 -33.74 4.45 28.07
N LYS A 537 -33.34 3.30 27.54
CA LYS A 537 -32.20 2.58 28.08
C LYS A 537 -31.35 2.04 26.95
N CYS A 538 -30.04 2.06 27.12
CA CYS A 538 -29.12 1.51 26.14
C CYS A 538 -29.33 0.01 26.08
N VAL A 539 -29.99 -0.46 25.02
CA VAL A 539 -30.35 -1.86 24.88
C VAL A 539 -29.84 -2.36 23.54
N ASN A 540 -30.18 -3.62 23.25
CA ASN A 540 -29.63 -4.35 22.11
C ASN A 540 -30.79 -4.97 21.36
N PHE A 541 -31.16 -4.38 20.23
CA PHE A 541 -32.44 -4.65 19.60
C PHE A 541 -32.28 -5.42 18.29
N ASN A 542 -33.42 -5.99 17.86
CA ASN A 542 -33.51 -6.74 16.61
C ASN A 542 -34.96 -6.63 16.15
N PHE A 543 -35.22 -5.76 15.18
CA PHE A 543 -36.54 -5.62 14.58
C PHE A 543 -36.50 -6.26 13.20
N ASN A 544 -37.00 -7.49 13.08
CA ASN A 544 -37.06 -8.18 11.81
C ASN A 544 -35.71 -8.20 11.11
N GLY A 545 -34.66 -8.47 11.86
CA GLY A 545 -33.33 -8.52 11.31
C GLY A 545 -32.57 -7.21 11.33
N LEU A 546 -33.20 -6.11 11.74
CA LEU A 546 -32.51 -4.83 11.90
C LEU A 546 -31.72 -4.83 13.21
N THR A 547 -30.77 -5.74 13.31
CA THR A 547 -29.96 -5.85 14.51
C THR A 547 -29.23 -4.54 14.78
N GLY A 548 -29.10 -4.21 16.05
CA GLY A 548 -28.36 -3.01 16.41
C GLY A 548 -28.36 -2.81 17.90
N THR A 549 -27.82 -1.67 18.32
CA THR A 549 -27.82 -1.32 19.73
C THR A 549 -27.97 0.18 19.87
N GLY A 550 -28.63 0.59 20.94
CA GLY A 550 -28.85 2.01 21.15
C GLY A 550 -30.02 2.25 22.08
N VAL A 551 -30.55 3.46 22.02
CA VAL A 551 -31.60 3.94 22.90
C VAL A 551 -32.80 4.33 22.06
N LEU A 552 -33.96 3.77 22.40
CA LEU A 552 -35.18 3.95 21.63
C LEU A 552 -36.11 4.90 22.35
N THR A 553 -36.57 5.92 21.64
CA THR A 553 -37.54 6.85 22.20
C THR A 553 -38.73 6.97 21.25
N GLU A 554 -39.74 7.72 21.67
CA GLU A 554 -40.92 7.89 20.86
C GLU A 554 -40.71 9.02 19.86
N SER A 555 -41.23 8.83 18.65
CA SER A 555 -40.95 9.70 17.53
C SER A 555 -42.02 10.76 17.34
N ASN A 556 -41.59 11.92 16.86
CA ASN A 556 -42.49 12.95 16.36
C ASN A 556 -42.52 12.96 14.83
N LYS A 557 -41.90 11.98 14.19
CA LYS A 557 -41.85 11.93 12.74
C LYS A 557 -43.18 11.46 12.17
N LYS A 558 -43.34 11.63 10.86
CA LYS A 558 -44.57 11.29 10.16
C LYS A 558 -44.24 10.31 9.04
N PHE A 559 -44.20 9.03 9.35
CA PHE A 559 -43.99 8.02 8.32
C PHE A 559 -45.19 7.96 7.40
N LEU A 560 -44.97 7.42 6.24
CA LEU A 560 -46.12 7.23 5.37
C LEU A 560 -46.51 5.76 5.34
N PRO A 561 -47.79 5.47 5.13
CA PRO A 561 -48.32 4.12 5.39
C PRO A 561 -47.57 3.00 4.71
N PHE A 562 -46.65 3.28 3.80
CA PHE A 562 -45.88 2.23 3.16
C PHE A 562 -44.44 2.17 3.65
N GLN A 563 -44.00 3.16 4.43
CA GLN A 563 -42.61 3.26 4.82
C GLN A 563 -42.33 2.44 6.07
N GLN A 564 -41.18 1.78 6.08
CA GLN A 564 -40.84 0.84 7.15
C GLN A 564 -39.78 1.36 8.12
N PHE A 565 -38.88 2.22 7.68
CA PHE A 565 -37.88 2.77 8.59
C PHE A 565 -37.27 4.00 7.97
N GLY A 566 -36.60 4.80 8.80
CA GLY A 566 -36.00 6.05 8.39
C GLY A 566 -34.51 5.91 8.14
N ARG A 567 -33.89 7.05 7.86
CA ARG A 567 -32.47 7.07 7.56
C ARG A 567 -31.99 8.51 7.52
N ASP A 568 -30.73 8.70 7.89
CA ASP A 568 -30.14 10.03 8.03
C ASP A 568 -29.34 10.40 6.80
N ILE A 569 -28.63 11.52 6.86
CA ILE A 569 -27.86 11.99 5.72
C ILE A 569 -26.77 10.98 5.35
N ALA A 570 -26.06 10.48 6.35
CA ALA A 570 -24.96 9.56 6.12
C ALA A 570 -25.41 8.13 5.90
N ASP A 571 -26.69 7.93 5.59
CA ASP A 571 -27.25 6.60 5.35
C ASP A 571 -27.10 5.72 6.60
N THR A 572 -27.58 6.23 7.72
CA THR A 572 -27.57 5.52 8.98
C THR A 572 -29.00 5.33 9.46
N THR A 573 -29.34 4.12 9.87
CA THR A 573 -30.67 3.85 10.38
C THR A 573 -30.91 4.63 11.66
N ASP A 574 -31.97 5.42 11.69
CA ASP A 574 -32.26 6.19 12.88
C ASP A 574 -33.73 6.24 13.25
N ALA A 575 -34.55 5.33 12.75
CA ALA A 575 -35.94 5.24 13.16
C ALA A 575 -36.49 3.93 12.60
N VAL A 576 -37.38 3.30 13.37
CA VAL A 576 -38.02 2.07 12.94
C VAL A 576 -39.50 2.12 13.26
N ARG A 577 -40.23 1.14 12.76
CA ARG A 577 -41.65 1.01 13.00
C ARG A 577 -41.90 -0.34 13.67
N ASP A 578 -42.65 -0.32 14.76
CA ASP A 578 -42.83 -1.54 15.54
C ASP A 578 -43.62 -2.56 14.75
N PRO A 579 -43.10 -3.77 14.55
CA PRO A 579 -43.84 -4.78 13.78
C PRO A 579 -45.18 -5.16 14.38
N GLN A 580 -45.33 -5.05 15.70
CA GLN A 580 -46.52 -5.58 16.34
C GLN A 580 -47.49 -4.51 16.84
N THR A 581 -47.08 -3.24 16.87
CA THR A 581 -48.01 -2.17 17.21
C THR A 581 -47.99 -1.03 16.23
N LEU A 582 -47.07 -1.01 15.26
CA LEU A 582 -47.02 0.01 14.22
C LEU A 582 -46.90 1.41 14.83
N GLU A 583 -45.80 1.62 15.53
CA GLU A 583 -45.44 2.93 16.06
C GLU A 583 -44.02 3.25 15.64
N ILE A 584 -43.64 4.51 15.77
CA ILE A 584 -42.37 5.00 15.25
C ILE A 584 -41.43 5.26 16.41
N LEU A 585 -40.25 4.65 16.36
CA LEU A 585 -39.25 4.77 17.40
C LEU A 585 -37.99 5.40 16.83
N ASP A 586 -37.49 6.42 17.54
CA ASP A 586 -36.19 6.99 17.24
C ASP A 586 -35.09 6.19 17.90
N ILE A 587 -33.94 6.16 17.25
CA ILE A 587 -32.76 5.44 17.72
C ILE A 587 -31.64 6.44 17.89
N THR A 588 -31.03 6.46 19.08
CA THR A 588 -29.83 7.24 19.26
C THR A 588 -28.74 6.37 19.86
N PRO A 589 -27.49 6.58 19.50
CA PRO A 589 -26.41 5.72 20.00
C PRO A 589 -26.18 5.93 21.48
N CYS A 590 -25.68 4.89 22.13
CA CYS A 590 -25.34 4.99 23.54
C CYS A 590 -24.14 5.89 23.73
N SER A 591 -24.10 6.56 24.88
CA SER A 591 -23.10 7.59 25.11
C SER A 591 -21.70 7.01 25.22
N PHE A 592 -20.71 7.82 24.84
CA PHE A 592 -19.32 7.43 24.94
C PHE A 592 -18.44 8.66 24.83
N GLY A 593 -17.20 8.52 25.26
CA GLY A 593 -16.28 9.64 25.23
C GLY A 593 -14.90 9.24 25.70
N GLY A 594 -14.05 10.24 25.89
CA GLY A 594 -12.72 10.03 26.42
C GLY A 594 -12.64 10.38 27.90
N VAL A 595 -11.55 9.96 28.51
CA VAL A 595 -11.29 10.19 29.93
C VAL A 595 -9.92 10.82 30.06
N SER A 596 -9.84 11.90 30.84
CA SER A 596 -8.57 12.58 31.06
C SER A 596 -8.35 12.78 32.54
N VAL A 597 -7.08 12.89 32.94
CA VAL A 597 -6.70 12.95 34.34
C VAL A 597 -5.97 14.26 34.60
N ILE A 598 -6.51 15.05 35.51
CA ILE A 598 -5.89 16.30 35.94
C ILE A 598 -4.99 15.99 37.11
N THR A 599 -3.72 16.36 37.01
CA THR A 599 -2.80 16.12 38.10
C THR A 599 -1.80 17.26 38.27
N PRO A 600 -1.61 17.76 39.49
CA PRO A 600 -0.37 18.44 39.82
C PRO A 600 0.73 17.40 39.83
N GLY A 601 1.96 17.84 39.61
CA GLY A 601 3.06 16.90 39.50
C GLY A 601 3.14 15.99 40.71
N THR A 602 3.53 14.75 40.47
CA THR A 602 3.69 13.81 41.58
C THR A 602 4.73 14.30 42.58
N ASN A 603 5.63 15.17 42.16
CA ASN A 603 6.53 15.84 43.07
C ASN A 603 5.76 16.62 44.14
N THR A 604 4.53 17.03 43.84
CA THR A 604 3.76 17.87 44.75
C THR A 604 2.73 17.10 45.55
N SER A 605 1.99 16.20 44.91
CA SER A 605 0.94 15.47 45.62
C SER A 605 0.61 14.20 44.86
N ASN A 606 -0.28 13.40 45.46
CA ASN A 606 -0.77 12.17 44.88
C ASN A 606 -2.26 12.22 44.59
N GLN A 607 -2.80 13.41 44.48
CA GLN A 607 -4.23 13.63 44.31
C GLN A 607 -4.51 13.97 42.85
N VAL A 608 -5.66 13.55 42.34
CA VAL A 608 -6.01 13.75 40.95
C VAL A 608 -7.49 14.09 40.82
N ALA A 609 -7.86 14.58 39.65
CA ALA A 609 -9.25 14.76 39.26
C ALA A 609 -9.45 14.12 37.90
N VAL A 610 -10.70 13.84 37.56
CA VAL A 610 -11.01 13.12 36.34
C VAL A 610 -12.01 13.91 35.53
N LEU A 611 -11.85 13.89 34.21
CA LEU A 611 -12.75 14.58 33.30
C LEU A 611 -13.27 13.60 32.28
N TYR A 612 -14.59 13.43 32.25
CA TYR A 612 -15.26 12.58 31.26
C TYR A 612 -15.78 13.48 30.17
N GLN A 613 -15.30 13.30 28.95
CA GLN A 613 -15.52 14.28 27.91
C GLN A 613 -16.87 14.12 27.27
N ASP A 614 -17.62 15.21 27.22
CA ASP A 614 -18.88 15.29 26.46
C ASP A 614 -19.87 14.21 26.90
N VAL A 615 -20.10 14.12 28.21
CA VAL A 615 -21.17 13.29 28.74
C VAL A 615 -21.91 14.11 29.79
N ASN A 616 -23.08 13.61 30.16
CA ASN A 616 -23.89 14.26 31.17
C ASN A 616 -23.61 13.61 32.51
N CYS A 617 -23.47 14.43 33.55
CA CYS A 617 -22.96 13.92 34.81
C CYS A 617 -23.85 12.85 35.42
N THR A 618 -25.11 12.76 34.99
CA THR A 618 -25.99 11.73 35.51
C THR A 618 -25.51 10.34 35.10
N GLU A 619 -25.04 10.18 33.88
CA GLU A 619 -24.75 8.87 33.33
C GLU A 619 -23.44 8.27 33.83
N VAL A 620 -22.64 9.01 34.56
CA VAL A 620 -21.41 8.44 35.11
C VAL A 620 -21.78 7.49 36.24
N PRO A 621 -21.27 6.26 36.25
CA PRO A 621 -21.65 5.32 37.30
C PRO A 621 -20.85 5.53 38.57
N GLN A 628 -13.15 -1.29 37.70
CA GLN A 628 -13.11 -0.27 38.73
C GLN A 628 -12.91 -0.87 40.12
N LEU A 629 -11.74 -0.63 40.70
CA LEU A 629 -11.49 -1.02 42.08
C LEU A 629 -12.27 -0.07 43.00
N THR A 630 -13.28 -0.61 43.69
CA THR A 630 -14.18 0.23 44.46
C THR A 630 -13.45 1.14 45.45
N PRO A 631 -12.46 0.67 46.23
CA PRO A 631 -11.76 1.62 47.12
C PRO A 631 -10.99 2.70 46.38
N THR A 632 -10.71 2.53 45.08
CA THR A 632 -9.91 3.51 44.34
C THR A 632 -10.72 4.22 43.26
N TRP A 633 -11.25 3.49 42.27
CA TRP A 633 -12.02 4.14 41.22
C TRP A 633 -13.39 4.63 41.66
N ARG A 634 -14.10 3.86 42.50
CA ARG A 634 -15.47 4.25 42.82
C ARG A 634 -15.52 5.59 43.54
N VAL A 635 -14.43 5.97 44.22
CA VAL A 635 -14.33 7.30 44.79
C VAL A 635 -14.50 8.34 43.69
N TYR A 636 -13.90 8.09 42.52
CA TYR A 636 -14.11 8.95 41.36
C TYR A 636 -15.28 8.45 40.52
N SER A 637 -16.41 8.20 41.19
CA SER A 637 -17.67 8.00 40.51
C SER A 637 -18.82 8.71 41.22
N THR A 638 -18.63 9.10 42.48
CA THR A 638 -19.66 9.73 43.29
C THR A 638 -18.98 10.70 44.25
N GLY A 639 -19.79 11.53 44.89
CA GLY A 639 -19.28 12.48 45.86
C GLY A 639 -20.02 13.79 45.82
N SER A 640 -19.54 14.78 46.55
CA SER A 640 -20.10 16.13 46.51
C SER A 640 -19.28 17.07 45.64
N ASN A 641 -18.38 16.54 44.83
CA ASN A 641 -17.49 17.33 44.00
C ASN A 641 -17.69 17.03 42.53
N VAL A 642 -18.95 16.99 42.10
CA VAL A 642 -19.28 16.77 40.70
C VAL A 642 -19.63 18.12 40.10
N PHE A 643 -18.95 18.47 39.01
CA PHE A 643 -19.14 19.76 38.35
C PHE A 643 -19.44 19.48 36.89
N GLN A 644 -20.32 20.27 36.29
CA GLN A 644 -20.71 20.05 34.90
C GLN A 644 -20.28 21.25 34.09
N THR A 645 -19.33 21.05 33.18
CA THR A 645 -18.79 22.11 32.35
C THR A 645 -19.31 21.96 30.93
N ARG A 646 -18.90 22.88 30.08
CA ARG A 646 -19.21 22.76 28.66
C ARG A 646 -18.34 21.73 27.96
N ALA A 647 -17.35 21.18 28.65
CA ALA A 647 -16.44 20.22 28.05
C ALA A 647 -16.64 18.80 28.55
N GLY A 648 -17.48 18.59 29.55
CA GLY A 648 -17.72 17.27 30.08
C GLY A 648 -18.08 17.35 31.53
N CYS A 649 -17.95 16.22 32.21
CA CYS A 649 -18.22 16.11 33.63
C CYS A 649 -16.90 16.03 34.38
N LEU A 650 -16.73 16.87 35.39
CA LEU A 650 -15.47 16.98 36.12
C LEU A 650 -15.70 16.48 37.54
N ILE A 651 -14.88 15.52 37.96
CA ILE A 651 -15.07 14.84 39.23
C ILE A 651 -13.78 14.96 40.04
N GLY A 652 -13.91 15.39 41.29
CA GLY A 652 -12.77 15.51 42.15
C GLY A 652 -12.24 16.92 42.33
N ALA A 653 -12.92 17.93 41.79
CA ALA A 653 -12.47 19.30 41.88
C ALA A 653 -13.57 20.16 42.47
N GLU A 654 -13.16 21.24 43.13
CA GLU A 654 -14.08 22.12 43.82
C GLU A 654 -14.19 23.43 43.06
N HIS A 655 -15.41 23.89 42.82
CA HIS A 655 -15.66 25.00 41.92
C HIS A 655 -15.77 26.30 42.72
N VAL A 656 -14.71 27.10 42.71
CA VAL A 656 -14.67 28.37 43.42
C VAL A 656 -15.31 29.47 42.58
N ASN A 657 -15.51 30.64 43.18
CA ASN A 657 -16.07 31.80 42.50
C ASN A 657 -15.04 32.83 42.10
N ASN A 658 -13.78 32.64 42.45
CA ASN A 658 -12.75 33.62 42.13
C ASN A 658 -12.34 33.45 40.67
N SER A 659 -11.23 34.09 40.30
CA SER A 659 -10.68 33.96 38.96
C SER A 659 -9.20 34.27 39.02
N TYR A 660 -8.40 33.41 38.40
CA TYR A 660 -6.95 33.56 38.47
C TYR A 660 -6.36 33.46 37.07
N GLU A 661 -5.04 33.45 36.99
CA GLU A 661 -4.39 33.14 35.73
C GLU A 661 -4.49 31.64 35.47
N CYS A 662 -4.56 31.26 34.20
CA CYS A 662 -4.76 29.86 33.87
C CYS A 662 -3.54 29.05 34.22
N ASP A 663 -3.76 27.89 34.85
CA ASP A 663 -2.69 26.99 35.24
C ASP A 663 -2.72 25.69 34.46
N ILE A 664 -3.83 24.97 34.49
CA ILE A 664 -4.03 23.77 33.69
C ILE A 664 -5.29 23.99 32.87
N PRO A 665 -5.23 23.89 31.54
CA PRO A 665 -6.39 24.24 30.72
C PRO A 665 -7.37 23.09 30.62
N ILE A 666 -8.59 23.30 31.09
CA ILE A 666 -9.64 22.30 30.93
C ILE A 666 -10.31 22.53 29.58
N GLY A 667 -10.86 23.71 29.39
CA GLY A 667 -11.49 24.05 28.13
C GLY A 667 -12.69 24.95 28.32
N ALA A 668 -13.11 25.57 27.22
CA ALA A 668 -14.26 26.46 27.23
C ALA A 668 -14.13 27.55 28.27
N GLY A 669 -12.92 28.05 28.45
CA GLY A 669 -12.69 29.11 29.40
C GLY A 669 -12.59 28.66 30.83
N ILE A 670 -12.40 27.37 31.08
CA ILE A 670 -12.29 26.84 32.43
C ILE A 670 -10.89 26.28 32.60
N CYS A 671 -10.23 26.65 33.69
CA CYS A 671 -8.92 26.12 34.05
C CYS A 671 -9.01 25.49 35.43
N ALA A 672 -7.95 24.79 35.80
CA ALA A 672 -7.90 24.09 37.09
C ALA A 672 -6.50 24.21 37.68
N SER A 673 -6.43 24.20 39.00
CA SER A 673 -5.15 24.37 39.68
C SER A 673 -5.20 23.73 41.05
N TYR A 674 -4.08 23.82 41.77
CA TYR A 674 -3.90 23.17 43.06
C TYR A 674 -3.60 24.24 44.10
N GLN A 675 -4.54 24.48 45.00
CA GLN A 675 -4.38 25.60 45.92
C GLN A 675 -4.99 25.24 47.27
N THR A 676 -5.12 26.25 48.13
CA THR A 676 -5.61 26.06 49.49
C THR A 676 -7.03 26.62 49.63
N GLN A 690 -5.35 22.06 51.40
CA GLN A 690 -4.93 21.97 50.02
C GLN A 690 -5.78 20.99 49.24
N SER A 691 -6.21 21.40 48.04
CA SER A 691 -7.01 20.56 47.17
C SER A 691 -6.92 21.13 45.76
N ILE A 692 -7.78 20.62 44.88
CA ILE A 692 -7.78 20.97 43.48
C ILE A 692 -9.03 21.79 43.19
N ILE A 693 -8.84 22.96 42.62
CA ILE A 693 -9.95 23.88 42.34
C ILE A 693 -10.09 24.03 40.83
N ALA A 694 -11.30 24.34 40.40
CA ALA A 694 -11.60 24.61 39.00
C ALA A 694 -12.32 25.94 38.92
N TYR A 695 -11.82 26.84 38.08
CA TYR A 695 -12.32 28.20 38.05
C TYR A 695 -12.35 28.70 36.62
N THR A 696 -12.76 29.96 36.48
CA THR A 696 -12.82 30.65 35.19
C THR A 696 -11.62 31.57 35.08
N MET A 697 -10.82 31.39 34.03
CA MET A 697 -9.58 32.13 33.92
C MET A 697 -9.85 33.60 33.72
N SER A 698 -8.86 34.42 34.07
CA SER A 698 -8.94 35.86 33.92
C SER A 698 -7.80 36.33 33.02
N LEU A 699 -8.06 37.36 32.24
CA LEU A 699 -7.12 37.76 31.21
C LEU A 699 -6.06 38.75 31.69
N GLY A 700 -6.21 39.29 32.88
CA GLY A 700 -5.20 40.18 33.40
C GLY A 700 -5.80 41.26 34.25
N ALA A 701 -4.92 42.02 34.89
CA ALA A 701 -5.35 43.09 35.78
C ALA A 701 -5.91 44.24 34.97
N GLU A 702 -7.00 44.82 35.45
CA GLU A 702 -7.61 45.92 34.72
C GLU A 702 -6.75 47.17 34.84
N ASN A 703 -7.06 48.14 34.00
CA ASN A 703 -6.27 49.36 33.94
C ASN A 703 -7.07 50.41 33.20
N SER A 704 -6.76 51.66 33.46
CA SER A 704 -7.49 52.76 32.85
C SER A 704 -6.56 53.94 32.74
N VAL A 705 -6.12 54.24 31.52
CA VAL A 705 -5.23 55.37 31.33
C VAL A 705 -6.00 56.65 31.57
N ALA A 706 -5.35 57.61 32.21
CA ALA A 706 -6.01 58.86 32.60
C ALA A 706 -6.05 59.82 31.41
N TYR A 707 -6.79 59.41 30.38
CA TYR A 707 -6.89 60.22 29.19
C TYR A 707 -7.58 61.55 29.47
N SER A 708 -7.09 62.59 28.81
CA SER A 708 -7.70 63.92 28.87
C SER A 708 -7.19 64.69 27.68
N ASN A 709 -7.91 65.73 27.30
CA ASN A 709 -7.62 66.31 26.00
C ASN A 709 -6.45 67.28 26.01
N ASN A 710 -5.86 67.60 27.16
CA ASN A 710 -4.67 68.41 27.18
C ASN A 710 -3.70 67.95 28.24
N SER A 711 -3.50 66.64 28.36
CA SER A 711 -2.59 66.11 29.35
C SER A 711 -1.70 65.07 28.73
N ILE A 712 -0.42 65.07 29.10
CA ILE A 712 0.55 64.17 28.51
C ILE A 712 1.42 63.60 29.62
N ALA A 713 2.06 62.47 29.33
CA ALA A 713 2.89 61.79 30.32
C ALA A 713 4.24 61.49 29.69
N ILE A 714 5.30 61.83 30.39
CA ILE A 714 6.63 61.74 29.79
C ILE A 714 7.56 60.99 30.74
N PRO A 715 8.38 60.08 30.25
CA PRO A 715 9.28 59.36 31.15
C PRO A 715 10.41 60.22 31.63
N THR A 716 11.01 59.82 32.75
CA THR A 716 12.13 60.54 33.32
C THR A 716 13.33 59.65 33.61
N ASN A 717 13.25 58.36 33.33
CA ASN A 717 14.37 57.46 33.58
C ASN A 717 14.19 56.27 32.65
N PHE A 718 15.20 55.41 32.57
CA PHE A 718 15.10 54.31 31.63
C PHE A 718 15.60 53.04 32.28
N THR A 719 15.69 51.98 31.47
CA THR A 719 16.11 50.69 31.95
C THR A 719 16.60 49.87 30.75
N ILE A 720 17.79 49.35 30.84
CA ILE A 720 18.32 48.45 29.83
C ILE A 720 17.91 47.04 30.20
N SER A 721 17.36 46.29 29.25
CA SER A 721 16.90 44.94 29.55
C SER A 721 17.40 43.98 28.50
N VAL A 722 17.74 42.77 28.92
CA VAL A 722 18.26 41.72 28.05
C VAL A 722 17.32 40.55 28.10
N THR A 723 16.84 40.09 26.95
CA THR A 723 15.95 38.95 26.89
C THR A 723 16.52 37.89 25.96
N THR A 724 15.90 36.73 25.96
CA THR A 724 16.45 35.55 25.31
C THR A 724 15.44 34.98 24.33
N GLU A 725 15.93 34.43 23.23
CA GLU A 725 15.07 33.76 22.27
C GLU A 725 15.78 32.54 21.74
N ILE A 726 15.05 31.44 21.54
CA ILE A 726 15.64 30.15 21.21
C ILE A 726 14.98 29.61 19.97
N LEU A 727 15.78 29.19 18.98
CA LEU A 727 15.21 28.69 17.74
C LEU A 727 15.88 27.40 17.28
N PRO A 728 15.11 26.39 16.89
CA PRO A 728 15.68 25.21 16.26
C PRO A 728 16.18 25.54 14.86
N VAL A 729 17.22 24.83 14.43
CA VAL A 729 17.86 25.08 13.15
C VAL A 729 17.92 23.82 12.31
N SER A 730 18.32 22.69 12.90
CA SER A 730 18.49 21.47 12.13
C SER A 730 18.17 20.28 13.01
N MET A 731 17.99 19.12 12.37
CA MET A 731 17.70 17.90 13.07
C MET A 731 18.60 16.79 12.55
N THR A 732 18.48 15.60 13.15
CA THR A 732 19.44 14.54 12.90
C THR A 732 19.27 13.94 11.52
N LYS A 733 20.38 13.62 10.87
CA LYS A 733 20.38 13.05 9.53
C LYS A 733 20.41 11.55 9.63
N THR A 734 19.26 10.91 9.54
CA THR A 734 19.19 9.46 9.57
C THR A 734 19.02 8.91 8.16
N SER A 735 19.18 7.61 8.05
CA SER A 735 18.98 6.93 6.79
C SER A 735 18.56 5.50 7.08
N VAL A 736 17.68 4.97 6.24
CA VAL A 736 17.16 3.63 6.39
C VAL A 736 17.22 2.95 5.03
N ASP A 737 17.74 1.74 5.00
CA ASP A 737 17.87 0.98 3.76
C ASP A 737 16.63 0.12 3.59
N CYS A 738 15.88 0.39 2.53
CA CYS A 738 14.57 -0.25 2.35
C CYS A 738 14.70 -1.78 2.33
N THR A 739 15.59 -2.30 1.51
CA THR A 739 15.67 -3.75 1.32
C THR A 739 16.03 -4.44 2.61
N MET A 740 17.03 -3.94 3.33
CA MET A 740 17.46 -4.63 4.54
C MET A 740 16.40 -4.55 5.62
N TYR A 741 15.65 -3.46 5.66
CA TYR A 741 14.59 -3.36 6.65
C TYR A 741 13.47 -4.35 6.36
N ILE A 742 13.01 -4.39 5.11
CA ILE A 742 11.86 -5.22 4.80
C ILE A 742 12.21 -6.70 4.85
N CYS A 743 13.31 -7.09 4.20
CA CYS A 743 13.60 -8.49 4.00
C CYS A 743 14.72 -9.04 4.86
N GLY A 744 15.46 -8.21 5.57
CA GLY A 744 16.58 -8.73 6.31
C GLY A 744 17.65 -9.26 5.37
N ASP A 745 17.87 -10.57 5.38
CA ASP A 745 18.87 -11.17 4.51
C ASP A 745 18.36 -12.48 3.93
N SER A 746 17.10 -12.51 3.56
CA SER A 746 16.51 -13.66 2.88
C SER A 746 16.46 -13.38 1.39
N THR A 747 16.91 -14.34 0.59
CA THR A 747 16.97 -14.12 -0.85
C THR A 747 15.59 -14.18 -1.49
N GLU A 748 14.74 -15.10 -1.03
CA GLU A 748 13.41 -15.20 -1.59
C GLU A 748 12.55 -14.00 -1.26
N CYS A 749 12.70 -13.46 -0.05
CA CYS A 749 12.00 -12.22 0.27
C CYS A 749 12.42 -11.13 -0.71
N SER A 750 13.71 -11.02 -0.99
CA SER A 750 14.17 -10.01 -1.94
C SER A 750 13.59 -10.26 -3.33
N ASN A 751 13.55 -11.52 -3.75
CA ASN A 751 12.98 -11.82 -5.06
C ASN A 751 11.54 -11.37 -5.15
N LEU A 752 10.75 -11.67 -4.11
CA LEU A 752 9.36 -11.23 -4.11
C LEU A 752 9.28 -9.71 -4.13
N LEU A 753 10.12 -9.05 -3.33
CA LEU A 753 10.09 -7.59 -3.28
C LEU A 753 10.41 -6.98 -4.63
N LEU A 754 11.20 -7.67 -5.44
CA LEU A 754 11.56 -7.12 -6.75
C LEU A 754 10.34 -6.83 -7.60
N GLN A 755 9.24 -7.50 -7.35
CA GLN A 755 8.06 -7.34 -8.20
C GLN A 755 7.24 -6.12 -7.84
N TYR A 756 7.56 -5.42 -6.76
CA TYR A 756 6.75 -4.29 -6.37
C TYR A 756 7.15 -2.99 -7.05
N GLY A 757 8.12 -3.03 -7.96
CA GLY A 757 8.49 -1.85 -8.71
C GLY A 757 9.65 -1.10 -8.05
N SER A 758 9.48 0.19 -7.86
CA SER A 758 10.54 1.08 -7.44
C SER A 758 10.12 1.88 -6.23
N PHE A 759 9.56 1.21 -5.22
CA PHE A 759 9.23 1.91 -3.99
C PHE A 759 10.48 2.23 -3.18
N CYS A 760 11.38 1.27 -3.06
CA CYS A 760 12.55 1.45 -2.21
C CYS A 760 13.41 2.59 -2.73
N THR A 761 13.54 2.72 -4.04
CA THR A 761 14.30 3.83 -4.60
C THR A 761 13.70 5.16 -4.21
N GLN A 762 12.37 5.27 -4.28
CA GLN A 762 11.72 6.52 -3.90
C GLN A 762 11.99 6.85 -2.45
N LEU A 763 11.88 5.87 -1.56
CA LEU A 763 12.07 6.15 -0.15
C LEU A 763 13.50 6.59 0.13
N ASN A 764 14.48 5.92 -0.46
CA ASN A 764 15.86 6.32 -0.24
C ASN A 764 16.11 7.72 -0.77
N ARG A 765 15.55 8.04 -1.93
CA ARG A 765 15.75 9.37 -2.48
C ARG A 765 15.17 10.44 -1.58
N ALA A 766 13.98 10.20 -1.02
CA ALA A 766 13.37 11.18 -0.14
C ALA A 766 14.23 11.42 1.10
N LEU A 767 14.66 10.34 1.75
CA LEU A 767 15.45 10.51 2.96
C LEU A 767 16.77 11.19 2.67
N THR A 768 17.36 10.89 1.51
CA THR A 768 18.59 11.56 1.13
C THR A 768 18.39 13.05 0.96
N GLY A 769 17.28 13.45 0.33
CA GLY A 769 17.01 14.87 0.18
C GLY A 769 16.91 15.59 1.51
N ILE A 770 16.18 14.98 2.46
CA ILE A 770 16.07 15.59 3.78
C ILE A 770 17.45 15.77 4.40
N ALA A 771 18.23 14.69 4.40
CA ALA A 771 19.53 14.74 5.06
C ALA A 771 20.42 15.78 4.41
N VAL A 772 20.31 15.96 3.11
CA VAL A 772 21.14 16.96 2.45
C VAL A 772 20.76 18.35 2.90
N GLU A 773 19.46 18.67 2.92
CA GLU A 773 19.13 20.06 3.24
C GLU A 773 19.37 20.37 4.70
N GLN A 774 19.48 19.35 5.56
CA GLN A 774 19.79 19.66 6.95
C GLN A 774 21.12 20.35 7.13
N ASP A 775 21.93 20.41 6.10
CA ASP A 775 23.20 21.12 6.15
C ASP A 775 23.10 22.51 5.56
N LYS A 776 22.30 22.66 4.51
CA LYS A 776 21.99 23.99 4.01
C LYS A 776 21.35 24.83 5.09
N ASN A 777 20.57 24.21 5.97
CA ASN A 777 19.96 24.96 7.06
C ASN A 777 21.00 25.67 7.90
N THR A 778 22.03 24.94 8.34
CA THR A 778 23.06 25.55 9.17
C THR A 778 23.90 26.52 8.36
N GLN A 779 24.16 26.18 7.10
CA GLN A 779 24.91 27.08 6.23
C GLN A 779 24.27 28.44 6.15
N GLU A 780 22.95 28.48 6.02
CA GLU A 780 22.26 29.76 5.85
C GLU A 780 22.36 30.62 7.10
N VAL A 781 22.27 30.01 8.27
CA VAL A 781 22.22 30.78 9.51
C VAL A 781 23.60 31.28 9.89
N PHE A 782 24.59 30.41 9.90
CA PHE A 782 25.83 30.83 10.53
C PHE A 782 26.84 31.41 9.55
N ALA A 783 27.02 30.80 8.39
CA ALA A 783 28.05 31.25 7.45
C ALA A 783 27.57 32.51 6.75
N GLN A 784 27.52 33.60 7.51
CA GLN A 784 27.08 34.88 6.98
C GLN A 784 28.15 35.94 7.03
N VAL A 785 29.40 35.56 7.22
CA VAL A 785 30.47 36.53 7.37
C VAL A 785 31.64 36.10 6.51
N LYS A 786 32.28 37.07 5.88
CA LYS A 786 33.35 36.78 4.93
C LYS A 786 34.59 36.27 5.65
N GLN A 787 34.99 36.96 6.72
CA GLN A 787 36.28 36.77 7.34
C GLN A 787 36.08 36.32 8.78
N ILE A 788 37.18 36.24 9.52
CA ILE A 788 37.16 35.78 10.89
C ILE A 788 37.81 36.86 11.72
N TYR A 789 37.02 37.65 12.42
CA TYR A 789 37.55 38.75 13.20
C TYR A 789 37.95 38.29 14.59
N LYS A 790 38.80 39.07 15.24
CA LYS A 790 39.28 38.76 16.57
C LYS A 790 39.15 39.98 17.46
N THR A 791 38.80 39.77 18.72
CA THR A 791 38.77 40.86 19.67
C THR A 791 40.18 41.28 20.02
N PRO A 792 40.36 42.52 20.46
CA PRO A 792 41.69 42.96 20.87
C PRO A 792 42.14 42.22 22.10
N PRO A 793 43.46 42.10 22.32
CA PRO A 793 43.94 41.45 23.54
C PRO A 793 43.59 42.22 24.79
N ILE A 794 43.31 43.51 24.69
CA ILE A 794 43.00 44.36 25.83
C ILE A 794 41.51 44.67 25.81
N LYS A 795 40.82 44.28 26.86
CA LYS A 795 39.37 44.48 26.93
C LYS A 795 39.10 45.76 27.71
N ASP A 796 39.07 46.88 26.99
CA ASP A 796 38.75 48.19 27.56
C ASP A 796 37.67 48.82 26.71
N PHE A 797 36.41 48.54 27.05
CA PHE A 797 35.28 48.95 26.24
C PHE A 797 34.47 50.06 26.89
N GLY A 798 35.12 50.89 27.69
CA GLY A 798 34.42 52.00 28.30
C GLY A 798 33.61 51.67 29.52
N GLY A 799 33.67 50.43 30.01
CA GLY A 799 32.93 50.00 31.17
C GLY A 799 32.07 48.79 30.92
N PHE A 800 31.64 48.59 29.69
CA PHE A 800 30.87 47.41 29.36
C PHE A 800 31.76 46.19 29.45
N ASN A 801 31.17 45.06 29.81
CA ASN A 801 31.93 43.86 30.15
C ASN A 801 31.29 42.68 29.45
N PHE A 802 31.98 42.12 28.47
CA PHE A 802 31.44 41.06 27.64
C PHE A 802 31.99 39.69 27.98
N SER A 803 32.58 39.53 29.16
CA SER A 803 33.29 38.30 29.46
C SER A 803 32.37 37.09 29.49
N GLN A 804 31.07 37.30 29.65
CA GLN A 804 30.16 36.17 29.74
C GLN A 804 29.73 35.63 28.39
N ILE A 805 30.15 36.25 27.29
CA ILE A 805 29.79 35.74 25.97
C ILE A 805 30.98 35.56 25.06
N LEU A 806 32.13 36.16 25.34
CA LEU A 806 33.31 35.92 24.54
C LEU A 806 33.87 34.54 24.82
N PRO A 807 34.62 33.98 23.89
CA PRO A 807 35.17 32.64 24.11
C PRO A 807 36.07 32.60 25.32
N ASP A 808 36.02 31.49 26.05
CA ASP A 808 36.84 31.30 27.22
C ASP A 808 38.07 30.50 26.83
N PRO A 809 39.28 31.08 26.90
CA PRO A 809 40.45 30.36 26.41
C PRO A 809 40.93 29.26 27.34
N SER A 810 40.59 29.31 28.63
CA SER A 810 41.08 28.32 29.56
C SER A 810 40.60 26.93 29.22
N LYS A 811 39.30 26.78 28.95
CA LYS A 811 38.73 25.46 28.73
C LYS A 811 39.29 24.84 27.45
N PRO A 812 39.27 23.51 27.35
CA PRO A 812 39.67 22.88 26.08
C PRO A 812 38.78 23.29 24.93
N SER A 813 37.47 23.12 25.08
CA SER A 813 36.53 23.71 24.14
C SER A 813 36.64 25.23 24.22
N LYS A 814 36.36 25.89 23.11
CA LYS A 814 36.46 27.33 23.04
C LYS A 814 35.11 28.02 23.22
N ARG A 815 34.27 27.49 24.09
CA ARG A 815 32.93 27.99 24.24
C ARG A 815 32.83 28.96 25.40
N SER A 816 31.95 29.94 25.25
CA SER A 816 31.77 30.95 26.24
C SER A 816 31.06 30.39 27.46
N PRO A 817 31.12 31.09 28.59
CA PRO A 817 30.47 30.59 29.80
C PRO A 817 28.97 30.37 29.69
N ILE A 818 28.32 30.80 28.62
CA ILE A 818 26.90 30.50 28.46
C ILE A 818 26.67 29.32 27.52
N GLU A 819 27.47 29.22 26.45
CA GLU A 819 27.34 28.06 25.60
C GLU A 819 27.62 26.78 26.38
N ASP A 820 28.41 26.86 27.44
CA ASP A 820 28.64 25.69 28.27
C ASP A 820 27.37 25.26 29.00
N LEU A 821 26.68 26.21 29.63
CA LEU A 821 25.40 25.88 30.23
C LEU A 821 24.47 25.25 29.21
N LEU A 822 24.41 25.84 28.02
CA LEU A 822 23.50 25.31 27.01
C LEU A 822 23.84 23.87 26.67
N PHE A 823 25.11 23.59 26.40
CA PHE A 823 25.49 22.24 26.00
C PHE A 823 25.30 21.25 27.13
N ASN A 824 25.63 21.64 28.36
CA ASN A 824 25.49 20.71 29.47
C ASN A 824 24.03 20.37 29.72
N LYS A 825 23.15 21.37 29.72
CA LYS A 825 21.79 21.12 30.14
C LYS A 825 20.85 20.75 29.00
N VAL A 826 21.31 20.77 27.75
CA VAL A 826 20.44 20.22 26.71
C VAL A 826 20.37 18.70 26.82
N THR A 827 21.48 18.05 27.14
CA THR A 827 21.50 16.59 27.29
C THR A 827 20.57 16.12 28.40
N ASN A 856 17.44 -4.51 11.51
CA ASN A 856 18.09 -3.24 11.77
C ASN A 856 18.08 -2.49 10.44
N GLY A 857 19.23 -2.02 9.98
CA GLY A 857 19.32 -1.29 8.74
C GLY A 857 19.31 0.22 8.88
N LEU A 858 19.54 0.75 10.08
CA LEU A 858 19.47 2.17 10.35
C LEU A 858 20.87 2.74 10.46
N THR A 859 21.08 3.93 9.89
CA THR A 859 22.36 4.60 10.00
C THR A 859 22.13 6.07 10.31
N VAL A 860 23.16 6.70 10.85
CA VAL A 860 23.12 8.11 11.22
C VAL A 860 24.37 8.78 10.64
N LEU A 861 24.17 9.70 9.79
CA LEU A 861 25.32 10.37 9.21
C LEU A 861 25.77 11.54 10.07
N PRO A 862 27.03 11.92 10.02
CA PRO A 862 27.50 13.03 10.82
C PRO A 862 27.31 14.35 10.10
N PRO A 863 27.12 15.44 10.83
CA PRO A 863 26.94 16.73 10.17
C PRO A 863 28.23 17.23 9.56
N LEU A 864 28.08 18.17 8.63
CA LEU A 864 29.22 18.65 7.88
C LEU A 864 30.09 19.62 8.69
N LEU A 865 29.49 20.43 9.53
CA LEU A 865 30.22 21.38 10.35
C LEU A 865 30.23 20.89 11.80
N THR A 866 31.41 20.68 12.35
CA THR A 866 31.50 20.28 13.74
C THR A 866 31.14 21.45 14.65
N ASP A 867 30.83 21.13 15.91
CA ASP A 867 30.44 22.17 16.85
C ASP A 867 31.53 23.21 17.04
N GLU A 868 32.78 22.81 16.92
CA GLU A 868 33.87 23.78 17.05
C GLU A 868 33.80 24.82 15.94
N MET A 869 33.50 24.39 14.71
CA MET A 869 33.40 25.35 13.62
C MET A 869 32.26 26.32 13.84
N ILE A 870 31.12 25.82 14.32
CA ILE A 870 29.98 26.69 14.57
C ILE A 870 30.31 27.71 15.64
N ALA A 871 30.98 27.27 16.70
CA ALA A 871 31.39 28.23 17.72
C ALA A 871 32.37 29.24 17.16
N GLN A 872 33.18 28.84 16.18
CA GLN A 872 34.10 29.79 15.58
C GLN A 872 33.37 30.87 14.79
N TYR A 873 32.39 30.46 13.98
CA TYR A 873 31.52 31.45 13.33
C TYR A 873 30.88 32.40 14.33
N THR A 874 30.33 31.86 15.41
CA THR A 874 29.67 32.73 16.38
C THR A 874 30.63 33.72 16.98
N SER A 875 31.84 33.26 17.32
CA SER A 875 32.84 34.18 17.85
C SER A 875 33.19 35.26 16.86
N ALA A 876 33.28 34.92 15.58
CA ALA A 876 33.58 35.93 14.58
C ALA A 876 32.50 36.98 14.52
N LEU A 877 31.24 36.56 14.56
CA LEU A 877 30.17 37.55 14.51
C LEU A 877 30.22 38.46 15.73
N LEU A 878 30.45 37.89 16.91
CA LEU A 878 30.51 38.72 18.11
C LEU A 878 31.64 39.73 18.04
N ALA A 879 32.83 39.29 17.63
CA ALA A 879 33.96 40.20 17.57
C ALA A 879 33.71 41.31 16.56
N GLY A 880 33.16 40.97 15.41
CA GLY A 880 32.84 41.99 14.44
C GLY A 880 31.88 43.03 14.99
N THR A 881 30.81 42.57 15.65
CA THR A 881 29.83 43.51 16.16
C THR A 881 30.42 44.40 17.23
N ILE A 882 31.22 43.83 18.13
CA ILE A 882 31.76 44.64 19.21
C ILE A 882 32.72 45.69 18.68
N THR A 883 33.59 45.33 17.76
CA THR A 883 34.62 46.29 17.37
C THR A 883 34.26 47.15 16.19
N SER A 884 33.17 46.88 15.46
CA SER A 884 32.94 47.69 14.27
C SER A 884 31.49 48.03 14.00
N GLY A 885 30.60 47.95 14.99
CA GLY A 885 29.24 48.39 14.76
C GLY A 885 28.52 47.51 13.76
N TRP A 886 27.73 48.14 12.90
CA TRP A 886 27.05 47.44 11.83
C TRP A 886 27.77 47.52 10.51
N THR A 887 28.91 48.18 10.46
CA THR A 887 29.56 48.43 9.18
C THR A 887 30.06 47.15 8.54
N PHE A 888 30.45 46.17 9.33
CA PHE A 888 31.04 44.97 8.75
C PHE A 888 30.01 44.10 8.04
N GLY A 889 28.74 44.37 8.21
CA GLY A 889 27.73 43.62 7.52
C GLY A 889 27.33 44.18 6.18
N ALA A 890 27.94 45.28 5.78
CA ALA A 890 27.58 45.93 4.53
C ALA A 890 28.78 46.37 3.72
N GLY A 891 29.98 45.96 4.07
CA GLY A 891 31.16 46.38 3.39
C GLY A 891 32.41 45.98 4.14
N PRO A 892 33.42 46.82 4.12
CA PRO A 892 34.61 46.56 4.93
C PRO A 892 34.41 47.06 6.34
N ALA A 893 34.94 46.32 7.30
CA ALA A 893 34.75 46.68 8.70
C ALA A 893 35.50 47.96 9.03
N LEU A 894 34.84 48.85 9.76
CA LEU A 894 35.41 50.13 10.14
C LEU A 894 35.31 50.28 11.64
N GLN A 895 36.46 50.42 12.31
CA GLN A 895 36.44 50.44 13.76
C GLN A 895 35.81 51.71 14.28
N ILE A 896 35.39 51.68 15.54
CA ILE A 896 34.77 52.83 16.20
C ILE A 896 34.69 52.53 17.69
N PRO A 897 34.99 53.50 18.56
CA PRO A 897 34.94 53.21 20.00
C PRO A 897 33.55 52.80 20.42
N PHE A 898 33.47 51.89 21.39
CA PHE A 898 32.17 51.32 21.72
C PHE A 898 31.17 52.35 22.23
N PRO A 899 31.51 53.23 23.17
CA PRO A 899 30.51 54.20 23.62
C PRO A 899 29.96 55.06 22.51
N MET A 900 30.78 55.39 21.51
CA MET A 900 30.25 56.19 20.41
C MET A 900 29.27 55.37 19.59
N GLN A 901 29.54 54.07 19.43
CA GLN A 901 28.57 53.23 18.74
C GLN A 901 27.27 53.16 19.51
N MET A 902 27.34 53.06 20.83
CA MET A 902 26.11 53.02 21.59
C MET A 902 25.37 54.35 21.53
N ALA A 903 26.10 55.46 21.39
CA ALA A 903 25.42 56.74 21.22
C ALA A 903 24.71 56.82 19.88
N TYR A 904 25.33 56.32 18.82
CA TYR A 904 24.62 56.20 17.55
C TYR A 904 23.36 55.40 17.71
N ARG A 905 23.45 54.28 18.44
CA ARG A 905 22.26 53.46 18.59
C ARG A 905 21.19 54.14 19.42
N PHE A 906 21.56 55.00 20.35
CA PHE A 906 20.55 55.82 21.02
C PHE A 906 19.89 56.77 20.04
N ASN A 907 20.67 57.43 19.19
CA ASN A 907 20.07 58.27 18.16
C ASN A 907 19.09 57.49 17.31
N GLY A 908 19.36 56.20 17.13
CA GLY A 908 18.49 55.40 16.29
C GLY A 908 17.05 55.34 16.78
N ILE A 909 16.83 55.52 18.08
CA ILE A 909 15.50 55.35 18.65
C ILE A 909 14.91 56.67 19.13
N GLY A 910 15.51 57.80 18.76
CA GLY A 910 14.91 59.07 19.07
C GLY A 910 15.35 59.72 20.35
N VAL A 911 16.49 59.34 20.90
CA VAL A 911 17.02 59.93 22.11
C VAL A 911 18.37 60.54 21.78
N THR A 912 18.57 61.79 22.16
CA THR A 912 19.76 62.51 21.72
C THR A 912 21.01 61.90 22.32
N GLN A 913 22.16 62.31 21.79
CA GLN A 913 23.43 61.70 22.18
C GLN A 913 23.76 61.94 23.63
N ASN A 914 23.57 63.17 24.11
CA ASN A 914 24.09 63.52 25.42
C ASN A 914 23.42 62.75 26.54
N VAL A 915 22.29 62.09 26.26
CA VAL A 915 21.66 61.28 27.29
C VAL A 915 22.56 60.11 27.65
N LEU A 916 23.38 59.66 26.71
CA LEU A 916 24.29 58.56 27.02
C LEU A 916 25.54 59.05 27.73
N TYR A 917 26.24 60.01 27.13
CA TYR A 917 27.53 60.40 27.67
C TYR A 917 27.44 60.89 29.09
N GLU A 918 26.29 61.36 29.52
CA GLU A 918 26.11 61.82 30.88
C GLU A 918 25.53 60.75 31.78
N ASN A 919 25.36 59.53 31.29
CA ASN A 919 24.93 58.43 32.14
C ASN A 919 25.70 57.18 31.80
N GLN A 920 26.94 57.31 31.36
CA GLN A 920 27.66 56.17 30.83
C GLN A 920 27.86 55.10 31.91
N LYS A 921 28.23 55.52 33.12
CA LYS A 921 28.47 54.54 34.17
C LYS A 921 27.21 53.79 34.55
N LEU A 922 26.10 54.51 34.69
CA LEU A 922 24.85 53.87 35.07
C LEU A 922 24.42 52.86 34.01
N ILE A 923 24.53 53.23 32.75
CA ILE A 923 24.12 52.34 31.68
C ILE A 923 25.01 51.11 31.63
N ALA A 924 26.31 51.31 31.81
CA ALA A 924 27.21 50.16 31.83
C ALA A 924 26.86 49.22 32.96
N ASN A 925 26.56 49.76 34.14
CA ASN A 925 26.20 48.89 35.26
C ASN A 925 24.93 48.11 34.98
N GLN A 926 23.91 48.78 34.43
CA GLN A 926 22.68 48.07 34.14
C GLN A 926 22.92 46.95 33.14
N PHE A 927 23.70 47.23 32.10
CA PHE A 927 23.98 46.21 31.09
C PHE A 927 24.70 45.02 31.71
N ASN A 928 25.72 45.28 32.52
CA ASN A 928 26.47 44.19 33.12
C ASN A 928 25.58 43.34 34.02
N SER A 929 24.76 43.97 34.85
CA SER A 929 23.93 43.21 35.76
C SER A 929 22.90 42.37 35.01
N ALA A 930 22.34 42.92 33.93
CA ALA A 930 21.37 42.14 33.16
C ALA A 930 22.01 40.91 32.52
N ILE A 931 23.20 41.10 31.93
CA ILE A 931 23.90 39.95 31.38
C ILE A 931 24.17 38.92 32.46
N GLY A 932 24.53 39.39 33.66
CA GLY A 932 24.75 38.47 34.75
C GLY A 932 23.51 37.66 35.09
N LYS A 933 22.36 38.31 35.19
CA LYS A 933 21.15 37.61 35.58
C LYS A 933 20.71 36.61 34.52
N ILE A 934 21.06 36.83 33.26
CA ILE A 934 20.66 35.87 32.22
C ILE A 934 21.16 34.48 32.57
N GLN A 935 22.40 34.37 33.00
CA GLN A 935 22.99 33.06 33.25
C GLN A 935 22.23 32.30 34.32
N ASP A 936 21.91 32.97 35.43
CA ASP A 936 21.15 32.34 36.50
C ASP A 936 19.76 31.95 36.02
N SER A 937 19.05 32.89 35.39
CA SER A 937 17.71 32.60 34.92
C SER A 937 17.69 31.40 34.00
N LEU A 938 18.74 31.23 33.20
CA LEU A 938 18.81 30.09 32.31
C LEU A 938 19.10 28.82 33.10
N SER A 939 20.06 28.88 34.01
CA SER A 939 20.50 27.68 34.73
C SER A 939 19.38 27.11 35.60
N SER A 940 18.76 27.97 36.40
CA SER A 940 17.81 27.47 37.40
C SER A 940 16.65 26.75 36.75
N THR A 941 15.84 27.48 35.99
CA THR A 941 14.65 26.89 35.38
C THR A 941 15.07 25.77 34.43
N PRO A 942 14.49 24.59 34.55
CA PRO A 942 14.91 23.47 33.69
C PRO A 942 14.18 23.42 32.36
N SER A 943 12.95 23.95 32.31
CA SER A 943 12.13 23.92 31.11
C SER A 943 12.43 25.08 30.18
N ALA A 944 13.61 25.68 30.29
CA ALA A 944 13.95 26.81 29.43
C ALA A 944 14.05 26.38 27.96
N LEU A 945 14.67 25.24 27.70
CA LEU A 945 15.01 24.83 26.35
C LEU A 945 14.08 23.75 25.82
N GLY A 946 12.79 23.84 26.13
CA GLY A 946 11.88 22.81 25.67
C GLY A 946 11.83 22.71 24.16
N LYS A 947 12.01 23.83 23.46
CA LYS A 947 11.94 23.83 22.02
C LYS A 947 13.00 22.94 21.40
N LEU A 948 14.21 22.97 21.94
CA LEU A 948 15.28 22.18 21.37
C LEU A 948 15.18 20.71 21.73
N GLN A 949 14.44 20.37 22.78
CA GLN A 949 14.31 18.98 23.17
C GLN A 949 13.11 18.29 22.55
N ASP A 950 12.08 19.06 22.19
CA ASP A 950 10.93 18.44 21.53
C ASP A 950 11.33 17.77 20.24
N VAL A 951 12.24 18.39 19.49
CA VAL A 951 12.66 17.80 18.22
C VAL A 951 13.33 16.46 18.45
N VAL A 952 14.25 16.41 19.42
CA VAL A 952 14.95 15.18 19.72
C VAL A 952 13.97 14.10 20.14
N ASN A 953 13.06 14.45 21.03
CA ASN A 953 12.11 13.47 21.52
C ASN A 953 11.23 12.92 20.40
N GLN A 954 10.75 13.80 19.53
CA GLN A 954 9.89 13.33 18.45
C GLN A 954 10.63 12.42 17.50
N ASN A 955 11.86 12.77 17.13
CA ASN A 955 12.59 11.89 16.23
C ASN A 955 12.87 10.54 16.86
N ALA A 956 13.28 10.53 18.12
CA ALA A 956 13.57 9.27 18.79
C ALA A 956 12.32 8.41 18.89
N GLN A 957 11.18 9.03 19.20
CA GLN A 957 9.95 8.26 19.32
C GLN A 957 9.56 7.66 17.98
N ALA A 958 9.67 8.43 16.91
CA ALA A 958 9.33 7.87 15.60
C ALA A 958 10.22 6.70 15.25
N LEU A 959 11.51 6.81 15.53
CA LEU A 959 12.41 5.70 15.24
C LEU A 959 12.04 4.46 16.05
N ASN A 960 11.74 4.66 17.34
CA ASN A 960 11.39 3.51 18.17
C ASN A 960 10.14 2.83 17.66
N THR A 961 9.13 3.59 17.26
CA THR A 961 7.92 2.98 16.74
C THR A 961 8.22 2.22 15.46
N LEU A 962 9.02 2.80 14.58
CA LEU A 962 9.36 2.10 13.34
C LEU A 962 10.03 0.78 13.63
N VAL A 963 10.94 0.74 14.60
CA VAL A 963 11.63 -0.50 14.89
C VAL A 963 10.67 -1.52 15.50
N LYS A 964 9.84 -1.09 16.44
CA LYS A 964 8.91 -2.02 17.07
C LYS A 964 7.94 -2.62 16.07
N GLN A 965 7.58 -1.90 15.03
CA GLN A 965 6.64 -2.46 14.05
C GLN A 965 7.18 -3.68 13.34
N LEU A 966 8.43 -4.06 13.58
CA LEU A 966 8.98 -5.27 12.99
C LEU A 966 8.48 -6.52 13.67
N SER A 967 7.84 -6.40 14.81
CA SER A 967 7.45 -7.54 15.62
C SER A 967 5.96 -7.81 15.56
N SER A 968 5.33 -7.49 14.44
CA SER A 968 3.90 -7.72 14.24
C SER A 968 3.71 -8.60 13.03
N ASN A 969 2.84 -9.60 13.15
CA ASN A 969 2.74 -10.59 12.09
C ASN A 969 1.80 -10.17 10.98
N PHE A 970 1.03 -9.11 11.17
CA PHE A 970 0.16 -8.58 10.12
C PHE A 970 -0.79 -9.64 9.57
N GLY A 971 -1.21 -10.58 10.40
CA GLY A 971 -2.11 -11.61 9.94
C GLY A 971 -1.42 -12.69 9.13
N ALA A 972 -0.32 -13.21 9.65
CA ALA A 972 0.37 -14.33 9.04
C ALA A 972 0.66 -15.33 10.14
N ILE A 973 1.45 -16.36 9.81
CA ILE A 973 1.72 -17.42 10.77
C ILE A 973 2.59 -16.89 11.90
N SER A 974 3.65 -16.16 11.56
CA SER A 974 4.56 -15.66 12.57
C SER A 974 5.25 -14.41 12.02
N SER A 975 6.00 -13.75 12.90
CA SER A 975 6.67 -12.52 12.54
C SER A 975 8.15 -12.71 12.26
N VAL A 976 8.61 -13.95 12.11
CA VAL A 976 10.01 -14.24 11.83
C VAL A 976 10.07 -15.00 10.52
N LEU A 977 10.79 -14.45 9.54
CA LEU A 977 10.85 -15.07 8.22
C LEU A 977 11.37 -16.49 8.31
N ASN A 978 12.31 -16.75 9.21
CA ASN A 978 12.94 -18.06 9.29
C ASN A 978 11.92 -19.14 9.61
N ASP A 979 10.97 -18.84 10.49
CA ASP A 979 9.98 -19.84 10.87
C ASP A 979 9.09 -20.21 9.70
N ILE A 980 8.62 -19.21 8.94
CA ILE A 980 7.83 -19.52 7.76
C ILE A 980 8.65 -20.34 6.78
N LEU A 981 9.92 -19.98 6.61
CA LEU A 981 10.77 -20.72 5.68
C LEU A 981 10.92 -22.17 6.10
N SER A 982 11.13 -22.40 7.39
CA SER A 982 11.36 -23.76 7.86
C SER A 982 10.08 -24.58 7.84
N ARG A 983 9.04 -24.11 8.50
CA ARG A 983 7.86 -24.92 8.76
C ARG A 983 6.83 -24.87 7.64
N LEU A 984 7.25 -24.55 6.42
CA LEU A 984 6.33 -24.52 5.29
C LEU A 984 7.11 -24.71 4.00
N ASP A 985 6.42 -25.17 2.98
CA ASP A 985 7.00 -25.32 1.64
C ASP A 985 6.81 -24.05 0.85
N PRO A 986 7.64 -23.81 -0.16
CA PRO A 986 7.63 -22.53 -0.88
C PRO A 986 6.24 -22.14 -1.38
N PRO A 987 5.51 -23.02 -2.07
CA PRO A 987 4.26 -22.56 -2.70
C PRO A 987 3.26 -21.99 -1.70
N GLU A 988 3.27 -22.45 -0.46
CA GLU A 988 2.36 -21.90 0.52
C GLU A 988 3.03 -20.83 1.37
N ALA A 989 4.36 -20.93 1.54
CA ALA A 989 5.07 -19.91 2.31
C ALA A 989 5.10 -18.58 1.59
N GLU A 990 4.89 -18.60 0.28
CA GLU A 990 4.95 -17.36 -0.48
C GLU A 990 3.88 -16.37 -0.05
N VAL A 991 2.66 -16.85 0.18
CA VAL A 991 1.59 -15.96 0.60
C VAL A 991 1.88 -15.36 1.96
N GLN A 992 2.34 -16.19 2.89
CA GLN A 992 2.69 -15.69 4.22
C GLN A 992 3.77 -14.63 4.14
N ILE A 993 4.76 -14.84 3.27
CA ILE A 993 5.79 -13.82 3.10
C ILE A 993 5.20 -12.54 2.55
N ASP A 994 4.30 -12.67 1.58
CA ASP A 994 3.74 -11.48 0.94
C ASP A 994 2.99 -10.61 1.93
N ARG A 995 2.27 -11.23 2.86
CA ARG A 995 1.56 -10.42 3.86
C ARG A 995 2.53 -9.59 4.68
N LEU A 996 3.63 -10.18 5.13
CA LEU A 996 4.63 -9.44 5.88
C LEU A 996 5.21 -8.32 5.05
N ILE A 997 5.50 -8.58 3.78
CA ILE A 997 6.04 -7.54 2.92
C ILE A 997 5.10 -6.35 2.87
N THR A 998 3.81 -6.61 2.67
CA THR A 998 2.86 -5.50 2.59
C THR A 998 2.86 -4.69 3.88
N GLY A 999 2.76 -5.36 5.03
CA GLY A 999 2.71 -4.63 6.28
C GLY A 999 3.95 -3.79 6.51
N ARG A 1000 5.12 -4.37 6.30
CA ARG A 1000 6.35 -3.63 6.55
C ARG A 1000 6.49 -2.45 5.60
N LEU A 1001 6.13 -2.64 4.34
CA LEU A 1001 6.21 -1.55 3.38
C LEU A 1001 5.32 -0.39 3.80
N GLN A 1002 4.11 -0.70 4.25
CA GLN A 1002 3.21 0.38 4.67
C GLN A 1002 3.77 1.14 5.86
N SER A 1003 4.33 0.43 6.83
CA SER A 1003 4.89 1.13 7.99
C SER A 1003 6.05 2.04 7.59
N LEU A 1004 6.91 1.55 6.69
CA LEU A 1004 8.01 2.39 6.23
C LEU A 1004 7.50 3.65 5.55
N GLN A 1005 6.49 3.51 4.69
CA GLN A 1005 5.97 4.67 4.00
C GLN A 1005 5.42 5.69 4.98
N THR A 1006 4.71 5.23 6.00
CA THR A 1006 4.19 6.16 6.99
C THR A 1006 5.32 6.94 7.64
N TYR A 1007 6.39 6.25 8.02
CA TYR A 1007 7.49 6.94 8.66
C TYR A 1007 8.09 8.01 7.74
N VAL A 1008 8.29 7.67 6.47
CA VAL A 1008 8.92 8.62 5.57
C VAL A 1008 8.05 9.85 5.39
N THR A 1009 6.74 9.65 5.27
CA THR A 1009 5.87 10.81 5.11
C THR A 1009 5.93 11.72 6.33
N GLN A 1010 5.92 11.13 7.53
CA GLN A 1010 6.04 11.95 8.73
C GLN A 1010 7.31 12.80 8.68
N GLN A 1011 8.43 12.18 8.31
CA GLN A 1011 9.67 12.94 8.28
C GLN A 1011 9.61 14.06 7.26
N LEU A 1012 9.02 13.79 6.11
CA LEU A 1012 8.91 14.83 5.08
C LEU A 1012 8.13 16.01 5.60
N ILE A 1013 7.08 15.75 6.37
CA ILE A 1013 6.28 16.87 6.88
C ILE A 1013 7.03 17.64 7.95
N ARG A 1014 7.77 16.95 8.81
CA ARG A 1014 8.51 17.64 9.87
C ARG A 1014 9.61 18.52 9.32
N ALA A 1015 10.30 18.04 8.29
CA ALA A 1015 11.40 18.81 7.73
C ALA A 1015 10.94 20.19 7.28
N ALA A 1016 9.68 20.31 6.85
CA ALA A 1016 9.20 21.58 6.35
C ALA A 1016 9.16 22.63 7.45
N GLU A 1017 8.65 22.28 8.61
CA GLU A 1017 8.60 23.27 9.67
C GLU A 1017 9.97 23.54 10.26
N ILE A 1018 10.85 22.54 10.27
CA ILE A 1018 12.22 22.85 10.67
C ILE A 1018 12.83 23.85 9.71
N ARG A 1019 12.56 23.72 8.42
CA ARG A 1019 13.10 24.66 7.46
C ARG A 1019 12.51 26.05 7.67
N ALA A 1020 11.24 26.12 8.03
CA ALA A 1020 10.66 27.43 8.33
C ALA A 1020 11.37 28.09 9.49
N SER A 1021 11.66 27.32 10.55
CA SER A 1021 12.39 27.90 11.67
C SER A 1021 13.77 28.34 11.27
N ALA A 1022 14.45 27.55 10.43
CA ALA A 1022 15.78 27.95 10.00
C ALA A 1022 15.76 29.23 9.21
N ASN A 1023 14.77 29.40 8.33
CA ASN A 1023 14.66 30.65 7.60
C ASN A 1023 14.41 31.83 8.52
N LEU A 1024 13.54 31.65 9.51
CA LEU A 1024 13.31 32.73 10.46
C LEU A 1024 14.56 33.09 11.21
N ALA A 1025 15.35 32.08 11.60
CA ALA A 1025 16.59 32.36 12.32
C ALA A 1025 17.58 33.10 11.45
N ALA A 1026 17.67 32.75 10.17
CA ALA A 1026 18.57 33.47 9.29
C ALA A 1026 18.14 34.92 9.14
N THR A 1027 16.85 35.16 9.02
CA THR A 1027 16.36 36.53 8.94
C THR A 1027 16.68 37.31 10.20
N LYS A 1028 16.47 36.71 11.37
CA LYS A 1028 16.78 37.42 12.60
C LYS A 1028 18.27 37.69 12.72
N MET A 1029 19.10 36.78 12.23
CA MET A 1029 20.53 37.05 12.26
C MET A 1029 20.87 38.24 11.38
N SER A 1030 20.30 38.30 10.19
CA SER A 1030 20.62 39.41 9.30
C SER A 1030 20.14 40.74 9.84
N GLU A 1031 18.96 40.77 10.45
CA GLU A 1031 18.36 42.06 10.76
C GLU A 1031 18.51 42.50 12.20
N CYS A 1032 18.63 41.59 13.16
CA CYS A 1032 18.87 41.99 14.53
C CYS A 1032 20.34 42.11 14.88
N VAL A 1033 21.19 41.25 14.34
CA VAL A 1033 22.59 41.23 14.73
C VAL A 1033 23.43 42.17 13.89
N LEU A 1034 23.33 42.07 12.57
CA LEU A 1034 24.12 42.91 11.69
C LEU A 1034 23.47 44.26 11.44
N GLY A 1035 22.55 44.69 12.28
CA GLY A 1035 21.90 45.98 12.08
C GLY A 1035 21.07 46.31 13.29
N GLN A 1036 20.35 47.41 13.17
CA GLN A 1036 19.39 47.83 14.19
C GLN A 1036 18.02 47.90 13.56
N SER A 1037 17.03 47.34 14.22
CA SER A 1037 15.74 47.06 13.59
C SER A 1037 14.68 47.99 14.12
N LYS A 1038 13.74 48.34 13.24
CA LYS A 1038 12.60 49.18 13.59
C LYS A 1038 11.31 48.40 13.68
N ARG A 1039 11.28 47.16 13.19
CA ARG A 1039 10.08 46.35 13.28
C ARG A 1039 9.78 46.05 14.73
N VAL A 1040 8.53 46.23 15.12
CA VAL A 1040 8.15 46.15 16.52
C VAL A 1040 8.09 44.69 16.94
N ASP A 1041 8.62 44.39 18.12
CA ASP A 1041 8.62 43.07 18.73
C ASP A 1041 9.26 42.01 17.87
N PHE A 1042 9.93 42.39 16.79
CA PHE A 1042 10.74 41.43 16.07
C PHE A 1042 11.95 41.04 16.90
N CYS A 1043 12.81 42.01 17.19
CA CYS A 1043 14.06 41.75 17.89
C CYS A 1043 13.84 42.14 19.34
N GLY A 1044 13.15 41.28 20.07
CA GLY A 1044 12.92 41.53 21.48
C GLY A 1044 11.80 42.51 21.78
N LYS A 1045 11.57 42.74 23.07
CA LYS A 1045 10.46 43.54 23.57
C LYS A 1045 10.94 44.88 24.08
N GLY A 1046 10.55 45.96 23.41
CA GLY A 1046 11.00 47.30 23.74
C GLY A 1046 11.52 47.97 22.49
N TYR A 1047 12.35 48.99 22.67
CA TYR A 1047 13.06 49.59 21.55
C TYR A 1047 14.41 48.92 21.40
N HIS A 1048 14.69 48.42 20.21
CA HIS A 1048 15.85 47.55 20.00
C HIS A 1048 17.14 48.35 19.96
N LEU A 1049 18.19 47.79 20.55
CA LEU A 1049 19.52 48.38 20.48
C LEU A 1049 20.53 47.49 19.78
N MET A 1050 20.65 46.23 20.18
CA MET A 1050 21.60 45.32 19.56
C MET A 1050 21.27 43.90 20.00
N SER A 1051 21.95 42.93 19.40
CA SER A 1051 21.72 41.55 19.77
C SER A 1051 23.01 40.77 19.66
N PHE A 1052 23.07 39.66 20.38
CA PHE A 1052 24.24 38.81 20.39
C PHE A 1052 23.84 37.35 20.19
N PRO A 1053 24.50 36.62 19.30
CA PRO A 1053 24.16 35.23 19.09
C PRO A 1053 25.01 34.28 19.93
N GLN A 1054 24.42 33.12 20.21
CA GLN A 1054 25.11 32.02 20.85
C GLN A 1054 24.62 30.73 20.22
N SER A 1055 25.48 29.73 20.19
CA SER A 1055 25.06 28.48 19.56
C SER A 1055 24.54 27.53 20.61
N ALA A 1056 23.84 26.50 20.15
CA ALA A 1056 23.31 25.48 21.03
C ALA A 1056 23.08 24.22 20.21
N PRO A 1057 22.99 23.07 20.84
CA PRO A 1057 22.84 21.83 20.07
C PRO A 1057 21.66 21.85 19.13
N HIS A 1058 21.92 21.88 17.84
CA HIS A 1058 20.89 21.92 16.80
C HIS A 1058 20.04 23.18 16.89
N GLY A 1059 20.65 24.31 17.25
CA GLY A 1059 19.85 25.52 17.29
C GLY A 1059 20.68 26.71 17.70
N VAL A 1060 20.00 27.85 17.79
CA VAL A 1060 20.65 29.11 18.08
C VAL A 1060 19.89 29.85 19.16
N VAL A 1061 20.59 30.73 19.88
CA VAL A 1061 20.03 31.51 20.97
C VAL A 1061 20.42 32.96 20.76
N PHE A 1062 19.46 33.87 20.83
CA PHE A 1062 19.71 35.29 20.68
C PHE A 1062 19.51 35.99 22.01
N LEU A 1063 20.40 36.92 22.33
CA LEU A 1063 20.23 37.81 23.47
C LEU A 1063 19.96 39.19 22.93
N HIS A 1064 18.77 39.71 23.17
CA HIS A 1064 18.33 40.99 22.64
C HIS A 1064 18.44 42.04 23.73
N VAL A 1065 19.09 43.16 23.41
CA VAL A 1065 19.23 44.29 24.32
C VAL A 1065 18.26 45.36 23.90
N THR A 1066 17.45 45.85 24.84
CA THR A 1066 16.43 46.84 24.50
C THR A 1066 16.37 47.90 25.58
N TYR A 1067 15.76 49.03 25.22
CA TYR A 1067 15.64 50.22 26.05
C TYR A 1067 14.19 50.39 26.45
N VAL A 1068 13.93 50.52 27.75
CA VAL A 1068 12.56 50.59 28.24
C VAL A 1068 12.39 51.82 29.12
N PRO A 1069 11.39 52.67 28.88
CA PRO A 1069 11.21 53.86 29.70
C PRO A 1069 10.70 53.51 31.09
N ALA A 1070 10.79 54.49 31.99
CA ALA A 1070 10.38 54.24 33.37
C ALA A 1070 10.26 55.56 34.11
N GLN A 1071 9.41 55.54 35.14
CA GLN A 1071 9.16 56.67 36.04
C GLN A 1071 8.61 57.87 35.28
N GLU A 1072 7.40 57.69 34.76
CA GLU A 1072 6.76 58.73 33.99
C GLU A 1072 6.25 59.84 34.89
N LYS A 1073 5.77 60.91 34.27
CA LYS A 1073 5.40 62.12 34.98
C LYS A 1073 4.31 62.84 34.21
N ASN A 1074 3.35 63.42 34.93
CA ASN A 1074 2.25 64.15 34.33
C ASN A 1074 2.67 65.54 33.87
N PHE A 1075 2.02 66.02 32.82
CA PHE A 1075 2.26 67.38 32.34
C PHE A 1075 1.05 67.87 31.57
N THR A 1076 1.00 69.18 31.37
CA THR A 1076 -0.02 69.83 30.57
C THR A 1076 0.61 70.29 29.27
N THR A 1077 -0.11 70.12 28.16
CA THR A 1077 0.48 70.32 26.85
C THR A 1077 -0.40 71.22 26.00
N ALA A 1078 0.07 71.53 24.79
CA ALA A 1078 -0.62 72.43 23.89
C ALA A 1078 -0.06 72.24 22.50
N PRO A 1079 -0.88 72.40 21.46
CA PRO A 1079 -0.39 72.12 20.11
C PRO A 1079 0.55 73.16 19.56
N ALA A 1080 0.35 74.43 19.88
CA ALA A 1080 1.14 75.50 19.31
C ALA A 1080 1.06 76.69 20.23
N ILE A 1081 1.96 77.65 20.03
CA ILE A 1081 2.08 78.82 20.88
C ILE A 1081 2.01 80.08 20.04
N CYS A 1082 1.12 80.99 20.41
CA CYS A 1082 0.88 82.23 19.69
C CYS A 1082 1.70 83.33 20.32
N HIS A 1083 2.53 84.01 19.53
CA HIS A 1083 3.39 85.05 20.05
C HIS A 1083 3.05 86.43 19.51
N ASP A 1084 3.05 86.62 18.21
CA ASP A 1084 2.78 87.91 17.59
C ASP A 1084 1.71 87.77 16.53
N GLY A 1085 0.61 87.11 16.88
CA GLY A 1085 -0.31 86.72 15.86
C GLY A 1085 0.32 85.74 14.90
N LYS A 1086 1.22 84.90 15.39
CA LYS A 1086 1.89 83.89 14.58
C LYS A 1086 1.99 82.62 15.40
N ALA A 1087 1.63 81.49 14.82
CA ALA A 1087 1.66 80.23 15.53
C ALA A 1087 3.01 79.57 15.38
N HIS A 1088 3.55 79.07 16.48
CA HIS A 1088 4.84 78.42 16.51
C HIS A 1088 4.66 76.95 16.87
N PHE A 1089 5.26 76.07 16.11
CA PHE A 1089 5.20 74.65 16.33
C PHE A 1089 6.58 74.12 16.70
N PRO A 1090 6.67 73.06 17.49
CA PRO A 1090 7.97 72.53 17.88
C PRO A 1090 8.68 71.94 16.68
N ARG A 1091 10.00 71.98 16.71
CA ARG A 1091 10.72 71.43 15.59
C ARG A 1091 10.85 69.92 15.70
N GLU A 1092 11.34 69.42 16.83
CA GLU A 1092 11.39 67.98 17.06
C GLU A 1092 11.08 67.63 18.50
N GLY A 1093 10.08 68.28 19.10
CA GLY A 1093 9.76 67.99 20.48
C GLY A 1093 8.31 68.23 20.80
N VAL A 1094 7.98 68.45 22.07
CA VAL A 1094 6.63 68.82 22.47
C VAL A 1094 6.70 69.96 23.46
N PHE A 1095 5.60 70.68 23.58
CA PHE A 1095 5.47 71.74 24.56
C PHE A 1095 4.88 71.15 25.83
N VAL A 1096 5.46 71.50 26.98
CA VAL A 1096 4.98 71.04 28.27
C VAL A 1096 4.99 72.19 29.26
N SER A 1097 4.45 71.94 30.44
CA SER A 1097 4.28 72.98 31.44
C SER A 1097 4.48 72.43 32.84
N ASN A 1098 5.44 73.00 33.58
CA ASN A 1098 5.61 72.67 34.99
C ASN A 1098 4.31 72.88 35.75
N GLY A 1099 3.52 73.85 35.33
CA GLY A 1099 2.34 74.29 36.05
C GLY A 1099 2.20 75.80 35.93
N THR A 1100 3.32 76.48 35.74
CA THR A 1100 3.32 77.93 35.55
C THR A 1100 4.02 78.37 34.28
N HIS A 1101 5.15 77.76 33.92
CA HIS A 1101 5.91 78.17 32.76
C HIS A 1101 5.87 77.07 31.70
N TRP A 1102 6.29 77.43 30.49
CA TRP A 1102 6.25 76.51 29.37
C TRP A 1102 7.66 76.17 28.93
N PHE A 1103 7.83 74.95 28.43
CA PHE A 1103 9.11 74.47 27.94
C PHE A 1103 8.87 73.60 26.73
N VAL A 1104 9.95 73.27 26.03
CA VAL A 1104 9.90 72.32 24.93
C VAL A 1104 10.89 71.22 25.23
N THR A 1105 10.46 69.98 25.05
CA THR A 1105 11.27 68.83 25.45
C THR A 1105 11.27 67.77 24.37
N GLN A 1106 12.15 66.80 24.51
CA GLN A 1106 12.14 65.63 23.66
C GLN A 1106 10.86 64.85 23.91
N ARG A 1107 10.65 63.79 23.15
CA ARG A 1107 9.46 63.00 23.34
C ARG A 1107 9.68 61.75 24.17
N ASN A 1108 10.92 61.36 24.42
CA ASN A 1108 11.19 60.09 25.07
C ASN A 1108 11.96 60.22 26.37
N PHE A 1109 12.31 61.43 26.79
CA PHE A 1109 13.13 61.60 27.99
C PHE A 1109 12.95 63.04 28.45
N TYR A 1110 12.38 63.23 29.63
CA TYR A 1110 12.08 64.57 30.08
C TYR A 1110 13.35 65.38 30.24
N GLU A 1111 13.45 66.46 29.48
CA GLU A 1111 14.61 67.33 29.53
C GLU A 1111 14.24 68.70 29.02
N PRO A 1112 13.70 69.57 29.87
CA PRO A 1112 13.05 70.78 29.37
C PRO A 1112 14.05 71.86 29.00
N GLN A 1113 13.59 72.77 28.14
CA GLN A 1113 14.42 73.86 27.64
C GLN A 1113 13.55 75.06 27.36
N ILE A 1114 14.19 76.23 27.30
CA ILE A 1114 13.48 77.46 26.98
C ILE A 1114 13.03 77.40 25.53
N ILE A 1115 11.97 78.13 25.23
CA ILE A 1115 11.43 78.19 23.88
C ILE A 1115 12.05 79.36 23.16
N THR A 1116 12.79 79.09 22.09
CA THR A 1116 13.39 80.15 21.31
C THR A 1116 12.96 80.05 19.86
N THR A 1117 13.60 80.77 18.97
CA THR A 1117 13.32 80.65 17.55
C THR A 1117 14.20 79.62 16.87
N ASP A 1118 14.93 78.82 17.64
CA ASP A 1118 15.66 77.70 17.08
C ASP A 1118 15.05 76.37 17.46
N ASN A 1119 14.11 76.36 18.40
CA ASN A 1119 13.35 75.18 18.74
C ASN A 1119 12.07 75.06 17.95
N THR A 1120 11.59 76.15 17.36
CA THR A 1120 10.25 76.21 16.80
C THR A 1120 10.31 76.74 15.39
N PHE A 1121 9.27 76.45 14.62
CA PHE A 1121 9.08 77.07 13.32
C PHE A 1121 7.69 77.66 13.25
N VAL A 1122 7.52 78.65 12.38
CA VAL A 1122 6.31 79.47 12.38
C VAL A 1122 5.52 79.19 11.11
N SER A 1123 4.18 79.19 11.24
CA SER A 1123 3.33 78.90 10.09
C SER A 1123 1.94 79.50 10.32
N GLY A 1124 1.68 80.65 9.73
CA GLY A 1124 0.35 81.22 9.74
C GLY A 1124 0.06 82.02 11.00
N ASN A 1125 -1.20 82.44 11.11
CA ASN A 1125 -1.64 83.25 12.23
C ASN A 1125 -2.36 82.37 13.24
N CYS A 1126 -2.95 83.00 14.25
CA CYS A 1126 -3.38 82.30 15.46
C CYS A 1126 -4.86 81.97 15.48
N ASP A 1127 -5.46 81.61 14.35
CA ASP A 1127 -6.89 81.35 14.33
C ASP A 1127 -7.26 79.92 14.01
N VAL A 1128 -6.58 79.28 13.06
CA VAL A 1128 -7.03 77.99 12.58
C VAL A 1128 -6.79 76.90 13.60
N VAL A 1129 -5.72 77.01 14.38
CA VAL A 1129 -5.36 75.93 15.29
C VAL A 1129 -6.29 75.93 16.50
N ILE A 1130 -6.67 74.75 16.95
CA ILE A 1130 -7.60 74.59 18.06
C ILE A 1130 -6.81 74.26 19.31
N GLY A 1131 -6.88 75.13 20.30
CA GLY A 1131 -6.18 74.91 21.54
C GLY A 1131 -4.86 75.62 21.66
N ILE A 1132 -4.59 76.60 20.82
CA ILE A 1132 -3.35 77.35 20.89
C ILE A 1132 -3.32 78.15 22.19
N VAL A 1133 -2.11 78.48 22.65
CA VAL A 1133 -1.93 79.20 23.91
C VAL A 1133 -0.98 80.34 23.72
N ASN A 1134 -0.97 81.24 24.70
CA ASN A 1134 -0.14 82.43 24.67
C ASN A 1134 1.13 82.21 25.48
N ASN A 1135 2.25 82.66 24.95
CA ASN A 1135 3.49 82.67 25.71
C ASN A 1135 4.49 83.54 24.97
N THR A 1136 5.74 83.51 25.43
CA THR A 1136 6.81 84.33 24.89
C THR A 1136 7.82 83.43 24.21
N VAL A 1137 8.26 83.81 23.04
CA VAL A 1137 9.25 83.05 22.29
C VAL A 1137 10.52 83.88 22.25
N TYR A 1138 11.49 83.50 23.07
CA TYR A 1138 12.72 84.28 23.20
C TYR A 1138 13.49 84.27 21.90
N ASP A 1139 14.30 85.31 21.71
CA ASP A 1139 15.09 85.48 20.48
C ASP A 1139 16.55 85.65 20.82
N PRO A 1140 17.43 84.73 20.44
CA PRO A 1140 18.83 84.84 20.83
C PRO A 1140 19.52 86.07 20.26
N LEU A 1141 19.13 86.52 19.08
CA LEU A 1141 19.82 87.62 18.44
C LEU A 1141 19.60 88.93 19.17
N GLN A 1142 18.37 89.19 19.61
CA GLN A 1142 17.97 90.54 20.02
C GLN A 1142 18.86 91.17 21.06
N PRO A 1143 19.21 90.52 22.18
CA PRO A 1143 20.10 91.18 23.14
C PRO A 1143 21.45 91.54 22.56
N GLU A 1144 22.10 90.58 21.87
CA GLU A 1144 23.42 90.82 21.32
C GLU A 1144 23.39 91.97 20.33
N LEU A 1145 22.45 91.95 19.40
CA LEU A 1145 22.41 93.01 18.39
C LEU A 1145 22.04 94.35 19.02
N ASP A 1146 21.10 94.35 19.97
CA ASP A 1146 20.69 95.60 20.60
C ASP A 1146 21.86 96.24 21.35
N SER A 1147 22.64 95.43 22.05
CA SER A 1147 23.77 95.98 22.80
C SER A 1147 24.94 96.35 21.90
N PHE A 1148 25.17 95.58 20.83
CA PHE A 1148 26.37 95.77 20.02
C PHE A 1148 26.16 96.69 18.83
N LYS A 1149 24.93 97.10 18.53
CA LYS A 1149 24.67 98.16 17.57
C LYS A 1149 24.11 99.42 18.24
N GLU A 1150 24.51 99.69 19.47
CA GLU A 1150 24.09 100.90 20.18
C GLU A 1150 25.28 101.55 20.88
N ALA B 27 48.56 -19.00 -25.40
CA ALA B 27 48.63 -17.56 -25.23
C ALA B 27 47.27 -16.99 -24.84
N TYR B 28 47.27 -15.75 -24.39
CA TYR B 28 46.04 -15.09 -23.96
C TYR B 28 46.06 -13.67 -24.53
N THR B 29 44.87 -13.06 -24.62
CA THR B 29 44.80 -11.69 -25.12
C THR B 29 43.65 -10.99 -24.41
N ASN B 30 43.54 -9.68 -24.63
CA ASN B 30 42.59 -8.84 -23.92
C ASN B 30 41.45 -8.44 -24.83
N SER B 31 40.22 -8.66 -24.36
CA SER B 31 39.00 -8.35 -25.11
C SER B 31 38.67 -6.88 -24.92
N PHE B 32 39.25 -6.04 -25.75
CA PHE B 32 39.10 -4.59 -25.62
C PHE B 32 37.68 -4.22 -26.01
N THR B 33 36.82 -4.01 -25.02
CA THR B 33 35.47 -3.47 -25.19
C THR B 33 34.79 -4.01 -26.44
N ARG B 34 34.58 -5.32 -26.46
CA ARG B 34 34.14 -6.01 -27.66
C ARG B 34 33.19 -7.15 -27.31
N GLY B 35 32.17 -7.33 -28.15
CA GLY B 35 31.25 -8.44 -27.98
C GLY B 35 29.87 -8.09 -27.45
N VAL B 36 29.27 -7.01 -27.98
CA VAL B 36 27.93 -6.59 -27.59
C VAL B 36 26.97 -6.88 -28.74
N TYR B 37 25.81 -7.43 -28.41
CA TYR B 37 24.83 -7.84 -29.38
C TYR B 37 23.46 -7.30 -29.02
N TYR B 38 22.67 -6.94 -30.04
CA TYR B 38 21.33 -6.42 -29.83
C TYR B 38 20.51 -7.43 -29.06
N PRO B 39 20.22 -7.16 -27.79
CA PRO B 39 19.65 -8.20 -26.92
C PRO B 39 18.21 -8.55 -27.23
N ASP B 40 17.47 -7.68 -27.91
CA ASP B 40 16.06 -7.93 -28.15
C ASP B 40 15.64 -7.27 -29.45
N LYS B 41 14.41 -7.55 -29.86
CA LYS B 41 13.91 -7.12 -31.15
C LYS B 41 13.05 -5.87 -30.97
N VAL B 42 13.70 -4.74 -30.75
CA VAL B 42 13.03 -3.48 -30.47
C VAL B 42 13.85 -2.36 -31.07
N PHE B 43 13.19 -1.31 -31.52
CA PHE B 43 13.84 -0.14 -32.06
C PHE B 43 13.78 1.00 -31.05
N ARG B 44 14.91 1.64 -30.80
CA ARG B 44 14.97 2.79 -29.92
C ARG B 44 15.92 3.81 -30.54
N SER B 45 15.71 5.08 -30.23
CA SER B 45 16.47 6.15 -30.88
C SER B 45 16.93 7.17 -29.87
N SER B 46 18.21 7.55 -29.95
CA SER B 46 18.80 8.60 -29.12
C SER B 46 18.43 8.44 -27.65
N VAL B 47 18.87 7.32 -27.07
CA VAL B 47 18.44 6.96 -25.73
C VAL B 47 19.50 6.05 -25.11
N LEU B 48 19.47 5.95 -23.78
CA LEU B 48 20.35 5.07 -23.05
C LEU B 48 19.49 4.06 -22.31
N HIS B 49 19.66 2.79 -22.62
CA HIS B 49 18.84 1.73 -22.05
C HIS B 49 19.70 0.80 -21.21
N SER B 50 19.22 0.47 -20.03
CA SER B 50 19.96 -0.35 -19.08
C SER B 50 19.42 -1.76 -19.12
N THR B 51 20.24 -2.71 -19.55
CA THR B 51 19.79 -4.08 -19.72
C THR B 51 20.61 -5.02 -18.88
N GLN B 52 20.08 -6.21 -18.66
CA GLN B 52 20.66 -7.19 -17.74
C GLN B 52 20.58 -8.56 -18.40
N ASP B 53 21.74 -9.11 -18.76
CA ASP B 53 21.73 -10.34 -19.55
C ASP B 53 23.14 -10.94 -19.53
N LEU B 54 23.34 -11.96 -20.36
CA LEU B 54 24.63 -12.62 -20.48
C LEU B 54 25.49 -11.87 -21.47
N PHE B 55 26.68 -11.45 -21.04
CA PHE B 55 27.56 -10.67 -21.89
C PHE B 55 29.00 -11.10 -21.65
N LEU B 56 29.88 -10.61 -22.51
CA LEU B 56 31.32 -10.83 -22.39
C LEU B 56 31.93 -9.67 -21.63
N PRO B 57 32.45 -9.88 -20.42
CA PRO B 57 32.93 -8.75 -19.62
C PRO B 57 34.00 -7.97 -20.34
N PHE B 58 34.01 -6.66 -20.12
CA PHE B 58 35.00 -5.81 -20.74
C PHE B 58 36.38 -6.16 -20.21
N PHE B 59 37.39 -5.94 -21.06
CA PHE B 59 38.79 -6.08 -20.68
C PHE B 59 39.07 -7.43 -20.01
N SER B 60 38.58 -8.50 -20.63
CA SER B 60 38.76 -9.83 -20.09
C SER B 60 39.85 -10.55 -20.88
N ASN B 61 40.13 -11.79 -20.50
CA ASN B 61 41.19 -12.58 -21.12
C ASN B 61 40.56 -13.63 -22.02
N VAL B 62 40.77 -13.47 -23.32
CA VAL B 62 40.32 -14.42 -24.31
C VAL B 62 41.46 -15.38 -24.64
N THR B 63 41.16 -16.67 -24.61
CA THR B 63 42.14 -17.68 -24.95
C THR B 63 42.54 -17.57 -26.41
N TRP B 64 43.82 -17.81 -26.66
CA TRP B 64 44.36 -17.93 -28.00
C TRP B 64 44.34 -19.38 -28.44
N PHE B 65 44.39 -19.61 -29.75
CA PHE B 65 44.49 -20.96 -30.25
C PHE B 65 45.14 -20.96 -31.63
N HIS B 66 45.63 -22.13 -32.03
CA HIS B 66 46.21 -22.36 -33.35
C HIS B 66 45.91 -23.77 -33.85
N PRO B 82 40.42 -29.33 -31.05
CA PRO B 82 40.62 -29.28 -29.59
C PRO B 82 39.32 -29.05 -28.84
N VAL B 83 38.85 -30.07 -28.12
CA VAL B 83 37.60 -29.96 -27.38
C VAL B 83 37.70 -28.82 -26.37
N LEU B 84 36.61 -28.07 -26.24
CA LEU B 84 36.44 -27.01 -25.25
C LEU B 84 35.08 -27.18 -24.59
N PRO B 85 34.88 -26.61 -23.41
CA PRO B 85 33.58 -26.68 -22.76
C PRO B 85 32.69 -25.50 -23.14
N PHE B 86 31.43 -25.59 -22.70
CA PHE B 86 30.33 -24.71 -23.10
C PHE B 86 29.54 -24.26 -21.88
N ASN B 87 30.25 -23.70 -20.90
CA ASN B 87 29.66 -23.38 -19.60
C ASN B 87 28.30 -22.69 -19.74
N ASP B 88 28.26 -21.51 -20.35
CA ASP B 88 27.01 -20.79 -20.49
C ASP B 88 26.76 -20.32 -21.92
N GLY B 89 27.81 -19.88 -22.58
CA GLY B 89 27.69 -19.38 -23.93
C GLY B 89 29.10 -19.13 -24.43
N VAL B 90 29.19 -18.78 -25.70
CA VAL B 90 30.50 -18.66 -26.33
C VAL B 90 30.54 -17.40 -27.18
N TYR B 91 31.60 -16.63 -27.03
CA TYR B 91 31.96 -15.59 -27.98
C TYR B 91 33.12 -16.17 -28.79
N PHE B 92 32.84 -16.57 -30.01
CA PHE B 92 33.86 -17.05 -30.92
C PHE B 92 34.26 -15.90 -31.84
N ALA B 93 35.55 -15.82 -32.13
CA ALA B 93 35.98 -14.85 -33.12
C ALA B 93 37.11 -15.46 -33.92
N SER B 94 37.11 -15.20 -35.22
CA SER B 94 38.13 -15.71 -36.11
C SER B 94 38.55 -14.63 -37.08
N THR B 95 39.86 -14.37 -37.15
CA THR B 95 40.43 -13.51 -38.16
C THR B 95 41.12 -14.40 -39.18
N GLU B 96 40.73 -14.26 -40.45
CA GLU B 96 41.16 -15.19 -41.48
C GLU B 96 41.78 -14.44 -42.65
N LYS B 97 42.63 -15.17 -43.38
CA LYS B 97 43.32 -14.67 -44.55
C LYS B 97 42.83 -15.29 -45.85
N SER B 98 42.54 -16.59 -45.85
CA SER B 98 42.08 -17.26 -47.06
C SER B 98 40.83 -18.09 -46.80
N ASN B 99 40.07 -17.78 -45.76
CA ASN B 99 38.82 -18.48 -45.44
C ASN B 99 39.08 -19.98 -45.22
N ILE B 100 39.80 -20.26 -44.14
CA ILE B 100 40.15 -21.64 -43.81
C ILE B 100 39.09 -22.31 -42.95
N ILE B 101 38.71 -21.67 -41.85
CA ILE B 101 37.83 -22.31 -40.86
C ILE B 101 36.45 -22.55 -41.46
N ARG B 102 35.82 -23.65 -41.06
CA ARG B 102 34.55 -24.04 -41.65
C ARG B 102 33.39 -24.03 -40.65
N GLY B 103 33.46 -24.83 -39.58
CA GLY B 103 32.21 -25.06 -38.88
C GLY B 103 32.40 -25.51 -37.45
N TRP B 104 31.29 -25.87 -36.83
CA TRP B 104 31.26 -26.17 -35.40
C TRP B 104 30.56 -27.50 -35.18
N ILE B 105 30.85 -28.10 -34.03
CA ILE B 105 30.19 -29.31 -33.57
C ILE B 105 29.84 -29.12 -32.11
N PHE B 106 28.64 -29.53 -31.73
CA PHE B 106 28.18 -29.32 -30.37
C PHE B 106 27.74 -30.63 -29.75
N GLY B 107 27.09 -30.55 -28.60
CA GLY B 107 26.49 -31.70 -27.96
C GLY B 107 26.99 -31.87 -26.54
N THR B 108 26.63 -33.01 -25.96
CA THR B 108 27.08 -33.38 -24.63
C THR B 108 27.99 -34.59 -24.61
N THR B 109 27.91 -35.47 -25.61
CA THR B 109 28.72 -36.68 -25.66
C THR B 109 29.48 -36.83 -26.97
N LEU B 110 28.90 -36.36 -28.09
CA LEU B 110 29.56 -36.37 -29.39
C LEU B 110 29.95 -37.79 -29.82
N ASP B 111 29.23 -38.79 -29.31
CA ASP B 111 29.60 -40.19 -29.54
C ASP B 111 28.66 -40.88 -30.52
N SER B 112 27.75 -40.13 -31.14
CA SER B 112 26.69 -40.68 -31.98
C SER B 112 25.77 -41.58 -31.16
N LYS B 113 26.01 -41.64 -29.85
CA LYS B 113 25.13 -42.30 -28.90
C LYS B 113 24.26 -41.31 -28.14
N THR B 114 24.24 -40.04 -28.57
CA THR B 114 23.40 -39.01 -28.00
C THR B 114 23.26 -37.90 -29.03
N GLN B 115 22.14 -37.18 -28.96
CA GLN B 115 21.84 -36.18 -29.96
C GLN B 115 22.93 -35.12 -29.99
N SER B 116 23.32 -34.72 -31.20
CA SER B 116 24.43 -33.80 -31.39
C SER B 116 24.19 -32.93 -32.61
N LEU B 117 24.31 -31.62 -32.42
CA LEU B 117 24.13 -30.67 -33.51
C LEU B 117 25.33 -30.74 -34.46
N LEU B 118 25.16 -30.17 -35.65
CA LEU B 118 26.27 -30.06 -36.58
C LEU B 118 26.02 -28.89 -37.52
N ILE B 119 27.08 -28.17 -37.85
CA ILE B 119 27.05 -27.11 -38.84
C ILE B 119 28.25 -27.31 -39.75
N VAL B 120 28.17 -26.84 -40.98
CA VAL B 120 29.29 -26.95 -41.92
C VAL B 120 29.09 -25.95 -43.05
N ASN B 121 30.20 -25.52 -43.64
CA ASN B 121 30.18 -24.56 -44.73
C ASN B 121 30.96 -25.11 -45.91
N ASN B 122 30.44 -24.87 -47.12
CA ASN B 122 31.15 -25.21 -48.35
C ASN B 122 30.45 -24.57 -49.54
N ALA B 123 31.22 -23.81 -50.33
CA ALA B 123 30.76 -23.29 -51.62
C ALA B 123 29.40 -22.61 -51.52
N THR B 124 29.34 -21.55 -50.69
CA THR B 124 28.11 -20.78 -50.50
C THR B 124 26.98 -21.65 -49.98
N ASN B 125 27.32 -22.70 -49.25
CA ASN B 125 26.35 -23.65 -48.72
C ASN B 125 26.57 -23.79 -47.23
N VAL B 126 25.52 -23.58 -46.45
CA VAL B 126 25.61 -23.66 -45.00
C VAL B 126 24.73 -24.80 -44.50
N VAL B 127 25.29 -25.99 -44.42
CA VAL B 127 24.52 -27.17 -44.04
C VAL B 127 24.41 -27.22 -42.53
N ILE B 128 23.22 -27.55 -42.04
CA ILE B 128 22.95 -27.73 -40.63
C ILE B 128 22.32 -29.11 -40.46
N LYS B 129 22.47 -29.69 -39.28
CA LYS B 129 21.92 -31.01 -39.03
C LYS B 129 21.83 -31.24 -37.53
N VAL B 130 21.04 -32.25 -37.15
CA VAL B 130 21.10 -32.79 -35.80
C VAL B 130 21.23 -34.31 -35.90
N CYS B 131 21.71 -34.79 -37.04
CA CYS B 131 21.95 -36.22 -37.20
C CYS B 131 23.21 -36.63 -36.45
N GLU B 132 23.11 -37.70 -35.66
CA GLU B 132 24.18 -38.16 -34.79
C GLU B 132 25.28 -38.82 -35.65
N PHE B 133 26.06 -37.97 -36.31
CA PHE B 133 27.14 -38.48 -37.14
C PHE B 133 28.17 -39.21 -36.27
N GLN B 134 28.78 -40.24 -36.85
CA GLN B 134 29.83 -40.95 -36.14
C GLN B 134 31.06 -40.06 -36.09
N PHE B 135 31.16 -39.23 -35.05
CA PHE B 135 32.26 -38.28 -34.97
C PHE B 135 33.58 -39.01 -34.75
N CYS B 136 34.55 -38.75 -35.61
CA CYS B 136 35.89 -39.26 -35.41
C CYS B 136 36.57 -38.49 -34.29
N ASN B 137 37.72 -39.00 -33.85
CA ASN B 137 38.48 -38.31 -32.83
C ASN B 137 39.02 -36.99 -33.34
N ASP B 138 39.45 -36.95 -34.60
CA ASP B 138 40.01 -35.74 -35.21
C ASP B 138 39.32 -35.49 -36.55
N PRO B 139 38.06 -35.05 -36.51
CA PRO B 139 37.36 -34.75 -37.76
C PRO B 139 38.01 -33.58 -38.47
N PHE B 140 37.94 -33.61 -39.80
CA PHE B 140 38.62 -32.60 -40.60
C PHE B 140 37.95 -32.50 -41.95
N LEU B 141 38.41 -31.55 -42.75
CA LEU B 141 37.97 -31.38 -44.13
C LEU B 141 39.17 -30.95 -44.97
N GLY B 142 39.32 -31.57 -46.13
CA GLY B 142 40.45 -31.29 -47.00
C GLY B 142 40.14 -30.41 -48.18
N CYS B 166 17.77 -38.96 -37.15
CA CYS B 166 17.79 -37.50 -37.23
C CYS B 166 16.54 -36.91 -36.61
N THR B 167 16.56 -35.60 -36.36
CA THR B 167 15.39 -34.93 -35.78
C THR B 167 15.19 -33.52 -36.30
N PHE B 168 15.96 -33.07 -37.27
CA PHE B 168 15.83 -31.73 -37.85
C PHE B 168 16.79 -31.66 -39.03
N GLU B 169 16.77 -30.53 -39.72
CA GLU B 169 17.67 -30.31 -40.85
C GLU B 169 17.57 -28.85 -41.27
N TYR B 170 18.30 -28.53 -42.33
CA TYR B 170 18.27 -27.23 -42.98
C TYR B 170 19.13 -27.35 -44.23
N VAL B 171 19.16 -26.26 -45.00
CA VAL B 171 20.00 -26.19 -46.19
C VAL B 171 20.29 -24.73 -46.50
N SER B 172 21.19 -24.53 -47.46
CA SER B 172 21.51 -23.20 -47.97
C SER B 172 22.32 -23.32 -49.25
N PHE B 186 45.69 -11.10 -40.64
CA PHE B 186 44.64 -11.76 -41.41
C PHE B 186 44.04 -10.80 -42.44
N LYS B 187 42.85 -11.13 -42.91
CA LYS B 187 42.17 -10.33 -43.92
C LYS B 187 40.78 -9.87 -43.50
N ASN B 188 39.99 -10.74 -42.89
CA ASN B 188 38.63 -10.39 -42.48
C ASN B 188 38.37 -10.94 -41.09
N LEU B 189 37.57 -10.23 -40.30
CA LEU B 189 37.23 -10.63 -38.95
C LEU B 189 35.77 -11.04 -38.90
N ARG B 190 35.51 -12.21 -38.34
CA ARG B 190 34.16 -12.75 -38.21
C ARG B 190 33.91 -13.04 -36.74
N GLU B 191 32.92 -12.35 -36.16
CA GLU B 191 32.58 -12.50 -34.76
C GLU B 191 31.23 -13.19 -34.65
N PHE B 192 31.15 -14.15 -33.74
CA PHE B 192 29.95 -14.95 -33.56
C PHE B 192 29.68 -15.09 -32.07
N VAL B 193 28.40 -15.15 -31.73
CA VAL B 193 27.98 -15.42 -30.37
C VAL B 193 26.96 -16.53 -30.40
N PHE B 194 27.19 -17.56 -29.59
CA PHE B 194 26.31 -18.71 -29.51
C PHE B 194 25.79 -18.82 -28.11
N LYS B 195 24.48 -19.02 -27.97
CA LYS B 195 23.94 -19.31 -26.65
C LYS B 195 22.68 -20.15 -26.78
N ASN B 196 22.26 -20.73 -25.66
CA ASN B 196 21.23 -21.76 -25.66
C ASN B 196 20.35 -21.58 -24.43
N ILE B 197 19.12 -21.13 -24.63
CA ILE B 197 18.18 -20.88 -23.54
C ILE B 197 16.84 -21.51 -23.89
N ASP B 198 16.29 -22.27 -22.94
CA ASP B 198 14.92 -22.79 -23.01
C ASP B 198 14.65 -23.48 -24.34
N GLY B 199 15.44 -24.51 -24.61
CA GLY B 199 15.27 -25.26 -25.85
C GLY B 199 15.40 -24.41 -27.09
N TYR B 200 16.18 -23.34 -27.03
CA TYR B 200 16.34 -22.43 -28.14
C TYR B 200 17.80 -22.08 -28.33
N PHE B 201 18.35 -22.42 -29.48
CA PHE B 201 19.71 -22.08 -29.85
C PHE B 201 19.69 -20.77 -30.61
N LYS B 202 20.49 -19.81 -30.16
CA LYS B 202 20.54 -18.47 -30.74
C LYS B 202 21.93 -18.21 -31.25
N ILE B 203 22.02 -17.66 -32.46
CA ILE B 203 23.29 -17.42 -33.13
C ILE B 203 23.28 -15.99 -33.64
N TYR B 204 24.13 -15.15 -33.05
CA TYR B 204 24.36 -13.78 -33.48
C TYR B 204 25.69 -13.73 -34.21
N SER B 205 25.83 -12.80 -35.14
CA SER B 205 27.05 -12.78 -35.92
C SER B 205 27.30 -11.39 -36.47
N LYS B 206 28.51 -11.20 -36.99
CA LYS B 206 28.89 -9.92 -37.57
C LYS B 206 30.23 -10.09 -38.29
N HIS B 207 30.43 -9.30 -39.34
CA HIS B 207 31.67 -9.33 -40.10
C HIS B 207 32.26 -7.92 -40.16
N THR B 208 33.58 -7.86 -40.30
CA THR B 208 34.25 -6.57 -40.37
C THR B 208 35.58 -6.69 -41.10
N PRO B 209 35.88 -5.76 -41.99
CA PRO B 209 37.20 -5.76 -42.63
C PRO B 209 38.28 -5.46 -41.62
N ILE B 210 39.45 -6.08 -41.83
CA ILE B 210 40.62 -5.86 -40.99
C ILE B 210 41.86 -5.84 -41.87
N ASN B 211 42.91 -5.22 -41.34
CA ASN B 211 44.18 -5.13 -42.06
C ASN B 211 45.38 -5.41 -41.17
N LEU B 212 45.17 -5.95 -39.98
CA LEU B 212 46.22 -6.06 -38.97
C LEU B 212 46.52 -7.53 -38.70
N VAL B 213 47.54 -7.78 -37.87
CA VAL B 213 48.09 -9.11 -37.68
C VAL B 213 48.20 -9.42 -36.19
N ARG B 214 47.68 -10.58 -35.80
CA ARG B 214 47.95 -11.18 -34.49
C ARG B 214 47.48 -10.28 -33.34
N ASP B 215 46.22 -9.91 -33.35
CA ASP B 215 45.59 -9.22 -32.22
C ASP B 215 44.09 -9.09 -32.51
N LEU B 216 43.39 -8.40 -31.60
CA LEU B 216 42.02 -7.98 -31.82
C LEU B 216 42.00 -6.46 -31.86
N PRO B 217 41.54 -5.85 -32.96
CA PRO B 217 41.62 -4.40 -33.08
C PRO B 217 40.73 -3.71 -32.06
N GLN B 218 41.33 -2.81 -31.28
CA GLN B 218 40.55 -2.02 -30.34
C GLN B 218 39.53 -1.18 -31.10
N GLY B 219 38.29 -1.23 -30.65
CA GLY B 219 37.21 -0.57 -31.34
C GLY B 219 35.89 -1.10 -30.84
N PHE B 220 34.82 -0.58 -31.43
CA PHE B 220 33.48 -0.91 -31.00
C PHE B 220 32.59 -1.20 -32.20
N SER B 221 31.88 -2.32 -32.15
CA SER B 221 30.89 -2.66 -33.15
C SER B 221 29.95 -3.70 -32.55
N ALA B 222 28.67 -3.59 -32.88
CA ALA B 222 27.64 -4.42 -32.25
C ALA B 222 27.31 -5.61 -33.13
N LEU B 223 26.80 -6.65 -32.49
CA LEU B 223 26.50 -7.91 -33.15
C LEU B 223 25.01 -8.06 -33.35
N GLU B 224 24.63 -8.60 -34.50
CA GLU B 224 23.25 -8.68 -34.90
C GLU B 224 22.77 -10.12 -34.85
N PRO B 225 21.48 -10.35 -34.68
CA PRO B 225 20.97 -11.72 -34.72
C PRO B 225 20.89 -12.23 -36.14
N LEU B 226 21.23 -13.50 -36.33
CA LEU B 226 21.15 -14.12 -37.65
C LEU B 226 20.41 -15.44 -37.69
N VAL B 227 20.32 -16.20 -36.59
CA VAL B 227 19.59 -17.46 -36.68
C VAL B 227 19.10 -17.89 -35.31
N ASP B 228 18.00 -18.63 -35.33
CA ASP B 228 17.50 -19.31 -34.15
C ASP B 228 17.20 -20.76 -34.53
N LEU B 229 16.96 -21.59 -33.51
CA LEU B 229 16.58 -22.97 -33.73
C LEU B 229 15.85 -23.48 -32.49
N PRO B 230 14.66 -24.04 -32.64
CA PRO B 230 13.87 -24.52 -31.49
C PRO B 230 14.14 -25.99 -31.17
N ILE B 231 15.41 -26.31 -30.94
CA ILE B 231 15.85 -27.70 -30.90
C ILE B 231 15.55 -28.36 -29.56
N GLY B 232 16.21 -27.91 -28.50
CA GLY B 232 16.04 -28.53 -27.21
C GLY B 232 17.07 -29.61 -26.94
N ILE B 233 18.31 -29.36 -27.33
CA ILE B 233 19.41 -30.31 -27.19
C ILE B 233 20.36 -29.82 -26.11
N ASN B 234 20.69 -30.70 -25.18
CA ASN B 234 21.71 -30.36 -24.19
C ASN B 234 23.06 -30.19 -24.88
N ILE B 235 23.75 -29.10 -24.58
CA ILE B 235 25.08 -28.86 -25.10
C ILE B 235 25.97 -28.47 -23.92
N THR B 236 26.99 -29.28 -23.68
CA THR B 236 27.99 -28.97 -22.67
C THR B 236 29.41 -29.04 -23.22
N ARG B 237 29.57 -29.40 -24.49
CA ARG B 237 30.89 -29.56 -25.08
C ARG B 237 30.88 -28.86 -26.43
N PHE B 238 32.00 -28.94 -27.14
CA PHE B 238 32.22 -27.99 -28.22
C PHE B 238 33.47 -28.41 -28.99
N GLN B 239 33.42 -28.31 -30.32
CA GLN B 239 34.55 -28.68 -31.16
C GLN B 239 34.48 -27.84 -32.43
N THR B 240 35.63 -27.70 -33.09
CA THR B 240 35.76 -26.81 -34.22
C THR B 240 36.24 -27.57 -35.45
N LEU B 241 35.98 -27.01 -36.64
CA LEU B 241 36.27 -27.64 -37.91
C LEU B 241 36.88 -26.64 -38.86
N LEU B 242 38.11 -26.91 -39.30
CA LEU B 242 38.74 -26.09 -40.33
C LEU B 242 38.89 -26.91 -41.62
N ALA B 264 43.00 -19.11 -35.59
CA ALA B 264 42.51 -18.00 -34.80
C ALA B 264 41.17 -18.34 -34.17
N TYR B 265 41.22 -18.84 -32.94
CA TYR B 265 40.04 -19.34 -32.25
C TYR B 265 39.74 -18.50 -31.02
N TYR B 266 39.74 -17.18 -31.18
CA TYR B 266 39.54 -16.36 -29.99
C TYR B 266 38.27 -16.81 -29.30
N VAL B 267 38.38 -17.34 -28.09
CA VAL B 267 37.23 -17.89 -27.38
C VAL B 267 37.05 -17.14 -26.07
N GLY B 268 35.84 -16.63 -25.86
CA GLY B 268 35.50 -16.02 -24.59
C GLY B 268 34.19 -16.59 -24.07
N TYR B 269 33.98 -16.43 -22.78
CA TYR B 269 32.79 -16.96 -22.14
C TYR B 269 31.84 -15.84 -21.75
N LEU B 270 30.64 -16.23 -21.36
CA LEU B 270 29.54 -15.30 -21.11
C LEU B 270 29.18 -15.34 -19.64
N GLN B 271 28.82 -14.18 -19.09
CA GLN B 271 28.52 -14.08 -17.67
C GLN B 271 27.28 -13.23 -17.47
N PRO B 272 26.57 -13.42 -16.36
CA PRO B 272 25.34 -12.67 -16.12
C PRO B 272 25.57 -11.27 -15.60
N ARG B 273 25.77 -10.30 -16.49
CA ARG B 273 26.10 -8.95 -16.07
C ARG B 273 25.03 -7.96 -16.50
N THR B 274 25.31 -6.68 -16.27
CA THR B 274 24.38 -5.60 -16.53
C THR B 274 25.10 -4.50 -17.29
N PHE B 275 24.54 -4.08 -18.40
CA PHE B 275 25.19 -3.11 -19.27
C PHE B 275 24.29 -1.90 -19.45
N LEU B 276 24.91 -0.80 -19.85
CA LEU B 276 24.20 0.41 -20.25
C LEU B 276 24.50 0.64 -21.72
N LEU B 277 23.48 0.56 -22.55
CA LEU B 277 23.60 0.59 -24.00
C LEU B 277 23.16 1.95 -24.52
N LYS B 278 23.81 2.44 -25.56
CA LYS B 278 23.50 3.75 -26.10
C LYS B 278 23.05 3.61 -27.55
N TYR B 279 21.83 4.05 -27.84
CA TYR B 279 21.26 4.01 -29.18
C TYR B 279 21.26 5.42 -29.76
N ASN B 280 21.77 5.56 -30.99
CA ASN B 280 21.79 6.84 -31.68
C ASN B 280 20.44 7.08 -32.35
N GLU B 281 20.40 8.05 -33.27
CA GLU B 281 19.14 8.43 -33.90
C GLU B 281 18.55 7.26 -34.70
N ASN B 282 19.38 6.56 -35.47
CA ASN B 282 18.85 5.53 -36.34
C ASN B 282 18.63 4.20 -35.65
N GLY B 283 19.00 4.06 -34.40
CA GLY B 283 18.78 2.82 -33.69
C GLY B 283 19.96 1.89 -33.62
N THR B 284 21.14 2.32 -34.02
CA THR B 284 22.34 1.51 -33.96
C THR B 284 23.04 1.72 -32.63
N ILE B 285 23.40 0.61 -31.98
CA ILE B 285 24.19 0.70 -30.75
C ILE B 285 25.57 1.25 -31.10
N THR B 286 25.94 2.35 -30.48
CA THR B 286 27.24 2.94 -30.74
C THR B 286 28.18 2.96 -29.55
N ASP B 287 27.71 2.59 -28.36
CA ASP B 287 28.58 2.57 -27.18
C ASP B 287 27.87 1.85 -26.05
N ALA B 288 28.67 1.44 -25.06
CA ALA B 288 28.12 0.75 -23.91
C ALA B 288 29.04 0.94 -22.71
N VAL B 289 28.50 0.64 -21.54
CA VAL B 289 29.20 0.74 -20.27
C VAL B 289 28.94 -0.51 -19.46
N ASP B 290 29.99 -1.06 -18.87
CA ASP B 290 29.90 -2.26 -18.05
C ASP B 290 29.76 -1.85 -16.59
N CYS B 291 28.63 -2.19 -15.97
CA CYS B 291 28.32 -1.68 -14.64
C CYS B 291 29.05 -2.40 -13.53
N ALA B 292 30.14 -3.11 -13.83
CA ALA B 292 30.91 -3.74 -12.76
C ALA B 292 32.41 -3.68 -13.02
N LEU B 293 32.86 -2.87 -13.97
CA LEU B 293 34.28 -2.80 -14.26
C LEU B 293 35.03 -2.07 -13.16
N ASP B 294 34.50 -0.93 -12.71
CA ASP B 294 35.21 -0.10 -11.75
C ASP B 294 34.24 0.92 -11.17
N PRO B 295 34.58 1.64 -10.10
CA PRO B 295 33.60 2.54 -9.49
C PRO B 295 33.02 3.57 -10.42
N LEU B 296 33.84 4.12 -11.31
CA LEU B 296 33.32 5.15 -12.22
C LEU B 296 32.20 4.59 -13.07
N SER B 297 32.34 3.37 -13.55
CA SER B 297 31.29 2.77 -14.35
C SER B 297 30.02 2.56 -13.54
N GLU B 298 30.16 2.16 -12.27
CA GLU B 298 28.98 2.04 -11.43
C GLU B 298 28.28 3.36 -11.29
N THR B 299 29.03 4.44 -11.12
CA THR B 299 28.43 5.76 -11.03
C THR B 299 27.66 6.09 -12.31
N LYS B 300 28.30 5.83 -13.46
CA LYS B 300 27.64 6.13 -14.72
C LYS B 300 26.34 5.34 -14.85
N CYS B 301 26.36 4.08 -14.45
CA CYS B 301 25.15 3.27 -14.55
C CYS B 301 24.08 3.77 -13.60
N THR B 302 24.48 4.22 -12.41
CA THR B 302 23.50 4.73 -11.45
C THR B 302 22.82 5.98 -11.97
N LEU B 303 23.58 6.90 -12.55
CA LEU B 303 22.97 8.12 -13.05
C LEU B 303 22.33 7.98 -14.42
N LYS B 304 22.57 6.88 -15.10
CA LYS B 304 22.15 6.69 -16.50
C LYS B 304 22.66 7.84 -17.37
N SER B 305 23.97 7.98 -17.38
CA SER B 305 24.60 8.96 -18.24
C SER B 305 26.04 8.53 -18.53
N PHE B 306 26.55 9.00 -19.66
CA PHE B 306 27.94 8.74 -20.01
C PHE B 306 28.86 9.84 -19.53
N THR B 307 28.32 10.92 -18.98
CA THR B 307 29.09 12.01 -18.45
C THR B 307 28.57 12.34 -17.06
N VAL B 308 29.47 12.46 -16.09
CA VAL B 308 29.10 12.72 -14.71
C VAL B 308 29.80 13.99 -14.27
N GLU B 309 29.06 14.86 -13.58
CA GLU B 309 29.56 16.13 -13.12
C GLU B 309 30.15 16.00 -11.72
N LYS B 310 31.02 16.93 -11.37
CA LYS B 310 31.75 16.86 -10.12
C LYS B 310 30.80 16.76 -8.94
N GLY B 311 31.09 15.84 -8.03
CA GLY B 311 30.27 15.66 -6.85
C GLY B 311 30.62 14.36 -6.16
N ILE B 312 29.77 13.98 -5.20
CA ILE B 312 29.91 12.72 -4.49
C ILE B 312 28.57 11.99 -4.58
N TYR B 313 28.62 10.75 -5.05
CA TYR B 313 27.42 9.99 -5.33
C TYR B 313 27.46 8.66 -4.59
N GLN B 314 26.29 8.17 -4.23
CA GLN B 314 26.19 6.88 -3.56
C GLN B 314 25.69 5.84 -4.56
N THR B 315 26.40 4.74 -4.67
CA THR B 315 26.14 3.77 -5.72
C THR B 315 25.63 2.43 -5.20
N SER B 316 26.10 1.96 -4.06
CA SER B 316 25.80 0.60 -3.65
C SER B 316 25.83 0.49 -2.13
N ASN B 317 25.31 -0.62 -1.65
CA ASN B 317 25.43 -0.99 -0.25
C ASN B 317 26.55 -2.00 -0.10
N PHE B 318 26.73 -2.47 1.13
CA PHE B 318 27.96 -3.18 1.46
C PHE B 318 27.74 -3.98 2.73
N ARG B 319 27.99 -5.29 2.66
CA ARG B 319 27.67 -6.22 3.74
C ARG B 319 28.84 -7.16 4.00
N VAL B 320 29.14 -7.38 5.27
CA VAL B 320 30.06 -8.46 5.64
C VAL B 320 29.25 -9.74 5.70
N GLN B 321 29.92 -10.88 5.49
CA GLN B 321 29.17 -12.12 5.39
C GLN B 321 29.65 -13.13 6.42
N PRO B 322 28.80 -14.07 6.81
CA PRO B 322 29.18 -15.01 7.88
C PRO B 322 30.19 -16.03 7.39
N THR B 323 31.24 -16.23 8.19
CA THR B 323 32.27 -17.19 7.81
C THR B 323 31.85 -18.61 8.17
N GLU B 324 31.74 -18.89 9.46
CA GLU B 324 31.45 -20.22 9.98
C GLU B 324 30.00 -20.31 10.42
N SER B 325 29.68 -21.40 11.13
CA SER B 325 28.37 -21.58 11.74
C SER B 325 28.54 -22.45 12.98
N ILE B 326 28.03 -21.99 14.12
CA ILE B 326 28.25 -22.69 15.37
C ILE B 326 26.90 -22.98 16.03
N VAL B 327 26.91 -23.98 16.92
CA VAL B 327 25.73 -24.42 17.66
C VAL B 327 26.19 -24.86 19.04
N ARG B 328 25.51 -24.40 20.08
CA ARG B 328 25.86 -24.75 21.44
C ARG B 328 24.64 -25.23 22.21
N PHE B 329 24.83 -26.25 23.03
CA PHE B 329 23.79 -26.87 23.84
C PHE B 329 24.38 -27.24 25.18
N PRO B 330 23.55 -27.42 26.21
CA PRO B 330 24.08 -27.77 27.54
C PRO B 330 24.79 -29.10 27.55
N ASN B 331 25.36 -29.49 28.69
CA ASN B 331 26.26 -30.62 28.75
C ASN B 331 25.57 -31.92 28.36
N ILE B 332 26.36 -32.99 28.37
CA ILE B 332 26.08 -34.18 27.58
C ILE B 332 24.69 -34.75 27.84
N THR B 333 24.46 -35.27 29.05
CA THR B 333 23.23 -36.04 29.24
C THR B 333 23.13 -36.55 30.67
N ASN B 334 21.98 -37.17 30.95
CA ASN B 334 21.79 -38.19 31.99
C ASN B 334 21.00 -39.28 31.26
N LEU B 335 21.73 -40.22 30.66
CA LEU B 335 21.17 -41.05 29.60
C LEU B 335 20.22 -42.11 30.14
N CYS B 336 19.28 -42.52 29.28
CA CYS B 336 18.38 -43.61 29.61
C CYS B 336 19.17 -44.92 29.70
N PRO B 337 18.95 -45.72 30.75
CA PRO B 337 19.74 -46.95 30.92
C PRO B 337 19.16 -48.14 30.15
N PHE B 338 19.30 -48.08 28.82
CA PHE B 338 18.85 -49.19 27.98
C PHE B 338 19.64 -50.46 28.24
N GLY B 339 20.80 -50.36 28.90
CA GLY B 339 21.60 -51.56 29.14
C GLY B 339 20.86 -52.59 29.95
N GLU B 340 20.20 -52.17 31.04
CA GLU B 340 19.47 -53.12 31.88
C GLU B 340 18.34 -53.79 31.10
N VAL B 341 17.59 -53.01 30.32
CA VAL B 341 16.44 -53.57 29.62
C VAL B 341 16.88 -54.50 28.49
N PHE B 342 17.97 -54.17 27.81
CA PHE B 342 18.36 -54.93 26.61
C PHE B 342 19.28 -56.11 26.94
N ASN B 343 20.26 -55.94 27.81
CA ASN B 343 21.18 -57.02 28.12
C ASN B 343 20.48 -58.17 28.81
N ALA B 344 19.77 -57.87 29.90
CA ALA B 344 18.90 -58.84 30.59
C ALA B 344 19.67 -60.12 30.96
N THR B 345 20.60 -59.94 31.90
CA THR B 345 21.36 -61.09 32.38
C THR B 345 20.44 -62.16 32.98
N ARG B 346 19.48 -61.74 33.79
CA ARG B 346 18.45 -62.63 34.34
C ARG B 346 17.15 -62.27 33.62
N PHE B 347 16.82 -63.02 32.58
CA PHE B 347 15.78 -62.61 31.65
C PHE B 347 14.41 -63.02 32.22
N ALA B 348 13.35 -62.83 31.44
CA ALA B 348 11.98 -63.03 31.88
C ALA B 348 11.35 -64.23 31.20
N SER B 349 10.18 -64.62 31.72
CA SER B 349 9.43 -65.74 31.20
C SER B 349 8.55 -65.31 30.02
N VAL B 350 8.35 -66.24 29.08
CA VAL B 350 7.54 -65.94 27.91
C VAL B 350 6.07 -65.78 28.29
N TYR B 351 5.60 -66.56 29.27
CA TYR B 351 4.20 -66.48 29.67
C TYR B 351 3.84 -65.10 30.20
N ALA B 352 4.73 -64.51 31.01
CA ALA B 352 4.51 -63.19 31.58
C ALA B 352 5.65 -62.28 31.13
N TRP B 353 5.47 -61.67 29.96
CA TRP B 353 6.49 -60.75 29.45
C TRP B 353 6.62 -59.54 30.37
N ASN B 354 7.83 -58.99 30.44
CA ASN B 354 8.14 -57.97 31.42
C ASN B 354 8.19 -56.60 30.75
N ARG B 355 7.37 -55.67 31.26
CA ARG B 355 7.25 -54.33 30.69
C ARG B 355 7.99 -53.35 31.60
N LYS B 356 8.84 -52.52 31.00
CA LYS B 356 9.64 -51.53 31.70
C LYS B 356 9.36 -50.15 31.15
N ARG B 357 9.17 -49.18 32.04
CA ARG B 357 8.80 -47.83 31.67
C ARG B 357 10.02 -46.92 31.70
N ILE B 358 10.21 -46.14 30.63
CA ILE B 358 11.31 -45.21 30.51
C ILE B 358 10.74 -43.84 30.21
N SER B 359 11.11 -42.85 31.02
CA SER B 359 10.58 -41.51 30.88
C SER B 359 11.56 -40.51 31.49
N ASN B 360 11.59 -39.31 30.91
CA ASN B 360 12.37 -38.19 31.41
C ASN B 360 13.88 -38.50 31.38
N CYS B 361 14.36 -38.84 30.19
CA CYS B 361 15.79 -39.02 29.97
C CYS B 361 16.06 -38.96 28.46
N VAL B 362 17.29 -39.29 28.08
CA VAL B 362 17.76 -39.17 26.71
C VAL B 362 18.22 -40.54 26.21
N ALA B 363 17.79 -40.89 25.02
CA ALA B 363 18.02 -42.22 24.44
C ALA B 363 19.25 -42.16 23.56
N ASP B 364 20.36 -42.72 24.04
CA ASP B 364 21.55 -42.88 23.21
C ASP B 364 21.33 -44.07 22.27
N TYR B 365 20.39 -43.88 21.33
CA TYR B 365 20.06 -44.94 20.40
C TYR B 365 21.22 -45.30 19.49
N SER B 366 22.18 -44.39 19.32
CA SER B 366 23.36 -44.70 18.53
C SER B 366 24.22 -45.75 19.23
N VAL B 367 24.19 -45.77 20.57
CA VAL B 367 24.97 -46.75 21.31
C VAL B 367 24.55 -48.17 21.02
N LEU B 368 23.37 -48.36 20.45
CA LEU B 368 22.92 -49.66 19.99
C LEU B 368 22.83 -49.77 18.48
N TYR B 369 22.64 -48.65 17.77
CA TYR B 369 22.67 -48.68 16.31
C TYR B 369 24.07 -48.97 15.81
N ASN B 370 25.09 -48.73 16.64
CA ASN B 370 26.47 -49.02 16.32
C ASN B 370 26.94 -50.35 16.90
N SER B 371 26.03 -51.32 17.03
CA SER B 371 26.41 -52.61 17.59
C SER B 371 26.92 -53.55 16.51
N ALA B 372 26.11 -53.78 15.47
CA ALA B 372 26.49 -54.57 14.30
C ALA B 372 26.86 -56.02 14.67
N SER B 373 26.24 -56.55 15.72
CA SER B 373 26.43 -57.95 16.11
C SER B 373 25.12 -58.55 16.58
N PHE B 374 24.03 -58.29 15.86
CA PHE B 374 22.69 -58.50 16.37
C PHE B 374 21.89 -59.31 15.37
N SER B 375 20.79 -59.90 15.84
CA SER B 375 20.08 -60.91 15.06
C SER B 375 18.96 -60.34 14.20
N THR B 376 18.08 -59.52 14.77
CA THR B 376 16.97 -58.95 14.00
C THR B 376 16.47 -57.68 14.67
N PHE B 377 16.71 -56.52 14.04
CA PHE B 377 16.30 -55.24 14.60
C PHE B 377 15.59 -54.45 13.50
N LYS B 378 14.27 -54.30 13.64
CA LYS B 378 13.47 -53.60 12.65
C LYS B 378 12.47 -52.70 13.36
N CYS B 379 12.46 -51.41 13.01
CA CYS B 379 11.58 -50.44 13.62
C CYS B 379 10.50 -50.04 12.62
N TYR B 380 9.26 -50.44 12.89
CA TYR B 380 8.13 -50.10 12.05
C TYR B 380 7.47 -48.83 12.56
N GLY B 381 7.45 -47.80 11.72
CA GLY B 381 6.86 -46.52 12.04
C GLY B 381 7.82 -45.35 11.95
N VAL B 382 9.12 -45.59 12.04
CA VAL B 382 10.11 -44.52 11.95
C VAL B 382 11.46 -45.11 11.57
N SER B 383 12.13 -44.48 10.62
CA SER B 383 13.44 -44.96 10.18
C SER B 383 14.44 -44.83 11.32
N PRO B 384 15.23 -45.87 11.60
CA PRO B 384 16.16 -45.79 12.74
C PRO B 384 17.21 -44.71 12.60
N THR B 385 17.43 -44.20 11.39
CA THR B 385 18.41 -43.14 11.20
C THR B 385 18.13 -41.95 12.12
N LYS B 386 16.87 -41.57 12.26
CA LYS B 386 16.48 -40.48 13.14
C LYS B 386 16.00 -40.97 14.50
N LEU B 387 16.21 -42.24 14.82
CA LEU B 387 15.76 -42.78 16.10
C LEU B 387 16.42 -42.07 17.26
N ASN B 388 17.73 -41.80 17.15
CA ASN B 388 18.43 -41.04 18.17
C ASN B 388 18.16 -39.56 18.10
N ASP B 389 17.34 -39.11 17.16
CA ASP B 389 17.08 -37.69 16.97
C ASP B 389 15.59 -37.36 17.04
N LEU B 390 14.91 -37.86 18.07
CA LEU B 390 13.49 -37.60 18.25
C LEU B 390 13.19 -37.41 19.73
N CYS B 391 11.97 -36.96 20.01
CA CYS B 391 11.51 -36.75 21.38
C CYS B 391 10.16 -37.44 21.54
N PHE B 392 10.06 -38.30 22.54
CA PHE B 392 8.83 -39.07 22.77
C PHE B 392 8.41 -38.95 24.21
N THR B 393 7.11 -39.12 24.46
CA THR B 393 6.58 -38.98 25.81
C THR B 393 7.05 -40.12 26.71
N ASN B 394 6.92 -41.36 26.24
CA ASN B 394 7.27 -42.51 27.06
C ASN B 394 7.79 -43.64 26.17
N VAL B 395 8.62 -44.49 26.78
CA VAL B 395 9.16 -45.65 26.11
C VAL B 395 8.82 -46.88 26.95
N TYR B 396 8.42 -47.96 26.30
CA TYR B 396 8.09 -49.19 26.98
C TYR B 396 8.92 -50.33 26.40
N ALA B 397 9.75 -50.93 27.24
CA ALA B 397 10.58 -52.08 26.85
C ALA B 397 9.88 -53.34 27.31
N ASP B 398 9.33 -54.10 26.37
CA ASP B 398 8.67 -55.37 26.66
C ASP B 398 9.65 -56.50 26.32
N SER B 399 9.99 -57.28 27.33
CA SER B 399 10.97 -58.36 27.18
C SER B 399 10.26 -59.71 27.21
N PHE B 400 10.58 -60.56 26.24
CA PHE B 400 9.97 -61.88 26.12
C PHE B 400 10.96 -62.80 25.41
N VAL B 401 10.72 -64.10 25.50
CA VAL B 401 11.60 -65.11 24.94
C VAL B 401 10.80 -65.93 23.93
N ILE B 402 11.41 -66.18 22.76
CA ILE B 402 10.76 -66.95 21.71
C ILE B 402 11.71 -68.02 21.21
N ARG B 403 11.29 -68.78 20.22
CA ARG B 403 12.15 -69.77 19.57
C ARG B 403 12.70 -69.19 18.28
N GLY B 404 13.67 -69.89 17.69
CA GLY B 404 14.18 -69.49 16.39
C GLY B 404 13.11 -69.46 15.33
N ASP B 405 12.18 -70.41 15.37
CA ASP B 405 11.04 -70.39 14.47
C ASP B 405 9.99 -69.37 14.91
N GLU B 406 9.86 -69.14 16.21
CA GLU B 406 8.91 -68.18 16.75
C GLU B 406 9.39 -66.74 16.64
N VAL B 407 10.65 -66.53 16.25
CA VAL B 407 11.19 -65.18 16.14
C VAL B 407 10.41 -64.37 15.11
N ARG B 408 10.11 -64.98 13.96
CA ARG B 408 9.32 -64.31 12.95
C ARG B 408 7.83 -64.28 13.28
N GLN B 409 7.40 -64.99 14.32
CA GLN B 409 5.98 -65.04 14.66
C GLN B 409 5.49 -63.71 15.22
N ILE B 410 6.26 -63.10 16.13
CA ILE B 410 5.82 -61.90 16.82
C ILE B 410 5.97 -60.69 15.89
N ALA B 411 4.88 -60.32 15.24
CA ALA B 411 4.84 -59.16 14.36
C ALA B 411 3.38 -58.78 14.13
N PRO B 412 3.09 -57.56 13.70
CA PRO B 412 1.71 -57.20 13.36
C PRO B 412 1.22 -58.02 12.17
N GLY B 413 0.26 -58.89 12.42
CA GLY B 413 -0.35 -59.71 11.39
C GLY B 413 0.13 -61.14 11.33
N GLN B 414 1.25 -61.47 11.98
CA GLN B 414 1.77 -62.82 12.01
C GLN B 414 1.36 -63.49 13.33
N THR B 415 0.77 -64.67 13.24
CA THR B 415 0.23 -65.35 14.40
C THR B 415 1.28 -66.27 15.01
N GLY B 416 0.90 -66.97 16.07
CA GLY B 416 1.79 -67.90 16.73
C GLY B 416 1.18 -68.37 18.03
N LYS B 417 1.72 -69.50 18.53
CA LYS B 417 1.21 -70.05 19.78
C LYS B 417 1.45 -69.09 20.93
N ILE B 418 2.69 -68.63 21.10
CA ILE B 418 2.97 -67.59 22.08
C ILE B 418 2.32 -66.28 21.66
N ALA B 419 2.28 -66.02 20.35
CA ALA B 419 1.62 -64.82 19.86
C ALA B 419 0.14 -64.84 20.20
N ASP B 420 -0.50 -66.00 20.10
CA ASP B 420 -1.88 -66.11 20.54
C ASP B 420 -2.00 -65.98 22.05
N TYR B 421 -1.08 -66.56 22.80
CA TYR B 421 -1.19 -66.66 24.25
C TYR B 421 -0.44 -65.58 25.01
N ASN B 422 0.87 -65.45 24.79
CA ASN B 422 1.68 -64.52 25.59
C ASN B 422 1.33 -63.06 25.32
N TYR B 423 1.29 -62.66 24.05
CA TYR B 423 1.02 -61.28 23.68
C TYR B 423 0.84 -61.20 22.17
N LYS B 424 0.04 -60.23 21.72
CA LYS B 424 -0.13 -59.95 20.31
C LYS B 424 0.15 -58.48 20.04
N LEU B 425 0.73 -58.21 18.88
CA LEU B 425 0.96 -56.82 18.51
C LEU B 425 -0.31 -56.20 17.95
N PRO B 426 -0.46 -54.88 18.03
CA PRO B 426 -1.67 -54.25 17.48
C PRO B 426 -1.68 -54.24 15.96
N ASP B 427 -2.72 -53.65 15.37
CA ASP B 427 -2.88 -53.70 13.92
C ASP B 427 -1.93 -52.75 13.22
N ASP B 428 -1.60 -51.62 13.85
CA ASP B 428 -0.75 -50.59 13.27
C ASP B 428 0.31 -50.14 14.28
N PHE B 429 1.02 -51.11 14.86
CA PHE B 429 2.00 -50.81 15.88
C PHE B 429 3.05 -49.83 15.39
N THR B 430 3.38 -48.86 16.22
CA THR B 430 4.44 -47.89 15.96
C THR B 430 5.54 -48.13 16.97
N GLY B 431 6.56 -48.87 16.59
CA GLY B 431 7.63 -49.22 17.51
C GLY B 431 8.64 -50.12 16.82
N CYS B 432 9.65 -50.49 17.60
CA CYS B 432 10.75 -51.29 17.08
C CYS B 432 10.76 -52.66 17.74
N VAL B 433 11.10 -53.68 16.97
CA VAL B 433 11.25 -55.03 17.48
C VAL B 433 12.72 -55.41 17.34
N ILE B 434 13.31 -55.89 18.45
CA ILE B 434 14.71 -56.31 18.48
C ILE B 434 14.73 -57.72 19.02
N ALA B 435 15.53 -58.58 18.40
CA ALA B 435 15.61 -59.99 18.77
C ALA B 435 17.05 -60.44 18.63
N TRP B 436 17.59 -61.02 19.71
CA TRP B 436 18.90 -61.65 19.71
C TRP B 436 18.68 -63.16 19.78
N ASN B 437 18.93 -63.85 18.68
CA ASN B 437 18.68 -65.30 18.58
C ASN B 437 19.92 -66.05 19.02
N SER B 438 20.21 -65.96 20.31
CA SER B 438 21.37 -66.62 20.90
C SER B 438 20.88 -67.78 21.77
N ASN B 439 21.25 -69.00 21.40
CA ASN B 439 21.02 -70.14 22.26
C ASN B 439 22.00 -70.16 23.43
N ASN B 440 23.18 -69.57 23.24
CA ASN B 440 24.27 -69.69 24.19
C ASN B 440 23.82 -69.35 25.61
N LEU B 441 23.41 -68.09 25.83
CA LEU B 441 23.08 -67.63 27.17
C LEU B 441 21.59 -67.68 27.48
N ASP B 442 20.74 -67.66 26.45
CA ASP B 442 19.30 -67.74 26.70
C ASP B 442 18.90 -69.11 27.25
N SER B 443 19.65 -70.16 26.91
CA SER B 443 19.35 -71.50 27.38
C SER B 443 20.59 -72.10 28.02
N LYS B 444 20.37 -72.88 29.07
CA LYS B 444 21.44 -73.53 29.81
C LYS B 444 21.73 -74.91 29.23
N VAL B 445 22.83 -75.49 29.69
CA VAL B 445 23.17 -76.86 29.30
C VAL B 445 22.11 -77.80 29.86
N GLY B 446 21.62 -78.69 29.00
CA GLY B 446 20.53 -79.57 29.36
C GLY B 446 19.15 -78.99 29.18
N GLY B 447 19.04 -77.76 28.68
CA GLY B 447 17.75 -77.18 28.37
C GLY B 447 17.29 -76.14 29.36
N ASN B 448 16.80 -75.01 28.85
CA ASN B 448 16.18 -73.98 29.68
C ASN B 448 14.71 -74.29 29.89
N TYR B 449 14.45 -75.47 30.46
CA TYR B 449 13.11 -75.98 30.64
C TYR B 449 12.28 -75.15 31.61
N ASN B 450 12.91 -74.26 32.38
CA ASN B 450 12.17 -73.41 33.31
C ASN B 450 11.22 -72.47 32.59
N TYR B 451 11.50 -72.10 31.34
CA TYR B 451 10.60 -71.24 30.59
C TYR B 451 9.31 -71.95 30.29
N LEU B 452 8.18 -71.27 30.52
CA LEU B 452 6.86 -71.85 30.34
C LEU B 452 6.10 -71.02 29.30
N TYR B 453 5.93 -71.59 28.10
CA TYR B 453 5.17 -70.95 27.05
C TYR B 453 3.71 -71.39 27.13
N ARG B 454 2.81 -70.42 27.16
CA ARG B 454 1.39 -70.71 27.29
C ARG B 454 0.85 -71.28 25.98
N LEU B 455 0.21 -72.45 26.06
CA LEU B 455 -0.20 -73.20 24.89
C LEU B 455 -1.71 -73.35 24.78
N PHE B 456 -2.38 -73.78 25.85
CA PHE B 456 -3.83 -74.05 25.82
C PHE B 456 -4.55 -72.87 26.45
N ARG B 457 -4.76 -71.82 25.65
CA ARG B 457 -5.50 -70.65 26.08
C ARG B 457 -6.86 -70.63 25.41
N LYS B 458 -7.80 -69.93 26.04
CA LYS B 458 -9.16 -69.87 25.50
C LYS B 458 -9.19 -69.20 24.13
N SER B 459 -8.47 -68.08 24.00
CA SER B 459 -8.46 -67.34 22.74
C SER B 459 -7.14 -66.59 22.64
N ASN B 460 -6.92 -65.99 21.47
CA ASN B 460 -5.75 -65.15 21.26
C ASN B 460 -5.86 -63.90 22.14
N LEU B 461 -4.72 -63.51 22.72
CA LEU B 461 -4.71 -62.39 23.65
C LEU B 461 -4.93 -61.07 22.92
N LYS B 462 -5.31 -60.05 23.70
CA LYS B 462 -5.50 -58.72 23.16
C LYS B 462 -4.14 -58.10 22.80
N PRO B 463 -4.15 -57.04 21.96
CA PRO B 463 -2.88 -56.39 21.60
C PRO B 463 -2.03 -56.02 22.81
N PHE B 464 -0.87 -56.68 22.92
CA PHE B 464 0.07 -56.44 24.02
C PHE B 464 -0.55 -56.77 25.38
N GLU B 465 -1.48 -57.73 25.39
CA GLU B 465 -2.12 -58.13 26.63
C GLU B 465 -1.28 -59.18 27.35
N ARG B 466 -1.51 -59.27 28.66
CA ARG B 466 -0.77 -60.21 29.52
C ARG B 466 -1.78 -61.14 30.18
N ASP B 467 -1.65 -62.43 29.92
CA ASP B 467 -2.46 -63.48 30.56
C ASP B 467 -1.51 -64.37 31.35
N ILE B 468 -1.32 -64.03 32.62
CA ILE B 468 -0.42 -64.77 33.49
C ILE B 468 -1.14 -65.99 34.04
N SER B 469 -2.35 -66.24 33.54
CA SER B 469 -3.18 -67.30 34.09
C SER B 469 -2.65 -68.68 33.68
N THR B 470 -2.56 -69.57 34.66
CA THR B 470 -2.23 -70.97 34.43
C THR B 470 -3.29 -71.89 35.02
N GLU B 471 -4.53 -71.39 35.11
CA GLU B 471 -5.62 -72.17 35.64
C GLU B 471 -6.04 -73.26 34.67
N ILE B 472 -6.31 -74.45 35.20
CA ILE B 472 -6.67 -75.58 34.36
C ILE B 472 -8.05 -75.33 33.73
N TYR B 473 -8.14 -75.53 32.43
CA TYR B 473 -9.37 -75.36 31.68
C TYR B 473 -9.62 -76.58 30.82
N GLN B 474 -10.83 -77.15 30.93
CA GLN B 474 -11.17 -78.34 30.18
C GLN B 474 -11.40 -78.02 28.71
N ALA B 475 -11.24 -79.03 27.85
CA ALA B 475 -11.44 -78.89 26.42
C ALA B 475 -12.72 -79.54 25.94
N GLY B 476 -13.69 -79.75 26.82
CA GLY B 476 -14.95 -80.34 26.44
C GLY B 476 -16.11 -79.86 27.29
N SER B 477 -17.32 -80.37 27.01
CA SER B 477 -18.50 -80.00 27.79
C SER B 477 -18.50 -80.63 29.17
N THR B 478 -17.58 -81.56 29.45
CA THR B 478 -17.43 -82.12 30.79
C THR B 478 -16.19 -81.54 31.43
N PRO B 479 -16.32 -80.69 32.45
CA PRO B 479 -15.12 -80.08 33.06
C PRO B 479 -14.23 -81.12 33.72
N CYS B 480 -12.95 -80.76 33.83
CA CYS B 480 -11.98 -81.67 34.45
C CYS B 480 -12.34 -82.00 35.89
N ASN B 481 -13.07 -81.11 36.56
CA ASN B 481 -13.36 -81.22 37.98
C ASN B 481 -12.09 -81.23 38.83
N GLY B 482 -11.07 -80.50 38.38
CA GLY B 482 -9.83 -80.37 39.11
C GLY B 482 -8.81 -81.45 38.88
N VAL B 483 -9.02 -82.33 37.90
CA VAL B 483 -8.09 -83.42 37.61
C VAL B 483 -7.79 -83.42 36.11
N GLU B 484 -6.51 -83.46 35.77
CA GLU B 484 -6.11 -83.50 34.37
C GLU B 484 -6.39 -84.87 33.77
N GLY B 485 -6.55 -84.90 32.45
CA GLY B 485 -6.82 -86.13 31.75
C GLY B 485 -7.33 -85.92 30.33
N PHE B 486 -8.41 -86.60 29.98
CA PHE B 486 -8.96 -86.50 28.63
C PHE B 486 -9.57 -85.12 28.41
N ASN B 487 -9.07 -84.42 27.38
CA ASN B 487 -9.50 -83.05 27.08
C ASN B 487 -9.35 -82.14 28.29
N CYS B 488 -8.14 -82.16 28.88
CA CYS B 488 -7.80 -81.36 30.04
C CYS B 488 -6.42 -80.78 29.83
N TYR B 489 -6.21 -79.55 30.28
CA TYR B 489 -4.95 -78.88 29.98
C TYR B 489 -4.63 -77.82 31.00
N PHE B 490 -3.43 -77.90 31.59
CA PHE B 490 -2.82 -76.73 32.18
C PHE B 490 -2.26 -75.86 31.05
N PRO B 491 -2.64 -74.58 31.00
CA PRO B 491 -2.43 -73.81 29.77
C PRO B 491 -1.00 -73.79 29.27
N LEU B 492 -0.03 -73.68 30.16
CA LEU B 492 1.36 -73.55 29.74
C LEU B 492 2.05 -74.91 29.64
N GLN B 493 3.08 -74.96 28.80
CA GLN B 493 3.98 -76.10 28.72
C GLN B 493 5.40 -75.57 28.69
N SER B 494 6.33 -76.32 29.26
CA SER B 494 7.69 -75.83 29.45
C SER B 494 8.37 -75.61 28.10
N TYR B 495 9.02 -74.46 27.95
CA TYR B 495 9.77 -74.12 26.74
C TYR B 495 11.22 -74.56 26.95
N GLY B 496 11.42 -75.88 26.87
CA GLY B 496 12.73 -76.45 27.12
C GLY B 496 13.68 -76.34 25.96
N PHE B 497 14.17 -75.14 25.71
CA PHE B 497 15.09 -74.89 24.59
C PHE B 497 16.41 -75.62 24.86
N GLN B 498 16.74 -76.58 23.99
CA GLN B 498 17.91 -77.41 24.19
C GLN B 498 19.19 -76.58 24.07
N PRO B 499 20.25 -76.95 24.79
CA PRO B 499 21.52 -76.24 24.63
C PRO B 499 22.10 -76.34 23.23
N THR B 500 21.90 -77.48 22.56
CA THR B 500 22.45 -77.71 21.22
C THR B 500 21.35 -77.78 20.17
N ASN B 501 20.22 -77.14 20.42
CA ASN B 501 19.12 -77.16 19.47
C ASN B 501 19.52 -76.47 18.17
N GLY B 502 18.80 -76.80 17.10
CA GLY B 502 19.02 -76.15 15.83
C GLY B 502 18.49 -74.74 15.81
N VAL B 503 18.98 -73.97 14.83
CA VAL B 503 18.63 -72.55 14.74
C VAL B 503 17.13 -72.38 14.59
N GLY B 504 16.49 -73.19 13.76
CA GLY B 504 15.06 -73.17 13.64
C GLY B 504 14.30 -73.49 14.91
N TYR B 505 15.01 -73.84 16.00
CA TYR B 505 14.36 -74.12 17.28
C TYR B 505 15.13 -73.57 18.47
N GLN B 506 16.23 -72.85 18.26
CA GLN B 506 16.98 -72.28 19.37
C GLN B 506 16.16 -71.22 20.08
N PRO B 507 16.46 -70.93 21.35
CA PRO B 507 15.84 -69.80 22.01
C PRO B 507 16.37 -68.49 21.45
N TYR B 508 15.59 -67.43 21.67
CA TYR B 508 15.92 -66.11 21.14
C TYR B 508 15.28 -65.08 22.06
N ARG B 509 16.10 -64.26 22.70
CA ARG B 509 15.57 -63.16 23.50
C ARG B 509 15.01 -62.09 22.57
N VAL B 510 14.02 -61.35 23.06
CA VAL B 510 13.43 -60.30 22.26
C VAL B 510 12.97 -59.17 23.17
N VAL B 511 13.17 -57.94 22.70
CA VAL B 511 12.71 -56.73 23.37
C VAL B 511 11.97 -55.88 22.35
N VAL B 512 10.80 -55.38 22.73
CA VAL B 512 10.00 -54.49 21.90
C VAL B 512 10.06 -53.11 22.52
N LEU B 513 10.48 -52.14 21.72
CA LEU B 513 10.47 -50.73 22.12
C LEU B 513 9.18 -50.12 21.59
N SER B 514 8.23 -49.89 22.51
CA SER B 514 6.91 -49.35 22.18
C SER B 514 6.88 -47.87 22.55
N PHE B 515 6.41 -47.06 21.62
CA PHE B 515 6.47 -45.61 21.74
C PHE B 515 5.14 -45.07 22.25
N GLU B 516 5.22 -44.09 23.16
CA GLU B 516 4.04 -43.42 23.67
C GLU B 516 4.21 -41.92 23.48
N LEU B 517 3.19 -41.27 22.91
CA LEU B 517 3.18 -39.82 22.71
C LEU B 517 1.78 -39.33 23.07
N LEU B 518 1.60 -38.97 24.34
CA LEU B 518 0.32 -38.54 24.87
C LEU B 518 0.16 -37.04 24.67
N HIS B 519 -0.86 -36.46 25.32
CA HIS B 519 -1.08 -35.02 25.31
C HIS B 519 -0.48 -34.44 26.58
N ALA B 520 0.83 -34.20 26.53
CA ALA B 520 1.60 -33.78 27.69
C ALA B 520 2.97 -33.32 27.20
N PRO B 521 3.76 -32.67 28.07
CA PRO B 521 5.15 -32.39 27.70
C PRO B 521 5.92 -33.67 27.44
N ALA B 522 6.80 -33.62 26.43
CA ALA B 522 7.60 -34.79 26.08
C ALA B 522 8.71 -34.98 27.10
N THR B 523 9.06 -36.25 27.33
CA THR B 523 10.02 -36.58 28.38
C THR B 523 11.24 -37.33 27.88
N VAL B 524 11.10 -38.28 26.97
CA VAL B 524 12.22 -39.05 26.44
C VAL B 524 12.65 -38.41 25.15
N CYS B 525 13.93 -38.03 25.06
CA CYS B 525 14.41 -37.25 23.94
C CYS B 525 15.75 -37.79 23.44
N GLY B 526 16.08 -37.45 22.21
CA GLY B 526 17.36 -37.79 21.64
C GLY B 526 18.42 -36.76 22.01
N PRO B 527 19.67 -37.20 22.10
CA PRO B 527 20.74 -36.26 22.47
C PRO B 527 21.00 -35.26 21.36
N LYS B 528 21.42 -34.06 21.77
CA LYS B 528 21.73 -32.97 20.86
C LYS B 528 23.21 -32.67 20.94
N LYS B 529 23.91 -32.77 19.81
CA LYS B 529 25.34 -32.56 19.76
C LYS B 529 25.66 -31.09 19.53
N SER B 530 26.73 -30.62 20.14
CA SER B 530 27.10 -29.22 20.12
C SER B 530 28.39 -29.01 19.33
N THR B 531 28.44 -27.92 18.56
CA THR B 531 29.63 -27.54 17.83
C THR B 531 30.61 -26.86 18.78
N ASN B 532 31.61 -26.18 18.24
CA ASN B 532 32.58 -25.49 19.06
C ASN B 532 32.33 -23.98 19.03
N LEU B 533 33.03 -23.26 19.89
CA LEU B 533 32.81 -21.84 20.10
C LEU B 533 33.85 -21.03 19.33
N VAL B 534 33.38 -20.00 18.61
CA VAL B 534 34.22 -19.12 17.83
C VAL B 534 33.92 -17.68 18.24
N LYS B 535 34.96 -16.87 18.40
CA LYS B 535 34.79 -15.50 18.83
C LYS B 535 35.47 -14.56 17.85
N ASN B 536 34.99 -13.32 17.81
CA ASN B 536 35.61 -12.24 17.04
C ASN B 536 35.57 -12.52 15.54
N LYS B 537 34.45 -13.05 15.06
CA LYS B 537 34.30 -13.29 13.63
C LYS B 537 32.82 -13.40 13.32
N CYS B 538 32.40 -12.74 12.24
CA CYS B 538 30.99 -12.70 11.91
C CYS B 538 30.51 -14.12 11.60
N VAL B 539 29.74 -14.69 12.52
CA VAL B 539 29.40 -16.11 12.48
C VAL B 539 27.90 -16.25 12.63
N ASN B 540 27.43 -17.47 12.47
CA ASN B 540 26.01 -17.81 12.47
C ASN B 540 25.74 -18.73 13.66
N PHE B 541 25.13 -18.18 14.71
CA PHE B 541 25.03 -18.85 16.00
C PHE B 541 23.62 -19.35 16.27
N ASN B 542 23.55 -20.33 17.18
CA ASN B 542 22.31 -20.94 17.62
C ASN B 542 22.52 -21.44 19.04
N PHE B 543 22.06 -20.68 20.02
CA PHE B 543 22.12 -21.05 21.42
C PHE B 543 20.73 -21.51 21.85
N ASN B 544 20.55 -22.82 21.98
CA ASN B 544 19.30 -23.41 22.43
C ASN B 544 18.10 -22.86 21.67
N GLY B 545 18.15 -23.02 20.35
CA GLY B 545 17.08 -22.54 19.49
C GLY B 545 17.07 -21.05 19.27
N LEU B 546 17.75 -20.27 20.11
CA LEU B 546 17.90 -18.85 19.87
C LEU B 546 18.93 -18.64 18.75
N THR B 547 18.46 -18.30 17.56
CA THR B 547 19.32 -18.27 16.39
C THR B 547 19.54 -16.85 15.92
N GLY B 548 20.71 -16.60 15.36
CA GLY B 548 20.99 -15.29 14.81
C GLY B 548 22.36 -15.28 14.17
N THR B 549 22.76 -14.10 13.70
CA THR B 549 24.07 -13.90 13.10
C THR B 549 24.72 -12.68 13.72
N GLY B 550 26.05 -12.70 13.81
CA GLY B 550 26.72 -11.53 14.33
C GLY B 550 28.10 -11.90 14.85
N VAL B 551 28.64 -11.00 15.69
CA VAL B 551 29.97 -11.15 16.23
C VAL B 551 29.83 -11.35 17.74
N LEU B 552 30.39 -12.44 18.23
CA LEU B 552 30.32 -12.81 19.64
C LEU B 552 31.60 -12.36 20.32
N THR B 553 31.47 -11.53 21.35
CA THR B 553 32.64 -11.12 22.11
C THR B 553 32.38 -11.36 23.59
N GLU B 554 33.42 -11.19 24.39
CA GLU B 554 33.28 -11.35 25.83
C GLU B 554 32.84 -10.05 26.46
N SER B 555 32.29 -10.15 27.67
CA SER B 555 31.65 -9.00 28.29
C SER B 555 31.91 -8.91 29.78
N ASN B 556 31.22 -7.98 30.44
CA ASN B 556 31.31 -7.82 31.87
C ASN B 556 29.96 -7.64 32.53
N LYS B 557 28.87 -7.66 31.76
CA LYS B 557 27.55 -7.69 32.36
C LYS B 557 27.40 -8.94 33.21
N LYS B 558 26.64 -8.84 34.29
CA LYS B 558 26.47 -9.94 35.23
C LYS B 558 24.99 -10.29 35.30
N PHE B 559 24.64 -11.46 34.79
CA PHE B 559 23.27 -11.92 34.82
C PHE B 559 22.88 -12.29 36.24
N LEU B 560 21.70 -12.72 36.38
CA LEU B 560 21.37 -13.38 37.62
C LEU B 560 21.42 -14.90 37.41
N PRO B 561 21.70 -15.65 38.46
CA PRO B 561 22.01 -17.08 38.29
C PRO B 561 20.96 -17.89 37.55
N PHE B 562 19.80 -17.31 37.23
CA PHE B 562 18.77 -18.04 36.54
C PHE B 562 18.44 -17.46 35.17
N GLN B 563 19.12 -16.40 34.75
CA GLN B 563 18.78 -15.72 33.52
C GLN B 563 19.61 -16.24 32.35
N GLN B 564 19.06 -16.14 31.15
CA GLN B 564 19.66 -16.73 29.97
C GLN B 564 20.19 -15.73 28.97
N PHE B 565 19.47 -14.64 28.70
CA PHE B 565 19.98 -13.67 27.75
C PHE B 565 19.44 -12.30 28.05
N GLY B 566 20.13 -11.29 27.52
CA GLY B 566 19.75 -9.91 27.73
C GLY B 566 18.89 -9.40 26.59
N ARG B 567 18.40 -8.17 26.77
CA ARG B 567 17.59 -7.53 25.76
C ARG B 567 17.74 -6.03 25.90
N ASP B 568 17.27 -5.32 24.89
CA ASP B 568 17.54 -3.90 24.75
C ASP B 568 16.25 -3.11 24.79
N ILE B 569 16.40 -1.78 24.81
CA ILE B 569 15.24 -0.90 24.92
C ILE B 569 14.28 -1.13 23.78
N ALA B 570 14.78 -1.55 22.63
CA ALA B 570 13.94 -1.89 21.50
C ALA B 570 13.52 -3.35 21.50
N ASP B 571 13.83 -4.07 22.57
CA ASP B 571 13.49 -5.49 22.69
C ASP B 571 14.17 -6.30 21.58
N THR B 572 15.49 -6.14 21.48
CA THR B 572 16.30 -6.91 20.56
C THR B 572 17.44 -7.55 21.33
N THR B 573 17.75 -8.80 20.99
CA THR B 573 18.74 -9.56 21.75
C THR B 573 20.12 -8.94 21.58
N ASP B 574 20.87 -8.83 22.67
CA ASP B 574 22.23 -8.32 22.57
C ASP B 574 23.24 -9.05 23.43
N ALA B 575 22.83 -9.99 24.27
CA ALA B 575 23.77 -10.75 25.08
C ALA B 575 23.22 -12.13 25.27
N VAL B 576 24.09 -13.07 25.64
CA VAL B 576 23.68 -14.45 25.80
C VAL B 576 24.66 -15.15 26.71
N ARG B 577 24.19 -16.18 27.41
CA ARG B 577 25.02 -16.97 28.30
C ARG B 577 25.24 -18.34 27.66
N ASP B 578 26.50 -18.75 27.56
CA ASP B 578 26.83 -20.00 26.91
C ASP B 578 26.37 -21.18 27.78
N PRO B 579 25.76 -22.19 27.17
CA PRO B 579 25.16 -23.26 27.98
C PRO B 579 26.16 -24.01 28.85
N GLN B 580 27.43 -24.06 28.46
CA GLN B 580 28.39 -24.93 29.12
C GLN B 580 29.41 -24.16 29.94
N THR B 581 30.14 -23.23 29.35
CA THR B 581 31.16 -22.53 30.13
C THR B 581 30.56 -21.55 31.12
N LEU B 582 29.31 -21.15 30.92
CA LEU B 582 28.63 -20.19 31.79
C LEU B 582 29.37 -18.85 31.81
N GLU B 583 29.50 -18.26 30.64
CA GLU B 583 30.05 -16.93 30.47
C GLU B 583 29.01 -16.04 29.81
N ILE B 584 29.32 -14.75 29.72
CA ILE B 584 28.41 -13.77 29.16
C ILE B 584 29.04 -13.23 27.89
N LEU B 585 28.35 -13.37 26.77
CA LEU B 585 28.83 -12.92 25.48
C LEU B 585 27.94 -11.82 24.96
N ASP B 586 28.56 -10.79 24.40
CA ASP B 586 27.87 -9.74 23.69
C ASP B 586 27.75 -10.07 22.22
N ILE B 587 26.66 -9.62 21.63
CA ILE B 587 26.37 -9.84 20.23
C ILE B 587 26.39 -8.50 19.53
N THR B 588 27.24 -8.36 18.55
CA THR B 588 27.22 -7.13 17.79
C THR B 588 26.88 -7.42 16.34
N PRO B 589 26.15 -6.52 15.68
CA PRO B 589 25.73 -6.81 14.31
C PRO B 589 26.90 -6.86 13.36
N CYS B 590 26.69 -7.55 12.25
CA CYS B 590 27.75 -7.73 11.27
C CYS B 590 27.84 -6.46 10.44
N SER B 591 29.06 -5.97 10.23
CA SER B 591 29.25 -4.62 9.68
C SER B 591 28.56 -4.46 8.34
N PHE B 592 27.95 -3.31 8.13
CA PHE B 592 27.33 -2.98 6.86
C PHE B 592 27.33 -1.47 6.70
N GLY B 593 27.15 -1.02 5.46
CA GLY B 593 27.16 0.40 5.20
C GLY B 593 26.91 0.68 3.74
N GLY B 594 27.11 1.95 3.38
CA GLY B 594 26.99 2.40 2.01
C GLY B 594 28.35 2.70 1.41
N VAL B 595 28.37 2.80 0.09
CA VAL B 595 29.58 3.08 -0.66
C VAL B 595 29.35 4.33 -1.49
N SER B 596 30.27 5.27 -1.41
CA SER B 596 30.13 6.52 -2.15
C SER B 596 31.39 6.78 -2.97
N VAL B 597 31.20 7.45 -4.10
CA VAL B 597 32.29 7.69 -5.04
C VAL B 597 32.51 9.19 -5.14
N ILE B 598 33.73 9.63 -4.83
CA ILE B 598 34.13 11.02 -4.99
C ILE B 598 34.81 11.18 -6.32
N THR B 599 34.36 12.14 -7.12
CA THR B 599 35.00 12.37 -8.41
C THR B 599 34.89 13.80 -8.85
N PRO B 600 35.92 14.34 -9.48
CA PRO B 600 35.73 15.52 -10.33
C PRO B 600 35.01 15.08 -11.59
N GLY B 601 34.60 16.05 -12.39
CA GLY B 601 33.88 15.73 -13.60
C GLY B 601 34.73 14.95 -14.58
N THR B 602 34.09 14.04 -15.32
CA THR B 602 34.81 13.36 -16.38
C THR B 602 35.39 14.33 -17.39
N ASN B 603 34.80 15.52 -17.50
CA ASN B 603 35.38 16.56 -18.33
C ASN B 603 36.78 16.92 -17.87
N THR B 604 37.13 16.62 -16.62
CA THR B 604 38.45 16.95 -16.08
C THR B 604 39.36 15.74 -15.97
N SER B 605 38.89 14.64 -15.41
CA SER B 605 39.76 13.48 -15.21
C SER B 605 38.91 12.22 -15.09
N ASN B 606 39.59 11.10 -14.85
CA ASN B 606 38.94 9.81 -14.67
C ASN B 606 39.38 9.10 -13.41
N GLN B 607 40.10 9.76 -12.51
CA GLN B 607 40.37 9.16 -11.23
C GLN B 607 39.17 9.33 -10.31
N VAL B 608 39.09 8.45 -9.31
CA VAL B 608 38.02 8.51 -8.33
C VAL B 608 38.59 8.13 -6.97
N ALA B 609 37.83 8.44 -5.92
CA ALA B 609 38.12 7.97 -4.59
C ALA B 609 36.86 7.34 -4.05
N VAL B 610 37.00 6.46 -3.06
CA VAL B 610 35.88 5.67 -2.58
C VAL B 610 35.77 5.81 -1.08
N LEU B 611 34.55 6.01 -0.59
CA LEU B 611 34.29 6.17 0.83
C LEU B 611 33.33 5.07 1.26
N TYR B 612 33.79 4.23 2.18
CA TYR B 612 32.96 3.20 2.80
C TYR B 612 32.44 3.76 4.11
N GLN B 613 31.12 3.85 4.26
CA GLN B 613 30.57 4.62 5.35
C GLN B 613 30.55 3.82 6.64
N ASP B 614 31.15 4.39 7.69
CA ASP B 614 31.05 3.87 9.04
C ASP B 614 31.57 2.44 9.14
N VAL B 615 32.80 2.23 8.71
CA VAL B 615 33.50 0.96 8.91
C VAL B 615 34.91 1.28 9.37
N ASN B 616 35.59 0.25 9.85
CA ASN B 616 36.98 0.35 10.26
C ASN B 616 37.85 -0.12 9.11
N CYS B 617 38.85 0.69 8.75
CA CYS B 617 39.57 0.47 7.50
C CYS B 617 40.18 -0.92 7.43
N THR B 618 40.65 -1.43 8.58
CA THR B 618 41.38 -2.69 8.60
C THR B 618 40.65 -3.79 7.86
N GLU B 619 39.32 -3.79 7.89
CA GLU B 619 38.53 -4.91 7.40
C GLU B 619 37.85 -4.61 6.08
N VAL B 620 38.28 -3.59 5.35
CA VAL B 620 37.60 -3.22 4.12
C VAL B 620 37.62 -4.32 3.06
N PRO B 621 38.76 -4.97 2.73
CA PRO B 621 38.82 -5.75 1.49
C PRO B 621 37.92 -6.96 1.54
N VAL B 622 38.10 -7.79 2.58
CA VAL B 622 37.33 -9.02 2.71
C VAL B 622 35.85 -8.73 2.81
N ALA B 623 35.50 -7.52 3.24
CA ALA B 623 34.10 -7.14 3.38
C ALA B 623 33.49 -6.66 2.08
N ILE B 624 34.30 -6.32 1.08
CA ILE B 624 33.78 -5.88 -0.22
C ILE B 624 33.95 -6.97 -1.29
N HIS B 625 34.31 -8.18 -0.88
CA HIS B 625 34.51 -9.29 -1.81
C HIS B 625 35.58 -8.95 -2.83
N ALA B 626 36.70 -8.43 -2.34
CA ALA B 626 37.74 -7.93 -3.23
C ALA B 626 38.32 -9.03 -4.11
N ASP B 627 38.33 -10.26 -3.63
CA ASP B 627 38.87 -11.36 -4.44
C ASP B 627 37.99 -11.64 -5.64
N GLN B 628 36.67 -11.70 -5.45
CA GLN B 628 35.74 -11.96 -6.55
C GLN B 628 35.31 -10.67 -7.23
N LEU B 629 36.29 -9.87 -7.64
CA LEU B 629 36.04 -8.64 -8.37
C LEU B 629 37.13 -8.48 -9.42
N THR B 630 36.82 -7.72 -10.45
CA THR B 630 37.82 -7.39 -11.46
C THR B 630 38.93 -6.54 -10.85
N PRO B 631 40.17 -6.73 -11.28
CA PRO B 631 41.31 -6.05 -10.61
C PRO B 631 41.17 -4.54 -10.57
N THR B 632 40.44 -3.95 -11.51
CA THR B 632 40.19 -2.51 -11.45
C THR B 632 39.46 -2.12 -10.18
N TRP B 633 38.64 -3.02 -9.62
CA TRP B 633 38.03 -2.76 -8.33
C TRP B 633 38.96 -3.10 -7.18
N ARG B 634 39.86 -4.07 -7.38
CA ARG B 634 40.85 -4.36 -6.35
C ARG B 634 41.78 -3.19 -6.11
N VAL B 635 42.05 -2.40 -7.15
CA VAL B 635 42.94 -1.25 -7.00
C VAL B 635 42.40 -0.29 -5.95
N TYR B 636 41.07 -0.16 -5.88
CA TYR B 636 40.45 0.65 -4.84
C TYR B 636 40.01 -0.16 -3.63
N SER B 637 40.15 -1.49 -3.67
CA SER B 637 39.88 -2.28 -2.48
C SER B 637 40.99 -2.10 -1.44
N THR B 638 42.24 -2.04 -1.87
CA THR B 638 43.36 -1.74 -1.01
C THR B 638 44.30 -0.81 -1.76
N GLY B 639 45.12 -0.06 -1.02
CA GLY B 639 46.02 0.85 -1.68
C GLY B 639 47.04 1.38 -0.70
N SER B 640 47.86 2.30 -1.19
CA SER B 640 48.83 2.98 -0.35
C SER B 640 48.28 4.25 0.26
N ASN B 641 47.04 4.61 -0.03
CA ASN B 641 46.41 5.82 0.49
C ASN B 641 45.10 5.41 1.16
N VAL B 642 45.19 5.01 2.41
CA VAL B 642 44.04 4.64 3.20
C VAL B 642 43.94 5.60 4.36
N PHE B 643 42.77 6.21 4.54
CA PHE B 643 42.59 7.28 5.50
C PHE B 643 41.35 6.95 6.33
N GLN B 644 41.47 7.04 7.64
CA GLN B 644 40.34 6.74 8.52
C GLN B 644 39.80 8.05 9.06
N THR B 645 38.57 8.38 8.68
CA THR B 645 37.92 9.61 9.08
C THR B 645 36.80 9.31 10.05
N ARG B 646 36.15 10.37 10.52
CA ARG B 646 34.99 10.20 11.37
C ARG B 646 33.79 9.69 10.60
N ALA B 647 33.76 9.88 9.29
CA ALA B 647 32.62 9.48 8.48
C ALA B 647 32.75 8.07 7.93
N GLY B 648 33.96 7.54 7.85
CA GLY B 648 34.14 6.21 7.28
C GLY B 648 35.59 5.99 6.90
N CYS B 649 35.80 5.11 5.93
CA CYS B 649 37.13 4.82 5.42
C CYS B 649 37.24 5.36 4.01
N LEU B 650 38.28 6.16 3.77
CA LEU B 650 38.48 6.83 2.49
C LEU B 650 39.70 6.23 1.80
N ILE B 651 39.52 5.79 0.57
CA ILE B 651 40.57 5.11 -0.18
C ILE B 651 40.76 5.83 -1.50
N GLY B 652 42.00 6.19 -1.80
CA GLY B 652 42.34 6.78 -3.07
C GLY B 652 42.65 8.26 -3.03
N ALA B 653 42.72 8.87 -1.87
CA ALA B 653 42.98 10.29 -1.76
C ALA B 653 44.08 10.54 -0.74
N GLU B 654 45.03 11.40 -1.10
CA GLU B 654 46.15 11.69 -0.22
C GLU B 654 45.74 12.75 0.79
N HIS B 655 46.07 12.50 2.05
CA HIS B 655 45.72 13.41 3.13
C HIS B 655 46.82 14.44 3.32
N VAL B 656 46.45 15.71 3.29
CA VAL B 656 47.43 16.79 3.39
C VAL B 656 47.25 17.51 4.71
N ASN B 657 48.08 18.52 4.94
CA ASN B 657 48.05 19.27 6.20
C ASN B 657 47.60 20.71 6.04
N ASN B 658 47.30 21.14 4.83
CA ASN B 658 46.87 22.51 4.59
C ASN B 658 45.39 22.64 4.93
N SER B 659 44.80 23.76 4.52
CA SER B 659 43.37 23.94 4.62
C SER B 659 42.93 24.86 3.49
N TYR B 660 41.80 24.56 2.88
CA TYR B 660 41.29 25.37 1.79
C TYR B 660 39.81 25.53 1.99
N GLU B 661 39.17 26.21 1.06
CA GLU B 661 37.72 26.30 1.06
C GLU B 661 37.14 24.98 0.58
N CYS B 662 36.00 24.60 1.15
CA CYS B 662 35.45 23.28 0.84
C CYS B 662 35.06 23.19 -0.62
N ASP B 663 35.39 22.07 -1.25
CA ASP B 663 35.05 21.80 -2.64
C ASP B 663 34.04 20.67 -2.77
N ILE B 664 34.35 19.51 -2.22
CA ILE B 664 33.41 18.39 -2.16
C ILE B 664 33.26 18.00 -0.70
N PRO B 665 32.04 18.02 -0.15
CA PRO B 665 31.87 17.75 1.28
C PRO B 665 31.91 16.26 1.57
N ILE B 666 32.87 15.85 2.39
CA ILE B 666 32.89 14.48 2.87
C ILE B 666 32.15 14.33 4.17
N GLY B 667 32.45 15.16 5.15
CA GLY B 667 31.70 15.17 6.38
C GLY B 667 32.58 15.34 7.60
N ALA B 668 31.95 15.71 8.71
CA ALA B 668 32.63 15.92 9.98
C ALA B 668 33.77 16.90 9.86
N GLY B 669 33.69 17.81 8.91
CA GLY B 669 34.72 18.81 8.74
C GLY B 669 35.73 18.50 7.66
N ILE B 670 35.61 17.38 6.97
CA ILE B 670 36.58 16.96 5.97
C ILE B 670 35.98 17.20 4.59
N CYS B 671 36.77 17.80 3.71
CA CYS B 671 36.42 17.98 2.31
C CYS B 671 37.52 17.36 1.45
N ALA B 672 37.28 17.32 0.14
CA ALA B 672 38.23 16.74 -0.80
C ALA B 672 38.14 17.47 -2.12
N SER B 673 39.23 17.46 -2.88
CA SER B 673 39.24 18.14 -4.17
C SER B 673 40.39 17.64 -5.03
N TYR B 674 40.35 18.04 -6.30
CA TYR B 674 41.32 17.62 -7.31
C TYR B 674 42.34 18.74 -7.51
N GLN B 675 43.61 18.42 -7.30
CA GLN B 675 44.61 19.47 -7.28
C GLN B 675 45.96 18.86 -7.57
N THR B 676 46.89 19.72 -8.01
CA THR B 676 48.25 19.30 -8.31
C THR B 676 49.00 18.83 -7.06
N GLN B 690 48.98 15.52 -10.98
CA GLN B 690 47.87 15.91 -10.13
C GLN B 690 47.20 14.70 -9.49
N SER B 691 46.42 14.93 -8.44
CA SER B 691 45.76 13.84 -7.75
C SER B 691 44.58 14.40 -6.96
N ILE B 692 44.05 13.59 -6.06
CA ILE B 692 42.89 13.93 -5.26
C ILE B 692 43.32 14.00 -3.81
N ILE B 693 43.01 15.11 -3.15
CA ILE B 693 43.47 15.37 -1.80
C ILE B 693 42.27 15.51 -0.89
N ALA B 694 42.47 15.23 0.39
CA ALA B 694 41.46 15.38 1.42
C ALA B 694 42.05 16.19 2.57
N TYR B 695 41.26 17.11 3.10
CA TYR B 695 41.78 18.05 4.09
C TYR B 695 40.65 18.50 5.00
N THR B 696 41.01 19.32 5.98
CA THR B 696 40.07 19.94 6.90
C THR B 696 39.75 21.35 6.41
N MET B 697 38.48 21.63 6.15
CA MET B 697 38.15 22.89 5.50
C MET B 697 38.49 24.06 6.41
N SER B 698 38.53 25.24 5.81
CA SER B 698 38.87 26.46 6.51
C SER B 698 37.72 27.45 6.36
N LEU B 699 37.38 28.12 7.46
CA LEU B 699 36.18 28.94 7.48
C LEU B 699 36.37 30.25 6.73
N GLY B 700 37.60 30.74 6.66
CA GLY B 700 37.83 31.94 5.91
C GLY B 700 39.10 32.63 6.37
N ALA B 701 39.41 33.72 5.67
CA ALA B 701 40.62 34.46 5.95
C ALA B 701 40.58 35.04 7.35
N GLU B 702 41.72 35.05 8.01
CA GLU B 702 41.84 35.68 9.31
C GLU B 702 41.86 37.19 9.13
N ASN B 703 41.41 37.90 10.17
CA ASN B 703 41.41 39.34 10.13
C ASN B 703 41.29 39.85 11.56
N SER B 704 41.67 41.10 11.75
CA SER B 704 41.67 41.69 13.08
C SER B 704 41.57 43.20 12.94
N VAL B 705 40.53 43.79 13.49
CA VAL B 705 40.31 45.21 13.33
C VAL B 705 41.14 45.96 14.35
N ALA B 706 41.65 47.13 13.97
CA ALA B 706 42.58 47.89 14.82
C ALA B 706 41.82 48.72 15.85
N TYR B 707 41.09 48.04 16.72
CA TYR B 707 40.28 48.74 17.70
C TYR B 707 41.14 49.49 18.70
N SER B 708 40.71 50.69 19.04
CA SER B 708 41.27 51.45 20.15
C SER B 708 40.22 52.47 20.54
N ASN B 709 40.40 53.08 21.70
CA ASN B 709 39.29 53.82 22.26
C ASN B 709 39.19 55.26 21.76
N ASN B 710 40.08 55.71 20.88
CA ASN B 710 39.85 56.98 20.21
C ASN B 710 40.30 56.95 18.76
N SER B 711 40.00 55.86 18.06
CA SER B 711 40.27 55.77 16.63
C SER B 711 38.97 55.51 15.90
N ILE B 712 38.82 56.12 14.72
CA ILE B 712 37.68 55.86 13.86
C ILE B 712 38.19 55.74 12.44
N ALA B 713 37.42 55.05 11.61
CA ALA B 713 37.76 54.90 10.20
C ALA B 713 36.59 55.39 9.37
N ILE B 714 36.88 56.11 8.31
CA ILE B 714 35.82 56.72 7.53
C ILE B 714 36.08 56.48 6.05
N PRO B 715 35.07 56.14 5.25
CA PRO B 715 35.29 55.93 3.82
C PRO B 715 35.54 57.23 3.10
N THR B 716 36.21 57.13 1.96
CA THR B 716 36.43 58.28 1.11
C THR B 716 36.02 58.04 -0.33
N ASN B 717 35.42 56.90 -0.65
CA ASN B 717 34.98 56.64 -2.01
C ASN B 717 33.92 55.55 -1.94
N PHE B 718 33.33 55.22 -3.08
CA PHE B 718 32.25 54.25 -3.06
C PHE B 718 32.23 53.48 -4.37
N THR B 719 31.43 52.42 -4.39
CA THR B 719 31.16 51.67 -5.60
C THR B 719 29.68 51.34 -5.66
N ILE B 720 29.18 51.21 -6.87
CA ILE B 720 27.80 50.81 -7.11
C ILE B 720 27.82 49.37 -7.54
N SER B 721 27.04 48.53 -6.87
CA SER B 721 27.04 47.11 -7.16
C SER B 721 25.67 46.68 -7.61
N VAL B 722 25.63 45.70 -8.50
CA VAL B 722 24.39 45.12 -8.99
C VAL B 722 24.48 43.61 -8.83
N THR B 723 23.59 43.05 -8.04
CA THR B 723 23.59 41.61 -7.81
C THR B 723 22.29 41.01 -8.32
N THR B 724 22.24 39.69 -8.38
CA THR B 724 21.14 38.97 -8.97
C THR B 724 20.49 38.07 -7.94
N GLU B 725 19.20 37.82 -8.08
CA GLU B 725 18.52 36.89 -7.20
C GLU B 725 17.39 36.21 -7.96
N ILE B 726 17.28 34.89 -7.82
CA ILE B 726 16.41 34.08 -8.65
C ILE B 726 15.43 33.34 -7.76
N LEU B 727 14.15 33.35 -8.13
CA LEU B 727 13.16 32.68 -7.30
C LEU B 727 12.14 31.93 -8.15
N PRO B 728 11.79 30.71 -7.76
CA PRO B 728 10.71 29.99 -8.43
C PRO B 728 9.36 30.49 -7.98
N VAL B 729 8.40 30.50 -8.88
CA VAL B 729 7.09 31.07 -8.63
C VAL B 729 5.98 30.07 -8.83
N SER B 730 6.03 29.30 -9.91
CA SER B 730 4.92 28.41 -10.23
C SER B 730 5.45 27.05 -10.66
N MET B 731 4.52 26.16 -10.98
CA MET B 731 4.80 24.77 -11.25
C MET B 731 3.85 24.29 -12.33
N THR B 732 4.18 23.19 -12.99
CA THR B 732 3.36 22.72 -14.09
C THR B 732 2.04 22.13 -13.58
N LYS B 733 0.96 22.40 -14.29
CA LYS B 733 -0.38 21.97 -13.91
C LYS B 733 -0.69 20.66 -14.62
N THR B 734 -0.51 19.54 -13.92
CA THR B 734 -0.85 18.25 -14.48
C THR B 734 -2.18 17.78 -13.93
N SER B 735 -2.77 16.82 -14.62
CA SER B 735 -4.04 16.24 -14.20
C SER B 735 -4.07 14.79 -14.66
N VAL B 736 -4.59 13.93 -13.78
CA VAL B 736 -4.58 12.49 -14.02
C VAL B 736 -5.97 11.95 -13.75
N ASP B 737 -6.43 11.09 -14.63
CA ASP B 737 -7.73 10.43 -14.48
C ASP B 737 -7.52 9.04 -13.90
N CYS B 738 -8.03 8.82 -12.68
CA CYS B 738 -7.75 7.57 -11.98
C CYS B 738 -8.25 6.38 -12.78
N THR B 739 -9.47 6.46 -13.28
CA THR B 739 -10.09 5.28 -13.89
C THR B 739 -9.32 4.82 -15.09
N MET B 740 -8.91 5.74 -15.96
CA MET B 740 -8.16 5.33 -17.14
C MET B 740 -6.77 4.86 -16.76
N TYR B 741 -6.17 5.45 -15.73
CA TYR B 741 -4.84 5.01 -15.32
C TYR B 741 -4.87 3.59 -14.78
N ILE B 742 -5.78 3.32 -13.86
CA ILE B 742 -5.79 2.03 -13.18
C ILE B 742 -6.30 0.94 -14.11
N CYS B 743 -7.51 1.11 -14.62
CA CYS B 743 -8.14 0.09 -15.43
C CYS B 743 -7.75 0.20 -16.90
N GLY B 744 -8.05 1.34 -17.52
CA GLY B 744 -7.80 1.46 -18.94
C GLY B 744 -9.05 1.15 -19.73
N ASP B 745 -8.90 0.41 -20.83
CA ASP B 745 -10.04 0.07 -21.66
C ASP B 745 -10.94 -0.98 -21.02
N SER B 746 -10.41 -1.81 -20.13
CA SER B 746 -11.18 -2.93 -19.59
C SER B 746 -12.40 -2.42 -18.83
N THR B 747 -13.44 -3.25 -18.78
CA THR B 747 -14.65 -2.90 -18.07
C THR B 747 -14.94 -3.80 -16.88
N GLU B 748 -14.37 -5.01 -16.83
CA GLU B 748 -14.42 -5.78 -15.60
C GLU B 748 -13.67 -5.05 -14.50
N CYS B 749 -12.50 -4.48 -14.83
CA CYS B 749 -11.72 -3.75 -13.87
C CYS B 749 -12.50 -2.58 -13.30
N SER B 750 -13.28 -1.89 -14.15
CA SER B 750 -14.07 -0.76 -13.65
C SER B 750 -15.07 -1.22 -12.61
N ASN B 751 -15.76 -2.32 -12.87
CA ASN B 751 -16.73 -2.81 -11.91
C ASN B 751 -16.05 -3.20 -10.60
N LEU B 752 -14.90 -3.86 -10.69
CA LEU B 752 -14.20 -4.21 -9.45
C LEU B 752 -13.77 -2.96 -8.69
N LEU B 753 -13.28 -1.95 -9.41
CA LEU B 753 -12.87 -0.71 -8.78
C LEU B 753 -14.03 0.02 -8.14
N LEU B 754 -15.24 -0.22 -8.61
CA LEU B 754 -16.39 0.48 -8.04
C LEU B 754 -16.56 0.21 -6.55
N GLN B 755 -15.98 -0.86 -6.03
CA GLN B 755 -16.21 -1.24 -4.64
C GLN B 755 -15.29 -0.54 -3.66
N TYR B 756 -14.46 0.40 -4.12
CA TYR B 756 -13.56 1.10 -3.22
C TYR B 756 -14.10 2.45 -2.79
N GLY B 757 -15.33 2.78 -3.15
CA GLY B 757 -15.89 4.04 -2.73
C GLY B 757 -15.30 5.21 -3.48
N SER B 758 -15.21 6.34 -2.78
CA SER B 758 -14.80 7.59 -3.41
C SER B 758 -13.32 7.86 -3.14
N PHE B 759 -12.48 7.03 -3.74
CA PHE B 759 -11.07 7.37 -3.77
C PHE B 759 -10.71 8.24 -4.95
N CYS B 760 -11.25 7.96 -6.13
CA CYS B 760 -10.92 8.77 -7.30
C CYS B 760 -11.30 10.22 -7.12
N THR B 761 -12.49 10.48 -6.59
CA THR B 761 -12.92 11.86 -6.42
C THR B 761 -11.93 12.63 -5.57
N GLN B 762 -11.39 11.98 -4.53
CA GLN B 762 -10.43 12.64 -3.66
C GLN B 762 -9.19 13.06 -4.44
N LEU B 763 -8.62 12.14 -5.21
CA LEU B 763 -7.39 12.45 -5.91
C LEU B 763 -7.60 13.54 -6.94
N ASN B 764 -8.70 13.45 -7.69
CA ASN B 764 -8.97 14.48 -8.68
C ASN B 764 -9.15 15.84 -8.02
N ARG B 765 -9.84 15.88 -6.89
CA ARG B 765 -10.05 17.14 -6.21
C ARG B 765 -8.73 17.73 -5.72
N ALA B 766 -7.84 16.88 -5.20
CA ALA B 766 -6.55 17.38 -4.73
C ALA B 766 -5.74 17.97 -5.87
N LEU B 767 -5.62 17.23 -6.97
CA LEU B 767 -4.83 17.74 -8.08
C LEU B 767 -5.44 19.02 -8.66
N THR B 768 -6.76 19.10 -8.71
CA THR B 768 -7.38 20.33 -9.17
C THR B 768 -7.06 21.50 -8.25
N GLY B 769 -7.09 21.28 -6.94
CA GLY B 769 -6.72 22.36 -6.03
C GLY B 769 -5.32 22.87 -6.28
N ILE B 770 -4.38 21.95 -6.48
CA ILE B 770 -3.00 22.36 -6.76
C ILE B 770 -2.96 23.19 -8.04
N ALA B 771 -3.62 22.72 -9.08
CA ALA B 771 -3.55 23.41 -10.37
C ALA B 771 -4.13 24.80 -10.26
N VAL B 772 -5.23 24.96 -9.52
CA VAL B 772 -5.80 26.30 -9.35
C VAL B 772 -4.82 27.20 -8.61
N GLU B 773 -4.18 26.70 -7.56
CA GLU B 773 -3.27 27.55 -6.80
C GLU B 773 -2.11 28.04 -7.64
N GLN B 774 -1.65 27.22 -8.59
CA GLN B 774 -0.52 27.64 -9.41
C GLN B 774 -0.81 28.89 -10.21
N ASP B 775 -2.07 29.24 -10.40
CA ASP B 775 -2.41 30.45 -11.12
C ASP B 775 -2.55 31.65 -10.19
N LYS B 776 -2.85 31.42 -8.92
CA LYS B 776 -2.89 32.53 -7.99
C LYS B 776 -1.49 32.99 -7.64
N ASN B 777 -0.53 32.06 -7.64
CA ASN B 777 0.86 32.46 -7.35
C ASN B 777 1.33 33.57 -8.27
N THR B 778 1.12 33.39 -9.57
CA THR B 778 1.62 34.36 -10.53
C THR B 778 0.95 35.71 -10.38
N GLN B 779 -0.34 35.72 -10.08
CA GLN B 779 -1.01 37.00 -9.91
C GLN B 779 -0.55 37.70 -8.64
N GLU B 780 -0.26 36.95 -7.58
CA GLU B 780 0.31 37.61 -6.42
C GLU B 780 1.62 38.27 -6.76
N VAL B 781 2.47 37.57 -7.52
CA VAL B 781 3.81 38.12 -7.76
C VAL B 781 3.76 39.30 -8.72
N PHE B 782 3.06 39.18 -9.84
CA PHE B 782 3.24 40.14 -10.91
C PHE B 782 2.17 41.21 -10.98
N ALA B 783 0.90 40.85 -10.81
CA ALA B 783 -0.19 41.79 -11.04
C ALA B 783 -0.30 42.73 -9.85
N GLN B 784 0.54 43.75 -9.85
CA GLN B 784 0.58 44.72 -8.76
C GLN B 784 0.48 46.16 -9.24
N VAL B 785 0.08 46.39 -10.47
CA VAL B 785 -0.12 47.73 -10.99
C VAL B 785 -1.51 47.82 -11.58
N LYS B 786 -2.22 48.89 -11.26
CA LYS B 786 -3.52 49.10 -11.88
C LYS B 786 -3.38 49.54 -13.32
N GLN B 787 -2.47 50.46 -13.59
CA GLN B 787 -2.26 51.02 -14.91
C GLN B 787 -1.27 50.18 -15.69
N ILE B 788 -0.92 50.65 -16.89
CA ILE B 788 0.22 50.14 -17.64
C ILE B 788 0.98 51.34 -18.17
N TYR B 789 2.14 51.59 -17.60
CA TYR B 789 2.92 52.76 -17.96
C TYR B 789 3.84 52.43 -19.11
N LYS B 790 4.15 53.44 -19.90
CA LYS B 790 5.03 53.29 -21.04
C LYS B 790 6.13 54.33 -20.96
N THR B 791 7.35 53.91 -21.28
CA THR B 791 8.49 54.79 -21.20
C THR B 791 8.49 55.74 -22.39
N PRO B 792 9.02 56.95 -22.22
CA PRO B 792 9.00 57.93 -23.30
C PRO B 792 9.88 57.49 -24.45
N PRO B 793 9.68 58.05 -25.63
CA PRO B 793 10.48 57.63 -26.79
C PRO B 793 11.86 58.26 -26.81
N ILE B 794 12.00 59.46 -26.25
CA ILE B 794 13.29 60.11 -26.15
C ILE B 794 13.90 59.74 -24.81
N LYS B 795 14.98 58.97 -24.84
CA LYS B 795 15.51 58.34 -23.65
C LYS B 795 16.78 59.08 -23.24
N ASP B 796 16.59 60.12 -22.42
CA ASP B 796 17.69 60.93 -21.89
C ASP B 796 17.52 60.97 -20.38
N PHE B 797 18.21 60.09 -19.68
CA PHE B 797 18.10 59.97 -18.23
C PHE B 797 19.34 60.49 -17.52
N GLY B 798 20.01 61.47 -18.11
CA GLY B 798 21.16 62.05 -17.44
C GLY B 798 22.39 61.20 -17.43
N GLY B 799 22.51 60.25 -18.35
CA GLY B 799 23.68 59.43 -18.46
C GLY B 799 23.45 57.98 -18.18
N PHE B 800 22.44 57.66 -17.38
CA PHE B 800 22.13 56.27 -17.11
C PHE B 800 21.55 55.62 -18.35
N ASN B 801 21.85 54.35 -18.54
CA ASN B 801 21.54 53.64 -19.78
C ASN B 801 20.86 52.34 -19.42
N PHE B 802 19.56 52.26 -19.66
CA PHE B 802 18.76 51.10 -19.27
C PHE B 802 18.50 50.15 -20.41
N SER B 803 19.23 50.29 -21.52
CA SER B 803 18.87 49.55 -22.73
C SER B 803 18.93 48.05 -22.54
N GLN B 804 19.62 47.58 -21.53
CA GLN B 804 19.78 46.14 -21.36
C GLN B 804 18.64 45.48 -20.60
N ILE B 805 17.70 46.26 -20.05
CA ILE B 805 16.62 45.67 -19.27
C ILE B 805 15.25 46.00 -19.82
N LEU B 806 15.13 46.96 -20.69
CA LEU B 806 13.77 47.25 -21.12
C LEU B 806 13.56 46.86 -22.57
N PRO B 807 12.33 46.56 -22.98
CA PRO B 807 12.14 45.77 -24.20
C PRO B 807 12.63 46.50 -25.44
N ASP B 808 13.09 45.71 -26.40
CA ASP B 808 13.42 46.24 -27.72
C ASP B 808 12.42 45.72 -28.73
N PRO B 809 11.87 46.58 -29.59
CA PRO B 809 10.86 46.14 -30.54
C PRO B 809 11.42 45.36 -31.72
N SER B 810 12.73 45.40 -31.94
CA SER B 810 13.31 44.71 -33.09
C SER B 810 13.04 43.21 -33.02
N LYS B 811 13.25 42.61 -31.86
CA LYS B 811 12.97 41.20 -31.70
C LYS B 811 11.46 40.96 -31.85
N PRO B 812 11.06 39.78 -32.32
CA PRO B 812 9.62 39.47 -32.41
C PRO B 812 8.94 39.56 -31.07
N SER B 813 9.43 38.77 -30.12
CA SER B 813 8.96 38.87 -28.75
C SER B 813 9.51 40.16 -28.15
N LYS B 814 8.62 40.98 -27.61
CA LYS B 814 9.07 42.24 -27.04
C LYS B 814 9.74 41.98 -25.69
N ARG B 815 10.88 41.29 -25.71
CA ARG B 815 11.61 40.94 -24.51
C ARG B 815 12.96 41.62 -24.49
N SER B 816 13.42 41.97 -23.30
CA SER B 816 14.71 42.59 -23.14
C SER B 816 15.82 41.58 -23.39
N PRO B 817 17.03 42.05 -23.63
CA PRO B 817 18.14 41.11 -23.84
C PRO B 817 18.34 40.11 -22.70
N ILE B 818 18.28 40.59 -21.46
CA ILE B 818 18.46 39.67 -20.33
C ILE B 818 17.39 38.60 -20.35
N GLU B 819 16.17 38.97 -20.68
CA GLU B 819 15.10 37.99 -20.69
C GLU B 819 15.31 36.95 -21.79
N ASP B 820 15.87 37.34 -22.93
CA ASP B 820 16.20 36.36 -23.95
C ASP B 820 17.26 35.39 -23.45
N LEU B 821 18.30 35.92 -22.80
CA LEU B 821 19.27 35.03 -22.17
C LEU B 821 18.57 34.01 -21.28
N LEU B 822 17.67 34.50 -20.43
CA LEU B 822 17.05 33.63 -19.44
C LEU B 822 16.17 32.58 -20.10
N PHE B 823 15.47 32.93 -21.17
CA PHE B 823 14.63 31.93 -21.82
C PHE B 823 15.46 30.89 -22.55
N ASN B 824 16.52 31.30 -23.23
CA ASN B 824 17.33 30.31 -23.92
C ASN B 824 18.02 29.37 -22.95
N LYS B 825 18.48 29.89 -21.81
CA LYS B 825 19.28 29.08 -20.90
C LYS B 825 18.49 27.92 -20.33
N VAL B 826 17.24 28.14 -19.93
CA VAL B 826 16.43 27.11 -19.29
C VAL B 826 15.75 26.29 -20.37
N THR B 827 16.27 25.11 -20.64
CA THR B 827 15.66 24.19 -21.59
C THR B 827 15.72 22.77 -21.07
N ASN B 856 -2.05 7.78 -21.12
CA ASN B 856 -2.55 7.01 -19.99
C ASN B 856 -3.41 7.84 -19.05
N GLY B 857 -4.14 8.79 -19.60
CA GLY B 857 -4.91 9.68 -18.77
C GLY B 857 -4.12 10.81 -18.16
N LEU B 858 -2.98 11.16 -18.74
CA LEU B 858 -2.16 12.26 -18.25
C LEU B 858 -2.40 13.47 -19.13
N THR B 859 -2.66 14.61 -18.51
CA THR B 859 -2.88 15.83 -19.26
C THR B 859 -2.15 16.98 -18.59
N VAL B 860 -1.85 18.00 -19.37
CA VAL B 860 -1.19 19.19 -18.90
C VAL B 860 -2.04 20.37 -19.29
N LEU B 861 -2.58 21.06 -18.30
CA LEU B 861 -3.37 22.23 -18.60
C LEU B 861 -2.45 23.42 -18.87
N PRO B 862 -2.91 24.40 -19.64
CA PRO B 862 -2.08 25.55 -19.93
C PRO B 862 -2.26 26.63 -18.89
N PRO B 863 -1.26 27.48 -18.69
CA PRO B 863 -1.38 28.55 -17.70
C PRO B 863 -2.37 29.60 -18.15
N LEU B 864 -2.88 30.35 -17.18
CA LEU B 864 -3.87 31.37 -17.51
C LEU B 864 -3.22 32.59 -18.15
N LEU B 865 -2.01 32.95 -17.72
CA LEU B 865 -1.30 34.10 -18.24
C LEU B 865 -0.20 33.63 -19.19
N THR B 866 -0.28 34.03 -20.45
CA THR B 866 0.76 33.69 -21.39
C THR B 866 2.02 34.50 -21.09
N ASP B 867 3.14 34.08 -21.68
CA ASP B 867 4.40 34.75 -21.42
C ASP B 867 4.39 36.19 -21.85
N GLU B 868 3.66 36.52 -22.90
CA GLU B 868 3.63 37.90 -23.35
C GLU B 868 2.99 38.81 -22.32
N MET B 869 1.96 38.33 -21.63
CA MET B 869 1.34 39.19 -20.64
C MET B 869 2.23 39.35 -19.42
N ILE B 870 2.98 38.32 -19.06
CA ILE B 870 3.93 38.46 -17.96
C ILE B 870 5.01 39.46 -18.32
N ALA B 871 5.48 39.42 -19.57
CA ALA B 871 6.42 40.44 -20.01
C ALA B 871 5.81 41.82 -19.99
N GLN B 872 4.52 41.96 -20.30
CA GLN B 872 3.90 43.27 -20.23
C GLN B 872 3.84 43.79 -18.81
N TYR B 873 3.47 42.95 -17.85
CA TYR B 873 3.55 43.35 -16.45
C TYR B 873 4.94 43.80 -16.07
N THR B 874 5.95 43.02 -16.42
CA THR B 874 7.30 43.41 -16.06
C THR B 874 7.68 44.76 -16.66
N SER B 875 7.33 44.96 -17.92
CA SER B 875 7.65 46.23 -18.56
C SER B 875 6.93 47.39 -17.88
N ALA B 876 5.67 47.19 -17.50
CA ALA B 876 4.93 48.27 -16.86
C ALA B 876 5.56 48.66 -15.53
N LEU B 877 5.91 47.66 -14.72
CA LEU B 877 6.55 47.96 -13.44
C LEU B 877 7.85 48.71 -13.65
N LEU B 878 8.64 48.26 -14.61
CA LEU B 878 9.96 48.82 -14.80
C LEU B 878 9.89 50.25 -15.32
N ALA B 879 9.01 50.51 -16.28
CA ALA B 879 8.84 51.87 -16.76
C ALA B 879 8.30 52.79 -15.69
N GLY B 880 7.37 52.29 -14.88
CA GLY B 880 6.84 53.10 -13.80
C GLY B 880 7.92 53.52 -12.82
N THR B 881 8.77 52.57 -12.43
CA THR B 881 9.80 52.94 -11.46
C THR B 881 10.88 53.82 -12.07
N ILE B 882 11.12 53.72 -13.37
CA ILE B 882 12.09 54.63 -13.97
C ILE B 882 11.55 56.04 -14.01
N THR B 883 10.29 56.21 -14.42
CA THR B 883 9.81 57.56 -14.67
C THR B 883 9.18 58.23 -13.45
N SER B 884 8.83 57.50 -12.39
CA SER B 884 8.12 58.17 -11.31
C SER B 884 8.54 57.75 -9.92
N GLY B 885 9.71 57.15 -9.75
CA GLY B 885 10.19 56.88 -8.41
C GLY B 885 9.35 55.83 -7.70
N TRP B 886 9.15 56.02 -6.41
CA TRP B 886 8.26 55.15 -5.66
C TRP B 886 6.85 55.68 -5.56
N THR B 887 6.55 56.81 -6.18
CA THR B 887 5.25 57.41 -6.00
C THR B 887 4.15 56.57 -6.60
N PHE B 888 4.44 55.86 -7.69
CA PHE B 888 3.37 55.14 -8.37
C PHE B 888 2.90 53.93 -7.59
N GLY B 889 3.61 53.54 -6.54
CA GLY B 889 3.17 52.42 -5.75
C GLY B 889 2.28 52.78 -4.59
N ALA B 890 1.92 54.05 -4.46
CA ALA B 890 1.12 54.47 -3.31
C ALA B 890 0.00 55.43 -3.70
N GLY B 891 -0.21 55.64 -4.98
CA GLY B 891 -1.20 56.60 -5.42
C GLY B 891 -1.02 56.91 -6.90
N PRO B 892 -1.38 58.11 -7.31
CA PRO B 892 -1.12 58.50 -8.68
C PRO B 892 0.37 58.65 -8.93
N ALA B 893 0.78 58.40 -10.16
CA ALA B 893 2.19 58.47 -10.50
C ALA B 893 2.59 59.91 -10.79
N LEU B 894 3.62 60.37 -10.11
CA LEU B 894 4.11 61.73 -10.27
C LEU B 894 5.51 61.69 -10.85
N GLN B 895 5.72 62.36 -11.97
CA GLN B 895 7.00 62.28 -12.65
C GLN B 895 8.05 63.08 -11.89
N ILE B 896 9.31 62.79 -12.20
CA ILE B 896 10.45 63.44 -11.55
C ILE B 896 11.72 63.11 -12.34
N PRO B 897 12.60 64.07 -12.57
CA PRO B 897 13.83 63.77 -13.31
C PRO B 897 14.65 62.72 -12.61
N PHE B 898 15.26 61.83 -13.38
CA PHE B 898 15.90 60.67 -12.77
C PHE B 898 17.04 61.03 -11.83
N PRO B 899 17.97 61.93 -12.16
CA PRO B 899 19.01 62.25 -11.18
C PRO B 899 18.48 62.72 -9.85
N MET B 900 17.39 63.48 -9.84
CA MET B 900 16.84 63.90 -8.55
C MET B 900 16.29 62.71 -7.79
N GLN B 901 15.72 61.74 -8.48
CA GLN B 901 15.27 60.55 -7.79
C GLN B 901 16.43 59.82 -7.16
N MET B 902 17.54 59.70 -7.88
CA MET B 902 18.68 59.02 -7.29
C MET B 902 19.24 59.80 -6.11
N ALA B 903 19.14 61.13 -6.14
CA ALA B 903 19.59 61.91 -4.98
C ALA B 903 18.72 61.69 -3.77
N TYR B 904 17.40 61.63 -3.96
CA TYR B 904 16.53 61.21 -2.88
C TYR B 904 16.96 59.87 -2.32
N ARG B 905 17.29 58.94 -3.19
CA ARG B 905 17.68 57.62 -2.70
C ARG B 905 19.02 57.64 -1.98
N PHE B 906 19.90 58.59 -2.30
CA PHE B 906 21.08 58.74 -1.46
C PHE B 906 20.71 59.27 -0.09
N ASN B 907 19.86 60.29 -0.02
CA ASN B 907 19.40 60.73 1.29
C ASN B 907 18.84 59.59 2.11
N GLY B 908 18.19 58.65 1.45
CA GLY B 908 17.59 57.55 2.17
C GLY B 908 18.56 56.72 2.98
N ILE B 909 19.85 56.76 2.64
CA ILE B 909 20.84 55.94 3.33
C ILE B 909 21.82 56.78 4.12
N GLY B 910 21.56 58.07 4.28
CA GLY B 910 22.38 58.89 5.13
C GLY B 910 23.57 59.54 4.46
N VAL B 911 23.47 59.89 3.20
CA VAL B 911 24.51 60.61 2.48
C VAL B 911 23.87 61.83 1.85
N THR B 912 24.44 63.00 2.12
CA THR B 912 23.82 64.22 1.62
C THR B 912 23.81 64.23 0.11
N GLN B 913 22.84 64.95 -0.45
CA GLN B 913 22.61 64.84 -1.88
C GLN B 913 23.68 65.49 -2.73
N ASN B 914 24.42 66.46 -2.19
CA ASN B 914 25.46 67.07 -3.00
C ASN B 914 26.57 66.10 -3.31
N VAL B 915 26.62 64.95 -2.63
CA VAL B 915 27.58 63.93 -2.98
C VAL B 915 27.26 63.35 -4.34
N LEU B 916 26.00 63.35 -4.75
CA LEU B 916 25.65 62.80 -6.05
C LEU B 916 25.87 63.80 -7.16
N TYR B 917 25.27 64.98 -7.04
CA TYR B 917 25.32 65.94 -8.14
C TYR B 917 26.74 66.26 -8.55
N GLU B 918 27.69 66.19 -7.63
CA GLU B 918 29.07 66.46 -7.97
C GLU B 918 29.79 65.24 -8.52
N ASN B 919 29.18 64.07 -8.47
CA ASN B 919 29.80 62.86 -8.99
C ASN B 919 28.89 62.14 -9.95
N GLN B 920 28.08 62.88 -10.70
CA GLN B 920 27.05 62.26 -11.51
C GLN B 920 27.64 61.36 -12.58
N LYS B 921 28.67 61.83 -13.28
CA LYS B 921 29.21 61.05 -14.38
C LYS B 921 29.84 59.76 -13.91
N LEU B 922 30.62 59.82 -12.82
CA LEU B 922 31.26 58.62 -12.32
C LEU B 922 30.23 57.59 -11.92
N ILE B 923 29.18 58.02 -11.24
CA ILE B 923 28.14 57.09 -10.80
C ILE B 923 27.44 56.47 -11.99
N ALA B 924 27.12 57.28 -13.00
CA ALA B 924 26.48 56.73 -14.18
C ALA B 924 27.34 55.68 -14.85
N ASN B 925 28.64 55.93 -14.94
CA ASN B 925 29.52 54.96 -15.58
C ASN B 925 29.59 53.67 -14.79
N GLN B 926 29.70 53.77 -13.46
CA GLN B 926 29.73 52.56 -12.65
C GLN B 926 28.45 51.76 -12.82
N PHE B 927 27.31 52.44 -12.84
CA PHE B 927 26.04 51.75 -13.02
C PHE B 927 26.00 51.03 -14.36
N ASN B 928 26.40 51.71 -15.43
CA ASN B 928 26.35 51.09 -16.75
C ASN B 928 27.24 49.86 -16.81
N SER B 929 28.46 49.96 -16.29
CA SER B 929 29.34 48.81 -16.33
C SER B 929 28.80 47.65 -15.50
N ALA B 930 28.24 47.95 -14.34
CA ALA B 930 27.70 46.89 -13.50
C ALA B 930 26.56 46.18 -14.18
N ILE B 931 25.68 46.91 -14.86
CA ILE B 931 24.64 46.24 -15.63
C ILE B 931 25.24 45.40 -16.74
N GLY B 932 26.24 45.93 -17.42
CA GLY B 932 26.84 45.19 -18.52
C GLY B 932 27.38 43.84 -18.10
N LYS B 933 28.03 43.78 -16.94
CA LYS B 933 28.65 42.52 -16.56
C LYS B 933 27.65 41.43 -16.19
N ILE B 934 26.39 41.78 -15.97
CA ILE B 934 25.41 40.76 -15.57
C ILE B 934 25.19 39.77 -16.69
N GLN B 935 25.14 40.24 -17.93
CA GLN B 935 24.91 39.34 -19.04
C GLN B 935 26.01 38.30 -19.13
N ASP B 936 27.26 38.71 -18.94
CA ASP B 936 28.35 37.75 -18.93
C ASP B 936 28.23 36.79 -17.75
N SER B 937 28.02 37.33 -16.55
CA SER B 937 27.94 36.47 -15.38
C SER B 937 26.81 35.47 -15.47
N LEU B 938 25.83 35.71 -16.33
CA LEU B 938 24.78 34.72 -16.54
C LEU B 938 25.12 33.76 -17.68
N SER B 939 25.46 34.29 -18.86
CA SER B 939 25.70 33.43 -20.01
C SER B 939 26.88 32.50 -19.78
N SER B 940 27.98 33.05 -19.30
CA SER B 940 29.19 32.25 -19.11
C SER B 940 28.95 31.13 -18.12
N THR B 941 28.69 31.47 -16.86
CA THR B 941 28.47 30.45 -15.85
C THR B 941 27.25 29.62 -16.25
N PRO B 942 27.35 28.28 -16.20
CA PRO B 942 26.23 27.45 -16.67
C PRO B 942 25.20 27.13 -15.59
N SER B 943 25.63 27.10 -14.33
CA SER B 943 24.78 26.67 -13.21
C SER B 943 24.18 27.85 -12.47
N ALA B 944 23.93 28.96 -13.17
CA ALA B 944 23.31 30.10 -12.53
C ALA B 944 21.85 29.82 -12.19
N LEU B 945 21.14 29.18 -13.10
CA LEU B 945 19.70 29.02 -13.01
C LEU B 945 19.29 27.68 -12.42
N GLY B 946 20.09 27.14 -11.51
CA GLY B 946 19.80 25.82 -10.99
C GLY B 946 18.48 25.75 -10.27
N LYS B 947 18.11 26.81 -9.57
CA LYS B 947 16.87 26.82 -8.82
C LYS B 947 15.67 26.59 -9.72
N LEU B 948 15.60 27.32 -10.82
CA LEU B 948 14.48 27.16 -11.74
C LEU B 948 14.51 25.84 -12.47
N GLN B 949 15.62 25.12 -12.44
CA GLN B 949 15.73 23.88 -13.18
C GLN B 949 15.39 22.67 -12.33
N ASP B 950 15.71 22.71 -11.03
CA ASP B 950 15.39 21.57 -10.18
C ASP B 950 13.90 21.29 -10.16
N VAL B 951 13.07 22.32 -10.27
CA VAL B 951 11.63 22.10 -10.25
C VAL B 951 11.22 21.27 -11.45
N VAL B 952 11.66 21.66 -12.64
CA VAL B 952 11.32 20.93 -13.84
C VAL B 952 11.82 19.50 -13.75
N ASN B 953 13.06 19.33 -13.29
CA ASN B 953 13.62 17.99 -13.22
C ASN B 953 12.80 17.11 -12.29
N GLN B 954 12.44 17.63 -11.12
CA GLN B 954 11.71 16.81 -10.16
C GLN B 954 10.34 16.43 -10.69
N ASN B 955 9.64 17.36 -11.32
CA ASN B 955 8.31 17.03 -11.81
C ASN B 955 8.36 15.99 -12.91
N ALA B 956 9.29 16.16 -13.87
CA ALA B 956 9.40 15.19 -14.95
C ALA B 956 9.76 13.82 -14.40
N GLN B 957 10.66 13.77 -13.44
CA GLN B 957 11.05 12.49 -12.85
C GLN B 957 9.86 11.84 -12.15
N ALA B 958 9.04 12.63 -11.48
CA ALA B 958 7.88 12.06 -10.80
C ALA B 958 6.93 11.41 -11.79
N LEU B 959 6.62 12.10 -12.90
CA LEU B 959 5.76 11.46 -13.89
C LEU B 959 6.40 10.22 -14.49
N ASN B 960 7.71 10.26 -14.73
CA ASN B 960 8.33 9.08 -15.32
C ASN B 960 8.19 7.88 -14.40
N THR B 961 8.42 8.08 -13.11
CA THR B 961 8.25 6.98 -12.18
C THR B 961 6.80 6.49 -12.16
N LEU B 962 5.86 7.42 -12.14
CA LEU B 962 4.46 7.03 -12.08
C LEU B 962 4.08 6.17 -13.28
N VAL B 963 4.49 6.58 -14.47
CA VAL B 963 4.16 5.81 -15.65
C VAL B 963 4.87 4.47 -15.64
N LYS B 964 6.15 4.45 -15.27
CA LYS B 964 6.89 3.21 -15.28
C LYS B 964 6.34 2.20 -14.29
N GLN B 965 5.62 2.66 -13.26
CA GLN B 965 5.04 1.71 -12.33
C GLN B 965 3.96 0.84 -12.96
N LEU B 966 3.51 1.17 -14.15
CA LEU B 966 2.44 0.42 -14.80
C LEU B 966 2.91 -0.92 -15.34
N SER B 967 4.10 -1.37 -15.00
CA SER B 967 4.66 -2.58 -15.57
C SER B 967 5.21 -3.48 -14.48
N SER B 968 4.43 -3.67 -13.43
CA SER B 968 4.84 -4.51 -12.33
C SER B 968 3.69 -5.43 -11.94
N ASN B 969 4.02 -6.66 -11.56
CA ASN B 969 2.99 -7.64 -11.26
C ASN B 969 2.32 -7.36 -9.92
N PHE B 970 3.07 -6.86 -8.95
CA PHE B 970 2.59 -6.76 -7.57
C PHE B 970 2.12 -8.11 -7.05
N GLY B 971 2.65 -9.19 -7.62
CA GLY B 971 2.30 -10.52 -7.19
C GLY B 971 1.30 -11.24 -8.07
N ALA B 972 0.81 -10.61 -9.13
CA ALA B 972 -0.10 -11.28 -10.04
C ALA B 972 0.70 -12.16 -10.97
N ILE B 973 0.06 -12.65 -12.03
CA ILE B 973 0.75 -13.49 -13.00
C ILE B 973 1.19 -12.73 -14.24
N SER B 974 0.66 -11.55 -14.48
CA SER B 974 1.10 -10.71 -15.59
C SER B 974 0.73 -9.28 -15.26
N SER B 975 1.33 -8.36 -16.00
CA SER B 975 1.07 -6.94 -15.82
C SER B 975 0.14 -6.39 -16.89
N VAL B 976 -0.59 -7.25 -17.58
CA VAL B 976 -1.50 -6.85 -18.64
C VAL B 976 -2.87 -7.42 -18.33
N LEU B 977 -3.90 -6.57 -18.37
CA LEU B 977 -5.24 -7.04 -18.06
C LEU B 977 -5.73 -8.04 -19.08
N ASN B 978 -5.40 -7.82 -20.35
CA ASN B 978 -5.92 -8.70 -21.40
C ASN B 978 -5.40 -10.12 -21.24
N ASP B 979 -4.12 -10.27 -20.90
CA ASP B 979 -3.56 -11.60 -20.76
C ASP B 979 -4.16 -12.31 -19.55
N ILE B 980 -4.42 -11.59 -18.47
CA ILE B 980 -5.10 -12.20 -17.34
C ILE B 980 -6.50 -12.62 -17.72
N LEU B 981 -7.21 -11.76 -18.45
CA LEU B 981 -8.59 -12.05 -18.78
C LEU B 981 -8.70 -13.24 -19.72
N SER B 982 -7.83 -13.32 -20.72
CA SER B 982 -7.92 -14.41 -21.69
C SER B 982 -7.54 -15.74 -21.06
N ARG B 983 -6.48 -15.76 -20.26
CA ARG B 983 -5.89 -17.00 -19.79
C ARG B 983 -6.49 -17.52 -18.49
N LEU B 984 -7.64 -17.00 -18.07
CA LEU B 984 -8.22 -17.48 -16.81
C LEU B 984 -9.74 -17.37 -16.88
N ASP B 985 -10.38 -18.17 -16.04
CA ASP B 985 -11.82 -18.17 -15.87
C ASP B 985 -12.24 -16.99 -15.00
N PRO B 986 -13.44 -16.47 -15.22
CA PRO B 986 -13.87 -15.27 -14.50
C PRO B 986 -13.75 -15.39 -13.00
N PRO B 987 -14.20 -16.49 -12.37
CA PRO B 987 -14.17 -16.53 -10.91
C PRO B 987 -12.77 -16.49 -10.32
N GLU B 988 -11.73 -16.85 -11.08
CA GLU B 988 -10.38 -16.85 -10.56
C GLU B 988 -9.51 -15.74 -11.11
N ALA B 989 -9.99 -14.98 -12.09
CA ALA B 989 -9.26 -13.81 -12.54
C ALA B 989 -9.42 -12.63 -11.61
N GLU B 990 -10.48 -12.64 -10.78
CA GLU B 990 -10.71 -11.52 -9.89
C GLU B 990 -9.56 -11.35 -8.91
N VAL B 991 -8.95 -12.44 -8.48
CA VAL B 991 -7.84 -12.33 -7.53
C VAL B 991 -6.71 -11.53 -8.15
N GLN B 992 -6.30 -11.91 -9.36
CA GLN B 992 -5.22 -11.20 -10.03
C GLN B 992 -5.58 -9.75 -10.26
N ILE B 993 -6.81 -9.49 -10.70
CA ILE B 993 -7.18 -8.12 -10.98
C ILE B 993 -7.19 -7.29 -9.71
N ASP B 994 -7.58 -7.87 -8.58
CA ASP B 994 -7.53 -7.11 -7.34
C ASP B 994 -6.10 -6.82 -6.92
N ARG B 995 -5.18 -7.76 -7.15
CA ARG B 995 -3.78 -7.46 -6.89
C ARG B 995 -3.34 -6.25 -7.70
N LEU B 996 -3.64 -6.24 -8.99
CA LEU B 996 -3.21 -5.12 -9.83
C LEU B 996 -3.85 -3.82 -9.36
N ILE B 997 -5.14 -3.86 -9.03
CA ILE B 997 -5.83 -2.64 -8.61
C ILE B 997 -5.20 -2.07 -7.35
N THR B 998 -4.93 -2.93 -6.38
CA THR B 998 -4.32 -2.44 -5.15
C THR B 998 -2.97 -1.81 -5.43
N GLY B 999 -2.13 -2.47 -6.22
CA GLY B 999 -0.82 -1.92 -6.50
C GLY B 999 -0.90 -0.56 -7.17
N ARG B 1000 -1.73 -0.45 -8.20
CA ARG B 1000 -1.78 0.80 -8.95
C ARG B 1000 -2.38 1.92 -8.12
N LEU B 1001 -3.38 1.60 -7.30
CA LEU B 1001 -3.97 2.62 -6.44
C LEU B 1001 -2.94 3.15 -5.46
N GLN B 1002 -2.13 2.27 -4.87
CA GLN B 1002 -1.11 2.75 -3.95
C GLN B 1002 -0.09 3.61 -4.66
N SER B 1003 0.29 3.23 -5.88
CA SER B 1003 1.22 4.06 -6.64
C SER B 1003 0.65 5.46 -6.84
N LEU B 1004 -0.63 5.54 -7.20
CA LEU B 1004 -1.22 6.85 -7.45
C LEU B 1004 -1.28 7.70 -6.19
N GLN B 1005 -1.64 7.10 -5.06
CA GLN B 1005 -1.66 7.88 -3.83
C GLN B 1005 -0.29 8.38 -3.46
N THR B 1006 0.73 7.55 -3.61
CA THR B 1006 2.08 8.00 -3.32
C THR B 1006 2.46 9.17 -4.20
N TYR B 1007 2.06 9.13 -5.48
CA TYR B 1007 2.36 10.25 -6.35
C TYR B 1007 1.69 11.52 -5.87
N VAL B 1008 0.40 11.45 -5.52
CA VAL B 1008 -0.33 12.67 -5.17
C VAL B 1008 0.22 13.29 -3.90
N THR B 1009 0.53 12.47 -2.90
CA THR B 1009 0.97 13.02 -1.63
C THR B 1009 2.23 13.86 -1.80
N GLN B 1010 3.18 13.39 -2.59
CA GLN B 1010 4.39 14.16 -2.80
C GLN B 1010 4.10 15.50 -3.46
N GLN B 1011 3.16 15.52 -4.41
CA GLN B 1011 2.85 16.76 -5.08
C GLN B 1011 2.28 17.78 -4.12
N LEU B 1012 1.47 17.34 -3.16
CA LEU B 1012 0.96 18.32 -2.20
C LEU B 1012 2.08 19.00 -1.42
N ILE B 1013 3.06 18.23 -0.95
CA ILE B 1013 4.15 18.81 -0.18
C ILE B 1013 4.98 19.74 -1.05
N ARG B 1014 5.30 19.30 -2.26
CA ARG B 1014 6.09 20.15 -3.14
C ARG B 1014 5.36 21.45 -3.46
N ALA B 1015 4.05 21.38 -3.65
CA ALA B 1015 3.28 22.58 -3.92
C ALA B 1015 3.31 23.53 -2.73
N ALA B 1016 3.25 23.00 -1.51
CA ALA B 1016 3.35 23.89 -0.36
C ALA B 1016 4.68 24.62 -0.35
N GLU B 1017 5.75 23.92 -0.67
CA GLU B 1017 7.06 24.58 -0.76
C GLU B 1017 7.06 25.69 -1.78
N ILE B 1018 6.54 25.42 -2.98
CA ILE B 1018 6.53 26.43 -4.02
C ILE B 1018 5.70 27.63 -3.59
N ARG B 1019 4.60 27.39 -2.88
CA ARG B 1019 3.78 28.51 -2.43
C ARG B 1019 4.55 29.39 -1.46
N ALA B 1020 5.32 28.79 -0.56
CA ALA B 1020 6.13 29.60 0.34
C ALA B 1020 7.09 30.48 -0.45
N SER B 1021 7.72 29.90 -1.47
CA SER B 1021 8.65 30.69 -2.28
C SER B 1021 7.95 31.82 -3.01
N ALA B 1022 6.75 31.55 -3.52
CA ALA B 1022 6.02 32.60 -4.24
C ALA B 1022 5.62 33.73 -3.31
N ASN B 1023 5.25 33.42 -2.07
CA ASN B 1023 4.95 34.48 -1.11
C ASN B 1023 6.18 35.34 -0.84
N LEU B 1024 7.34 34.70 -0.71
CA LEU B 1024 8.55 35.48 -0.53
C LEU B 1024 8.81 36.39 -1.72
N ALA B 1025 8.64 35.88 -2.93
CA ALA B 1025 8.87 36.71 -4.11
C ALA B 1025 7.91 37.88 -4.17
N ALA B 1026 6.65 37.66 -3.78
CA ALA B 1026 5.69 38.76 -3.78
C ALA B 1026 6.12 39.84 -2.79
N THR B 1027 6.57 39.45 -1.60
CA THR B 1027 7.01 40.44 -0.64
C THR B 1027 8.22 41.21 -1.15
N LYS B 1028 9.15 40.52 -1.80
CA LYS B 1028 10.32 41.21 -2.33
C LYS B 1028 9.91 42.19 -3.42
N MET B 1029 8.93 41.83 -4.23
CA MET B 1029 8.49 42.78 -5.25
C MET B 1029 7.84 43.99 -4.62
N SER B 1030 7.07 43.80 -3.56
CA SER B 1030 6.42 44.96 -2.94
C SER B 1030 7.43 45.88 -2.27
N GLU B 1031 8.44 45.32 -1.61
CA GLU B 1031 9.29 46.14 -0.75
C GLU B 1031 10.61 46.55 -1.36
N CYS B 1032 11.15 45.78 -2.29
CA CYS B 1032 12.41 46.17 -2.92
C CYS B 1032 12.18 46.99 -4.18
N VAL B 1033 11.13 46.69 -4.94
CA VAL B 1033 10.92 47.35 -6.23
C VAL B 1033 10.06 48.59 -6.08
N LEU B 1034 8.93 48.50 -5.42
CA LEU B 1034 8.05 49.65 -5.26
C LEU B 1034 8.45 50.54 -4.12
N GLY B 1035 9.64 50.38 -3.57
CA GLY B 1035 10.08 51.23 -2.49
C GLY B 1035 11.56 51.10 -2.28
N GLN B 1036 12.04 51.67 -1.18
CA GLN B 1036 13.42 51.53 -0.77
C GLN B 1036 13.43 50.94 0.62
N SER B 1037 14.30 49.98 0.87
CA SER B 1037 14.19 49.12 2.03
C SER B 1037 15.31 49.39 3.03
N LYS B 1038 14.96 49.34 4.32
CA LYS B 1038 15.93 49.45 5.38
C LYS B 1038 16.31 48.12 5.99
N ARG B 1039 15.55 47.07 5.74
CA ARG B 1039 15.88 45.77 6.29
C ARG B 1039 17.20 45.31 5.71
N VAL B 1040 18.09 44.83 6.57
CA VAL B 1040 19.43 44.48 6.16
C VAL B 1040 19.42 43.19 5.38
N ASP B 1041 20.17 43.14 4.29
CA ASP B 1041 20.38 41.95 3.48
C ASP B 1041 19.10 41.40 2.87
N PHE B 1042 17.98 42.11 2.99
CA PHE B 1042 16.79 41.69 2.29
C PHE B 1042 16.95 41.89 0.80
N CYS B 1043 17.14 43.13 0.38
CA CYS B 1043 17.30 43.46 -1.03
C CYS B 1043 18.79 43.61 -1.38
N GLY B 1044 19.49 42.49 -1.41
CA GLY B 1044 20.89 42.49 -1.79
C GLY B 1044 21.82 42.86 -0.65
N LYS B 1045 23.11 42.80 -0.93
CA LYS B 1045 24.14 43.04 0.08
C LYS B 1045 24.78 44.39 -0.11
N GLY B 1046 24.71 45.24 0.90
CA GLY B 1046 25.11 46.62 0.87
C GLY B 1046 23.97 47.46 1.38
N TYR B 1047 24.00 48.75 1.05
CA TYR B 1047 22.87 49.62 1.33
C TYR B 1047 21.98 49.68 0.10
N HIS B 1048 20.69 49.46 0.28
CA HIS B 1048 19.80 49.31 -0.87
C HIS B 1048 19.53 50.65 -1.52
N LEU B 1049 19.68 50.72 -2.83
CA LEU B 1049 19.25 51.87 -3.61
C LEU B 1049 18.01 51.60 -4.44
N MET B 1050 17.98 50.52 -5.22
CA MET B 1050 16.74 50.18 -5.92
C MET B 1050 16.83 48.76 -6.47
N SER B 1051 15.81 48.34 -7.21
CA SER B 1051 15.80 47.01 -7.81
C SER B 1051 14.95 47.02 -9.07
N PHE B 1052 15.24 46.06 -9.94
CA PHE B 1052 14.50 45.90 -11.19
C PHE B 1052 14.10 44.45 -11.38
N PRO B 1053 12.88 44.19 -11.81
CA PRO B 1053 12.46 42.81 -12.06
C PRO B 1053 12.64 42.36 -13.50
N GLN B 1054 12.81 41.06 -13.66
CA GLN B 1054 12.82 40.41 -14.96
C GLN B 1054 12.11 39.08 -14.81
N SER B 1055 11.52 38.60 -15.89
CA SER B 1055 10.77 37.36 -15.84
C SER B 1055 11.61 36.21 -16.36
N ALA B 1056 11.21 35.00 -16.02
CA ALA B 1056 11.93 33.81 -16.45
C ALA B 1056 10.95 32.64 -16.41
N PRO B 1057 11.22 31.57 -17.13
CA PRO B 1057 10.26 30.48 -17.18
C PRO B 1057 9.93 29.91 -15.81
N HIS B 1058 8.71 30.11 -15.36
CA HIS B 1058 8.25 29.67 -14.04
C HIS B 1058 8.98 30.36 -12.91
N GLY B 1059 9.36 31.62 -13.08
CA GLY B 1059 10.05 32.28 -11.98
C GLY B 1059 10.39 33.71 -12.30
N VAL B 1060 11.03 34.36 -11.33
CA VAL B 1060 11.36 35.77 -11.43
C VAL B 1060 12.81 35.99 -11.05
N VAL B 1061 13.39 37.09 -11.53
CA VAL B 1061 14.76 37.46 -11.27
C VAL B 1061 14.79 38.92 -10.87
N PHE B 1062 15.49 39.23 -9.79
CA PHE B 1062 15.64 40.60 -9.32
C PHE B 1062 17.08 41.03 -9.51
N LEU B 1063 17.27 42.25 -10.01
CA LEU B 1063 18.57 42.89 -10.04
C LEU B 1063 18.58 43.98 -8.99
N HIS B 1064 19.46 43.84 -8.00
CA HIS B 1064 19.51 44.75 -6.86
C HIS B 1064 20.67 45.70 -7.02
N VAL B 1065 20.40 47.00 -6.91
CA VAL B 1065 21.40 48.05 -7.02
C VAL B 1065 21.65 48.62 -5.65
N THR B 1066 22.90 48.51 -5.19
CA THR B 1066 23.30 48.86 -3.84
C THR B 1066 24.56 49.70 -3.83
N TYR B 1067 24.80 50.33 -2.69
CA TYR B 1067 25.90 51.26 -2.44
C TYR B 1067 26.92 50.59 -1.53
N VAL B 1068 28.20 50.67 -1.87
CA VAL B 1068 29.21 50.01 -1.03
C VAL B 1068 30.36 50.97 -0.77
N PRO B 1069 30.73 51.22 0.49
CA PRO B 1069 31.84 52.13 0.77
C PRO B 1069 33.18 51.53 0.38
N ALA B 1070 34.18 52.38 0.21
CA ALA B 1070 35.48 51.90 -0.18
C ALA B 1070 36.54 52.96 0.09
N GLN B 1071 37.79 52.49 0.23
CA GLN B 1071 38.96 53.32 0.45
C GLN B 1071 38.86 54.10 1.75
N GLU B 1072 38.78 53.36 2.86
CA GLU B 1072 38.62 53.98 4.17
C GLU B 1072 39.93 54.57 4.65
N LYS B 1073 39.86 55.33 5.72
CA LYS B 1073 41.01 56.07 6.20
C LYS B 1073 40.91 56.26 7.72
N ASN B 1074 42.07 56.23 8.38
CA ASN B 1074 42.16 56.37 9.83
C ASN B 1074 41.97 57.80 10.28
N PHE B 1075 41.45 57.98 11.48
CA PHE B 1075 41.32 59.30 12.08
C PHE B 1075 41.24 59.14 13.58
N THR B 1076 41.49 60.25 14.27
CA THR B 1076 41.34 60.34 15.71
C THR B 1076 40.05 61.08 16.01
N THR B 1077 39.30 60.59 17.00
CA THR B 1077 37.97 61.14 17.26
C THR B 1077 37.83 61.54 18.71
N ALA B 1078 36.66 62.04 19.07
CA ALA B 1078 36.37 62.54 20.41
C ALA B 1078 34.87 62.74 20.58
N PRO B 1079 34.31 62.44 21.73
CA PRO B 1079 32.86 62.50 21.87
C PRO B 1079 32.29 63.90 21.90
N ALA B 1080 32.98 64.87 22.47
CA ALA B 1080 32.45 66.22 22.59
C ALA B 1080 33.59 67.21 22.54
N ILE B 1081 33.26 68.49 22.59
CA ILE B 1081 34.25 69.55 22.54
C ILE B 1081 33.86 70.66 23.52
N CYS B 1082 34.83 71.11 24.31
CA CYS B 1082 34.60 72.04 25.40
C CYS B 1082 35.15 73.40 25.03
N HIS B 1083 34.28 74.40 24.87
CA HIS B 1083 34.70 75.71 24.42
C HIS B 1083 34.72 76.75 25.54
N ASP B 1084 33.59 76.97 26.21
CA ASP B 1084 33.50 78.01 27.24
C ASP B 1084 32.96 77.41 28.51
N GLY B 1085 33.52 76.30 28.94
CA GLY B 1085 32.90 75.59 30.03
C GLY B 1085 31.59 74.95 29.65
N LYS B 1086 31.34 74.78 28.35
CA LYS B 1086 30.15 74.11 27.86
C LYS B 1086 30.57 73.01 26.91
N ALA B 1087 29.79 71.95 26.86
CA ALA B 1087 30.05 70.83 25.97
C ALA B 1087 29.25 70.98 24.70
N HIS B 1088 29.84 70.61 23.58
CA HIS B 1088 29.20 70.70 22.28
C HIS B 1088 29.17 69.33 21.62
N PHE B 1089 28.03 68.95 21.09
CA PHE B 1089 27.90 67.68 20.41
C PHE B 1089 27.47 67.92 18.97
N PRO B 1090 27.80 67.01 18.06
CA PRO B 1090 27.46 67.23 16.65
C PRO B 1090 25.96 67.11 16.44
N ARG B 1091 25.46 67.85 15.46
CA ARG B 1091 24.04 67.70 15.12
C ARG B 1091 23.80 66.41 14.35
N GLU B 1092 24.55 66.20 13.27
CA GLU B 1092 24.30 65.02 12.45
C GLU B 1092 25.57 64.37 11.93
N GLY B 1093 26.71 64.61 12.55
CA GLY B 1093 27.94 64.05 12.06
C GLY B 1093 28.81 63.45 13.14
N VAL B 1094 30.12 63.60 13.01
CA VAL B 1094 31.07 63.09 13.99
C VAL B 1094 32.32 63.94 13.91
N PHE B 1095 32.98 64.11 15.04
CA PHE B 1095 34.21 64.90 15.12
C PHE B 1095 35.40 64.05 14.72
N VAL B 1096 36.32 64.62 13.96
CA VAL B 1096 37.54 63.95 13.55
C VAL B 1096 38.69 64.94 13.59
N SER B 1097 39.90 64.42 13.43
CA SER B 1097 41.10 65.23 13.51
C SER B 1097 42.19 64.65 12.64
N ASN B 1098 42.79 65.48 11.78
CA ASN B 1098 43.86 65.03 10.91
C ASN B 1098 45.22 65.12 11.56
N GLY B 1099 45.27 65.14 12.88
CA GLY B 1099 46.53 65.25 13.57
C GLY B 1099 46.69 66.58 14.27
N THR B 1100 46.28 67.66 13.63
CA THR B 1100 46.46 69.00 14.18
C THR B 1100 45.15 69.72 14.43
N HIS B 1101 44.25 69.75 13.46
CA HIS B 1101 43.01 70.49 13.57
C HIS B 1101 41.84 69.53 13.73
N TRP B 1102 40.70 70.08 14.11
CA TRP B 1102 39.49 69.31 14.32
C TRP B 1102 38.42 69.73 13.33
N PHE B 1103 37.63 68.77 12.89
CA PHE B 1103 36.56 69.00 11.93
C PHE B 1103 35.36 68.16 12.32
N VAL B 1104 34.25 68.41 11.64
CA VAL B 1104 33.03 67.63 11.80
C VAL B 1104 32.61 67.14 10.42
N THR B 1105 32.21 65.88 10.32
CA THR B 1105 31.97 65.27 9.02
C THR B 1105 30.76 64.36 9.06
N GLN B 1106 30.27 64.02 7.88
CA GLN B 1106 29.26 62.98 7.76
C GLN B 1106 29.84 61.66 8.26
N ARG B 1107 28.96 60.70 8.53
CA ARG B 1107 29.44 59.43 9.03
C ARG B 1107 29.75 58.42 7.94
N ASN B 1108 29.38 58.70 6.70
CA ASN B 1108 29.48 57.70 5.65
C ASN B 1108 30.31 58.13 4.46
N PHE B 1109 30.91 59.32 4.52
CA PHE B 1109 31.69 59.82 3.40
C PHE B 1109 32.51 60.98 3.92
N TYR B 1110 33.81 60.92 3.72
CA TYR B 1110 34.69 61.91 4.35
C TYR B 1110 34.53 63.25 3.67
N GLU B 1111 34.07 64.24 4.42
CA GLU B 1111 33.87 65.58 3.91
C GLU B 1111 34.00 66.59 5.03
N PRO B 1112 35.23 66.99 5.39
CA PRO B 1112 35.41 67.77 6.61
C PRO B 1112 34.93 69.19 6.47
N GLN B 1113 34.58 69.78 7.61
CA GLN B 1113 34.06 71.13 7.67
C GLN B 1113 34.50 71.80 8.96
N ILE B 1114 34.31 73.10 9.02
CA ILE B 1114 34.71 73.88 10.18
C ILE B 1114 33.63 73.78 11.24
N ILE B 1115 34.05 73.60 12.49
CA ILE B 1115 33.11 73.49 13.60
C ILE B 1115 32.55 74.87 13.91
N THR B 1116 31.24 75.01 13.87
CA THR B 1116 30.59 76.26 14.20
C THR B 1116 29.40 75.99 15.11
N THR B 1117 28.65 77.04 15.41
CA THR B 1117 27.44 76.86 16.18
C THR B 1117 26.24 76.51 15.32
N ASP B 1118 26.47 76.01 14.11
CA ASP B 1118 25.39 75.50 13.29
C ASP B 1118 25.52 74.00 13.05
N ASN B 1119 26.67 73.42 13.36
CA ASN B 1119 26.86 71.98 13.30
C ASN B 1119 26.61 71.33 14.65
N THR B 1120 26.55 72.10 15.72
CA THR B 1120 26.67 71.57 17.07
C THR B 1120 25.58 72.12 17.95
N PHE B 1121 25.27 71.38 19.01
CA PHE B 1121 24.38 71.89 20.04
C PHE B 1121 25.03 71.71 21.40
N VAL B 1122 24.57 72.51 22.35
CA VAL B 1122 25.21 72.64 23.66
C VAL B 1122 24.38 71.92 24.70
N SER B 1123 25.05 71.32 25.68
CA SER B 1123 24.35 70.68 26.78
C SER B 1123 25.29 70.48 27.95
N GLY B 1124 25.07 71.20 29.04
CA GLY B 1124 25.82 70.97 30.25
C GLY B 1124 27.17 71.65 30.25
N ASN B 1125 28.02 71.22 31.17
CA ASN B 1125 29.35 71.78 31.33
C ASN B 1125 30.40 70.70 31.13
N CYS B 1126 31.65 71.10 31.16
CA CYS B 1126 32.75 70.26 30.70
C CYS B 1126 33.23 69.27 31.72
N ASP B 1127 32.46 68.95 32.76
CA ASP B 1127 32.99 68.16 33.87
C ASP B 1127 32.32 66.80 34.02
N VAL B 1128 31.58 66.35 33.02
CA VAL B 1128 30.82 65.11 33.10
C VAL B 1128 31.24 64.11 32.03
N VAL B 1129 31.31 64.54 30.78
CA VAL B 1129 31.64 63.63 29.70
C VAL B 1129 33.06 63.14 29.86
N ILE B 1130 33.30 61.92 29.40
CA ILE B 1130 34.61 61.28 29.54
C ILE B 1130 35.28 61.28 28.18
N GLY B 1131 36.42 61.94 28.08
CA GLY B 1131 37.12 62.03 26.82
C GLY B 1131 36.97 63.33 26.09
N ILE B 1132 36.35 64.32 26.71
CA ILE B 1132 36.11 65.60 26.06
C ILE B 1132 37.43 66.31 25.80
N VAL B 1133 37.49 67.07 24.72
CA VAL B 1133 38.72 67.75 24.32
C VAL B 1133 38.45 69.25 24.21
N ASN B 1134 39.53 70.02 24.19
CA ASN B 1134 39.47 71.47 24.13
C ASN B 1134 39.64 71.92 22.69
N ASN B 1135 38.81 72.85 22.25
CA ASN B 1135 38.99 73.45 20.95
C ASN B 1135 38.09 74.68 20.88
N THR B 1136 37.97 75.25 19.68
CA THR B 1136 37.27 76.51 19.46
C THR B 1136 36.10 76.28 18.55
N VAL B 1137 34.96 76.89 18.85
CA VAL B 1137 33.75 76.76 18.06
C VAL B 1137 33.44 78.13 17.47
N TYR B 1138 33.73 78.29 16.19
CA TYR B 1138 33.61 79.58 15.54
C TYR B 1138 32.15 80.00 15.45
N ASP B 1139 31.90 81.30 15.51
CA ASP B 1139 30.55 81.85 15.52
C ASP B 1139 30.34 82.73 14.31
N PRO B 1140 29.42 82.40 13.41
CA PRO B 1140 29.29 83.18 12.16
C PRO B 1140 28.93 84.63 12.37
N LEU B 1141 28.11 84.94 13.37
CA LEU B 1141 27.55 86.29 13.49
C LEU B 1141 28.60 87.31 13.89
N GLN B 1142 29.39 87.02 14.91
CA GLN B 1142 30.23 88.03 15.53
C GLN B 1142 31.12 88.80 14.55
N PRO B 1143 31.76 88.18 13.56
CA PRO B 1143 32.53 89.00 12.59
C PRO B 1143 31.70 90.03 11.86
N GLU B 1144 30.59 89.62 11.26
CA GLU B 1144 29.75 90.57 10.54
C GLU B 1144 29.19 91.62 11.47
N LEU B 1145 28.73 91.21 12.65
CA LEU B 1145 28.13 92.16 13.58
C LEU B 1145 29.15 93.20 14.02
N ASP B 1146 30.38 92.78 14.30
CA ASP B 1146 31.42 93.73 14.65
C ASP B 1146 31.88 94.54 13.45
N SER B 1147 31.45 94.17 12.24
CA SER B 1147 31.81 94.92 11.04
C SER B 1147 30.62 95.72 10.52
N GLN C 23 -59.66 6.97 -40.59
CA GLN C 23 -58.95 7.11 -39.33
C GLN C 23 -58.43 8.53 -39.14
N LEU C 24 -57.53 8.70 -38.18
CA LEU C 24 -56.93 9.97 -37.84
C LEU C 24 -55.44 9.77 -37.58
N PRO C 25 -54.63 10.81 -37.76
CA PRO C 25 -53.21 10.66 -37.47
C PRO C 25 -52.95 10.76 -35.97
N PRO C 26 -51.90 10.12 -35.47
CA PRO C 26 -51.61 10.21 -34.03
C PRO C 26 -51.19 11.62 -33.63
N ALA C 27 -51.44 11.95 -32.37
CA ALA C 27 -51.05 13.23 -31.82
C ALA C 27 -50.03 13.02 -30.70
N TYR C 28 -49.23 14.05 -30.46
CA TYR C 28 -48.17 13.98 -29.46
C TYR C 28 -48.29 15.17 -28.54
N THR C 29 -47.69 15.07 -27.36
CA THR C 29 -47.64 16.21 -26.47
C THR C 29 -46.44 16.06 -25.54
N ASN C 30 -46.27 17.06 -24.68
CA ASN C 30 -45.05 17.25 -23.91
C ASN C 30 -45.29 16.84 -22.47
N SER C 31 -44.56 15.83 -22.00
CA SER C 31 -44.62 15.39 -20.62
C SER C 31 -43.60 16.20 -19.84
N PHE C 32 -44.03 17.32 -19.29
CA PHE C 32 -43.07 18.29 -18.74
C PHE C 32 -42.26 17.71 -17.60
N THR C 33 -42.87 17.48 -16.45
CA THR C 33 -42.16 16.99 -15.28
C THR C 33 -42.99 15.96 -14.54
N ARG C 34 -43.62 15.06 -15.28
CA ARG C 34 -44.50 14.07 -14.69
C ARG C 34 -43.78 12.74 -14.54
N GLY C 35 -44.27 11.93 -13.62
CA GLY C 35 -43.87 10.53 -13.57
C GLY C 35 -42.73 10.23 -12.64
N VAL C 36 -42.78 10.77 -11.42
CA VAL C 36 -41.76 10.53 -10.40
C VAL C 36 -42.43 9.81 -9.24
N TYR C 37 -41.82 8.71 -8.81
CA TYR C 37 -42.41 7.85 -7.79
C TYR C 37 -41.40 7.55 -6.70
N TYR C 38 -41.91 7.33 -5.49
CA TYR C 38 -41.07 6.94 -4.37
C TYR C 38 -40.41 5.61 -4.66
N PRO C 39 -39.10 5.57 -4.89
CA PRO C 39 -38.47 4.36 -5.41
C PRO C 39 -38.18 3.29 -4.36
N ASP C 40 -38.46 3.54 -3.09
CA ASP C 40 -38.20 2.53 -2.06
C ASP C 40 -39.11 2.81 -0.88
N LYS C 41 -38.87 2.13 0.23
CA LYS C 41 -39.70 2.21 1.41
C LYS C 41 -38.95 2.77 2.58
N VAL C 42 -38.18 3.82 2.36
CA VAL C 42 -37.31 4.38 3.38
C VAL C 42 -37.66 5.83 3.60
N PHE C 43 -37.89 6.21 4.85
CA PHE C 43 -38.16 7.61 5.17
C PHE C 43 -36.87 8.42 5.05
N ARG C 44 -36.97 9.59 4.43
CA ARG C 44 -35.91 10.57 4.41
C ARG C 44 -36.54 11.95 4.50
N SER C 45 -35.83 12.89 5.13
CA SER C 45 -36.42 14.20 5.36
C SER C 45 -35.38 15.28 5.19
N SER C 46 -35.75 16.35 4.49
CA SER C 46 -34.89 17.50 4.28
C SER C 46 -33.52 17.09 3.79
N VAL C 47 -33.49 16.48 2.59
CA VAL C 47 -32.24 15.94 2.08
C VAL C 47 -32.39 15.69 0.59
N LEU C 48 -31.28 15.79 -0.12
CA LEU C 48 -31.23 15.47 -1.55
C LEU C 48 -30.55 14.13 -1.72
N HIS C 49 -31.18 13.26 -2.50
CA HIS C 49 -30.70 11.89 -2.64
C HIS C 49 -30.64 11.53 -4.11
N SER C 50 -29.60 10.83 -4.51
CA SER C 50 -29.36 10.49 -5.90
C SER C 50 -29.70 9.04 -6.15
N THR C 51 -30.70 8.79 -6.99
CA THR C 51 -31.17 7.44 -7.25
C THR C 51 -31.02 7.11 -8.72
N GLN C 52 -30.57 5.90 -9.01
CA GLN C 52 -30.42 5.41 -10.37
C GLN C 52 -31.50 4.37 -10.62
N ASP C 53 -32.43 4.66 -11.52
CA ASP C 53 -33.61 3.82 -11.62
C ASP C 53 -34.33 4.10 -12.93
N LEU C 54 -35.40 3.35 -13.17
CA LEU C 54 -36.21 3.46 -14.39
C LEU C 54 -37.22 4.57 -14.21
N PHE C 55 -37.03 5.68 -14.92
CA PHE C 55 -37.91 6.83 -14.81
C PHE C 55 -38.38 7.26 -16.18
N LEU C 56 -39.24 8.26 -16.20
CA LEU C 56 -39.72 8.83 -17.45
C LEU C 56 -38.94 10.11 -17.74
N PRO C 57 -38.14 10.16 -18.80
CA PRO C 57 -37.29 11.33 -19.03
C PRO C 57 -38.10 12.61 -19.14
N PHE C 58 -37.55 13.68 -18.60
CA PHE C 58 -38.24 14.96 -18.62
C PHE C 58 -38.41 15.44 -20.05
N PHE C 59 -39.47 16.22 -20.27
CA PHE C 59 -39.74 16.87 -21.55
C PHE C 59 -39.69 15.86 -22.69
N SER C 60 -40.51 14.82 -22.57
CA SER C 60 -40.60 13.78 -23.57
C SER C 60 -41.87 13.94 -24.40
N ASN C 61 -41.88 13.26 -25.53
CA ASN C 61 -43.05 13.22 -26.40
C ASN C 61 -43.88 12.01 -25.99
N VAL C 62 -45.05 12.26 -25.41
CA VAL C 62 -45.97 11.22 -25.02
C VAL C 62 -47.12 11.20 -26.00
N THR C 63 -47.57 10.01 -26.35
CA THR C 63 -48.59 9.86 -27.37
C THR C 63 -49.96 10.12 -26.78
N TRP C 64 -50.79 10.86 -27.51
CA TRP C 64 -52.09 11.31 -27.03
C TRP C 64 -53.17 10.49 -27.72
N PHE C 65 -53.85 9.64 -26.97
CA PHE C 65 -54.94 8.83 -27.48
C PHE C 65 -56.28 9.40 -27.03
N HIS C 66 -57.26 9.26 -27.89
CA HIS C 66 -58.46 10.05 -27.79
C HIS C 66 -59.63 9.34 -28.46
N ASN C 81 -57.63 2.74 -27.38
CA ASN C 81 -58.31 1.93 -28.38
C ASN C 81 -57.43 0.76 -28.85
N PRO C 82 -56.26 1.03 -29.44
CA PRO C 82 -55.52 -0.02 -30.13
C PRO C 82 -54.46 -0.67 -29.26
N VAL C 83 -53.89 -1.75 -29.80
CA VAL C 83 -52.80 -2.42 -29.11
C VAL C 83 -51.57 -1.52 -29.11
N LEU C 84 -50.78 -1.60 -28.04
CA LEU C 84 -49.59 -0.81 -27.85
C LEU C 84 -48.51 -1.71 -27.27
N PRO C 85 -47.25 -1.34 -27.43
CA PRO C 85 -46.17 -2.13 -26.82
C PRO C 85 -45.91 -1.74 -25.38
N PHE C 86 -45.28 -2.65 -24.66
CA PHE C 86 -44.89 -2.49 -23.25
C PHE C 86 -43.38 -2.71 -23.21
N ASN C 87 -42.64 -1.65 -23.54
CA ASN C 87 -41.19 -1.80 -23.74
C ASN C 87 -40.49 -2.22 -22.47
N ASP C 88 -40.50 -1.35 -21.46
CA ASP C 88 -39.92 -1.65 -20.16
C ASP C 88 -40.77 -1.14 -19.02
N GLY C 89 -41.75 -0.31 -19.29
CA GLY C 89 -42.60 0.25 -18.27
C GLY C 89 -43.46 1.27 -18.94
N VAL C 90 -44.56 1.60 -18.28
CA VAL C 90 -45.51 2.50 -18.91
C VAL C 90 -45.99 3.53 -17.90
N TYR C 91 -45.88 4.79 -18.27
CA TYR C 91 -46.57 5.87 -17.60
C TYR C 91 -47.88 6.09 -18.35
N PHE C 92 -48.99 5.95 -17.65
CA PHE C 92 -50.31 6.09 -18.26
C PHE C 92 -51.05 7.16 -17.49
N ALA C 93 -51.49 8.20 -18.18
CA ALA C 93 -52.25 9.24 -17.52
C ALA C 93 -53.58 9.40 -18.22
N SER C 94 -54.61 9.77 -17.46
CA SER C 94 -55.92 9.92 -18.07
C SER C 94 -56.65 11.08 -17.43
N THR C 95 -57.25 11.93 -18.24
CA THR C 95 -58.06 13.02 -17.73
C THR C 95 -59.51 12.76 -18.12
N GLU C 96 -60.39 12.75 -17.12
CA GLU C 96 -61.76 12.32 -17.34
C GLU C 96 -62.74 13.20 -16.58
N LYS C 97 -63.99 13.14 -17.06
CA LYS C 97 -65.10 13.82 -16.42
C LYS C 97 -66.32 12.92 -16.22
N SER C 98 -66.32 11.70 -16.73
CA SER C 98 -67.48 10.83 -16.58
C SER C 98 -67.09 9.37 -16.32
N ASN C 99 -65.85 9.08 -15.98
CA ASN C 99 -65.40 7.73 -15.66
C ASN C 99 -65.71 6.76 -16.81
N ILE C 100 -65.14 7.07 -17.97
CA ILE C 100 -65.33 6.24 -19.15
C ILE C 100 -64.20 5.22 -19.33
N ILE C 101 -63.13 5.33 -18.57
CA ILE C 101 -62.00 4.41 -18.65
C ILE C 101 -62.06 3.47 -17.47
N ARG C 102 -61.94 2.17 -17.73
CA ARG C 102 -62.06 1.19 -16.65
C ARG C 102 -60.78 0.41 -16.42
N GLY C 103 -60.27 -0.30 -17.42
CA GLY C 103 -59.25 -1.27 -17.08
C GLY C 103 -58.14 -1.47 -18.08
N TRP C 104 -57.36 -2.52 -17.91
CA TRP C 104 -56.20 -2.74 -18.76
C TRP C 104 -56.04 -4.23 -19.02
N ILE C 105 -55.35 -4.55 -20.10
CA ILE C 105 -55.09 -5.92 -20.51
C ILE C 105 -53.63 -6.02 -20.92
N PHE C 106 -52.92 -7.00 -20.39
CA PHE C 106 -51.50 -7.14 -20.67
C PHE C 106 -51.22 -8.53 -21.18
N GLY C 107 -50.11 -8.69 -21.87
CA GLY C 107 -49.68 -10.02 -22.26
C GLY C 107 -48.69 -9.99 -23.40
N THR C 108 -48.38 -11.19 -23.87
CA THR C 108 -47.49 -11.39 -25.02
C THR C 108 -48.29 -11.52 -26.32
N THR C 109 -49.09 -12.57 -26.41
CA THR C 109 -50.05 -12.76 -27.50
C THR C 109 -51.42 -12.92 -26.87
N LEU C 110 -52.42 -12.25 -27.45
CA LEU C 110 -53.69 -12.06 -26.77
C LEU C 110 -54.67 -13.18 -27.04
N ASP C 111 -54.17 -14.39 -27.31
CA ASP C 111 -54.99 -15.58 -27.45
C ASP C 111 -54.97 -16.38 -26.14
N SER C 112 -55.44 -17.63 -26.21
CA SER C 112 -55.45 -18.48 -25.03
C SER C 112 -54.17 -19.30 -24.89
N LYS C 113 -53.25 -19.20 -25.83
CA LYS C 113 -52.04 -20.02 -25.76
C LYS C 113 -51.21 -19.68 -24.53
N THR C 114 -51.08 -18.39 -24.22
CA THR C 114 -50.16 -17.91 -23.20
C THR C 114 -50.89 -17.12 -22.11
N GLN C 115 -50.16 -16.85 -21.04
CA GLN C 115 -50.71 -16.13 -19.91
C GLN C 115 -51.02 -14.69 -20.28
N SER C 116 -51.97 -14.09 -19.56
CA SER C 116 -52.41 -12.73 -19.86
C SER C 116 -53.05 -12.13 -18.62
N LEU C 117 -52.42 -11.10 -18.06
CA LEU C 117 -52.96 -10.44 -16.88
C LEU C 117 -54.15 -9.56 -17.27
N LEU C 118 -55.06 -9.36 -16.32
CA LEU C 118 -56.29 -8.63 -16.59
C LEU C 118 -56.74 -7.89 -15.34
N ILE C 119 -57.00 -6.60 -15.48
CA ILE C 119 -57.42 -5.74 -14.38
C ILE C 119 -58.66 -4.97 -14.81
N VAL C 120 -59.74 -5.10 -14.07
CA VAL C 120 -61.01 -4.49 -14.45
C VAL C 120 -61.64 -3.82 -13.24
N ASN C 121 -62.47 -2.82 -13.50
CA ASN C 121 -63.21 -2.11 -12.45
C ASN C 121 -64.70 -2.13 -12.79
N ASN C 122 -65.52 -2.42 -11.78
CA ASN C 122 -66.97 -2.32 -11.90
C ASN C 122 -67.60 -2.46 -10.53
N ALA C 123 -68.69 -1.73 -10.32
CA ALA C 123 -69.51 -1.84 -9.10
C ALA C 123 -68.67 -1.60 -7.85
N THR C 124 -67.83 -0.57 -7.88
CA THR C 124 -66.92 -0.26 -6.78
C THR C 124 -66.10 -1.48 -6.40
N ASN C 125 -65.67 -2.25 -7.40
CA ASN C 125 -65.02 -3.52 -7.18
C ASN C 125 -63.97 -3.72 -8.26
N VAL C 126 -62.73 -3.87 -7.83
CA VAL C 126 -61.66 -4.18 -8.76
C VAL C 126 -61.47 -5.69 -8.85
N VAL C 127 -61.02 -6.15 -10.00
CA VAL C 127 -60.89 -7.58 -10.29
C VAL C 127 -59.59 -7.81 -11.02
N ILE C 128 -58.83 -8.81 -10.60
CA ILE C 128 -57.55 -9.12 -11.20
C ILE C 128 -57.49 -10.61 -11.49
N LYS C 129 -57.01 -10.97 -12.67
CA LYS C 129 -56.87 -12.37 -13.04
C LYS C 129 -55.61 -12.55 -13.87
N VAL C 130 -55.10 -13.78 -13.91
CA VAL C 130 -53.95 -14.10 -14.75
C VAL C 130 -54.23 -15.34 -15.56
N CYS C 131 -55.50 -15.64 -15.79
CA CYS C 131 -55.86 -16.79 -16.61
C CYS C 131 -55.45 -16.53 -18.06
N GLU C 132 -55.45 -17.59 -18.86
CA GLU C 132 -55.08 -17.48 -20.27
C GLU C 132 -56.36 -17.45 -21.11
N PHE C 133 -56.95 -16.26 -21.20
CA PHE C 133 -58.26 -16.10 -21.81
C PHE C 133 -58.18 -16.12 -23.33
N GLN C 134 -59.34 -16.02 -23.95
CA GLN C 134 -59.46 -15.66 -25.36
C GLN C 134 -60.07 -14.27 -25.39
N PHE C 135 -59.33 -13.32 -25.95
CA PHE C 135 -59.74 -11.92 -25.99
C PHE C 135 -60.40 -11.63 -27.32
N CYS C 136 -61.60 -11.05 -27.26
CA CYS C 136 -62.21 -10.53 -28.48
C CYS C 136 -61.35 -9.41 -29.04
N ASN C 137 -61.27 -9.35 -30.36
CA ASN C 137 -60.43 -8.36 -31.00
C ASN C 137 -60.98 -6.96 -30.91
N ASP C 138 -62.02 -6.73 -30.11
CA ASP C 138 -62.58 -5.41 -29.95
C ASP C 138 -63.41 -5.35 -28.67
N PRO C 139 -62.79 -5.51 -27.50
CA PRO C 139 -63.56 -5.67 -26.27
C PRO C 139 -63.79 -4.38 -25.52
N PHE C 140 -64.86 -4.40 -24.71
CA PHE C 140 -65.15 -3.32 -23.78
C PHE C 140 -66.30 -3.72 -22.85
N ASN C 164 -59.45 -19.94 -18.49
CA ASN C 164 -58.98 -21.30 -18.60
C ASN C 164 -58.22 -21.72 -17.35
N ASN C 165 -57.03 -22.31 -17.53
CA ASN C 165 -56.26 -22.86 -16.42
C ASN C 165 -55.70 -21.70 -15.61
N CYS C 166 -56.54 -21.15 -14.75
CA CYS C 166 -56.20 -19.94 -14.01
C CYS C 166 -55.07 -20.21 -13.02
N THR C 167 -54.47 -19.13 -12.54
CA THR C 167 -53.35 -19.21 -11.61
C THR C 167 -53.45 -18.25 -10.44
N PHE C 168 -54.17 -17.14 -10.57
CA PHE C 168 -54.29 -16.17 -9.49
C PHE C 168 -55.43 -15.21 -9.75
N GLU C 169 -56.31 -15.03 -8.77
CA GLU C 169 -57.41 -14.08 -8.90
C GLU C 169 -57.56 -13.35 -7.57
N TYR C 170 -56.80 -12.27 -7.40
CA TYR C 170 -56.92 -11.43 -6.20
C TYR C 170 -58.12 -10.50 -6.35
N VAL C 171 -59.29 -11.11 -6.47
CA VAL C 171 -60.49 -10.44 -6.93
C VAL C 171 -60.98 -9.36 -5.98
N SER C 172 -60.31 -9.16 -4.84
CA SER C 172 -60.59 -8.06 -3.93
C SER C 172 -62.07 -7.84 -3.66
N LYS C 187 -62.66 18.34 -13.58
CA LYS C 187 -62.24 17.04 -14.07
C LYS C 187 -61.22 16.39 -13.15
N ASN C 188 -60.92 15.12 -13.39
CA ASN C 188 -59.95 14.41 -12.55
C ASN C 188 -58.84 13.86 -13.42
N LEU C 189 -57.60 14.03 -12.95
CA LEU C 189 -56.43 13.49 -13.61
C LEU C 189 -55.91 12.32 -12.79
N ARG C 190 -55.86 11.15 -13.39
CA ARG C 190 -55.39 9.94 -12.71
C ARG C 190 -54.13 9.45 -13.41
N GLU C 191 -53.05 9.30 -12.65
CA GLU C 191 -51.77 8.88 -13.20
C GLU C 191 -51.40 7.53 -12.61
N PHE C 192 -50.84 6.67 -13.44
CA PHE C 192 -50.41 5.35 -13.03
C PHE C 192 -49.07 5.05 -13.66
N VAL C 193 -48.28 4.25 -12.96
CA VAL C 193 -47.02 3.76 -13.47
C VAL C 193 -47.01 2.26 -13.30
N PHE C 194 -46.80 1.53 -14.38
CA PHE C 194 -46.72 0.08 -14.33
C PHE C 194 -45.31 -0.34 -14.69
N LYS C 195 -44.70 -1.17 -13.85
CA LYS C 195 -43.42 -1.76 -14.22
C LYS C 195 -43.41 -3.22 -13.81
N ASN C 196 -42.59 -4.00 -14.51
CA ASN C 196 -42.58 -5.45 -14.37
C ASN C 196 -41.16 -5.92 -14.13
N ILE C 197 -40.82 -6.17 -12.87
CA ILE C 197 -39.50 -6.62 -12.49
C ILE C 197 -39.61 -8.10 -12.15
N ASP C 198 -38.46 -8.72 -11.88
CA ASP C 198 -38.39 -10.16 -11.67
C ASP C 198 -39.44 -10.64 -10.67
N GLY C 199 -40.36 -11.47 -11.17
CA GLY C 199 -41.37 -12.04 -10.31
C GLY C 199 -42.26 -11.05 -9.61
N TYR C 200 -42.38 -9.82 -10.13
CA TYR C 200 -43.20 -8.82 -9.51
C TYR C 200 -43.74 -7.86 -10.55
N PHE C 201 -44.96 -7.42 -10.34
CA PHE C 201 -45.61 -6.44 -11.19
C PHE C 201 -46.03 -5.30 -10.26
N LYS C 202 -45.32 -4.18 -10.32
CA LYS C 202 -45.56 -3.08 -9.41
C LYS C 202 -46.40 -2.01 -10.08
N ILE C 203 -47.35 -1.47 -9.30
CA ILE C 203 -48.29 -0.47 -9.77
C ILE C 203 -48.24 0.70 -8.80
N TYR C 204 -47.88 1.86 -9.31
CA TYR C 204 -47.82 3.10 -8.55
C TYR C 204 -48.92 4.01 -9.08
N SER C 205 -49.45 4.89 -8.26
CA SER C 205 -50.61 5.65 -8.72
C SER C 205 -50.70 6.97 -8.00
N LYS C 206 -51.56 7.84 -8.53
CA LYS C 206 -51.87 9.12 -7.91
C LYS C 206 -53.08 9.70 -8.60
N HIS C 207 -53.86 10.49 -7.86
CA HIS C 207 -55.03 11.14 -8.40
C HIS C 207 -55.06 12.60 -7.96
N THR C 208 -55.46 13.48 -8.86
CA THR C 208 -55.49 14.90 -8.55
C THR C 208 -56.69 15.56 -9.22
N PRO C 209 -57.22 16.63 -8.62
CA PRO C 209 -58.32 17.36 -9.24
C PRO C 209 -57.80 18.45 -10.15
N ILE C 210 -58.33 18.50 -11.37
CA ILE C 210 -57.87 19.43 -12.39
C ILE C 210 -59.07 20.21 -12.91
N ASN C 211 -58.82 21.48 -13.26
CA ASN C 211 -59.82 22.35 -13.89
C ASN C 211 -59.17 22.94 -15.13
N LEU C 212 -59.25 22.21 -16.24
CA LEU C 212 -58.58 22.55 -17.49
C LEU C 212 -58.99 21.49 -18.51
N VAL C 213 -58.61 21.71 -19.77
CA VAL C 213 -58.89 20.78 -20.85
C VAL C 213 -57.67 20.73 -21.77
N ARG C 214 -57.52 19.59 -22.45
CA ARG C 214 -56.70 19.35 -23.64
C ARG C 214 -55.22 19.04 -23.43
N ASP C 215 -54.70 19.01 -22.21
CA ASP C 215 -53.25 18.81 -22.09
C ASP C 215 -52.86 18.48 -20.67
N LEU C 216 -51.70 17.86 -20.54
CA LEU C 216 -51.11 17.62 -19.23
C LEU C 216 -50.70 18.93 -18.60
N PRO C 217 -51.01 19.16 -17.34
CA PRO C 217 -50.63 20.43 -16.70
C PRO C 217 -49.15 20.45 -16.33
N GLN C 218 -48.72 21.64 -15.93
CA GLN C 218 -47.41 21.78 -15.32
C GLN C 218 -47.44 21.23 -13.89
N GLY C 219 -46.35 21.44 -13.18
CA GLY C 219 -46.29 21.10 -11.77
C GLY C 219 -45.69 19.73 -11.53
N PHE C 220 -45.51 19.45 -10.25
CA PHE C 220 -44.81 18.25 -9.81
C PHE C 220 -45.66 17.53 -8.77
N SER C 221 -45.71 16.20 -8.87
CA SER C 221 -46.49 15.42 -7.92
C SER C 221 -45.97 14.00 -7.94
N ALA C 222 -45.43 13.54 -6.82
CA ALA C 222 -44.84 12.21 -6.76
C ALA C 222 -45.93 11.15 -6.67
N LEU C 223 -45.59 9.94 -7.09
CA LEU C 223 -46.53 8.84 -7.16
C LEU C 223 -46.20 7.82 -6.08
N GLU C 224 -47.16 7.56 -5.21
CA GLU C 224 -47.11 6.70 -4.03
C GLU C 224 -47.42 5.26 -4.41
N PRO C 225 -46.61 4.31 -3.95
CA PRO C 225 -46.81 2.91 -4.36
C PRO C 225 -48.17 2.41 -3.94
N LEU C 226 -48.77 1.58 -4.79
CA LEU C 226 -50.12 1.10 -4.58
C LEU C 226 -50.22 -0.40 -4.44
N VAL C 227 -49.61 -1.16 -5.34
CA VAL C 227 -49.68 -2.61 -5.26
C VAL C 227 -48.39 -3.21 -5.80
N ASP C 228 -48.06 -4.40 -5.29
CA ASP C 228 -46.89 -5.15 -5.75
C ASP C 228 -47.33 -6.60 -5.93
N LEU C 229 -47.82 -6.92 -7.12
CA LEU C 229 -48.31 -8.29 -7.20
C LEU C 229 -47.17 -9.25 -7.48
N PRO C 230 -47.23 -10.45 -6.91
CA PRO C 230 -46.22 -11.51 -7.17
C PRO C 230 -46.58 -12.40 -8.36
N ILE C 231 -46.34 -11.89 -9.56
CA ILE C 231 -46.67 -12.60 -10.78
C ILE C 231 -45.38 -12.90 -11.53
N GLY C 232 -45.42 -13.89 -12.40
CA GLY C 232 -44.23 -14.27 -13.14
C GLY C 232 -44.43 -14.38 -14.63
N ILE C 233 -45.22 -13.48 -15.21
CA ILE C 233 -45.64 -13.62 -16.59
C ILE C 233 -44.72 -12.80 -17.49
N ASN C 234 -44.81 -13.04 -18.79
CA ASN C 234 -44.04 -12.34 -19.80
C ASN C 234 -44.97 -11.38 -20.52
N ILE C 235 -44.61 -10.11 -20.56
CA ILE C 235 -45.46 -9.07 -21.13
C ILE C 235 -44.68 -8.31 -22.20
N THR C 236 -45.30 -8.11 -23.35
CA THR C 236 -44.75 -7.25 -24.38
C THR C 236 -45.76 -6.26 -24.96
N ARG C 237 -47.04 -6.41 -24.67
CA ARG C 237 -48.05 -5.51 -25.20
C ARG C 237 -49.17 -5.37 -24.19
N PHE C 238 -49.94 -4.29 -24.33
CA PHE C 238 -51.11 -4.11 -23.49
C PHE C 238 -52.16 -3.36 -24.29
N GLN C 239 -53.27 -3.06 -23.64
CA GLN C 239 -54.37 -2.37 -24.29
C GLN C 239 -55.39 -1.94 -23.23
N THR C 240 -55.92 -0.75 -23.38
CA THR C 240 -56.87 -0.23 -22.42
C THR C 240 -58.28 -0.73 -22.69
N LEU C 241 -59.14 -0.62 -21.69
CA LEU C 241 -60.53 -1.07 -21.74
C LEU C 241 -61.42 0.06 -21.25
N LEU C 242 -62.27 0.57 -22.13
CA LEU C 242 -63.15 1.68 -21.80
C LEU C 242 -64.54 1.19 -21.48
N ALA C 264 -59.58 12.03 -22.19
CA ALA C 264 -58.76 11.15 -23.02
C ALA C 264 -57.57 10.65 -22.22
N TYR C 265 -56.58 10.08 -22.88
CA TYR C 265 -55.45 9.57 -22.12
C TYR C 265 -54.16 9.70 -22.90
N TYR C 266 -53.06 9.49 -22.20
CA TYR C 266 -51.72 9.67 -22.74
C TYR C 266 -50.83 8.54 -22.28
N VAL C 267 -49.89 8.17 -23.13
CA VAL C 267 -49.00 7.04 -22.89
C VAL C 267 -47.55 7.47 -23.07
N GLY C 268 -46.68 7.04 -22.16
CA GLY C 268 -45.26 7.28 -22.29
C GLY C 268 -44.47 6.12 -21.73
N TYR C 269 -43.18 6.07 -22.09
CA TYR C 269 -42.35 4.93 -21.78
C TYR C 269 -41.24 5.31 -20.82
N LEU C 270 -40.67 4.29 -20.16
CA LEU C 270 -39.65 4.49 -19.14
C LEU C 270 -38.28 4.07 -19.65
N GLN C 271 -37.26 4.73 -19.14
CA GLN C 271 -35.87 4.50 -19.52
C GLN C 271 -35.01 4.53 -18.26
N PRO C 272 -33.84 3.91 -18.30
CA PRO C 272 -32.98 3.88 -17.11
C PRO C 272 -32.20 5.16 -16.85
N ARG C 273 -32.78 6.10 -16.12
CA ARG C 273 -32.12 7.36 -15.84
C ARG C 273 -31.44 7.35 -14.48
N THR C 274 -30.82 8.49 -14.15
CA THR C 274 -30.36 8.85 -12.83
C THR C 274 -31.03 10.16 -12.45
N PHE C 275 -31.53 10.25 -11.24
CA PHE C 275 -32.30 11.41 -10.83
C PHE C 275 -31.78 11.92 -9.50
N LEU C 276 -31.96 13.20 -9.27
CA LEU C 276 -31.66 13.81 -7.97
C LEU C 276 -32.98 14.26 -7.35
N LEU C 277 -33.36 13.63 -6.25
CA LEU C 277 -34.66 13.85 -5.62
C LEU C 277 -34.49 14.70 -4.38
N LYS C 278 -35.48 15.52 -4.09
CA LYS C 278 -35.40 16.47 -2.98
C LYS C 278 -36.55 16.24 -2.02
N TYR C 279 -36.25 15.76 -0.81
CA TYR C 279 -37.25 15.54 0.22
C TYR C 279 -37.29 16.72 1.16
N ASN C 280 -38.48 17.25 1.40
CA ASN C 280 -38.67 18.35 2.35
C ASN C 280 -38.69 17.80 3.77
N GLU C 281 -39.13 18.62 4.72
CA GLU C 281 -39.01 18.21 6.11
C GLU C 281 -40.00 17.11 6.46
N ASN C 282 -41.15 17.06 5.81
CA ASN C 282 -42.15 16.06 6.13
C ASN C 282 -41.95 14.77 5.36
N GLY C 283 -40.81 14.60 4.70
CA GLY C 283 -40.55 13.38 3.98
C GLY C 283 -41.28 13.27 2.66
N THR C 284 -41.71 14.38 2.08
CA THR C 284 -42.44 14.40 0.82
C THR C 284 -41.53 14.87 -0.30
N ILE C 285 -41.51 14.12 -1.41
CA ILE C 285 -40.73 14.52 -2.57
C ILE C 285 -41.39 15.73 -3.20
N THR C 286 -40.65 16.84 -3.28
CA THR C 286 -41.21 18.05 -3.84
C THR C 286 -40.51 18.54 -5.09
N ASP C 287 -39.39 17.93 -5.48
CA ASP C 287 -38.72 18.34 -6.71
C ASP C 287 -37.67 17.31 -7.08
N ALA C 288 -37.28 17.35 -8.35
CA ALA C 288 -36.29 16.43 -8.86
C ALA C 288 -35.54 17.07 -10.01
N VAL C 289 -34.36 16.53 -10.29
CA VAL C 289 -33.54 16.95 -11.40
C VAL C 289 -33.23 15.73 -12.25
N ASP C 290 -33.62 15.77 -13.52
CA ASP C 290 -33.18 14.77 -14.47
C ASP C 290 -31.71 15.01 -14.77
N CYS C 291 -30.92 13.96 -14.70
CA CYS C 291 -29.48 14.12 -14.61
C CYS C 291 -28.78 13.92 -15.94
N ALA C 292 -29.53 13.81 -17.04
CA ALA C 292 -28.92 13.70 -18.35
C ALA C 292 -29.67 14.52 -19.39
N LEU C 293 -30.45 15.51 -18.95
CA LEU C 293 -31.23 16.31 -19.87
C LEU C 293 -30.37 17.30 -20.65
N ASP C 294 -29.45 17.97 -19.97
CA ASP C 294 -28.65 19.04 -20.57
C ASP C 294 -27.49 19.33 -19.64
N PRO C 295 -26.46 20.03 -20.12
CA PRO C 295 -25.25 20.19 -19.30
C PRO C 295 -25.50 20.84 -17.94
N LEU C 296 -26.40 21.81 -17.88
CA LEU C 296 -26.67 22.47 -16.62
C LEU C 296 -27.15 21.47 -15.58
N SER C 297 -28.02 20.55 -15.98
CA SER C 297 -28.49 19.53 -15.06
C SER C 297 -27.35 18.64 -14.60
N GLU C 298 -26.41 18.34 -15.50
CA GLU C 298 -25.29 17.51 -15.10
C GLU C 298 -24.44 18.19 -14.05
N THR C 299 -24.20 19.49 -14.20
CA THR C 299 -23.48 20.20 -13.16
C THR C 299 -24.26 20.18 -11.86
N LYS C 300 -25.58 20.39 -11.93
CA LYS C 300 -26.40 20.32 -10.73
C LYS C 300 -26.22 18.98 -10.04
N CYS C 301 -26.11 17.91 -10.80
CA CYS C 301 -25.89 16.60 -10.19
C CYS C 301 -24.54 16.52 -9.51
N THR C 302 -23.47 16.88 -10.21
CA THR C 302 -22.15 16.68 -9.62
C THR C 302 -21.93 17.57 -8.41
N LEU C 303 -22.55 18.75 -8.38
CA LEU C 303 -22.48 19.56 -7.17
C LEU C 303 -23.47 19.13 -6.11
N LYS C 304 -24.46 18.34 -6.47
CA LYS C 304 -25.53 17.93 -5.56
C LYS C 304 -26.21 19.15 -4.94
N SER C 305 -26.69 20.04 -5.78
CA SER C 305 -27.48 21.16 -5.31
C SER C 305 -28.36 21.63 -6.45
N PHE C 306 -29.38 22.39 -6.09
CA PHE C 306 -30.31 22.92 -7.07
C PHE C 306 -29.94 24.31 -7.55
N THR C 307 -28.89 24.89 -7.00
CA THR C 307 -28.44 26.21 -7.38
C THR C 307 -26.94 26.18 -7.63
N VAL C 308 -26.48 27.01 -8.56
CA VAL C 308 -25.10 26.97 -9.02
C VAL C 308 -24.54 28.37 -9.03
N GLU C 309 -23.37 28.55 -8.41
CA GLU C 309 -22.68 29.82 -8.42
C GLU C 309 -21.97 30.01 -9.75
N LYS C 310 -21.60 31.26 -10.03
CA LYS C 310 -20.83 31.55 -11.23
C LYS C 310 -19.49 30.85 -11.18
N GLY C 311 -19.09 30.25 -12.29
CA GLY C 311 -17.82 29.56 -12.34
C GLY C 311 -17.76 28.61 -13.52
N ILE C 312 -16.71 27.80 -13.51
CA ILE C 312 -16.49 26.77 -14.52
C ILE C 312 -16.21 25.46 -13.80
N TYR C 313 -17.05 24.47 -14.06
CA TYR C 313 -16.97 23.20 -13.36
C TYR C 313 -16.69 22.08 -14.34
N GLN C 314 -15.98 21.06 -13.88
CA GLN C 314 -15.72 19.88 -14.69
C GLN C 314 -16.66 18.77 -14.26
N THR C 315 -17.40 18.23 -15.22
CA THR C 315 -18.47 17.31 -14.92
C THR C 315 -18.25 15.89 -15.43
N SER C 316 -17.41 15.69 -16.45
CA SER C 316 -17.32 14.37 -17.03
C SER C 316 -16.06 14.27 -17.88
N ASN C 317 -15.83 13.07 -18.39
CA ASN C 317 -14.80 12.80 -19.36
C ASN C 317 -15.43 12.31 -20.64
N PHE C 318 -14.65 12.30 -21.70
CA PHE C 318 -15.10 11.75 -22.96
C PHE C 318 -13.94 11.01 -23.60
N ARG C 319 -14.27 10.00 -24.38
CA ARG C 319 -13.27 9.09 -24.93
C ARG C 319 -13.82 8.47 -26.20
N VAL C 320 -13.10 8.61 -27.30
CA VAL C 320 -13.54 8.03 -28.55
C VAL C 320 -13.59 6.51 -28.42
N GLN C 321 -14.55 5.90 -29.04
CA GLN C 321 -14.59 4.46 -28.94
C GLN C 321 -14.07 3.82 -30.22
N PRO C 322 -13.42 2.66 -30.12
CA PRO C 322 -12.87 2.02 -31.31
C PRO C 322 -13.98 1.48 -32.20
N THR C 323 -13.82 1.68 -33.51
CA THR C 323 -14.88 1.32 -34.44
C THR C 323 -14.93 -0.19 -34.67
N GLU C 324 -13.80 -0.79 -35.07
CA GLU C 324 -13.77 -2.21 -35.35
C GLU C 324 -12.49 -2.83 -34.81
N SER C 325 -12.26 -4.08 -35.16
CA SER C 325 -11.05 -4.81 -34.78
C SER C 325 -10.28 -5.16 -36.03
N ILE C 326 -9.02 -5.54 -35.86
CA ILE C 326 -8.14 -5.85 -36.97
C ILE C 326 -7.08 -6.83 -36.45
N VAL C 327 -6.67 -7.77 -37.29
CA VAL C 327 -5.71 -8.81 -36.91
C VAL C 327 -4.74 -9.02 -38.07
N ARG C 328 -3.45 -9.12 -37.75
CA ARG C 328 -2.42 -9.37 -38.73
C ARG C 328 -1.49 -10.47 -38.22
N PHE C 329 -1.14 -11.39 -39.11
CA PHE C 329 -0.22 -12.48 -38.83
C PHE C 329 0.62 -12.72 -40.07
N PRO C 330 1.78 -13.35 -39.93
CA PRO C 330 2.63 -13.61 -41.10
C PRO C 330 1.99 -14.63 -42.03
N ASN C 331 2.44 -14.62 -43.28
CA ASN C 331 1.98 -15.59 -44.26
C ASN C 331 2.22 -17.00 -43.76
N ILE C 332 1.35 -17.93 -44.16
CA ILE C 332 1.49 -19.33 -43.78
C ILE C 332 1.97 -20.11 -44.99
N THR C 333 3.08 -20.82 -44.82
CA THR C 333 3.64 -21.64 -45.90
C THR C 333 3.79 -23.11 -45.51
N ASN C 334 4.35 -23.39 -44.34
CA ASN C 334 4.58 -24.76 -43.93
C ASN C 334 3.27 -25.43 -43.57
N LEU C 335 3.14 -26.70 -43.97
CA LEU C 335 1.96 -27.49 -43.65
C LEU C 335 2.39 -28.94 -43.45
N CYS C 336 1.83 -29.58 -42.43
CA CYS C 336 2.24 -30.93 -42.07
C CYS C 336 1.88 -31.90 -43.20
N PRO C 337 2.72 -32.92 -43.45
CA PRO C 337 2.55 -33.80 -44.62
C PRO C 337 1.64 -34.99 -44.35
N PHE C 338 0.32 -34.76 -44.40
CA PHE C 338 -0.62 -35.86 -44.25
C PHE C 338 -0.94 -36.56 -45.56
N GLY C 339 -0.52 -36.00 -46.69
CA GLY C 339 -0.73 -36.68 -47.95
C GLY C 339 0.00 -38.00 -48.03
N GLU C 340 1.25 -38.02 -47.58
CA GLU C 340 2.04 -39.26 -47.56
C GLU C 340 1.48 -40.29 -46.60
N VAL C 341 0.67 -39.90 -45.62
CA VAL C 341 0.11 -40.84 -44.68
C VAL C 341 -1.36 -41.16 -44.97
N PHE C 342 -1.98 -40.51 -45.95
CA PHE C 342 -3.34 -40.90 -46.31
C PHE C 342 -3.43 -41.39 -47.75
N ASN C 343 -2.95 -40.60 -48.70
CA ASN C 343 -3.01 -40.95 -50.11
C ASN C 343 -1.77 -41.71 -50.56
N ALA C 344 -1.13 -42.41 -49.63
CA ALA C 344 0.05 -43.21 -49.97
C ALA C 344 -0.33 -44.38 -50.86
N THR C 345 0.54 -44.69 -51.82
CA THR C 345 0.25 -45.75 -52.78
C THR C 345 0.09 -47.11 -52.11
N ARG C 346 0.96 -47.42 -51.15
CA ARG C 346 0.91 -48.71 -50.49
C ARG C 346 1.28 -48.55 -49.03
N PHE C 347 0.41 -49.05 -48.15
CA PHE C 347 0.61 -48.96 -46.71
C PHE C 347 1.59 -50.05 -46.27
N ALA C 348 1.70 -50.20 -44.95
CA ALA C 348 2.53 -51.24 -44.36
C ALA C 348 1.68 -52.45 -44.03
N SER C 349 2.33 -53.51 -43.55
CA SER C 349 1.59 -54.65 -43.05
C SER C 349 1.26 -54.44 -41.57
N VAL C 350 0.13 -55.00 -41.15
CA VAL C 350 -0.39 -54.71 -39.82
C VAL C 350 0.58 -55.18 -38.74
N TYR C 351 1.40 -56.18 -39.04
CA TYR C 351 2.40 -56.60 -38.06
C TYR C 351 3.67 -55.75 -38.13
N ALA C 352 3.79 -54.89 -39.14
CA ALA C 352 4.94 -54.01 -39.34
C ALA C 352 4.47 -52.57 -39.46
N TRP C 353 3.65 -52.16 -38.51
CA TRP C 353 2.97 -50.87 -38.58
C TRP C 353 3.96 -49.72 -38.60
N ASN C 354 3.84 -48.85 -39.61
CA ASN C 354 4.81 -47.77 -39.80
C ASN C 354 4.56 -46.65 -38.79
N ARG C 355 5.63 -46.19 -38.16
CA ARG C 355 5.60 -45.20 -37.10
C ARG C 355 6.30 -43.94 -37.61
N LYS C 356 5.55 -43.08 -38.29
CA LYS C 356 6.09 -41.81 -38.74
C LYS C 356 5.92 -40.76 -37.66
N ARG C 357 6.94 -39.94 -37.49
CA ARG C 357 6.91 -38.86 -36.50
C ARG C 357 6.91 -37.54 -37.26
N ILE C 358 5.88 -36.73 -37.02
CA ILE C 358 5.75 -35.43 -37.67
C ILE C 358 5.86 -34.34 -36.62
N SER C 359 6.66 -33.33 -36.91
CA SER C 359 6.82 -32.19 -36.02
C SER C 359 7.32 -31.01 -36.84
N ASN C 360 7.21 -29.82 -36.23
CA ASN C 360 7.71 -28.57 -36.82
C ASN C 360 7.00 -28.27 -38.14
N CYS C 361 5.69 -28.08 -38.04
CA CYS C 361 4.86 -27.70 -39.19
C CYS C 361 3.56 -27.12 -38.66
N VAL C 362 2.70 -26.74 -39.60
CA VAL C 362 1.38 -26.21 -39.28
C VAL C 362 0.34 -27.25 -39.68
N ALA C 363 -0.58 -27.54 -38.77
CA ALA C 363 -1.54 -28.62 -38.98
C ALA C 363 -2.88 -28.04 -39.41
N ASP C 364 -3.23 -28.22 -40.68
CA ASP C 364 -4.52 -27.83 -41.22
C ASP C 364 -5.44 -29.05 -41.23
N TYR C 365 -6.58 -28.94 -40.58
CA TYR C 365 -7.54 -30.03 -40.53
C TYR C 365 -8.82 -29.74 -41.30
N SER C 366 -8.94 -28.56 -41.88
CA SER C 366 -10.02 -28.28 -42.81
C SER C 366 -9.90 -29.08 -44.09
N VAL C 367 -8.75 -29.72 -44.32
CA VAL C 367 -8.56 -30.62 -45.45
C VAL C 367 -9.09 -32.01 -45.17
N LEU C 368 -9.05 -32.47 -43.91
CA LEU C 368 -9.54 -33.77 -43.54
C LEU C 368 -10.98 -33.75 -43.04
N TYR C 369 -11.45 -32.61 -42.52
CA TYR C 369 -12.84 -32.52 -42.08
C TYR C 369 -13.80 -32.66 -43.24
N ASN C 370 -13.47 -32.03 -44.38
CA ASN C 370 -14.41 -32.01 -45.50
C ASN C 370 -14.48 -33.36 -46.20
N SER C 371 -13.46 -34.20 -46.03
CA SER C 371 -13.51 -35.55 -46.59
C SER C 371 -14.39 -36.44 -45.73
N ALA C 372 -15.65 -36.59 -46.14
CA ALA C 372 -16.61 -37.42 -45.41
C ALA C 372 -16.68 -38.82 -45.99
N SER C 373 -15.64 -39.26 -46.69
CA SER C 373 -15.56 -40.60 -47.25
C SER C 373 -15.01 -41.62 -46.26
N PHE C 374 -14.71 -41.18 -45.03
CA PHE C 374 -14.23 -42.07 -44.00
C PHE C 374 -15.40 -42.81 -43.35
N SER C 375 -15.06 -43.85 -42.60
CA SER C 375 -16.05 -44.60 -41.83
C SER C 375 -15.82 -44.49 -40.33
N THR C 376 -14.62 -44.14 -39.89
CA THR C 376 -14.33 -44.00 -38.47
C THR C 376 -13.33 -42.87 -38.27
N PHE C 377 -13.72 -41.87 -37.49
CA PHE C 377 -12.85 -40.73 -37.18
C PHE C 377 -13.26 -40.19 -35.81
N LYS C 378 -12.55 -40.62 -34.77
CA LYS C 378 -12.76 -40.06 -33.44
C LYS C 378 -11.43 -39.89 -32.73
N CYS C 379 -11.36 -38.94 -31.82
CA CYS C 379 -10.27 -38.87 -30.86
C CYS C 379 -10.77 -39.21 -29.46
N TYR C 380 -9.92 -39.89 -28.70
CA TYR C 380 -10.25 -40.34 -27.35
C TYR C 380 -9.75 -39.31 -26.35
N GLY C 381 -10.68 -38.65 -25.66
CA GLY C 381 -10.35 -37.65 -24.67
C GLY C 381 -10.22 -36.24 -25.19
N VAL C 382 -10.20 -36.03 -26.51
CA VAL C 382 -10.06 -34.71 -27.10
C VAL C 382 -11.09 -34.58 -28.21
N SER C 383 -11.78 -33.45 -28.24
CA SER C 383 -12.81 -33.24 -29.25
C SER C 383 -12.18 -33.20 -30.63
N PRO C 384 -12.68 -33.97 -31.59
CA PRO C 384 -12.07 -33.99 -32.93
C PRO C 384 -12.20 -32.67 -33.68
N THR C 385 -12.83 -31.68 -33.06
CA THR C 385 -13.04 -30.39 -33.70
C THR C 385 -12.03 -29.33 -33.31
N LYS C 386 -11.59 -29.32 -32.05
CA LYS C 386 -10.66 -28.32 -31.54
C LYS C 386 -9.23 -28.52 -32.04
N LEU C 387 -9.00 -29.51 -32.89
CA LEU C 387 -7.65 -29.90 -33.26
C LEU C 387 -6.87 -28.77 -33.92
N ASN C 388 -7.54 -27.89 -34.66
CA ASN C 388 -6.86 -26.80 -35.34
C ASN C 388 -6.38 -25.72 -34.38
N ASP C 389 -6.67 -25.86 -33.08
CA ASP C 389 -6.33 -24.83 -32.11
C ASP C 389 -5.47 -25.32 -30.95
N LEU C 390 -4.79 -26.45 -31.09
CA LEU C 390 -3.94 -26.96 -30.03
C LEU C 390 -2.47 -26.84 -30.42
N CYS C 391 -1.59 -27.29 -29.52
CA CYS C 391 -0.16 -27.30 -29.79
C CYS C 391 0.43 -28.55 -29.13
N PHE C 392 1.32 -29.23 -29.84
CA PHE C 392 1.90 -30.49 -29.40
C PHE C 392 3.40 -30.48 -29.64
N THR C 393 4.11 -31.31 -28.86
CA THR C 393 5.52 -31.54 -29.14
C THR C 393 5.71 -32.25 -30.48
N ASN C 394 5.19 -33.46 -30.58
CA ASN C 394 5.23 -34.23 -31.83
C ASN C 394 3.91 -34.95 -32.01
N VAL C 395 3.60 -35.27 -33.26
CA VAL C 395 2.46 -36.12 -33.58
C VAL C 395 3.02 -37.40 -34.19
N TYR C 396 2.39 -38.53 -33.85
CA TYR C 396 2.80 -39.83 -34.35
C TYR C 396 1.71 -40.37 -35.24
N ALA C 397 2.05 -40.68 -36.48
CA ALA C 397 1.14 -41.32 -37.41
C ALA C 397 1.58 -42.78 -37.54
N ASP C 398 0.79 -43.69 -36.99
CA ASP C 398 1.02 -45.12 -37.14
C ASP C 398 0.06 -45.63 -38.21
N SER C 399 0.61 -46.07 -39.33
CA SER C 399 -0.18 -46.46 -40.50
C SER C 399 -0.05 -47.95 -40.74
N PHE C 400 -1.17 -48.58 -41.08
CA PHE C 400 -1.19 -49.98 -41.51
C PHE C 400 -2.59 -50.28 -42.06
N VAL C 401 -2.80 -51.54 -42.42
CA VAL C 401 -4.08 -52.00 -42.98
C VAL C 401 -4.48 -53.26 -42.23
N ILE C 402 -5.78 -53.42 -42.00
CA ILE C 402 -6.28 -54.51 -41.19
C ILE C 402 -7.41 -55.23 -41.91
N ARG C 403 -7.67 -56.45 -41.46
CA ARG C 403 -8.89 -57.17 -41.76
C ARG C 403 -10.07 -56.46 -41.09
N GLY C 404 -11.05 -56.07 -41.90
CA GLY C 404 -12.00 -55.06 -41.48
C GLY C 404 -12.85 -55.46 -40.29
N ASP C 405 -13.15 -56.75 -40.15
CA ASP C 405 -14.06 -57.16 -39.09
C ASP C 405 -13.44 -56.96 -37.71
N GLU C 406 -12.14 -56.69 -37.63
CA GLU C 406 -11.50 -56.36 -36.37
C GLU C 406 -11.11 -54.88 -36.26
N VAL C 407 -11.74 -54.00 -37.03
CA VAL C 407 -11.38 -52.58 -36.90
C VAL C 407 -11.73 -52.06 -35.51
N ARG C 408 -12.81 -52.56 -34.91
CA ARG C 408 -13.12 -52.21 -33.54
C ARG C 408 -12.07 -52.69 -32.56
N GLN C 409 -11.33 -53.74 -32.91
CA GLN C 409 -10.40 -54.39 -31.99
C GLN C 409 -9.29 -53.46 -31.52
N ILE C 410 -9.01 -52.38 -32.25
CA ILE C 410 -8.02 -51.40 -31.85
C ILE C 410 -8.77 -50.28 -31.12
N ALA C 411 -8.86 -50.41 -29.81
CA ALA C 411 -9.46 -49.40 -28.95
C ALA C 411 -8.87 -49.54 -27.56
N PRO C 412 -8.77 -48.45 -26.81
CA PRO C 412 -8.14 -48.54 -25.48
C PRO C 412 -8.86 -49.56 -24.60
N GLY C 413 -8.15 -50.64 -24.27
CA GLY C 413 -8.71 -51.73 -23.52
C GLY C 413 -9.38 -52.80 -24.35
N GLN C 414 -9.48 -52.62 -25.66
CA GLN C 414 -10.12 -53.61 -26.51
C GLN C 414 -9.17 -54.78 -26.76
N THR C 415 -9.70 -55.99 -26.64
CA THR C 415 -8.90 -57.20 -26.74
C THR C 415 -9.13 -57.87 -28.09
N GLY C 416 -8.18 -58.71 -28.47
CA GLY C 416 -8.22 -59.41 -29.73
C GLY C 416 -6.84 -59.93 -30.09
N LYS C 417 -6.81 -60.82 -31.09
CA LYS C 417 -5.56 -61.46 -31.45
C LYS C 417 -4.61 -60.47 -32.15
N ILE C 418 -5.14 -59.62 -33.03
CA ILE C 418 -4.32 -58.51 -33.51
C ILE C 418 -4.10 -57.50 -32.40
N ALA C 419 -5.02 -57.46 -31.43
CA ALA C 419 -4.89 -56.58 -30.28
C ALA C 419 -3.94 -57.14 -29.23
N ASP C 420 -3.24 -58.24 -29.52
CA ASP C 420 -2.17 -58.72 -28.67
C ASP C 420 -0.97 -59.24 -29.46
N TYR C 421 -1.01 -59.21 -30.78
CA TYR C 421 0.05 -59.80 -31.59
C TYR C 421 0.61 -58.89 -32.68
N ASN C 422 -0.13 -57.91 -33.17
CA ASN C 422 0.41 -56.98 -34.15
C ASN C 422 0.16 -55.50 -33.85
N TYR C 423 -0.78 -55.17 -32.96
CA TYR C 423 -0.92 -53.80 -32.49
C TYR C 423 -1.64 -53.79 -31.15
N LYS C 424 -1.06 -53.07 -30.19
CA LYS C 424 -1.62 -52.93 -28.85
C LYS C 424 -1.87 -51.47 -28.56
N LEU C 425 -3.07 -51.16 -28.09
CA LEU C 425 -3.38 -49.77 -27.79
C LEU C 425 -3.28 -49.51 -26.29
N PRO C 426 -2.72 -48.37 -25.90
CA PRO C 426 -2.54 -48.10 -24.47
C PRO C 426 -3.87 -47.96 -23.75
N ASP C 427 -3.86 -48.33 -22.47
CA ASP C 427 -5.06 -48.26 -21.66
C ASP C 427 -5.59 -46.83 -21.55
N ASP C 428 -4.71 -45.86 -21.30
CA ASP C 428 -5.06 -44.45 -21.25
C ASP C 428 -4.51 -43.76 -22.49
N PHE C 429 -5.24 -43.88 -23.60
CA PHE C 429 -4.77 -43.41 -24.89
C PHE C 429 -5.33 -42.02 -25.15
N THR C 430 -4.49 -41.16 -25.74
CA THR C 430 -4.91 -39.84 -26.18
C THR C 430 -4.50 -39.70 -27.64
N GLY C 431 -5.47 -39.41 -28.50
CA GLY C 431 -5.21 -39.31 -29.92
C GLY C 431 -6.45 -39.71 -30.70
N CYS C 432 -6.27 -39.85 -32.00
CA CYS C 432 -7.39 -40.10 -32.91
C CYS C 432 -7.12 -41.35 -33.73
N VAL C 433 -8.20 -41.94 -34.23
CA VAL C 433 -8.14 -43.11 -35.10
C VAL C 433 -8.89 -42.78 -36.38
N ILE C 434 -8.28 -43.08 -37.53
CA ILE C 434 -8.88 -42.80 -38.83
C ILE C 434 -8.76 -44.07 -39.65
N ALA C 435 -9.84 -44.84 -39.74
CA ALA C 435 -9.86 -46.06 -40.51
C ALA C 435 -11.04 -46.03 -41.46
N TRP C 436 -10.87 -46.66 -42.62
CA TRP C 436 -11.96 -46.75 -43.59
C TRP C 436 -11.71 -47.94 -44.51
N ASN C 437 -12.70 -48.20 -45.36
CA ASN C 437 -12.64 -49.29 -46.33
C ASN C 437 -11.99 -48.83 -47.62
N SER C 438 -11.10 -49.64 -48.15
CA SER C 438 -10.32 -49.30 -49.33
C SER C 438 -10.43 -50.37 -50.40
N ASN C 439 -11.66 -50.82 -50.68
CA ASN C 439 -11.85 -51.85 -51.70
C ASN C 439 -11.87 -51.25 -53.10
N ASN C 440 -10.90 -50.39 -53.37
CA ASN C 440 -10.71 -49.89 -54.73
C ASN C 440 -9.26 -49.64 -55.11
N LEU C 441 -8.30 -49.88 -54.21
CA LEU C 441 -6.88 -49.69 -54.54
C LEU C 441 -6.06 -50.96 -54.41
N ASP C 442 -6.10 -51.62 -53.26
CA ASP C 442 -5.32 -52.83 -53.04
C ASP C 442 -6.14 -54.10 -53.27
N SER C 443 -7.39 -53.96 -53.70
CA SER C 443 -8.14 -55.11 -54.17
C SER C 443 -7.50 -55.65 -55.43
N LYS C 444 -7.64 -56.96 -55.64
CA LYS C 444 -6.88 -57.65 -56.66
C LYS C 444 -7.78 -58.65 -57.37
N VAL C 445 -7.35 -59.06 -58.57
CA VAL C 445 -8.11 -60.04 -59.33
C VAL C 445 -8.14 -61.38 -58.59
N GLY C 446 -7.04 -61.72 -57.92
CA GLY C 446 -7.05 -62.87 -57.03
C GLY C 446 -6.55 -62.52 -55.65
N GLY C 447 -7.44 -62.55 -54.66
CA GLY C 447 -7.12 -62.28 -53.29
C GLY C 447 -6.37 -60.95 -53.12
N ASN C 448 -5.31 -61.02 -52.32
CA ASN C 448 -4.31 -59.96 -52.24
C ASN C 448 -3.08 -60.47 -51.49
N TYR C 449 -1.92 -60.47 -52.14
CA TYR C 449 -0.72 -61.04 -51.53
C TYR C 449 0.43 -60.05 -51.46
N ASN C 450 0.16 -58.76 -51.56
CA ASN C 450 1.13 -57.74 -51.19
C ASN C 450 1.25 -57.62 -49.68
N TYR C 451 0.30 -58.15 -48.92
CA TYR C 451 0.24 -58.01 -47.47
C TYR C 451 0.25 -59.38 -46.82
N LEU C 452 0.71 -59.43 -45.58
CA LEU C 452 0.52 -60.57 -44.70
C LEU C 452 0.71 -60.11 -43.26
N TYR C 453 0.54 -61.04 -42.32
CA TYR C 453 0.59 -60.68 -40.91
C TYR C 453 0.74 -61.94 -40.07
N ARG C 454 1.20 -61.75 -38.84
CA ARG C 454 1.20 -62.81 -37.84
C ARG C 454 -0.23 -63.03 -37.38
N LEU C 455 -0.86 -64.10 -37.88
CA LEU C 455 -2.12 -64.52 -37.30
C LEU C 455 -1.93 -65.15 -35.92
N PHE C 456 -0.69 -65.39 -35.52
CA PHE C 456 -0.40 -65.95 -34.21
C PHE C 456 1.03 -65.63 -33.85
N ARG C 457 1.27 -65.46 -32.55
CA ARG C 457 2.59 -65.06 -32.04
C ARG C 457 2.72 -65.52 -30.60
N LYS C 458 3.95 -65.81 -30.18
CA LYS C 458 4.17 -66.24 -28.81
C LYS C 458 4.03 -65.07 -27.84
N SER C 459 4.63 -63.93 -28.17
CA SER C 459 4.72 -62.80 -27.26
C SER C 459 3.40 -62.04 -27.22
N ASN C 460 3.05 -61.56 -26.03
CA ASN C 460 1.83 -60.81 -25.80
C ASN C 460 2.16 -59.32 -25.81
N LEU C 461 1.55 -58.60 -26.75
CA LEU C 461 1.96 -57.23 -27.03
C LEU C 461 1.58 -56.29 -25.89
N LYS C 462 2.56 -55.55 -25.40
CA LYS C 462 2.31 -54.41 -24.52
C LYS C 462 2.01 -53.18 -25.36
N PRO C 463 1.42 -52.14 -24.76
CA PRO C 463 1.10 -50.94 -25.54
C PRO C 463 2.30 -50.39 -26.29
N PHE C 464 2.11 -50.10 -27.59
CA PHE C 464 3.13 -49.56 -28.47
C PHE C 464 4.38 -50.43 -28.52
N GLU C 465 4.21 -51.74 -28.51
CA GLU C 465 5.33 -52.69 -28.61
C GLU C 465 5.32 -53.31 -30.01
N ARG C 466 6.39 -53.08 -30.76
CA ARG C 466 6.49 -53.54 -32.14
C ARG C 466 7.36 -54.79 -32.22
N ASP C 467 6.95 -55.72 -33.08
CA ASP C 467 7.75 -56.90 -33.36
C ASP C 467 7.45 -57.39 -34.76
N ILE C 468 8.50 -57.85 -35.44
CA ILE C 468 8.37 -58.58 -36.69
C ILE C 468 8.99 -59.96 -36.48
N SER C 469 8.21 -61.01 -36.68
CA SER C 469 8.65 -62.37 -36.45
C SER C 469 8.49 -63.19 -37.73
N THR C 470 9.55 -63.91 -38.09
CA THR C 470 9.54 -64.81 -39.22
C THR C 470 9.71 -66.27 -38.84
N GLU C 471 10.32 -66.54 -37.68
CA GLU C 471 10.55 -67.89 -37.21
C GLU C 471 9.25 -68.68 -37.09
N ILE C 472 9.31 -69.94 -37.50
CA ILE C 472 8.13 -70.82 -37.49
C ILE C 472 7.70 -71.05 -36.05
N TYR C 473 6.48 -70.65 -35.72
CA TYR C 473 6.05 -70.70 -34.33
C TYR C 473 5.93 -72.15 -33.86
N GLN C 474 6.26 -72.37 -32.60
CA GLN C 474 6.29 -73.71 -32.01
C GLN C 474 5.03 -73.91 -31.15
N ALA C 475 4.10 -74.72 -31.65
CA ALA C 475 2.93 -75.10 -30.87
C ALA C 475 3.15 -76.36 -30.04
N GLY C 476 4.25 -77.07 -30.25
CA GLY C 476 4.59 -78.24 -29.48
C GLY C 476 5.91 -78.09 -28.76
N SER C 477 6.59 -79.22 -28.50
CA SER C 477 7.87 -79.22 -27.81
C SER C 477 8.91 -79.98 -28.62
N THR C 478 8.64 -80.17 -29.91
CA THR C 478 9.51 -80.82 -30.87
C THR C 478 10.50 -79.80 -31.45
N PRO C 479 11.61 -80.26 -32.04
CA PRO C 479 12.50 -79.34 -32.75
C PRO C 479 11.76 -78.57 -33.83
N CYS C 480 11.79 -77.25 -33.73
CA CYS C 480 10.92 -76.37 -34.50
C CYS C 480 11.66 -75.06 -34.75
N ASN C 481 10.90 -74.00 -35.11
CA ASN C 481 11.45 -72.70 -35.49
C ASN C 481 12.37 -72.82 -36.71
N GLY C 482 11.76 -73.14 -37.85
CA GLY C 482 12.50 -73.38 -39.08
C GLY C 482 12.36 -74.82 -39.50
N VAL C 483 11.67 -75.59 -38.67
CA VAL C 483 11.40 -77.01 -38.93
C VAL C 483 9.89 -77.18 -38.98
N GLU C 484 9.39 -77.76 -40.06
CA GLU C 484 7.96 -77.99 -40.22
C GLU C 484 7.62 -79.35 -39.65
N GLY C 485 6.83 -79.37 -38.58
CA GLY C 485 6.46 -80.61 -37.95
C GLY C 485 5.09 -80.52 -37.31
N PHE C 486 4.69 -81.61 -36.66
CA PHE C 486 3.42 -81.65 -35.97
C PHE C 486 3.46 -80.75 -34.73
N ASN C 487 2.36 -80.02 -34.51
CA ASN C 487 2.27 -79.03 -33.44
C ASN C 487 3.37 -77.97 -33.55
N CYS C 488 3.69 -77.56 -34.77
CA CYS C 488 4.55 -76.41 -35.04
C CYS C 488 4.19 -75.89 -36.42
N TYR C 489 3.94 -74.59 -36.54
CA TYR C 489 3.31 -74.06 -37.73
C TYR C 489 3.83 -72.68 -38.08
N PHE C 490 3.63 -72.31 -39.34
CA PHE C 490 4.01 -71.00 -39.84
C PHE C 490 3.12 -69.95 -39.19
N PRO C 491 3.68 -68.97 -38.47
CA PRO C 491 2.83 -67.98 -37.80
C PRO C 491 2.37 -66.83 -38.69
N LEU C 492 2.47 -66.96 -40.00
CA LEU C 492 2.12 -65.88 -40.92
C LEU C 492 0.95 -66.29 -41.81
N GLN C 493 0.28 -65.29 -42.37
CA GLN C 493 -0.86 -65.51 -43.24
C GLN C 493 -1.14 -64.25 -44.03
N SER C 494 -1.50 -64.41 -45.30
CA SER C 494 -1.78 -63.30 -46.19
C SER C 494 -3.28 -63.15 -46.43
N TYR C 495 -3.71 -61.90 -46.62
CA TYR C 495 -5.12 -61.59 -46.80
C TYR C 495 -5.61 -62.03 -48.17
N GLY C 496 -6.91 -61.82 -48.41
CA GLY C 496 -7.49 -61.97 -49.73
C GLY C 496 -8.63 -61.00 -49.93
N PHE C 497 -8.55 -60.16 -50.97
CA PHE C 497 -9.52 -59.11 -51.22
C PHE C 497 -10.21 -59.38 -52.55
N GLN C 498 -11.48 -59.77 -52.47
CA GLN C 498 -12.32 -59.97 -53.65
C GLN C 498 -13.43 -58.94 -53.67
N PRO C 499 -13.56 -58.17 -54.76
CA PRO C 499 -14.46 -57.01 -54.76
C PRO C 499 -15.93 -57.33 -54.57
N THR C 500 -16.32 -58.60 -54.44
CA THR C 500 -17.70 -58.95 -54.13
C THR C 500 -17.93 -59.19 -52.65
N ASN C 501 -16.87 -59.24 -51.84
CA ASN C 501 -16.99 -59.59 -50.44
C ASN C 501 -17.66 -58.46 -49.65
N GLY C 502 -18.16 -58.80 -48.47
CA GLY C 502 -18.79 -57.83 -47.61
C GLY C 502 -17.78 -56.87 -47.01
N VAL C 503 -18.30 -55.83 -46.35
CA VAL C 503 -17.42 -54.82 -45.78
C VAL C 503 -16.54 -55.43 -44.69
N GLY C 504 -16.96 -56.55 -44.11
CA GLY C 504 -16.08 -57.25 -43.20
C GLY C 504 -14.96 -58.02 -43.89
N TYR C 505 -15.00 -58.09 -45.22
CA TYR C 505 -14.01 -58.86 -45.98
C TYR C 505 -13.40 -58.10 -47.14
N GLN C 506 -13.43 -56.76 -47.12
CA GLN C 506 -12.71 -55.76 -47.91
C GLN C 506 -11.63 -55.10 -47.05
N PRO C 507 -10.53 -54.64 -47.62
CA PRO C 507 -9.42 -54.11 -46.80
C PRO C 507 -9.86 -52.91 -45.98
N TYR C 508 -9.25 -52.73 -44.81
CA TYR C 508 -9.53 -51.52 -44.03
C TYR C 508 -8.22 -50.81 -43.68
N ARG C 509 -7.98 -49.68 -44.32
CA ARG C 509 -6.79 -48.88 -44.09
C ARG C 509 -6.98 -48.04 -42.84
N VAL C 510 -6.00 -48.06 -41.95
CA VAL C 510 -6.10 -47.40 -40.65
C VAL C 510 -4.83 -46.61 -40.39
N VAL C 511 -5.01 -45.39 -39.88
CA VAL C 511 -3.92 -44.56 -39.38
C VAL C 511 -4.33 -43.99 -38.03
N VAL C 512 -3.50 -44.20 -37.03
CA VAL C 512 -3.77 -43.71 -35.68
C VAL C 512 -2.78 -42.61 -35.34
N LEU C 513 -3.30 -41.49 -34.89
CA LEU C 513 -2.50 -40.32 -34.51
C LEU C 513 -2.40 -40.30 -32.99
N SER C 514 -1.17 -40.26 -32.49
CA SER C 514 -0.90 -40.18 -31.07
C SER C 514 -0.15 -38.89 -30.78
N PHE C 515 -0.61 -38.16 -29.78
CA PHE C 515 -0.17 -36.79 -29.55
C PHE C 515 0.84 -36.75 -28.42
N GLU C 516 2.02 -36.20 -28.69
CA GLU C 516 2.99 -35.90 -27.65
C GLU C 516 2.61 -34.59 -26.95
N LEU C 517 1.36 -34.54 -26.52
CA LEU C 517 0.76 -33.34 -25.95
C LEU C 517 1.35 -33.14 -24.56
N LEU C 518 2.52 -32.53 -24.52
CA LEU C 518 3.22 -32.25 -23.27
C LEU C 518 4.02 -30.98 -23.45
N HIS C 519 4.33 -30.33 -22.34
CA HIS C 519 5.00 -29.04 -22.40
C HIS C 519 6.45 -29.22 -22.85
N ALA C 520 6.80 -28.58 -23.97
CA ALA C 520 8.05 -28.75 -24.67
C ALA C 520 8.17 -27.63 -25.70
N PRO C 521 9.24 -27.57 -26.49
CA PRO C 521 9.26 -26.60 -27.60
C PRO C 521 7.99 -26.57 -28.43
N ALA C 522 7.27 -27.69 -28.55
CA ALA C 522 5.93 -27.74 -29.14
C ALA C 522 5.92 -27.13 -30.55
N THR C 523 6.63 -27.82 -31.44
CA THR C 523 6.90 -27.27 -32.75
C THR C 523 5.73 -27.40 -33.73
N VAL C 524 4.66 -28.10 -33.37
CA VAL C 524 3.53 -28.30 -34.27
C VAL C 524 2.29 -27.65 -33.64
N CYS C 525 1.60 -26.83 -34.44
CA CYS C 525 0.46 -26.07 -33.97
C CYS C 525 -0.49 -25.82 -35.15
N GLY C 526 -1.68 -25.31 -34.83
CA GLY C 526 -2.69 -25.07 -35.83
C GLY C 526 -2.43 -23.81 -36.62
N PRO C 527 -3.30 -23.55 -37.59
CA PRO C 527 -3.14 -22.36 -38.44
C PRO C 527 -3.80 -21.13 -37.82
N LYS C 528 -3.69 -20.02 -38.55
CA LYS C 528 -4.23 -18.74 -38.15
C LYS C 528 -4.40 -17.85 -39.38
N LYS C 529 -5.25 -16.84 -39.27
CA LYS C 529 -5.63 -16.01 -40.40
C LYS C 529 -5.68 -14.54 -39.99
N SER C 530 -5.54 -13.67 -40.99
CA SER C 530 -5.43 -12.23 -40.75
C SER C 530 -6.44 -11.49 -41.63
N THR C 531 -6.80 -10.27 -41.21
CA THR C 531 -7.75 -9.42 -41.90
C THR C 531 -7.02 -8.39 -42.76
N ASN C 532 -7.79 -7.42 -43.24
CA ASN C 532 -7.23 -6.33 -44.03
C ASN C 532 -6.59 -5.30 -43.09
N LEU C 533 -6.28 -4.13 -43.63
CA LEU C 533 -5.59 -3.09 -42.87
C LEU C 533 -6.32 -1.76 -43.01
N VAL C 534 -6.41 -1.02 -41.90
CA VAL C 534 -7.18 0.22 -41.80
C VAL C 534 -6.26 1.31 -41.26
N LYS C 535 -6.34 2.50 -41.84
CA LYS C 535 -5.50 3.62 -41.43
C LYS C 535 -6.33 4.81 -41.00
N ASN C 536 -5.73 5.66 -40.18
CA ASN C 536 -6.29 6.96 -39.80
C ASN C 536 -7.67 6.83 -39.16
N LYS C 537 -7.84 5.81 -38.32
CA LYS C 537 -9.14 5.53 -37.74
C LYS C 537 -8.96 4.78 -36.43
N CYS C 538 -9.62 5.28 -35.39
CA CYS C 538 -9.40 4.76 -34.04
C CYS C 538 -9.93 3.33 -33.99
N VAL C 539 -9.03 2.37 -34.10
CA VAL C 539 -9.38 0.98 -34.30
C VAL C 539 -8.63 0.14 -33.28
N ASN C 540 -9.22 -1.01 -32.95
CA ASN C 540 -8.52 -2.03 -32.19
C ASN C 540 -7.54 -2.75 -33.10
N PHE C 541 -6.57 -3.44 -32.51
CA PHE C 541 -5.60 -4.16 -33.32
C PHE C 541 -4.93 -5.25 -32.50
N ASN C 542 -4.55 -6.30 -33.21
CA ASN C 542 -3.77 -7.41 -32.67
C ASN C 542 -2.75 -7.82 -33.73
N PHE C 543 -1.57 -7.21 -33.68
CA PHE C 543 -0.44 -7.69 -34.45
C PHE C 543 0.09 -8.93 -33.75
N ASN C 544 1.07 -9.60 -34.36
CA ASN C 544 1.45 -10.97 -33.99
C ASN C 544 1.35 -11.24 -32.49
N GLY C 545 1.98 -10.40 -31.69
CA GLY C 545 1.82 -10.49 -30.26
C GLY C 545 1.19 -9.26 -29.66
N LEU C 546 1.39 -8.12 -30.32
CA LEU C 546 0.91 -6.85 -29.81
C LEU C 546 -0.61 -6.77 -29.89
N THR C 547 -1.23 -6.30 -28.81
CA THR C 547 -2.66 -6.03 -28.77
C THR C 547 -2.87 -4.64 -28.18
N GLY C 548 -3.73 -3.85 -28.80
CA GLY C 548 -4.03 -2.53 -28.27
C GLY C 548 -4.92 -1.77 -29.21
N THR C 549 -5.33 -0.59 -28.77
CA THR C 549 -6.22 0.27 -29.52
C THR C 549 -5.50 1.55 -29.88
N GLY C 550 -5.81 2.12 -31.03
CA GLY C 550 -5.19 3.38 -31.39
C GLY C 550 -5.45 3.74 -32.84
N VAL C 551 -4.68 4.71 -33.30
CA VAL C 551 -4.79 5.27 -34.63
C VAL C 551 -3.50 4.95 -35.35
N LEU C 552 -3.60 4.22 -36.45
CA LEU C 552 -2.46 3.67 -37.17
C LEU C 552 -2.19 4.52 -38.39
N THR C 553 -1.02 5.15 -38.45
CA THR C 553 -0.71 6.05 -39.54
C THR C 553 0.57 5.63 -40.23
N GLU C 554 0.72 6.06 -41.48
CA GLU C 554 1.97 5.82 -42.19
C GLU C 554 3.11 6.56 -41.50
N SER C 555 4.13 5.82 -41.12
CA SER C 555 5.19 6.34 -40.26
C SER C 555 6.29 6.99 -41.08
N ASN C 556 7.35 7.41 -40.38
CA ASN C 556 8.46 8.11 -40.99
C ASN C 556 9.81 7.61 -40.49
N LYS C 557 9.83 6.76 -39.47
CA LYS C 557 11.07 6.33 -38.85
C LYS C 557 11.74 5.28 -39.74
N LYS C 558 12.90 4.79 -39.31
CA LYS C 558 13.72 3.88 -40.12
C LYS C 558 14.10 2.69 -39.25
N PHE C 559 13.28 1.65 -39.27
CA PHE C 559 13.60 0.46 -38.49
C PHE C 559 14.87 -0.19 -39.02
N LEU C 560 15.30 -1.22 -38.30
CA LEU C 560 16.48 -1.95 -38.70
C LEU C 560 16.07 -3.35 -39.13
N PRO C 561 16.63 -3.83 -40.24
CA PRO C 561 16.01 -4.95 -40.98
C PRO C 561 15.48 -6.11 -40.15
N PHE C 562 15.94 -6.30 -38.92
CA PHE C 562 15.37 -7.39 -38.14
C PHE C 562 14.33 -6.88 -37.15
N GLN C 563 14.42 -5.61 -36.76
CA GLN C 563 13.61 -5.10 -35.65
C GLN C 563 12.12 -5.11 -36.00
N GLN C 564 11.28 -5.20 -34.97
CA GLN C 564 9.84 -5.28 -35.13
C GLN C 564 9.06 -4.18 -34.41
N PHE C 565 9.44 -3.81 -33.20
CA PHE C 565 8.66 -2.90 -32.37
C PHE C 565 9.32 -1.53 -32.36
N GLY C 566 8.65 -0.60 -31.71
CA GLY C 566 9.29 0.64 -31.31
C GLY C 566 8.81 1.02 -29.93
N ARG C 567 9.63 1.68 -29.12
CA ARG C 567 9.22 2.05 -27.79
C ARG C 567 9.69 3.45 -27.46
N ASP C 568 8.93 4.11 -26.58
CA ASP C 568 9.22 5.46 -26.14
C ASP C 568 10.13 5.41 -24.91
N ILE C 569 10.30 6.55 -24.26
CA ILE C 569 11.19 6.62 -23.11
C ILE C 569 10.66 5.77 -21.97
N ALA C 570 9.36 5.80 -21.74
CA ALA C 570 8.74 5.06 -20.64
C ALA C 570 8.31 3.67 -21.05
N ASP C 571 8.91 3.11 -22.11
CA ASP C 571 8.62 1.75 -22.56
C ASP C 571 7.15 1.59 -22.91
N THR C 572 6.67 2.46 -23.78
CA THR C 572 5.33 2.37 -24.34
C THR C 572 5.44 2.24 -25.85
N THR C 573 4.78 1.23 -26.41
CA THR C 573 4.91 0.95 -27.82
C THR C 573 4.37 2.11 -28.63
N ASP C 574 5.11 2.50 -29.67
CA ASP C 574 4.64 3.56 -30.54
C ASP C 574 4.97 3.35 -32.01
N ALA C 575 5.30 2.13 -32.43
CA ALA C 575 5.52 1.83 -33.84
C ALA C 575 5.60 0.33 -33.99
N VAL C 576 5.16 -0.18 -35.13
CA VAL C 576 5.15 -1.62 -35.38
C VAL C 576 5.26 -1.87 -36.88
N ARG C 577 5.58 -3.10 -37.25
CA ARG C 577 5.72 -3.50 -38.65
C ARG C 577 4.56 -4.35 -39.09
N ASP C 578 4.23 -4.28 -40.37
CA ASP C 578 3.15 -5.09 -40.92
C ASP C 578 3.67 -6.48 -41.26
N PRO C 579 3.18 -7.53 -40.60
CA PRO C 579 3.73 -8.87 -40.85
C PRO C 579 3.61 -9.34 -42.30
N GLN C 580 2.52 -9.02 -42.99
CA GLN C 580 2.42 -9.43 -44.38
C GLN C 580 3.30 -8.59 -45.28
N THR C 581 3.32 -7.29 -45.10
CA THR C 581 3.88 -6.40 -46.10
C THR C 581 5.06 -5.59 -45.62
N LEU C 582 5.47 -5.74 -44.36
CA LEU C 582 6.68 -5.14 -43.84
C LEU C 582 6.66 -3.61 -44.00
N GLU C 583 5.63 -3.00 -43.45
CA GLU C 583 5.52 -1.55 -43.41
C GLU C 583 5.56 -1.12 -41.95
N ILE C 584 6.13 0.05 -41.69
CA ILE C 584 6.24 0.54 -40.33
C ILE C 584 5.25 1.67 -40.10
N LEU C 585 4.53 1.61 -38.98
CA LEU C 585 3.38 2.47 -38.77
C LEU C 585 3.51 3.17 -37.42
N ASP C 586 3.07 4.41 -37.36
CA ASP C 586 2.97 5.12 -36.10
C ASP C 586 1.66 4.78 -35.40
N ILE C 587 1.70 4.77 -34.08
CA ILE C 587 0.54 4.52 -33.24
C ILE C 587 0.26 5.76 -32.42
N THR C 588 -1.00 6.20 -32.43
CA THR C 588 -1.37 7.35 -31.62
C THR C 588 -2.61 7.00 -30.81
N PRO C 589 -2.68 7.41 -29.55
CA PRO C 589 -3.85 7.05 -28.73
C PRO C 589 -5.12 7.71 -29.25
N CYS C 590 -6.24 7.02 -29.05
CA CYS C 590 -7.53 7.59 -29.43
C CYS C 590 -7.85 8.79 -28.55
N SER C 591 -8.53 9.77 -29.13
CA SER C 591 -8.75 11.03 -28.45
C SER C 591 -9.54 10.85 -27.17
N PHE C 592 -9.17 11.60 -26.15
CA PHE C 592 -9.89 11.60 -24.88
C PHE C 592 -9.60 12.90 -24.17
N GLY C 593 -10.49 13.25 -23.25
CA GLY C 593 -10.28 14.49 -22.50
C GLY C 593 -11.41 14.73 -21.54
N GLY C 594 -11.42 15.93 -20.97
CA GLY C 594 -12.44 16.30 -20.02
C GLY C 594 -13.42 17.30 -20.57
N VAL C 595 -14.59 17.40 -19.94
CA VAL C 595 -15.65 18.29 -20.36
C VAL C 595 -15.98 19.22 -19.21
N SER C 596 -15.95 20.52 -19.47
CA SER C 596 -16.27 21.50 -18.45
C SER C 596 -17.43 22.35 -18.90
N VAL C 597 -18.19 22.86 -17.94
CA VAL C 597 -19.40 23.64 -18.21
C VAL C 597 -19.22 25.03 -17.64
N ILE C 598 -19.41 26.03 -18.47
CA ILE C 598 -19.19 27.43 -18.11
C ILE C 598 -20.55 28.07 -17.94
N THR C 599 -20.82 28.60 -16.76
CA THR C 599 -22.14 29.15 -16.48
C THR C 599 -22.04 30.38 -15.61
N PRO C 600 -22.90 31.36 -15.84
CA PRO C 600 -23.15 32.35 -14.80
C PRO C 600 -23.92 31.67 -13.68
N GLY C 601 -24.23 32.38 -12.61
CA GLY C 601 -25.05 31.77 -11.57
C GLY C 601 -26.43 31.44 -12.10
N THR C 602 -27.02 30.36 -11.57
CA THR C 602 -28.41 30.11 -11.87
C THR C 602 -29.29 31.26 -11.42
N ASN C 603 -28.81 32.03 -10.44
CA ASN C 603 -29.52 33.22 -9.99
C ASN C 603 -29.66 34.24 -11.10
N THR C 604 -28.77 34.21 -12.09
CA THR C 604 -28.78 35.22 -13.14
C THR C 604 -29.46 34.74 -14.41
N SER C 605 -28.99 33.64 -14.98
CA SER C 605 -29.59 33.13 -16.20
C SER C 605 -29.52 31.61 -16.18
N ASN C 606 -29.85 31.00 -17.31
CA ASN C 606 -29.93 29.55 -17.40
C ASN C 606 -29.21 29.02 -18.63
N GLN C 607 -28.34 29.82 -19.24
CA GLN C 607 -27.57 29.36 -20.39
C GLN C 607 -26.19 28.91 -19.93
N VAL C 608 -25.54 28.12 -20.78
CA VAL C 608 -24.23 27.59 -20.50
C VAL C 608 -23.42 27.54 -21.79
N ALA C 609 -22.12 27.34 -21.63
CA ALA C 609 -21.23 27.00 -22.72
C ALA C 609 -20.44 25.78 -22.31
N VAL C 610 -19.89 25.06 -23.28
CA VAL C 610 -19.23 23.80 -23.00
C VAL C 610 -17.82 23.85 -23.56
N LEU C 611 -16.85 23.40 -22.77
CA LEU C 611 -15.45 23.37 -23.18
C LEU C 611 -14.96 21.95 -23.17
N TYR C 612 -14.50 21.47 -24.32
CA TYR C 612 -13.92 20.15 -24.46
C TYR C 612 -12.41 20.31 -24.48
N GLN C 613 -11.71 19.62 -23.59
CA GLN C 613 -10.30 19.89 -23.39
C GLN C 613 -9.44 19.18 -24.40
N ASP C 614 -8.63 19.94 -25.13
CA ASP C 614 -7.59 19.42 -26.00
C ASP C 614 -8.16 18.45 -27.03
N VAL C 615 -8.98 19.02 -27.92
CA VAL C 615 -9.55 18.23 -29.00
C VAL C 615 -9.91 19.19 -30.14
N ASN C 616 -9.77 18.71 -31.35
CA ASN C 616 -10.10 19.49 -32.53
C ASN C 616 -11.60 19.48 -32.75
N CYS C 617 -12.16 20.65 -33.07
CA CYS C 617 -13.60 20.83 -32.97
C CYS C 617 -14.36 19.88 -33.89
N THR C 618 -13.82 19.60 -35.07
CA THR C 618 -14.52 18.76 -36.03
C THR C 618 -14.90 17.42 -35.42
N GLU C 619 -14.10 16.91 -34.49
CA GLU C 619 -14.31 15.59 -33.94
C GLU C 619 -15.25 15.56 -32.74
N VAL C 620 -15.83 16.70 -32.35
CA VAL C 620 -16.62 16.74 -31.12
C VAL C 620 -17.83 15.80 -31.17
N PRO C 621 -18.69 15.84 -32.19
CA PRO C 621 -19.88 14.98 -32.13
C PRO C 621 -19.56 13.52 -31.92
N VAL C 622 -18.72 12.93 -32.76
CA VAL C 622 -18.39 11.52 -32.63
C VAL C 622 -17.75 11.24 -31.28
N ALA C 623 -16.94 12.17 -30.78
CA ALA C 623 -16.27 11.97 -29.51
C ALA C 623 -17.23 12.00 -28.33
N ILE C 624 -18.49 12.40 -28.54
CA ILE C 624 -19.44 12.51 -27.45
C ILE C 624 -20.70 11.70 -27.70
N HIS C 625 -20.80 11.00 -28.83
CA HIS C 625 -22.00 10.28 -29.23
C HIS C 625 -23.20 11.21 -29.26
N ALA C 626 -23.13 12.20 -30.15
CA ALA C 626 -24.19 13.19 -30.22
C ALA C 626 -25.52 12.55 -30.61
N ASP C 627 -25.48 11.51 -31.44
CA ASP C 627 -26.72 10.89 -31.89
C ASP C 627 -27.40 10.07 -30.79
N GLN C 628 -26.72 9.83 -29.67
CA GLN C 628 -27.32 9.06 -28.59
C GLN C 628 -27.93 9.94 -27.52
N LEU C 629 -27.48 11.17 -27.38
CA LEU C 629 -27.94 12.03 -26.31
C LEU C 629 -29.35 12.54 -26.59
N THR C 630 -29.89 13.27 -25.62
CA THR C 630 -31.18 13.90 -25.77
C THR C 630 -31.08 15.05 -26.76
N PRO C 631 -32.21 15.48 -27.33
CA PRO C 631 -32.17 16.62 -28.24
C PRO C 631 -31.67 17.91 -27.61
N THR C 632 -31.67 18.01 -26.28
CA THR C 632 -31.18 19.23 -25.66
C THR C 632 -29.66 19.26 -25.55
N TRP C 633 -29.01 18.10 -25.54
CA TRP C 633 -27.55 18.08 -25.59
C TRP C 633 -27.03 18.37 -26.99
N ARG C 634 -27.73 17.90 -28.02
CA ARG C 634 -27.20 18.05 -29.37
C ARG C 634 -27.04 19.50 -29.78
N VAL C 635 -27.71 20.43 -29.10
CA VAL C 635 -27.45 21.85 -29.35
C VAL C 635 -26.02 22.22 -29.02
N TYR C 636 -25.44 21.63 -27.97
CA TYR C 636 -24.10 21.95 -27.54
C TYR C 636 -23.07 20.98 -28.10
N SER C 637 -23.35 20.37 -29.24
CA SER C 637 -22.37 19.54 -29.93
C SER C 637 -21.97 20.09 -31.28
N THR C 638 -22.68 21.08 -31.78
CA THR C 638 -22.33 21.78 -33.01
C THR C 638 -23.16 23.04 -33.08
N GLY C 639 -22.89 23.84 -34.10
CA GLY C 639 -23.68 25.04 -34.32
C GLY C 639 -22.85 26.12 -34.97
N SER C 640 -23.40 27.33 -34.90
CA SER C 640 -22.70 28.48 -35.46
C SER C 640 -21.56 28.92 -34.55
N ASN C 641 -21.73 28.76 -33.24
CA ASN C 641 -20.76 29.24 -32.26
C ASN C 641 -19.79 28.11 -31.91
N VAL C 642 -18.71 28.05 -32.67
CA VAL C 642 -17.63 27.10 -32.39
C VAL C 642 -16.33 27.87 -32.41
N PHE C 643 -15.62 27.88 -31.29
CA PHE C 643 -14.38 28.62 -31.15
C PHE C 643 -13.28 27.62 -30.81
N GLN C 644 -12.13 27.77 -31.43
CA GLN C 644 -11.02 26.86 -31.20
C GLN C 644 -9.91 27.62 -30.48
N THR C 645 -9.58 27.20 -29.27
CA THR C 645 -8.60 27.88 -28.45
C THR C 645 -7.52 26.90 -28.03
N ARG C 646 -6.42 27.43 -27.52
CA ARG C 646 -5.34 26.58 -27.05
C ARG C 646 -5.81 25.64 -25.95
N ALA C 647 -6.85 26.02 -25.22
CA ALA C 647 -7.36 25.14 -24.18
C ALA C 647 -8.24 24.03 -24.71
N GLY C 648 -8.80 24.17 -25.90
CA GLY C 648 -9.65 23.13 -26.43
C GLY C 648 -10.65 23.69 -27.43
N CYS C 649 -11.86 23.15 -27.39
CA CYS C 649 -12.95 23.56 -28.25
C CYS C 649 -14.08 24.10 -27.40
N LEU C 650 -14.50 25.33 -27.68
CA LEU C 650 -15.50 26.02 -26.87
C LEU C 650 -16.75 26.22 -27.71
N ILE C 651 -17.87 25.67 -27.23
CA ILE C 651 -19.11 25.65 -27.98
C ILE C 651 -20.18 26.35 -27.17
N GLY C 652 -20.91 27.26 -27.82
CA GLY C 652 -21.98 27.97 -27.17
C GLY C 652 -21.64 29.37 -26.74
N ALA C 653 -20.47 29.86 -27.08
CA ALA C 653 -20.03 31.19 -26.68
C ALA C 653 -19.56 31.95 -27.90
N GLU C 654 -19.91 33.23 -27.96
CA GLU C 654 -19.66 34.06 -29.12
C GLU C 654 -18.35 34.81 -28.94
N HIS C 655 -17.49 34.75 -29.95
CA HIS C 655 -16.15 35.31 -29.86
C HIS C 655 -16.14 36.72 -30.40
N VAL C 656 -15.66 37.66 -29.58
CA VAL C 656 -15.72 39.08 -29.92
C VAL C 656 -14.33 39.63 -30.14
N ASN C 657 -14.25 40.91 -30.51
CA ASN C 657 -12.98 41.62 -30.70
C ASN C 657 -12.97 42.79 -29.74
N ASN C 658 -12.58 42.53 -28.50
CA ASN C 658 -12.52 43.56 -27.47
C ASN C 658 -11.56 43.08 -26.40
N SER C 659 -11.64 43.71 -25.23
CA SER C 659 -10.88 43.26 -24.09
C SER C 659 -11.56 43.79 -22.84
N TYR C 660 -11.70 42.93 -21.84
CA TYR C 660 -12.29 43.32 -20.58
C TYR C 660 -11.50 42.66 -19.46
N GLU C 661 -11.82 43.03 -18.24
CA GLU C 661 -11.25 42.35 -17.10
C GLU C 661 -11.70 40.89 -17.11
N CYS C 662 -10.83 39.99 -16.69
CA CYS C 662 -11.17 38.58 -16.73
C CYS C 662 -12.26 38.28 -15.72
N ASP C 663 -13.27 37.52 -16.14
CA ASP C 663 -14.39 37.19 -15.30
C ASP C 663 -14.44 35.70 -14.98
N ILE C 664 -14.51 34.84 -15.98
CA ILE C 664 -14.43 33.40 -15.79
C ILE C 664 -13.20 32.92 -16.56
N PRO C 665 -12.18 32.39 -15.89
CA PRO C 665 -10.94 32.07 -16.59
C PRO C 665 -11.07 30.78 -17.36
N ILE C 666 -10.64 30.80 -18.62
CA ILE C 666 -10.61 29.61 -19.44
C ILE C 666 -9.18 29.14 -19.69
N GLY C 667 -8.30 30.03 -20.09
CA GLY C 667 -6.92 29.62 -20.22
C GLY C 667 -6.20 30.19 -21.41
N ALA C 668 -4.87 30.19 -21.34
CA ALA C 668 -4.03 30.74 -22.41
C ALA C 668 -4.44 32.16 -22.77
N GLY C 669 -4.91 32.90 -21.80
CA GLY C 669 -5.28 34.27 -22.03
C GLY C 669 -6.73 34.51 -22.39
N ILE C 670 -7.53 33.46 -22.50
CA ILE C 670 -8.93 33.59 -22.89
C ILE C 670 -9.80 33.52 -21.66
N CYS C 671 -10.71 34.46 -21.52
CA CYS C 671 -11.73 34.45 -20.49
C CYS C 671 -13.10 34.53 -21.14
N ALA C 672 -14.14 34.39 -20.32
CA ALA C 672 -15.51 34.41 -20.83
C ALA C 672 -16.42 35.04 -19.78
N SER C 673 -17.51 35.63 -20.25
CA SER C 673 -18.45 36.27 -19.33
C SER C 673 -19.79 36.50 -20.01
N TYR C 674 -20.77 36.89 -19.20
CA TYR C 674 -22.16 37.01 -19.63
C TYR C 674 -22.50 38.49 -19.78
N GLN C 675 -22.91 38.90 -20.98
CA GLN C 675 -23.13 40.31 -21.24
C GLN C 675 -24.15 40.50 -22.34
N THR C 676 -24.53 41.75 -22.55
CA THR C 676 -25.52 42.12 -23.56
C THR C 676 -24.89 42.29 -24.93
N GLN C 690 -28.99 38.88 -24.54
CA GLN C 690 -27.75 38.71 -23.80
C GLN C 690 -27.21 37.30 -23.98
N SER C 691 -25.88 37.17 -23.95
CA SER C 691 -25.25 35.89 -24.27
C SER C 691 -23.96 35.74 -23.50
N ILE C 692 -23.25 34.67 -23.80
CA ILE C 692 -21.93 34.39 -23.25
C ILE C 692 -20.91 34.72 -24.32
N ILE C 693 -19.93 35.54 -23.96
CA ILE C 693 -18.89 35.97 -24.89
C ILE C 693 -17.55 35.49 -24.37
N ALA C 694 -16.63 35.27 -25.30
CA ALA C 694 -15.28 34.83 -24.99
C ALA C 694 -14.29 35.77 -25.63
N TYR C 695 -13.29 36.21 -24.88
CA TYR C 695 -12.41 37.26 -25.34
C TYR C 695 -11.04 37.07 -24.72
N THR C 696 -10.14 38.01 -25.05
CA THR C 696 -8.79 38.05 -24.52
C THR C 696 -8.69 39.13 -23.46
N MET C 697 -8.24 38.77 -22.27
CA MET C 697 -8.27 39.69 -21.15
C MET C 697 -7.32 40.85 -21.37
N SER C 698 -7.60 41.96 -20.70
CA SER C 698 -6.78 43.15 -20.78
C SER C 698 -6.17 43.44 -19.41
N LEU C 699 -4.92 43.88 -19.41
CA LEU C 699 -4.21 44.11 -18.16
C LEU C 699 -4.31 45.55 -17.68
N GLY C 700 -5.52 46.10 -17.64
CA GLY C 700 -5.67 47.47 -17.21
C GLY C 700 -5.44 48.46 -18.33
N ALA C 701 -5.69 49.73 -18.00
CA ALA C 701 -5.70 50.79 -19.00
C ALA C 701 -4.30 51.30 -19.28
N GLU C 702 -4.06 51.67 -20.52
CA GLU C 702 -2.77 52.23 -20.87
C GLU C 702 -2.61 53.61 -20.26
N ASN C 703 -1.36 54.01 -20.05
CA ASN C 703 -1.07 55.26 -19.38
C ASN C 703 0.36 55.64 -19.69
N SER C 704 0.57 56.92 -19.93
CA SER C 704 1.91 57.42 -20.25
C SER C 704 2.14 58.66 -19.42
N VAL C 705 3.21 58.68 -18.67
CA VAL C 705 3.50 59.77 -17.76
C VAL C 705 4.46 60.74 -18.44
N ALA C 706 4.25 62.03 -18.20
CA ALA C 706 4.90 63.08 -18.96
C ALA C 706 6.31 63.33 -18.42
N TYR C 707 7.20 62.39 -18.69
CA TYR C 707 8.57 62.54 -18.23
C TYR C 707 9.29 63.64 -19.00
N SER C 708 10.11 64.39 -18.29
CA SER C 708 10.96 65.43 -18.87
C SER C 708 12.05 65.71 -17.87
N ASN C 709 13.14 66.29 -18.33
CA ASN C 709 14.30 66.36 -17.46
C ASN C 709 14.30 67.55 -16.52
N ASN C 710 13.29 68.41 -16.55
CA ASN C 710 13.20 69.48 -15.56
C ASN C 710 11.75 69.71 -15.15
N SER C 711 11.01 68.66 -14.87
CA SER C 711 9.61 68.80 -14.53
C SER C 711 9.23 67.85 -13.42
N ILE C 712 8.49 68.33 -12.41
CA ILE C 712 7.98 67.48 -11.36
C ILE C 712 6.49 67.69 -11.21
N ALA C 713 5.86 66.75 -10.52
CA ALA C 713 4.47 66.87 -10.13
C ALA C 713 4.39 66.79 -8.62
N ILE C 714 3.59 67.66 -8.02
CA ILE C 714 3.50 67.73 -6.57
C ILE C 714 2.03 67.76 -6.16
N PRO C 715 1.60 66.96 -5.20
CA PRO C 715 0.20 66.96 -4.82
C PRO C 715 -0.18 68.18 -4.02
N THR C 716 -1.48 68.48 -4.01
CA THR C 716 -2.00 69.64 -3.32
C THR C 716 -3.16 69.31 -2.41
N ASN C 717 -3.45 68.05 -2.18
CA ASN C 717 -4.54 67.63 -1.33
C ASN C 717 -4.29 66.19 -0.93
N PHE C 718 -5.23 65.59 -0.20
CA PHE C 718 -5.04 64.22 0.23
C PHE C 718 -6.38 63.59 0.53
N THR C 719 -6.38 62.28 0.68
CA THR C 719 -7.55 61.56 1.16
C THR C 719 -7.10 60.54 2.20
N ILE C 720 -7.98 60.30 3.16
CA ILE C 720 -7.79 59.28 4.17
C ILE C 720 -8.56 58.05 3.73
N SER C 721 -7.89 56.92 3.66
CA SER C 721 -8.49 55.72 3.09
C SER C 721 -8.44 54.59 4.11
N VAL C 722 -9.52 53.84 4.22
CA VAL C 722 -9.61 52.72 5.16
C VAL C 722 -9.90 51.47 4.37
N THR C 723 -9.05 50.46 4.50
CA THR C 723 -9.22 49.22 3.78
C THR C 723 -9.24 48.05 4.75
N THR C 724 -9.61 46.89 4.24
CA THR C 724 -9.89 45.72 5.07
C THR C 724 -8.99 44.57 4.67
N GLU C 725 -8.67 43.71 5.63
CA GLU C 725 -7.90 42.51 5.33
C GLU C 725 -8.29 41.39 6.27
N ILE C 726 -8.60 40.21 5.73
CA ILE C 726 -9.14 39.10 6.49
C ILE C 726 -8.13 37.97 6.51
N LEU C 727 -7.90 37.38 7.68
CA LEU C 727 -6.97 36.27 7.77
C LEU C 727 -7.50 35.16 8.65
N PRO C 728 -7.30 33.90 8.25
CA PRO C 728 -7.67 32.77 9.10
C PRO C 728 -6.62 32.51 10.16
N VAL C 729 -7.05 31.97 11.29
CA VAL C 729 -6.18 31.76 12.43
C VAL C 729 -6.22 30.31 12.91
N SER C 730 -7.41 29.77 13.13
CA SER C 730 -7.52 28.42 13.67
C SER C 730 -8.61 27.66 12.94
N MET C 731 -8.65 26.36 13.16
CA MET C 731 -9.69 25.52 12.60
C MET C 731 -10.24 24.60 13.69
N THR C 732 -11.21 23.78 13.33
CA THR C 732 -11.94 23.02 14.32
C THR C 732 -11.09 21.89 14.88
N LYS C 733 -11.27 21.60 16.16
CA LYS C 733 -10.51 20.57 16.87
C LYS C 733 -11.32 19.28 16.88
N THR C 734 -11.16 18.46 15.86
CA THR C 734 -11.83 17.17 15.82
C THR C 734 -10.92 16.08 16.32
N SER C 735 -11.52 14.96 16.70
CA SER C 735 -10.78 13.79 17.11
C SER C 735 -11.57 12.56 16.72
N VAL C 736 -10.86 11.51 16.34
CA VAL C 736 -11.46 10.28 15.83
C VAL C 736 -10.82 9.10 16.52
N ASP C 737 -11.65 8.21 17.06
CA ASP C 737 -11.16 7.05 17.78
C ASP C 737 -10.93 5.91 16.80
N CYS C 738 -9.68 5.46 16.68
CA CYS C 738 -9.33 4.47 15.67
C CYS C 738 -10.12 3.19 15.85
N THR C 739 -10.07 2.61 17.04
CA THR C 739 -10.67 1.31 17.25
C THR C 739 -12.17 1.34 17.00
N MET C 740 -12.85 2.34 17.56
CA MET C 740 -14.29 2.37 17.41
C MET C 740 -14.71 2.69 15.98
N TYR C 741 -13.91 3.49 15.28
CA TYR C 741 -14.23 3.75 13.87
C TYR C 741 -14.12 2.48 13.05
N ILE C 742 -13.04 1.74 13.22
CA ILE C 742 -12.82 0.60 12.35
C ILE C 742 -13.70 -0.58 12.73
N CYS C 743 -13.65 -0.99 13.99
CA CYS C 743 -14.23 -2.26 14.41
C CYS C 743 -15.58 -2.12 15.07
N GLY C 744 -16.14 -0.92 15.14
CA GLY C 744 -17.41 -0.78 15.83
C GLY C 744 -17.29 -1.26 17.26
N ASP C 745 -18.26 -2.05 17.71
CA ASP C 745 -18.23 -2.62 19.04
C ASP C 745 -17.96 -4.11 19.05
N SER C 746 -17.61 -4.68 17.89
CA SER C 746 -17.26 -6.08 17.82
C SER C 746 -16.02 -6.36 18.65
N THR C 747 -15.80 -7.64 18.95
CA THR C 747 -14.60 -8.06 19.64
C THR C 747 -13.74 -9.00 18.84
N GLU C 748 -14.31 -9.75 17.91
CA GLU C 748 -13.50 -10.47 16.94
C GLU C 748 -12.72 -9.49 16.09
N CYS C 749 -13.38 -8.42 15.64
CA CYS C 749 -12.70 -7.41 14.85
C CYS C 749 -11.55 -6.80 15.63
N SER C 750 -11.76 -6.50 16.91
CA SER C 750 -10.71 -5.90 17.71
C SER C 750 -9.50 -6.83 17.81
N ASN C 751 -9.73 -8.11 18.06
CA ASN C 751 -8.62 -9.04 18.17
C ASN C 751 -7.87 -9.17 16.86
N LEU C 752 -8.60 -9.15 15.74
CA LEU C 752 -7.92 -9.15 14.46
C LEU C 752 -7.10 -7.89 14.27
N LEU C 753 -7.62 -6.76 14.75
CA LEU C 753 -6.92 -5.49 14.59
C LEU C 753 -5.64 -5.46 15.39
N LEU C 754 -5.60 -6.17 16.52
CA LEU C 754 -4.40 -6.15 17.35
C LEU C 754 -3.17 -6.63 16.60
N GLN C 755 -3.33 -7.37 15.52
CA GLN C 755 -2.19 -7.90 14.80
C GLN C 755 -1.53 -6.90 13.88
N TYR C 756 -1.96 -5.64 13.92
CA TYR C 756 -1.37 -4.61 13.08
C TYR C 756 -0.47 -3.66 13.85
N GLY C 757 -0.07 -4.04 15.05
CA GLY C 757 0.89 -3.24 15.78
C GLY C 757 0.25 -2.00 16.34
N SER C 758 0.87 -0.85 16.10
CA SER C 758 0.49 0.37 16.78
C SER C 758 0.09 1.47 15.82
N PHE C 759 -0.77 1.16 14.84
CA PHE C 759 -1.24 2.20 13.94
C PHE C 759 -2.17 3.16 14.65
N CYS C 760 -3.12 2.63 15.43
CA CYS C 760 -4.13 3.47 16.03
C CYS C 760 -3.52 4.47 17.00
N THR C 761 -2.48 4.07 17.72
CA THR C 761 -1.80 5.01 18.61
C THR C 761 -1.18 6.15 17.81
N GLN C 762 -0.55 5.84 16.69
CA GLN C 762 0.03 6.88 15.86
C GLN C 762 -1.03 7.87 15.40
N LEU C 763 -2.16 7.35 14.92
CA LEU C 763 -3.18 8.25 14.41
C LEU C 763 -3.74 9.14 15.50
N ASN C 764 -3.98 8.57 16.68
CA ASN C 764 -4.50 9.37 17.78
C ASN C 764 -3.51 10.45 18.18
N ARG C 765 -2.23 10.10 18.23
CA ARG C 765 -1.24 11.09 18.62
C ARG C 765 -1.17 12.22 17.60
N ALA C 766 -1.25 11.90 16.32
CA ALA C 766 -1.19 12.93 15.30
C ALA C 766 -2.36 13.90 15.44
N LEU C 767 -3.56 13.34 15.58
CA LEU C 767 -4.73 14.21 15.69
C LEU C 767 -4.67 15.06 16.95
N THR C 768 -4.15 14.51 18.03
CA THR C 768 -4.06 15.29 19.26
C THR C 768 -3.06 16.43 19.13
N GLY C 769 -1.94 16.20 18.45
CA GLY C 769 -1.00 17.30 18.22
C GLY C 769 -1.64 18.41 17.41
N ILE C 770 -2.34 18.04 16.34
CA ILE C 770 -3.04 19.04 15.54
C ILE C 770 -3.99 19.83 16.42
N ALA C 771 -4.77 19.14 17.25
CA ALA C 771 -5.77 19.84 18.06
C ALA C 771 -5.11 20.81 19.03
N VAL C 772 -4.03 20.39 19.68
CA VAL C 772 -3.44 21.27 20.67
C VAL C 772 -2.78 22.48 20.03
N GLU C 773 -2.34 22.37 18.77
CA GLU C 773 -1.71 23.51 18.14
C GLU C 773 -2.68 24.66 17.89
N GLN C 774 -3.96 24.35 17.73
CA GLN C 774 -4.93 25.38 17.38
C GLN C 774 -5.21 26.34 18.50
N ASP C 775 -4.83 26.00 19.73
CA ASP C 775 -4.98 26.96 20.80
C ASP C 775 -3.77 27.86 20.91
N LYS C 776 -2.60 27.32 20.61
CA LYS C 776 -1.40 28.14 20.56
C LYS C 776 -1.52 29.20 19.48
N ASN C 777 -2.15 28.87 18.37
CA ASN C 777 -2.33 29.86 17.30
C ASN C 777 -3.08 31.09 17.82
N THR C 778 -4.24 30.88 18.43
CA THR C 778 -5.01 32.00 18.94
C THR C 778 -4.27 32.72 20.04
N GLN C 779 -3.61 31.98 20.92
CA GLN C 779 -2.85 32.61 21.98
C GLN C 779 -1.83 33.57 21.42
N GLU C 780 -1.12 33.17 20.37
CA GLU C 780 -0.10 34.04 19.80
C GLU C 780 -0.72 35.26 19.14
N VAL C 781 -1.82 35.09 18.42
CA VAL C 781 -2.35 36.23 17.69
C VAL C 781 -2.93 37.26 18.63
N PHE C 782 -3.76 36.85 19.58
CA PHE C 782 -4.53 37.82 20.33
C PHE C 782 -3.93 38.21 21.67
N ALA C 783 -3.29 37.29 22.39
CA ALA C 783 -2.83 37.59 23.74
C ALA C 783 -1.46 38.26 23.69
N GLN C 784 -1.46 39.48 23.18
CA GLN C 784 -0.23 40.25 23.05
C GLN C 784 -0.12 41.38 24.05
N VAL C 785 -1.08 41.51 24.96
CA VAL C 785 -1.15 42.67 25.83
C VAL C 785 -1.11 42.19 27.28
N LYS C 786 -0.36 42.92 28.10
CA LYS C 786 -0.22 42.52 29.49
C LYS C 786 -1.50 42.76 30.28
N GLN C 787 -2.10 43.93 30.14
CA GLN C 787 -3.22 44.35 30.96
C GLN C 787 -4.46 44.53 30.12
N ILE C 788 -5.50 45.05 30.75
CA ILE C 788 -6.79 45.25 30.10
C ILE C 788 -7.11 46.72 30.21
N TYR C 789 -6.95 47.45 29.12
CA TYR C 789 -7.19 48.88 29.13
C TYR C 789 -8.65 49.17 28.86
N LYS C 790 -9.09 50.36 29.24
CA LYS C 790 -10.46 50.79 29.04
C LYS C 790 -10.48 52.23 28.58
N THR C 791 -11.40 52.54 27.66
CA THR C 791 -11.57 53.91 27.23
C THR C 791 -12.28 54.72 28.30
N PRO C 792 -12.08 56.03 28.33
CA PRO C 792 -12.74 56.85 29.33
C PRO C 792 -14.22 56.96 29.06
N PRO C 793 -15.02 57.35 30.05
CA PRO C 793 -16.45 57.46 29.83
C PRO C 793 -16.85 58.62 28.94
N ILE C 794 -16.04 59.67 28.85
CA ILE C 794 -16.34 60.82 28.01
C ILE C 794 -15.65 60.62 26.67
N LYS C 795 -16.44 60.50 25.61
CA LYS C 795 -15.91 60.17 24.28
C LYS C 795 -15.73 61.45 23.50
N ASP C 796 -14.62 62.15 23.75
CA ASP C 796 -14.31 63.40 23.07
C ASP C 796 -12.87 63.33 22.57
N PHE C 797 -12.70 62.91 21.34
CA PHE C 797 -11.38 62.71 20.75
C PHE C 797 -11.10 63.74 19.66
N GLY C 798 -11.53 64.97 19.87
CA GLY C 798 -11.20 66.02 18.94
C GLY C 798 -11.96 65.99 17.64
N GLY C 799 -12.98 65.16 17.51
CA GLY C 799 -13.79 65.09 16.32
C GLY C 799 -13.88 63.70 15.72
N PHE C 800 -12.87 62.88 15.96
CA PHE C 800 -12.90 61.51 15.46
C PHE C 800 -13.93 60.72 16.24
N ASN C 801 -14.53 59.73 15.58
CA ASN C 801 -15.69 59.04 16.11
C ASN C 801 -15.51 57.55 15.91
N PHE C 802 -15.19 56.83 16.99
CA PHE C 802 -14.89 55.42 16.92
C PHE C 802 -16.08 54.56 17.33
N SER C 803 -17.30 55.01 17.06
CA SER C 803 -18.47 54.27 17.53
C SER C 803 -18.54 52.90 16.90
N GLN C 804 -18.19 52.79 15.64
CA GLN C 804 -18.42 51.55 14.90
C GLN C 804 -17.42 50.46 15.22
N ILE C 805 -16.43 50.73 16.06
CA ILE C 805 -15.47 49.69 16.41
C ILE C 805 -15.37 49.46 17.91
N LEU C 806 -15.77 50.40 18.74
CA LEU C 806 -15.73 50.20 20.17
C LEU C 806 -16.86 49.27 20.60
N PRO C 807 -16.73 48.63 21.76
CA PRO C 807 -17.78 47.71 22.21
C PRO C 807 -19.09 48.43 22.42
N ASP C 808 -20.18 47.69 22.19
CA ASP C 808 -21.53 48.23 22.37
C ASP C 808 -22.11 47.67 23.65
N PRO C 809 -22.38 48.49 24.65
CA PRO C 809 -22.82 47.95 25.95
C PRO C 809 -24.27 47.48 25.95
N SER C 810 -25.11 48.07 25.09
CA SER C 810 -26.52 47.71 25.10
C SER C 810 -26.73 46.25 24.73
N LYS C 811 -26.06 45.78 23.67
CA LYS C 811 -26.20 44.40 23.27
C LYS C 811 -25.67 43.48 24.36
N PRO C 812 -26.26 42.31 24.54
CA PRO C 812 -25.75 41.38 25.54
C PRO C 812 -24.66 40.49 24.99
N SER C 813 -23.76 41.07 24.21
CA SER C 813 -22.63 40.34 23.66
C SER C 813 -21.32 41.09 23.77
N LYS C 814 -21.36 42.39 24.05
CA LYS C 814 -20.16 43.22 24.15
C LYS C 814 -19.34 43.17 22.86
N ARG C 815 -20.01 43.27 21.73
CA ARG C 815 -19.34 43.26 20.43
C ARG C 815 -19.67 44.54 19.69
N SER C 816 -18.69 45.07 19.00
CA SER C 816 -18.90 46.24 18.20
C SER C 816 -19.85 45.93 17.05
N PRO C 817 -20.47 46.93 16.47
CA PRO C 817 -21.35 46.67 15.32
C PRO C 817 -20.70 45.88 14.21
N ILE C 818 -19.46 46.21 13.84
CA ILE C 818 -18.82 45.50 12.75
C ILE C 818 -18.57 44.05 13.13
N GLU C 819 -18.23 43.79 14.38
CA GLU C 819 -18.10 42.41 14.82
C GLU C 819 -19.42 41.67 14.72
N ASP C 820 -20.54 42.34 14.98
CA ASP C 820 -21.83 41.69 14.81
C ASP C 820 -22.07 41.32 13.37
N LEU C 821 -21.77 42.21 12.44
CA LEU C 821 -21.89 41.85 11.03
C LEU C 821 -21.03 40.65 10.71
N LEU C 822 -19.80 40.64 11.21
CA LEU C 822 -18.91 39.53 10.88
C LEU C 822 -19.40 38.22 11.47
N PHE C 823 -20.09 38.27 12.60
CA PHE C 823 -20.53 37.01 13.20
C PHE C 823 -21.86 36.54 12.64
N ASN C 824 -22.65 37.43 12.06
CA ASN C 824 -23.85 36.96 11.37
C ASN C 824 -23.57 36.52 9.95
N LYS C 825 -22.57 37.10 9.30
CA LYS C 825 -22.31 36.77 7.91
C LYS C 825 -21.86 35.32 7.76
N VAL C 826 -20.98 34.84 8.63
CA VAL C 826 -20.42 33.50 8.48
C VAL C 826 -21.42 32.49 9.01
N THR C 827 -21.85 31.58 8.14
CA THR C 827 -22.85 30.59 8.49
C THR C 827 -22.36 29.19 8.14
N GLN C 853 -24.53 15.97 13.76
CA GLN C 853 -24.19 15.73 15.15
C GLN C 853 -24.41 14.26 15.52
N LYS C 854 -23.97 13.37 14.63
CA LYS C 854 -24.08 11.93 14.82
C LYS C 854 -22.69 11.32 14.73
N PHE C 855 -22.46 10.26 15.49
CA PHE C 855 -21.10 9.87 15.82
C PHE C 855 -20.82 8.41 15.48
N ASN C 856 -19.56 8.16 15.13
CA ASN C 856 -19.02 6.82 14.97
C ASN C 856 -17.63 6.72 15.57
N GLY C 857 -17.30 7.62 16.50
CA GLY C 857 -15.95 7.75 17.00
C GLY C 857 -15.49 9.17 16.85
N LEU C 858 -16.38 10.03 16.39
CA LEU C 858 -16.09 11.43 16.10
C LEU C 858 -16.44 12.30 17.29
N THR C 859 -15.52 13.15 17.70
CA THR C 859 -15.79 14.13 18.73
C THR C 859 -15.21 15.46 18.29
N VAL C 860 -15.76 16.54 18.83
CA VAL C 860 -15.32 17.89 18.53
C VAL C 860 -15.06 18.59 19.85
N LEU C 861 -13.81 18.80 20.17
CA LEU C 861 -13.44 19.46 21.40
C LEU C 861 -13.72 20.95 21.32
N PRO C 862 -14.01 21.60 22.45
CA PRO C 862 -14.29 23.02 22.42
C PRO C 862 -13.02 23.81 22.55
N PRO C 863 -12.94 24.99 21.94
CA PRO C 863 -11.72 25.79 22.01
C PRO C 863 -11.53 26.35 23.40
N LEU C 864 -10.26 26.63 23.73
CA LEU C 864 -9.94 27.03 25.10
C LEU C 864 -10.49 28.40 25.43
N LEU C 865 -10.40 29.34 24.50
CA LEU C 865 -10.86 30.71 24.72
C LEU C 865 -12.22 30.90 24.08
N THR C 866 -13.21 31.25 24.87
CA THR C 866 -14.53 31.52 24.33
C THR C 866 -14.49 32.77 23.47
N ASP C 867 -15.62 33.13 22.88
CA ASP C 867 -15.65 34.30 22.02
C ASP C 867 -15.65 35.60 22.81
N GLU C 868 -16.25 35.61 23.99
CA GLU C 868 -16.22 36.81 24.80
C GLU C 868 -14.79 37.16 25.21
N MET C 869 -13.96 36.15 25.44
CA MET C 869 -12.59 36.42 25.79
C MET C 869 -11.83 37.04 24.63
N ILE C 870 -12.05 36.53 23.42
CA ILE C 870 -11.44 37.14 22.25
C ILE C 870 -11.88 38.59 22.11
N ALA C 871 -13.16 38.85 22.31
CA ALA C 871 -13.65 40.22 22.22
C ALA C 871 -13.03 41.12 23.27
N GLN C 872 -12.84 40.60 24.48
CA GLN C 872 -12.18 41.40 25.50
C GLN C 872 -10.76 41.75 25.12
N TYR C 873 -10.02 40.77 24.60
CA TYR C 873 -8.66 41.06 24.15
C TYR C 873 -8.65 42.14 23.09
N THR C 874 -9.55 42.03 22.13
CA THR C 874 -9.60 43.02 21.06
C THR C 874 -9.92 44.41 21.58
N SER C 875 -10.89 44.51 22.49
CA SER C 875 -11.23 45.81 23.03
C SER C 875 -10.08 46.39 23.83
N ALA C 876 -9.31 45.55 24.51
CA ALA C 876 -8.14 46.03 25.22
C ALA C 876 -7.14 46.65 24.27
N LEU C 877 -6.81 45.93 23.19
CA LEU C 877 -5.86 46.46 22.23
C LEU C 877 -6.36 47.77 21.64
N LEU C 878 -7.63 47.83 21.29
CA LEU C 878 -8.18 49.03 20.68
C LEU C 878 -8.15 50.21 21.63
N ALA C 879 -8.53 50.01 22.88
CA ALA C 879 -8.52 51.11 23.84
C ALA C 879 -7.12 51.60 24.11
N GLY C 880 -6.16 50.68 24.22
CA GLY C 880 -4.79 51.09 24.40
C GLY C 880 -4.29 51.92 23.24
N THR C 881 -4.60 51.51 22.02
CA THR C 881 -4.16 52.28 20.86
C THR C 881 -4.78 53.67 20.86
N ILE C 882 -6.06 53.77 21.15
CA ILE C 882 -6.71 55.08 21.10
C ILE C 882 -6.14 56.01 22.15
N THR C 883 -5.96 55.52 23.37
CA THR C 883 -5.62 56.45 24.45
C THR C 883 -4.13 56.64 24.66
N SER C 884 -3.26 55.79 24.11
CA SER C 884 -1.85 56.00 24.42
C SER C 884 -0.91 55.77 23.25
N GLY C 885 -1.37 55.86 22.01
CA GLY C 885 -0.46 55.80 20.89
C GLY C 885 0.22 54.46 20.77
N TRP C 886 1.50 54.48 20.44
CA TRP C 886 2.26 53.25 20.33
C TRP C 886 3.09 52.94 21.56
N THR C 887 2.91 53.69 22.64
CA THR C 887 3.80 53.51 23.77
C THR C 887 3.45 52.26 24.57
N PHE C 888 2.20 51.82 24.56
CA PHE C 888 1.86 50.70 25.41
C PHE C 888 2.41 49.38 24.90
N GLY C 889 2.94 49.34 23.69
CA GLY C 889 3.55 48.14 23.18
C GLY C 889 5.02 48.03 23.45
N ALA C 890 5.59 48.97 24.18
CA ALA C 890 7.03 48.98 24.42
C ALA C 890 7.40 49.32 25.85
N GLY C 891 6.44 49.37 26.77
CA GLY C 891 6.70 49.78 28.12
C GLY C 891 5.41 50.11 28.82
N PRO C 892 5.45 51.03 29.77
CA PRO C 892 4.20 51.49 30.38
C PRO C 892 3.43 52.35 29.41
N ALA C 893 2.12 52.41 29.59
CA ALA C 893 1.29 53.22 28.72
C ALA C 893 1.35 54.68 29.15
N LEU C 894 1.48 55.56 28.18
CA LEU C 894 1.65 56.99 28.43
C LEU C 894 0.59 57.74 27.65
N GLN C 895 -0.29 58.45 28.33
CA GLN C 895 -1.41 59.06 27.65
C GLN C 895 -0.96 60.23 26.79
N ILE C 896 -1.79 60.56 25.80
CA ILE C 896 -1.53 61.67 24.90
C ILE C 896 -2.80 61.99 24.12
N PRO C 897 -3.20 63.25 24.00
CA PRO C 897 -4.44 63.56 23.28
C PRO C 897 -4.39 63.13 21.84
N PHE C 898 -5.51 62.62 21.33
CA PHE C 898 -5.51 61.98 20.02
C PHE C 898 -5.06 62.88 18.89
N PRO C 899 -5.61 64.09 18.71
CA PRO C 899 -5.15 64.91 17.59
C PRO C 899 -3.68 65.17 17.62
N MET C 900 -3.07 65.14 18.79
CA MET C 900 -1.65 65.36 18.90
C MET C 900 -0.87 64.08 18.63
N GLN C 901 -1.54 62.93 18.62
CA GLN C 901 -0.92 61.70 18.16
C GLN C 901 -0.96 61.57 16.65
N MET C 902 -2.05 62.01 16.02
CA MET C 902 -2.04 62.01 14.57
C MET C 902 -0.98 62.91 13.99
N ALA C 903 -0.59 63.97 14.71
CA ALA C 903 0.50 64.79 14.22
C ALA C 903 1.81 64.02 14.17
N TYR C 904 2.10 63.25 15.22
CA TYR C 904 3.25 62.36 15.18
C TYR C 904 3.18 61.44 13.99
N ARG C 905 2.02 60.83 13.78
CA ARG C 905 1.92 59.86 12.71
C ARG C 905 2.01 60.53 11.35
N PHE C 906 1.72 61.82 11.26
CA PHE C 906 1.98 62.54 10.01
C PHE C 906 3.46 62.78 9.82
N ASN C 907 4.17 63.21 10.86
CA ASN C 907 5.62 63.28 10.75
C ASN C 907 6.22 61.96 10.34
N GLY C 908 5.62 60.85 10.75
CA GLY C 908 6.17 59.56 10.40
C GLY C 908 6.30 59.34 8.91
N ILE C 909 5.46 59.98 8.11
CA ILE C 909 5.49 59.77 6.67
C ILE C 909 5.98 60.98 5.90
N GLY C 910 6.64 61.92 6.56
CA GLY C 910 7.26 63.03 5.89
C GLY C 910 6.37 64.21 5.60
N VAL C 911 5.29 64.38 6.33
CA VAL C 911 4.42 65.55 6.18
C VAL C 911 4.48 66.35 7.46
N THR C 912 4.63 67.66 7.32
CA THR C 912 4.87 68.53 8.45
C THR C 912 3.68 68.51 9.41
N GLN C 913 3.93 68.96 10.64
CA GLN C 913 2.89 68.90 11.67
C GLN C 913 1.70 69.78 11.34
N ASN C 914 1.95 71.01 10.93
CA ASN C 914 0.86 71.97 10.79
C ASN C 914 -0.19 71.52 9.79
N VAL C 915 0.19 70.66 8.85
CA VAL C 915 -0.77 70.17 7.86
C VAL C 915 -1.94 69.49 8.56
N LEU C 916 -1.68 68.87 9.70
CA LEU C 916 -2.76 68.28 10.47
C LEU C 916 -3.58 69.34 11.20
N TYR C 917 -2.93 70.16 12.02
CA TYR C 917 -3.68 71.07 12.88
C TYR C 917 -4.49 72.06 12.07
N GLU C 918 -4.06 72.39 10.87
CA GLU C 918 -4.79 73.36 10.07
C GLU C 918 -5.88 72.72 9.23
N ASN C 919 -6.03 71.41 9.28
CA ASN C 919 -7.10 70.73 8.56
C ASN C 919 -7.73 69.66 9.42
N GLN C 920 -7.84 69.91 10.73
CA GLN C 920 -8.31 68.88 11.64
C GLN C 920 -9.72 68.44 11.30
N LYS C 921 -10.60 69.39 11.03
CA LYS C 921 -12.00 69.07 10.83
C LYS C 921 -12.22 68.26 9.55
N LEU C 922 -11.58 68.67 8.47
CA LEU C 922 -11.72 67.94 7.21
C LEU C 922 -11.21 66.51 7.35
N ILE C 923 -10.10 66.33 8.03
CA ILE C 923 -9.53 65.00 8.20
C ILE C 923 -10.44 64.14 9.06
N ALA C 924 -10.99 64.73 10.13
CA ALA C 924 -11.91 63.96 10.96
C ALA C 924 -13.13 63.52 10.16
N ASN C 925 -13.68 64.40 9.33
CA ASN C 925 -14.83 64.03 8.53
C ASN C 925 -14.50 62.92 7.55
N GLN C 926 -13.34 63.00 6.91
CA GLN C 926 -12.97 61.96 5.96
C GLN C 926 -12.82 60.61 6.67
N PHE C 927 -12.21 60.62 7.85
CA PHE C 927 -12.06 59.37 8.60
C PHE C 927 -13.43 58.78 8.94
N ASN C 928 -14.34 59.61 9.44
CA ASN C 928 -15.66 59.12 9.81
C ASN C 928 -16.38 58.53 8.61
N SER C 929 -16.31 59.21 7.47
CA SER C 929 -17.00 58.72 6.28
C SER C 929 -16.44 57.38 5.84
N ALA C 930 -15.12 57.21 5.87
CA ALA C 930 -14.54 55.94 5.46
C ALA C 930 -14.98 54.82 6.39
N ILE C 931 -14.93 55.04 7.70
CA ILE C 931 -15.40 54.03 8.63
C ILE C 931 -16.85 53.68 8.34
N GLY C 932 -17.67 54.67 8.03
CA GLY C 932 -19.05 54.39 7.70
C GLY C 932 -19.20 53.52 6.47
N LYS C 933 -18.40 53.78 5.43
CA LYS C 933 -18.52 52.99 4.22
C LYS C 933 -18.10 51.54 4.43
N ILE C 934 -17.18 51.29 5.37
CA ILE C 934 -16.73 49.92 5.59
C ILE C 934 -17.90 49.00 5.89
N GLN C 935 -18.81 49.46 6.75
CA GLN C 935 -19.92 48.62 7.17
C GLN C 935 -20.76 48.17 5.99
N ASP C 936 -21.08 49.10 5.10
CA ASP C 936 -21.88 48.74 3.93
C ASP C 936 -21.10 47.85 2.99
N SER C 937 -19.81 48.14 2.77
CA SER C 937 -19.02 47.29 1.90
C SER C 937 -18.97 45.86 2.40
N LEU C 938 -19.08 45.66 3.70
CA LEU C 938 -19.16 44.29 4.20
C LEU C 938 -20.57 43.74 4.06
N SER C 939 -21.57 44.49 4.55
CA SER C 939 -22.94 44.02 4.61
C SER C 939 -23.55 43.79 3.24
N SER C 940 -22.95 44.28 2.16
CA SER C 940 -23.53 44.15 0.83
C SER C 940 -22.92 42.99 0.05
N THR C 941 -21.63 43.01 -0.18
CA THR C 941 -21.02 41.95 -0.97
C THR C 941 -21.01 40.66 -0.17
N PRO C 942 -21.54 39.56 -0.70
CA PRO C 942 -21.55 38.30 0.05
C PRO C 942 -20.26 37.52 -0.02
N SER C 943 -19.43 37.75 -1.04
CA SER C 943 -18.16 37.06 -1.19
C SER C 943 -17.04 37.72 -0.40
N ALA C 944 -17.37 38.48 0.64
CA ALA C 944 -16.36 39.18 1.41
C ALA C 944 -15.50 38.23 2.21
N LEU C 945 -16.13 37.47 3.11
CA LEU C 945 -15.40 36.58 4.00
C LEU C 945 -15.17 35.23 3.31
N GLY C 946 -14.50 35.29 2.17
CA GLY C 946 -14.28 34.08 1.40
C GLY C 946 -13.39 33.09 2.10
N LYS C 947 -12.29 33.57 2.68
CA LYS C 947 -11.26 32.65 3.17
C LYS C 947 -11.76 31.82 4.34
N LEU C 948 -12.41 32.47 5.31
CA LEU C 948 -12.93 31.75 6.45
C LEU C 948 -13.93 30.69 6.00
N GLN C 949 -14.79 31.05 5.07
CA GLN C 949 -15.79 30.12 4.57
C GLN C 949 -15.14 28.93 3.89
N ASP C 950 -14.09 29.17 3.12
CA ASP C 950 -13.42 28.05 2.45
C ASP C 950 -12.78 27.11 3.44
N VAL C 951 -12.19 27.66 4.50
CA VAL C 951 -11.62 26.78 5.53
C VAL C 951 -12.71 25.90 6.13
N VAL C 952 -13.84 26.51 6.48
CA VAL C 952 -14.93 25.74 7.08
C VAL C 952 -15.40 24.66 6.13
N ASN C 953 -15.57 25.00 4.86
CA ASN C 953 -16.08 24.05 3.89
C ASN C 953 -15.11 22.89 3.71
N GLN C 954 -13.83 23.19 3.56
CA GLN C 954 -12.86 22.13 3.36
C GLN C 954 -12.78 21.21 4.55
N ASN C 955 -13.02 21.70 5.75
CA ASN C 955 -13.03 20.79 6.89
C ASN C 955 -14.30 19.97 7.00
N ALA C 956 -15.47 20.55 6.70
CA ALA C 956 -16.69 19.76 6.79
C ALA C 956 -16.72 18.67 5.74
N GLN C 957 -16.39 19.03 4.51
CA GLN C 957 -16.09 18.01 3.53
C GLN C 957 -14.80 17.33 3.94
N ALA C 958 -14.51 16.19 3.32
CA ALA C 958 -13.36 15.37 3.69
C ALA C 958 -13.51 14.83 5.10
N LEU C 959 -14.57 15.22 5.78
CA LEU C 959 -15.09 14.51 6.93
C LEU C 959 -16.39 13.81 6.61
N ASN C 960 -17.25 14.49 5.87
CA ASN C 960 -18.36 13.78 5.25
C ASN C 960 -17.86 12.62 4.42
N THR C 961 -16.76 12.81 3.70
CA THR C 961 -16.19 11.72 2.91
C THR C 961 -15.73 10.58 3.80
N LEU C 962 -15.09 10.90 4.92
CA LEU C 962 -14.64 9.85 5.82
C LEU C 962 -15.81 9.03 6.33
N VAL C 963 -16.90 9.69 6.70
CA VAL C 963 -18.06 8.95 7.18
C VAL C 963 -18.67 8.12 6.05
N LYS C 964 -18.79 8.69 4.87
CA LYS C 964 -19.43 7.97 3.78
C LYS C 964 -18.59 6.80 3.31
N GLN C 965 -17.29 6.82 3.57
CA GLN C 965 -16.44 5.71 3.20
C GLN C 965 -16.71 4.47 4.03
N LEU C 966 -17.59 4.57 5.02
CA LEU C 966 -17.83 3.49 5.95
C LEU C 966 -18.84 2.49 5.43
N SER C 967 -19.39 2.70 4.24
CA SER C 967 -20.42 1.83 3.69
C SER C 967 -19.99 1.25 2.35
N SER C 968 -18.76 0.78 2.27
CA SER C 968 -18.25 0.14 1.08
C SER C 968 -17.82 -1.29 1.41
N ASN C 969 -17.81 -2.14 0.39
CA ASN C 969 -17.50 -3.54 0.60
C ASN C 969 -16.01 -3.82 0.62
N PHE C 970 -15.24 -3.12 -0.19
CA PHE C 970 -13.85 -3.44 -0.43
C PHE C 970 -13.65 -4.88 -0.86
N GLY C 971 -14.69 -5.51 -1.40
CA GLY C 971 -14.61 -6.86 -1.88
C GLY C 971 -15.22 -7.90 -0.98
N ALA C 972 -15.62 -7.55 0.22
CA ALA C 972 -16.31 -8.50 1.09
C ALA C 972 -17.72 -8.72 0.57
N ILE C 973 -18.49 -9.55 1.29
CA ILE C 973 -19.85 -9.81 0.88
C ILE C 973 -20.84 -8.79 1.42
N SER C 974 -20.42 -7.97 2.38
CA SER C 974 -21.31 -6.98 2.95
C SER C 974 -20.48 -5.92 3.62
N SER C 975 -21.10 -4.78 3.91
CA SER C 975 -20.42 -3.67 4.54
C SER C 975 -20.85 -3.49 5.99
N VAL C 976 -21.43 -4.51 6.61
CA VAL C 976 -21.87 -4.43 7.99
C VAL C 976 -21.22 -5.58 8.76
N LEU C 977 -20.56 -5.25 9.85
CA LEU C 977 -19.90 -6.28 10.65
C LEU C 977 -20.91 -7.22 11.28
N ASN C 978 -22.01 -6.68 11.79
CA ASN C 978 -22.95 -7.52 12.53
C ASN C 978 -23.63 -8.55 11.65
N ASP C 979 -23.51 -8.44 10.33
CA ASP C 979 -24.11 -9.44 9.46
C ASP C 979 -23.14 -10.54 9.07
N ILE C 980 -21.89 -10.18 8.79
CA ILE C 980 -20.91 -11.21 8.49
C ILE C 980 -20.76 -12.13 9.68
N LEU C 981 -20.79 -11.59 10.89
CA LEU C 981 -20.74 -12.43 12.08
C LEU C 981 -21.98 -13.29 12.21
N SER C 982 -23.14 -12.76 11.81
CA SER C 982 -24.40 -13.46 11.94
C SER C 982 -24.75 -14.28 10.73
N ARG C 983 -23.78 -14.59 9.87
CA ARG C 983 -24.08 -15.36 8.69
C ARG C 983 -23.06 -16.41 8.34
N LEU C 984 -21.96 -16.55 9.09
CA LEU C 984 -20.90 -17.46 8.69
C LEU C 984 -20.21 -18.00 9.93
N ASP C 985 -19.47 -19.09 9.72
CA ASP C 985 -18.65 -19.67 10.75
C ASP C 985 -17.34 -18.90 10.87
N PRO C 986 -16.72 -18.90 12.04
CA PRO C 986 -15.59 -18.02 12.29
C PRO C 986 -14.48 -18.14 11.28
N PRO C 987 -14.10 -19.33 10.82
CA PRO C 987 -12.92 -19.43 9.94
C PRO C 987 -13.02 -18.63 8.65
N GLU C 988 -14.21 -18.25 8.19
CA GLU C 988 -14.35 -17.43 6.99
C GLU C 988 -14.91 -16.05 7.27
N ALA C 989 -15.71 -15.92 8.32
CA ALA C 989 -16.01 -14.59 8.83
C ALA C 989 -14.72 -13.84 9.07
N GLU C 990 -13.66 -14.54 9.47
CA GLU C 990 -12.37 -13.88 9.64
C GLU C 990 -11.85 -13.33 8.32
N VAL C 991 -11.98 -14.08 7.24
CA VAL C 991 -11.49 -13.60 5.95
C VAL C 991 -12.23 -12.33 5.55
N GLN C 992 -13.56 -12.37 5.63
CA GLN C 992 -14.33 -11.19 5.23
C GLN C 992 -14.01 -10.00 6.12
N ILE C 993 -13.94 -10.22 7.43
CA ILE C 993 -13.66 -9.13 8.35
C ILE C 993 -12.29 -8.55 8.05
N ASP C 994 -11.33 -9.39 7.69
CA ASP C 994 -10.01 -8.87 7.38
C ASP C 994 -10.04 -7.97 6.16
N ARG C 995 -10.81 -8.35 5.14
CA ARG C 995 -10.92 -7.44 3.99
C ARG C 995 -11.48 -6.09 4.41
N LEU C 996 -12.53 -6.11 5.24
CA LEU C 996 -13.08 -4.82 5.69
C LEU C 996 -12.07 -4.03 6.49
N ILE C 997 -11.30 -4.70 7.35
CA ILE C 997 -10.35 -3.99 8.19
C ILE C 997 -9.30 -3.30 7.33
N THR C 998 -8.77 -4.02 6.34
CA THR C 998 -7.80 -3.39 5.45
C THR C 998 -8.41 -2.16 4.77
N GLY C 999 -9.60 -2.31 4.22
CA GLY C 999 -10.21 -1.19 3.53
C GLY C 999 -10.39 0.02 4.43
N ARG C 1000 -10.97 -0.20 5.61
CA ARG C 1000 -11.27 0.93 6.48
C ARG C 1000 -10.01 1.56 7.04
N LEU C 1001 -9.01 0.75 7.36
CA LEU C 1001 -7.75 1.30 7.85
C LEU C 1001 -7.06 2.12 6.79
N GLN C 1002 -7.29 1.81 5.51
CA GLN C 1002 -6.69 2.63 4.46
C GLN C 1002 -7.23 4.06 4.48
N SER C 1003 -8.54 4.22 4.71
CA SER C 1003 -9.16 5.54 4.60
C SER C 1003 -8.71 6.47 5.71
N LEU C 1004 -8.56 5.94 6.91
CA LEU C 1004 -8.24 6.80 8.03
C LEU C 1004 -6.88 7.43 7.86
N GLN C 1005 -5.91 6.70 7.32
CA GLN C 1005 -4.59 7.26 7.10
C GLN C 1005 -4.64 8.40 6.10
N THR C 1006 -5.41 8.25 5.03
CA THR C 1006 -5.53 9.34 4.07
C THR C 1006 -6.12 10.57 4.73
N TYR C 1007 -7.16 10.39 5.53
CA TYR C 1007 -7.76 11.55 6.19
C TYR C 1007 -6.76 12.24 7.10
N VAL C 1008 -6.01 11.45 7.88
CA VAL C 1008 -5.06 12.05 8.81
C VAL C 1008 -3.99 12.81 8.06
N THR C 1009 -3.49 12.24 6.97
CA THR C 1009 -2.44 12.94 6.21
C THR C 1009 -2.96 14.26 5.66
N GLN C 1010 -4.17 14.27 5.11
CA GLN C 1010 -4.72 15.51 4.60
C GLN C 1010 -4.79 16.56 5.70
N GLN C 1011 -5.32 16.19 6.86
CA GLN C 1011 -5.43 17.17 7.93
C GLN C 1011 -4.06 17.67 8.37
N LEU C 1012 -3.09 16.77 8.42
CA LEU C 1012 -1.75 17.12 8.83
C LEU C 1012 -1.12 18.12 7.88
N ILE C 1013 -1.45 18.04 6.60
CA ILE C 1013 -0.94 19.03 5.66
C ILE C 1013 -1.68 20.36 5.78
N ARG C 1014 -3.00 20.33 5.98
CA ARG C 1014 -3.72 21.59 6.09
C ARG C 1014 -3.33 22.38 7.33
N ALA C 1015 -2.99 21.69 8.41
CA ALA C 1015 -2.64 22.39 9.64
C ALA C 1015 -1.42 23.27 9.43
N ALA C 1016 -0.47 22.83 8.60
CA ALA C 1016 0.70 23.64 8.34
C ALA C 1016 0.34 24.94 7.64
N GLU C 1017 -0.57 24.87 6.68
CA GLU C 1017 -1.04 26.06 6.00
C GLU C 1017 -1.67 27.04 6.99
N ILE C 1018 -2.54 26.52 7.86
CA ILE C 1018 -3.18 27.40 8.82
C ILE C 1018 -2.14 28.02 9.74
N ARG C 1019 -1.13 27.25 10.14
CA ARG C 1019 -0.12 27.80 11.03
C ARG C 1019 0.67 28.91 10.36
N ALA C 1020 1.00 28.75 9.09
CA ALA C 1020 1.68 29.83 8.39
C ALA C 1020 0.84 31.08 8.37
N SER C 1021 -0.46 30.93 8.09
CA SER C 1021 -1.33 32.09 8.08
C SER C 1021 -1.43 32.74 9.46
N ALA C 1022 -1.41 31.93 10.51
CA ALA C 1022 -1.50 32.49 11.85
C ALA C 1022 -0.23 33.24 12.25
N ASN C 1023 0.93 32.74 11.84
CA ASN C 1023 2.15 33.51 12.07
C ASN C 1023 2.12 34.84 11.34
N LEU C 1024 1.63 34.85 10.11
CA LEU C 1024 1.50 36.12 9.41
C LEU C 1024 0.57 37.07 10.16
N ALA C 1025 -0.54 36.56 10.66
CA ALA C 1025 -1.47 37.42 11.39
C ALA C 1025 -0.84 37.98 12.64
N ALA C 1026 -0.08 37.17 13.37
CA ALA C 1026 0.59 37.66 14.57
C ALA C 1026 1.58 38.76 14.23
N THR C 1027 2.34 38.58 13.15
CA THR C 1027 3.28 39.61 12.74
C THR C 1027 2.57 40.91 12.39
N LYS C 1028 1.46 40.81 11.68
CA LYS C 1028 0.73 42.01 11.33
C LYS C 1028 0.17 42.70 12.56
N MET C 1029 -0.28 41.93 13.54
CA MET C 1029 -0.75 42.54 14.78
C MET C 1029 0.37 43.28 15.48
N SER C 1030 1.56 42.69 15.52
CA SER C 1030 2.66 43.35 16.22
C SER C 1030 3.09 44.62 15.50
N GLU C 1031 3.16 44.60 14.17
CA GLU C 1031 3.83 45.70 13.49
C GLU C 1031 2.87 46.76 12.96
N CYS C 1032 1.65 46.40 12.59
CA CYS C 1032 0.72 47.41 12.09
C CYS C 1032 -0.06 48.04 13.23
N VAL C 1033 -0.43 47.26 14.25
CA VAL C 1033 -1.29 47.79 15.29
C VAL C 1033 -0.49 48.47 16.39
N LEU C 1034 0.52 47.78 16.92
CA LEU C 1034 1.31 48.35 18.00
C LEU C 1034 2.43 49.24 17.52
N GLY C 1035 2.36 49.73 16.29
CA GLY C 1035 3.40 50.60 15.77
C GLY C 1035 2.96 51.19 14.46
N GLN C 1036 3.89 51.85 13.80
CA GLN C 1036 3.67 52.40 12.46
C GLN C 1036 4.74 51.84 11.54
N SER C 1037 4.33 51.33 10.40
CA SER C 1037 5.22 50.54 9.58
C SER C 1037 5.76 51.34 8.40
N LYS C 1038 6.95 50.96 7.96
CA LYS C 1038 7.55 51.55 6.77
C LYS C 1038 7.57 50.59 5.59
N ARG C 1039 7.25 49.33 5.81
CA ARG C 1039 7.27 48.35 4.74
C ARG C 1039 6.11 48.63 3.80
N VAL C 1040 6.40 48.71 2.51
CA VAL C 1040 5.39 49.07 1.54
C VAL C 1040 4.38 47.94 1.41
N ASP C 1041 3.10 48.29 1.35
CA ASP C 1041 2.00 47.38 1.13
C ASP C 1041 1.90 46.29 2.19
N PHE C 1042 2.69 46.35 3.25
CA PHE C 1042 2.48 45.39 4.32
C PHE C 1042 1.18 45.65 5.05
N CYS C 1043 0.92 46.89 5.41
CA CYS C 1043 -0.28 47.26 6.14
C CYS C 1043 -1.09 48.16 5.23
N GLY C 1044 -1.87 47.56 4.34
CA GLY C 1044 -2.71 48.32 3.44
C GLY C 1044 -1.94 48.92 2.28
N LYS C 1045 -2.65 49.65 1.44
CA LYS C 1045 -2.06 50.28 0.27
C LYS C 1045 -2.11 51.79 0.40
N GLY C 1046 -0.96 52.43 0.37
CA GLY C 1046 -0.78 53.84 0.59
C GLY C 1046 0.37 54.04 1.54
N TYR C 1047 0.39 55.19 2.21
CA TYR C 1047 1.31 55.40 3.31
C TYR C 1047 0.58 55.08 4.60
N HIS C 1048 1.20 54.29 5.45
CA HIS C 1048 0.50 53.75 6.61
C HIS C 1048 0.42 54.77 7.73
N LEU C 1049 -0.74 54.84 8.37
CA LEU C 1049 -0.93 55.68 9.56
C LEU C 1049 -1.21 54.85 10.81
N MET C 1050 -2.22 53.98 10.78
CA MET C 1050 -2.59 53.23 11.97
C MET C 1050 -3.58 52.16 11.58
N SER C 1051 -3.91 51.28 12.51
CA SER C 1051 -4.71 50.11 12.18
C SER C 1051 -5.49 49.64 13.39
N PHE C 1052 -6.62 48.99 13.13
CA PHE C 1052 -7.51 48.49 14.17
C PHE C 1052 -7.84 47.03 13.93
N PRO C 1053 -7.84 46.20 14.96
CA PRO C 1053 -8.24 44.81 14.81
C PRO C 1053 -9.69 44.57 15.15
N GLN C 1054 -10.25 43.52 14.56
CA GLN C 1054 -11.58 43.03 14.90
C GLN C 1054 -11.56 41.52 14.82
N SER C 1055 -12.34 40.87 15.65
CA SER C 1055 -12.36 39.42 15.65
C SER C 1055 -13.42 38.90 14.70
N ALA C 1056 -13.30 37.62 14.36
CA ALA C 1056 -14.28 36.98 13.49
C ALA C 1056 -14.17 35.49 13.71
N PRO C 1057 -15.19 34.72 13.35
CA PRO C 1057 -15.15 33.29 13.62
C PRO C 1057 -13.93 32.61 13.02
N HIS C 1058 -13.05 32.13 13.88
CA HIS C 1058 -11.81 31.47 13.45
C HIS C 1058 -10.91 32.39 12.65
N GLY C 1059 -10.90 33.68 12.95
CA GLY C 1059 -10.03 34.55 12.18
C GLY C 1059 -10.07 35.97 12.68
N VAL C 1060 -9.30 36.82 12.01
CA VAL C 1060 -9.16 38.20 12.41
C VAL C 1060 -9.29 39.09 11.19
N VAL C 1061 -9.67 40.35 11.42
CA VAL C 1061 -9.91 41.31 10.37
C VAL C 1061 -9.24 42.61 10.76
N PHE C 1062 -8.37 43.12 9.89
CA PHE C 1062 -7.69 44.38 10.15
C PHE C 1062 -8.32 45.47 9.31
N LEU C 1063 -8.48 46.65 9.91
CA LEU C 1063 -8.84 47.86 9.18
C LEU C 1063 -7.63 48.77 9.18
N HIS C 1064 -7.09 49.05 8.00
CA HIS C 1064 -5.87 49.81 7.83
C HIS C 1064 -6.24 51.22 7.41
N VAL C 1065 -5.67 52.22 8.06
CA VAL C 1065 -5.88 53.62 7.69
C VAL C 1065 -4.62 54.12 7.00
N THR C 1066 -4.78 54.75 5.84
CA THR C 1066 -3.65 55.17 5.04
C THR C 1066 -3.92 56.54 4.44
N TYR C 1067 -2.85 57.16 3.94
CA TYR C 1067 -2.85 58.51 3.44
C TYR C 1067 -2.55 58.47 1.95
N VAL C 1068 -3.36 59.16 1.15
CA VAL C 1068 -3.18 59.08 -0.31
C VAL C 1068 -3.13 60.46 -0.92
N PRO C 1069 -2.09 60.82 -1.67
CA PRO C 1069 -2.05 62.13 -2.32
C PRO C 1069 -3.13 62.27 -3.38
N ALA C 1070 -3.62 63.49 -3.56
CA ALA C 1070 -4.90 63.67 -4.26
C ALA C 1070 -4.82 64.45 -5.55
N GLN C 1071 -4.35 65.70 -5.54
CA GLN C 1071 -4.54 66.59 -6.68
C GLN C 1071 -3.21 67.24 -7.03
N GLU C 1072 -2.56 66.72 -8.06
CA GLU C 1072 -1.19 67.12 -8.34
C GLU C 1072 -1.13 68.21 -9.40
N LYS C 1073 -0.09 69.03 -9.29
CA LYS C 1073 0.22 70.06 -10.26
C LYS C 1073 1.60 69.77 -10.83
N ASN C 1074 1.91 70.43 -11.94
CA ASN C 1074 3.19 70.27 -12.60
C ASN C 1074 4.00 71.55 -12.42
N PHE C 1075 5.30 71.41 -12.23
CA PHE C 1075 6.17 72.55 -12.03
C PHE C 1075 7.51 72.30 -12.70
N THR C 1076 8.25 73.37 -12.87
CA THR C 1076 9.63 73.31 -13.30
C THR C 1076 10.52 73.21 -12.07
N THR C 1077 11.62 72.47 -12.19
CA THR C 1077 12.45 72.18 -11.04
C THR C 1077 13.92 72.40 -11.39
N ALA C 1078 14.80 72.23 -10.40
CA ALA C 1078 16.22 72.48 -10.60
C ALA C 1078 17.03 71.85 -9.49
N PRO C 1079 18.21 71.32 -9.76
CA PRO C 1079 18.99 70.70 -8.69
C PRO C 1079 19.45 71.66 -7.62
N ALA C 1080 19.99 72.81 -7.99
CA ALA C 1080 20.50 73.76 -7.01
C ALA C 1080 20.34 75.17 -7.55
N ILE C 1081 20.80 76.15 -6.78
CA ILE C 1081 20.70 77.55 -7.15
C ILE C 1081 22.01 78.26 -6.85
N CYS C 1082 22.52 78.99 -7.84
CA CYS C 1082 23.79 79.69 -7.75
C CYS C 1082 23.53 81.14 -7.39
N HIS C 1083 24.15 81.61 -6.30
CA HIS C 1083 23.91 82.97 -5.85
C HIS C 1083 25.16 83.84 -5.91
N ASP C 1084 26.26 83.42 -5.30
CA ASP C 1084 27.49 84.20 -5.31
C ASP C 1084 28.65 83.33 -5.73
N GLY C 1085 28.47 82.59 -6.82
CA GLY C 1085 29.43 81.56 -7.10
C GLY C 1085 29.42 80.47 -6.07
N LYS C 1086 28.29 80.29 -5.38
CA LYS C 1086 28.11 79.21 -4.42
C LYS C 1086 26.83 78.48 -4.77
N ALA C 1087 26.87 77.15 -4.68
CA ALA C 1087 25.70 76.34 -4.93
C ALA C 1087 24.93 76.13 -3.64
N HIS C 1088 23.61 76.17 -3.73
CA HIS C 1088 22.75 76.00 -2.56
C HIS C 1088 21.81 74.84 -2.79
N PHE C 1089 21.81 73.91 -1.88
CA PHE C 1089 20.90 72.79 -1.98
C PHE C 1089 19.87 72.89 -0.87
N PRO C 1090 18.67 72.36 -1.06
CA PRO C 1090 17.65 72.47 -0.01
C PRO C 1090 17.89 71.49 1.11
N ARG C 1091 17.51 71.90 2.32
CA ARG C 1091 17.70 71.04 3.46
C ARG C 1091 16.78 69.83 3.40
N GLU C 1092 15.47 70.06 3.39
CA GLU C 1092 14.52 68.98 3.46
C GLU C 1092 13.35 69.22 2.53
N GLY C 1093 13.60 69.70 1.34
CA GLY C 1093 12.54 70.03 0.40
C GLY C 1093 12.99 69.85 -1.02
N VAL C 1094 12.43 70.66 -1.91
CA VAL C 1094 12.74 70.61 -3.33
C VAL C 1094 12.42 71.98 -3.90
N PHE C 1095 13.18 72.38 -4.92
CA PHE C 1095 13.03 73.69 -5.55
C PHE C 1095 11.98 73.61 -6.64
N VAL C 1096 11.03 74.54 -6.65
CA VAL C 1096 10.00 74.58 -7.68
C VAL C 1096 9.86 76.00 -8.20
N SER C 1097 9.12 76.14 -9.29
CA SER C 1097 8.93 77.41 -9.95
C SER C 1097 7.56 77.45 -10.59
N ASN C 1098 6.81 78.50 -10.35
CA ASN C 1098 5.47 78.63 -10.91
C ASN C 1098 5.46 79.33 -12.25
N GLY C 1099 6.61 79.53 -12.86
CA GLY C 1099 6.70 80.19 -14.14
C GLY C 1099 7.61 81.39 -14.10
N THR C 1100 7.56 82.15 -13.02
CA THR C 1100 8.38 83.36 -12.91
C THR C 1100 9.23 83.36 -11.65
N HIS C 1101 8.69 82.86 -10.55
CA HIS C 1101 9.36 82.91 -9.26
C HIS C 1101 9.80 81.51 -8.84
N TRP C 1102 10.78 81.46 -7.94
CA TRP C 1102 11.31 80.23 -7.42
C TRP C 1102 10.99 80.12 -5.93
N PHE C 1103 10.60 78.92 -5.51
CA PHE C 1103 10.32 78.65 -4.10
C PHE C 1103 10.93 77.32 -3.74
N VAL C 1104 10.90 77.01 -2.45
CA VAL C 1104 11.30 75.70 -1.95
C VAL C 1104 10.13 75.15 -1.15
N THR C 1105 9.77 73.90 -1.42
CA THR C 1105 8.62 73.29 -0.78
C THR C 1105 8.97 71.93 -0.23
N GLN C 1106 8.06 71.36 0.54
CA GLN C 1106 8.24 70.00 1.00
C GLN C 1106 7.74 69.04 -0.06
N ARG C 1107 8.21 67.80 0.01
CA ARG C 1107 8.09 66.92 -1.15
C ARG C 1107 6.73 66.30 -1.32
N ASN C 1108 5.86 66.36 -0.32
CA ASN C 1108 4.64 65.58 -0.33
C ASN C 1108 3.37 66.40 -0.29
N PHE C 1109 3.46 67.72 -0.25
CA PHE C 1109 2.29 68.56 -0.11
C PHE C 1109 2.69 69.96 -0.51
N TYR C 1110 2.03 70.52 -1.52
CA TYR C 1110 2.47 71.79 -2.05
C TYR C 1110 2.30 72.89 -1.01
N GLU C 1111 3.40 73.51 -0.64
CA GLU C 1111 3.39 74.60 0.32
C GLU C 1111 4.64 75.44 0.11
N PRO C 1112 4.61 76.42 -0.78
CA PRO C 1112 5.84 77.09 -1.17
C PRO C 1112 6.31 78.07 -0.11
N GLN C 1113 7.59 78.41 -0.20
CA GLN C 1113 8.19 79.32 0.76
C GLN C 1113 9.33 80.07 0.09
N ILE C 1114 9.72 81.18 0.71
CA ILE C 1114 10.83 81.97 0.19
C ILE C 1114 12.14 81.28 0.49
N ILE C 1115 13.07 81.35 -0.47
CA ILE C 1115 14.36 80.71 -0.30
C ILE C 1115 15.24 81.60 0.56
N THR C 1116 15.70 81.07 1.69
CA THR C 1116 16.60 81.84 2.55
C THR C 1116 17.82 81.02 2.89
N THR C 1117 18.66 81.52 3.77
CA THR C 1117 19.79 80.75 4.26
C THR C 1117 19.44 79.91 5.47
N ASP C 1118 18.16 79.80 5.79
CA ASP C 1118 17.73 78.95 6.88
C ASP C 1118 17.22 77.60 6.41
N ASN C 1119 16.83 77.47 5.15
CA ASN C 1119 16.33 76.21 4.62
C ASN C 1119 17.15 75.73 3.44
N THR C 1120 18.39 76.18 3.31
CA THR C 1120 19.33 75.66 2.32
C THR C 1120 20.68 75.49 2.98
N PHE C 1121 21.61 74.89 2.24
CA PHE C 1121 22.99 74.81 2.69
C PHE C 1121 23.91 74.88 1.48
N VAL C 1122 25.16 75.26 1.72
CA VAL C 1122 26.10 75.62 0.66
C VAL C 1122 27.16 74.55 0.55
N SER C 1123 27.55 74.22 -0.68
CA SER C 1123 28.64 73.27 -0.89
C SER C 1123 29.25 73.50 -2.28
N GLY C 1124 30.38 74.17 -2.32
CA GLY C 1124 31.12 74.30 -3.56
C GLY C 1124 30.75 75.54 -4.34
N ASN C 1125 31.16 75.54 -5.59
CA ASN C 1125 30.86 76.64 -6.51
C ASN C 1125 29.99 76.11 -7.65
N CYS C 1126 29.73 76.99 -8.62
CA CYS C 1126 28.67 76.78 -9.60
C CYS C 1126 29.16 76.12 -10.88
N ASP C 1127 30.15 75.25 -10.82
CA ASP C 1127 30.75 74.72 -12.04
C ASP C 1127 30.65 73.21 -12.20
N VAL C 1128 30.11 72.49 -11.23
CA VAL C 1128 30.15 71.03 -11.30
C VAL C 1128 28.76 70.45 -11.45
N VAL C 1129 27.76 71.13 -10.93
CA VAL C 1129 26.39 70.66 -11.01
C VAL C 1129 25.86 70.91 -12.41
N ILE C 1130 25.06 69.98 -12.91
CA ILE C 1130 24.51 70.08 -14.25
C ILE C 1130 23.04 70.47 -14.11
N GLY C 1131 22.71 71.68 -14.53
CA GLY C 1131 21.35 72.16 -14.46
C GLY C 1131 21.10 73.22 -13.43
N ILE C 1132 22.14 73.74 -12.77
CA ILE C 1132 21.97 74.77 -11.78
C ILE C 1132 21.43 76.03 -12.43
N VAL C 1133 20.64 76.80 -11.67
CA VAL C 1133 20.00 78.00 -12.18
C VAL C 1133 20.42 79.18 -11.33
N ASN C 1134 20.10 80.38 -11.80
CA ASN C 1134 20.47 81.61 -11.12
C ASN C 1134 19.25 82.16 -10.38
N ASN C 1135 19.44 82.57 -9.15
CA ASN C 1135 18.38 83.23 -8.41
C ASN C 1135 18.99 83.85 -7.16
N THR C 1136 18.14 84.38 -6.28
CA THR C 1136 18.55 85.14 -5.11
C THR C 1136 18.19 84.36 -3.86
N VAL C 1137 19.11 84.33 -2.91
CA VAL C 1137 18.90 83.63 -1.66
C VAL C 1137 18.92 84.67 -0.55
N TYR C 1138 17.73 85.04 -0.08
CA TYR C 1138 17.62 86.12 0.88
C TYR C 1138 18.24 85.73 2.20
N ASP C 1139 18.69 86.73 2.93
CA ASP C 1139 19.25 86.52 4.25
C ASP C 1139 18.40 87.23 5.27
N PRO C 1140 17.98 86.56 6.34
CA PRO C 1140 17.06 87.21 7.29
C PRO C 1140 17.71 88.27 8.14
N LEU C 1141 19.04 88.34 8.17
CA LEU C 1141 19.70 89.17 9.17
C LEU C 1141 19.96 90.58 8.68
N GLN C 1142 20.50 90.72 7.47
CA GLN C 1142 20.97 92.04 7.04
C GLN C 1142 19.86 93.08 6.88
N PRO C 1143 18.60 92.74 6.58
CA PRO C 1143 17.58 93.79 6.65
C PRO C 1143 17.44 94.40 8.03
N GLU C 1144 17.35 93.54 9.05
CA GLU C 1144 17.31 94.03 10.42
C GLU C 1144 18.56 94.81 10.77
N LEU C 1145 19.72 94.34 10.27
CA LEU C 1145 20.96 95.06 10.51
C LEU C 1145 20.92 96.46 9.91
N ASP C 1146 20.42 96.60 8.69
CA ASP C 1146 20.33 97.91 8.07
C ASP C 1146 19.36 98.81 8.83
N SER C 1147 18.22 98.26 9.25
CA SER C 1147 17.27 99.05 10.02
C SER C 1147 17.76 99.32 11.44
N PHE C 1148 18.86 98.69 11.85
CA PHE C 1148 19.42 98.92 13.18
C PHE C 1148 20.93 98.68 13.20
N GLN D 1 16.30 -76.51 -18.05
CA GLN D 1 16.51 -77.63 -17.13
C GLN D 1 17.13 -77.16 -15.82
N VAL D 2 17.35 -75.86 -15.71
CA VAL D 2 17.95 -75.25 -14.53
C VAL D 2 16.98 -75.44 -13.38
N LYS D 3 17.34 -76.31 -12.44
CA LYS D 3 16.47 -76.65 -11.33
C LYS D 3 16.87 -75.94 -10.04
N LEU D 4 17.96 -75.17 -10.04
CA LEU D 4 18.33 -74.33 -8.92
C LEU D 4 18.80 -72.99 -9.44
N GLU D 5 18.30 -71.93 -8.82
CA GLU D 5 18.58 -70.58 -9.27
C GLU D 5 18.62 -69.68 -8.04
N GLU D 6 19.44 -68.64 -8.10
CA GLU D 6 19.65 -67.76 -6.97
C GLU D 6 19.59 -66.33 -7.45
N SER D 7 18.94 -65.48 -6.66
CA SER D 7 18.67 -64.10 -7.07
C SER D 7 18.42 -63.27 -5.81
N GLY D 8 18.06 -62.00 -6.01
CA GLY D 8 17.70 -61.11 -4.92
C GLY D 8 18.85 -60.57 -4.12
N GLY D 9 20.10 -60.76 -4.56
CA GLY D 9 21.25 -60.31 -3.81
C GLY D 9 21.60 -58.86 -4.06
N GLY D 10 22.77 -58.48 -3.56
CA GLY D 10 23.23 -57.11 -3.69
C GLY D 10 24.26 -56.79 -2.62
N SER D 11 24.32 -55.51 -2.25
CA SER D 11 25.30 -54.97 -1.32
C SER D 11 24.60 -54.42 -0.08
N VAL D 12 25.14 -54.75 1.09
CA VAL D 12 24.59 -54.30 2.38
C VAL D 12 25.71 -53.75 3.25
N GLN D 13 25.35 -52.84 4.14
CA GLN D 13 26.27 -52.33 5.14
C GLN D 13 26.61 -53.42 6.17
N ALA D 14 27.66 -53.16 6.94
CA ALA D 14 27.88 -53.91 8.16
C ALA D 14 26.95 -53.37 9.26
N GLY D 15 26.27 -54.28 9.95
CA GLY D 15 25.20 -53.91 10.85
C GLY D 15 23.85 -53.73 10.20
N GLY D 16 23.75 -53.95 8.89
CA GLY D 16 22.48 -53.87 8.20
C GLY D 16 21.87 -55.25 7.94
N SER D 17 20.71 -55.24 7.31
CA SER D 17 19.93 -56.45 7.08
C SER D 17 19.78 -56.72 5.59
N LEU D 18 19.68 -58.00 5.26
CA LEU D 18 19.49 -58.45 3.88
C LEU D 18 18.55 -59.66 3.89
N ARG D 19 18.14 -60.07 2.69
CA ARG D 19 17.35 -61.27 2.48
C ARG D 19 17.78 -61.93 1.17
N LEU D 20 17.84 -63.26 1.17
CA LEU D 20 18.27 -64.02 0.01
C LEU D 20 17.10 -64.82 -0.56
N ILE D 21 17.07 -64.95 -1.89
CA ILE D 21 15.97 -65.61 -2.59
C ILE D 21 16.57 -66.71 -3.48
N CYS D 22 16.41 -67.97 -3.06
CA CYS D 22 16.80 -69.10 -3.88
C CYS D 22 15.58 -69.86 -4.34
N THR D 23 15.56 -70.22 -5.61
CA THR D 23 14.42 -70.90 -6.21
C THR D 23 14.80 -72.36 -6.44
N ALA D 24 14.04 -73.28 -5.85
CA ALA D 24 14.15 -74.68 -6.14
C ALA D 24 12.78 -75.19 -6.57
N PRO D 25 12.45 -75.15 -7.87
CA PRO D 25 11.09 -75.52 -8.30
C PRO D 25 10.83 -77.02 -8.26
N GLY D 26 11.85 -77.81 -7.99
CA GLY D 26 11.67 -79.24 -7.88
C GLY D 26 12.23 -79.84 -6.61
N LEU D 27 12.27 -79.05 -5.54
CA LEU D 27 12.83 -79.47 -4.27
C LEU D 27 11.92 -80.40 -3.47
N THR D 28 10.60 -80.23 -3.58
CA THR D 28 9.68 -81.01 -2.75
C THR D 28 9.74 -82.50 -3.09
N HIS D 29 9.76 -82.83 -4.39
CA HIS D 29 9.72 -84.24 -4.78
C HIS D 29 11.07 -84.91 -4.60
N ASN D 30 12.16 -84.14 -4.51
CA ASN D 30 13.47 -84.76 -4.31
C ASN D 30 13.56 -85.47 -2.97
N ASN D 31 13.06 -84.86 -1.90
CA ASN D 31 13.24 -85.37 -0.54
C ASN D 31 14.73 -85.51 -0.20
N CYS D 32 15.56 -84.74 -0.89
CA CYS D 32 17.00 -84.64 -0.63
C CYS D 32 17.34 -83.17 -0.53
N GLY D 33 17.82 -82.75 0.65
CA GLY D 33 17.69 -81.37 1.09
C GLY D 33 18.48 -80.36 0.28
N LEU D 34 18.11 -79.09 0.49
CA LEU D 34 18.69 -77.92 -0.13
C LEU D 34 19.86 -77.40 0.71
N ASP D 35 20.83 -76.79 0.04
CA ASP D 35 21.99 -76.24 0.72
C ASP D 35 22.24 -74.82 0.22
N TRP D 36 23.16 -74.16 0.90
CA TRP D 36 23.76 -72.90 0.47
C TRP D 36 25.26 -73.03 0.66
N TYR D 37 25.99 -72.91 -0.44
CA TYR D 37 27.45 -72.86 -0.44
C TYR D 37 27.85 -71.46 -0.86
N ARG D 38 29.14 -71.17 -0.77
CA ARG D 38 29.66 -69.93 -1.31
C ARG D 38 31.11 -70.11 -1.70
N ARG D 39 31.46 -69.55 -2.85
CA ARG D 39 32.80 -69.66 -3.39
C ARG D 39 33.39 -68.26 -3.45
N ALA D 40 34.69 -68.18 -3.18
CA ALA D 40 35.43 -66.92 -3.19
C ALA D 40 36.63 -67.04 -4.11
N PRO D 41 37.07 -65.93 -4.71
CA PRO D 41 38.25 -65.99 -5.60
C PRO D 41 39.45 -66.55 -4.86
N GLY D 42 39.89 -67.73 -5.30
CA GLY D 42 40.94 -68.46 -4.63
C GLY D 42 40.49 -69.41 -3.55
N LYS D 43 39.18 -69.61 -3.38
CA LYS D 43 38.66 -70.45 -2.31
C LYS D 43 37.65 -71.44 -2.89
N GLU D 44 37.64 -72.64 -2.31
CA GLU D 44 36.70 -73.68 -2.69
C GLU D 44 35.32 -73.43 -2.06
N ARG D 45 34.29 -73.93 -2.73
CA ARG D 45 32.92 -73.76 -2.28
C ARG D 45 32.72 -74.37 -0.90
N GLU D 46 32.49 -73.52 0.11
CA GLU D 46 32.22 -73.97 1.46
C GLU D 46 30.76 -73.68 1.80
N PHE D 47 30.14 -74.60 2.52
CA PHE D 47 28.70 -74.51 2.78
C PHE D 47 28.37 -73.28 3.61
N VAL D 48 27.30 -72.60 3.23
CA VAL D 48 26.75 -71.48 3.99
C VAL D 48 25.68 -71.97 4.95
N SER D 49 24.75 -72.78 4.46
CA SER D 49 23.66 -73.30 5.26
C SER D 49 23.23 -74.62 4.65
N SER D 50 22.39 -75.35 5.38
CA SER D 50 21.88 -76.63 4.93
C SER D 50 20.54 -76.88 5.60
N ILE D 51 19.50 -76.93 4.77
CA ILE D 51 18.15 -77.23 5.26
C ILE D 51 17.68 -78.50 4.56
N SER D 52 17.33 -79.50 5.35
CA SER D 52 16.92 -80.79 4.82
C SER D 52 15.41 -80.83 4.65
N ALA D 53 14.92 -81.99 4.21
CA ALA D 53 13.49 -82.15 3.95
C ALA D 53 12.66 -82.18 5.22
N ASP D 54 13.29 -82.22 6.39
CA ASP D 54 12.58 -82.17 7.66
C ASP D 54 12.51 -80.76 8.23
N GLY D 55 13.43 -79.87 7.84
CA GLY D 55 13.46 -78.54 8.40
C GLY D 55 14.54 -78.29 9.43
N THR D 56 15.39 -79.26 9.73
CA THR D 56 16.54 -79.01 10.60
C THR D 56 17.59 -78.22 9.83
N THR D 57 18.25 -77.30 10.52
CA THR D 57 19.10 -76.32 9.87
C THR D 57 20.51 -76.34 10.44
N SER D 58 21.48 -76.39 9.53
CA SER D 58 22.87 -76.17 9.89
C SER D 58 23.36 -74.97 9.09
N TYR D 59 24.47 -74.37 9.53
CA TYR D 59 24.92 -73.13 8.93
C TYR D 59 26.45 -73.09 8.89
N ALA D 60 26.98 -72.22 8.03
CA ALA D 60 28.41 -71.94 8.05
C ALA D 60 28.80 -71.38 9.41
N ASP D 61 29.99 -71.75 9.87
CA ASP D 61 30.42 -71.39 11.21
C ASP D 61 30.47 -69.87 11.38
N SER D 62 30.71 -69.13 10.29
CA SER D 62 30.77 -67.68 10.38
C SER D 62 29.39 -67.03 10.35
N VAL D 63 28.34 -67.79 10.02
CA VAL D 63 27.02 -67.20 9.80
C VAL D 63 25.97 -67.70 10.78
N LYS D 64 26.23 -68.78 11.50
CA LYS D 64 25.24 -69.35 12.41
C LYS D 64 24.99 -68.39 13.57
N GLY D 65 23.76 -68.37 14.06
CA GLY D 65 23.38 -67.42 15.09
C GLY D 65 22.68 -66.23 14.51
N ARG D 66 23.07 -65.82 13.30
CA ARG D 66 22.38 -64.76 12.57
C ARG D 66 21.75 -65.23 11.27
N PHE D 67 22.41 -66.09 10.51
CA PHE D 67 21.79 -66.65 9.31
C PHE D 67 20.71 -67.63 9.73
N THR D 68 19.52 -67.49 9.15
CA THR D 68 18.40 -68.37 9.47
C THR D 68 17.80 -68.86 8.15
N ILE D 69 18.07 -70.13 7.82
CA ILE D 69 17.51 -70.72 6.60
C ILE D 69 16.10 -71.20 6.90
N SER D 70 15.15 -70.78 6.07
CA SER D 70 13.74 -71.04 6.33
C SER D 70 13.02 -71.32 5.03
N LYS D 71 11.99 -72.16 5.11
CA LYS D 71 11.15 -72.49 3.97
C LYS D 71 9.84 -71.73 4.09
N ASP D 72 9.31 -71.27 2.96
CA ASP D 72 7.97 -70.71 2.94
C ASP D 72 6.96 -71.81 3.29
N LYS D 73 5.93 -71.40 4.03
CA LYS D 73 4.91 -72.36 4.44
C LYS D 73 4.18 -72.92 3.23
N VAL D 74 3.87 -72.06 2.25
CA VAL D 74 3.33 -72.48 0.96
C VAL D 74 4.21 -71.89 -0.12
N GLU D 75 4.31 -72.62 -1.24
CA GLU D 75 5.19 -72.24 -2.35
C GLU D 75 6.63 -72.08 -1.85
N ASP D 76 7.21 -73.22 -1.48
CA ASP D 76 8.52 -73.26 -0.82
C ASP D 76 9.55 -72.38 -1.51
N THR D 77 9.94 -71.30 -0.83
CA THR D 77 10.98 -70.39 -1.30
C THR D 77 11.95 -70.25 -0.13
N VAL D 78 12.98 -71.07 -0.14
CA VAL D 78 13.87 -71.15 1.02
C VAL D 78 14.74 -69.90 1.07
N TYR D 79 14.36 -68.98 1.96
CA TYR D 79 15.10 -67.76 2.21
C TYR D 79 16.14 -67.99 3.28
N LEU D 80 17.07 -67.03 3.37
CA LEU D 80 18.13 -67.01 4.38
C LEU D 80 18.08 -65.63 5.03
N GLN D 81 17.37 -65.53 6.15
CA GLN D 81 17.20 -64.26 6.85
C GLN D 81 18.42 -63.98 7.73
N MET D 82 19.13 -62.88 7.42
CA MET D 82 20.30 -62.49 8.19
C MET D 82 20.23 -61.01 8.54
N ASN D 83 20.96 -60.62 9.57
CA ASN D 83 21.18 -59.24 9.95
C ASN D 83 22.65 -59.05 10.29
N SER D 84 23.10 -57.80 10.21
CA SER D 84 24.46 -57.41 10.57
C SER D 84 25.50 -58.24 9.82
N LEU D 85 25.35 -58.29 8.50
CA LEU D 85 26.31 -58.99 7.67
C LEU D 85 27.71 -58.41 7.83
N LYS D 86 28.70 -59.28 7.77
CA LYS D 86 30.08 -58.91 7.98
C LYS D 86 30.78 -58.89 6.62
N PRO D 87 31.82 -58.07 6.47
CA PRO D 87 32.45 -57.94 5.14
C PRO D 87 33.05 -59.22 4.60
N GLU D 88 33.26 -60.24 5.45
CA GLU D 88 33.80 -61.49 4.95
C GLU D 88 32.76 -62.34 4.21
N ASP D 89 31.48 -62.21 4.55
CA ASP D 89 30.46 -63.06 3.96
C ASP D 89 30.24 -62.80 2.47
N THR D 90 30.90 -61.81 1.90
CA THR D 90 30.73 -61.52 0.47
C THR D 90 31.34 -62.63 -0.36
N ALA D 91 30.54 -63.18 -1.28
CA ALA D 91 30.97 -64.32 -2.09
C ALA D 91 29.93 -64.68 -3.14
N ILE D 92 30.23 -65.69 -3.96
CA ILE D 92 29.28 -66.25 -4.92
C ILE D 92 28.59 -67.40 -4.20
N TYR D 93 27.47 -67.11 -3.54
CA TYR D 93 26.67 -68.14 -2.92
C TYR D 93 26.02 -68.98 -4.00
N SER D 94 25.46 -70.11 -3.57
CA SER D 94 24.81 -71.04 -4.47
C SER D 94 23.93 -71.98 -3.66
N CYS D 95 22.99 -72.62 -4.34
CA CYS D 95 22.21 -73.69 -3.75
C CYS D 95 22.55 -74.99 -4.47
N LYS D 96 22.44 -76.09 -3.71
CA LYS D 96 22.79 -77.40 -4.22
C LYS D 96 21.70 -78.37 -3.82
N THR D 97 21.21 -79.14 -4.78
CA THR D 97 20.17 -80.11 -4.47
C THR D 97 20.36 -81.32 -5.35
N ALA D 98 20.08 -82.48 -4.78
CA ALA D 98 20.09 -83.74 -5.51
C ALA D 98 18.72 -83.99 -6.10
N PHE D 99 18.70 -84.52 -7.31
CA PHE D 99 17.50 -84.65 -8.12
C PHE D 99 17.37 -86.08 -8.64
N PRO D 100 16.19 -86.46 -9.16
CA PRO D 100 15.89 -87.89 -9.31
C PRO D 100 16.88 -88.64 -10.19
N TYR D 101 17.13 -89.88 -9.79
CA TYR D 101 17.81 -90.94 -10.54
C TYR D 101 16.75 -91.87 -11.11
N PHE D 102 17.15 -92.99 -11.70
CA PHE D 102 16.18 -94.03 -12.06
C PHE D 102 15.33 -94.42 -10.86
N GLY D 103 15.95 -94.55 -9.68
CA GLY D 103 15.21 -94.90 -8.49
C GLY D 103 15.51 -94.03 -7.29
N ASN D 104 16.57 -93.21 -7.35
CA ASN D 104 16.91 -92.36 -6.22
C ASN D 104 16.52 -90.92 -6.52
N SER D 105 15.81 -90.29 -5.58
CA SER D 105 15.45 -88.88 -5.68
C SER D 105 16.46 -87.99 -4.96
N CYS D 106 17.72 -88.43 -4.91
CA CYS D 106 18.74 -87.87 -4.03
C CYS D 106 20.09 -88.04 -4.72
N VAL D 107 21.15 -88.30 -3.95
CA VAL D 107 22.51 -87.78 -4.08
C VAL D 107 22.96 -87.46 -5.51
N LEU D 108 22.43 -88.13 -6.52
CA LEU D 108 22.60 -87.64 -7.88
C LEU D 108 22.15 -86.18 -7.94
N ASP D 109 23.11 -85.28 -8.17
CA ASP D 109 23.01 -83.90 -7.72
C ASP D 109 23.04 -82.90 -8.88
N TYR D 110 22.71 -81.65 -8.55
CA TYR D 110 22.77 -80.49 -9.43
C TYR D 110 23.01 -79.25 -8.58
N TRP D 111 23.93 -78.39 -9.01
CA TRP D 111 24.25 -77.16 -8.30
C TRP D 111 23.50 -75.97 -8.88
N GLY D 112 23.41 -74.91 -8.07
CA GLY D 112 22.81 -73.66 -8.49
C GLY D 112 23.84 -72.62 -8.85
N GLN D 113 23.45 -71.71 -9.74
CA GLN D 113 24.37 -70.71 -10.26
C GLN D 113 24.95 -69.84 -9.14
N GLY D 114 24.09 -69.35 -8.25
CA GLY D 114 24.53 -68.65 -7.07
C GLY D 114 24.11 -67.19 -7.06
N THR D 115 24.05 -66.63 -5.85
CA THR D 115 23.79 -65.22 -5.63
C THR D 115 25.10 -64.54 -5.24
N SER D 116 25.45 -63.49 -5.97
CA SER D 116 26.60 -62.67 -5.60
C SER D 116 26.21 -61.72 -4.48
N VAL D 117 26.86 -61.88 -3.33
CA VAL D 117 26.56 -61.09 -2.14
C VAL D 117 27.77 -60.26 -1.77
N THR D 118 27.55 -58.95 -1.58
CA THR D 118 28.61 -57.98 -1.26
C THR D 118 28.25 -57.26 0.03
N VAL D 119 29.05 -57.49 1.07
CA VAL D 119 28.90 -56.77 2.32
C VAL D 119 30.02 -55.74 2.42
N SER D 120 29.65 -54.46 2.39
CA SER D 120 30.63 -53.39 2.44
C SER D 120 30.63 -52.68 3.79
N GLN E 1 -32.13 -46.32 -1.68
CA GLN E 1 -31.72 -45.69 -0.43
C GLN E 1 -30.26 -45.99 -0.13
N VAL E 2 -29.47 -46.21 -1.18
CA VAL E 2 -28.05 -46.49 -1.05
C VAL E 2 -27.29 -45.34 -1.68
N LYS E 3 -26.45 -44.68 -0.88
CA LYS E 3 -25.73 -43.48 -1.29
C LYS E 3 -24.33 -43.79 -1.80
N LEU E 4 -23.92 -45.06 -1.80
CA LEU E 4 -22.58 -45.45 -2.19
C LEU E 4 -22.66 -46.62 -3.16
N GLU E 5 -21.51 -46.99 -3.71
CA GLU E 5 -21.40 -48.21 -4.49
C GLU E 5 -19.95 -48.65 -4.51
N GLU E 6 -19.74 -49.93 -4.82
CA GLU E 6 -18.43 -50.46 -5.13
C GLU E 6 -18.49 -51.10 -6.50
N SER E 7 -17.46 -50.87 -7.30
CA SER E 7 -17.42 -51.37 -8.66
C SER E 7 -15.98 -51.43 -9.11
N GLY E 8 -15.74 -52.24 -10.15
CA GLY E 8 -14.43 -52.39 -10.73
C GLY E 8 -13.73 -53.70 -10.43
N GLY E 9 -14.35 -54.61 -9.68
CA GLY E 9 -13.75 -55.89 -9.39
C GLY E 9 -13.85 -56.85 -10.56
N GLY E 10 -13.22 -58.00 -10.38
CA GLY E 10 -13.18 -58.98 -11.44
C GLY E 10 -12.16 -60.06 -11.15
N SER E 11 -12.04 -60.99 -12.08
CA SER E 11 -11.16 -62.15 -11.96
C SER E 11 -10.04 -62.04 -12.98
N VAL E 12 -8.81 -61.90 -12.47
CA VAL E 12 -7.62 -61.79 -13.31
C VAL E 12 -6.55 -62.73 -12.75
N GLN E 13 -5.65 -63.16 -13.62
CA GLN E 13 -4.60 -64.10 -13.24
C GLN E 13 -3.56 -63.41 -12.35
N ALA E 14 -2.74 -64.23 -11.71
CA ALA E 14 -1.71 -63.70 -10.81
C ALA E 14 -0.72 -62.84 -11.58
N GLY E 15 -0.43 -61.66 -11.05
CA GLY E 15 0.37 -60.68 -11.76
C GLY E 15 -0.43 -59.81 -12.70
N GLY E 16 -1.75 -59.98 -12.76
CA GLY E 16 -2.58 -59.22 -13.64
C GLY E 16 -2.85 -57.82 -13.12
N SER E 17 -3.79 -57.15 -13.78
CA SER E 17 -4.13 -55.78 -13.47
C SER E 17 -5.63 -55.56 -13.64
N LEU E 18 -6.14 -54.57 -12.90
CA LEU E 18 -7.56 -54.25 -12.91
C LEU E 18 -7.74 -52.83 -12.38
N ARG E 19 -8.96 -52.32 -12.49
CA ARG E 19 -9.27 -50.94 -12.11
C ARG E 19 -10.53 -50.90 -11.27
N LEU E 20 -10.47 -50.17 -10.15
CA LEU E 20 -11.59 -50.02 -9.24
C LEU E 20 -12.10 -48.58 -9.27
N ILE E 21 -13.43 -48.43 -9.26
CA ILE E 21 -14.03 -47.11 -9.25
C ILE E 21 -15.18 -47.05 -8.25
N CYS E 22 -14.90 -46.51 -7.06
CA CYS E 22 -15.94 -46.20 -6.09
C CYS E 22 -16.55 -44.84 -6.45
N THR E 23 -17.82 -44.83 -6.80
CA THR E 23 -18.47 -43.63 -7.34
C THR E 23 -19.62 -43.20 -6.44
N ALA E 24 -19.42 -42.09 -5.74
CA ALA E 24 -20.51 -41.41 -5.06
C ALA E 24 -20.80 -40.10 -5.78
N PRO E 25 -22.06 -39.63 -5.80
CA PRO E 25 -22.37 -38.45 -6.61
C PRO E 25 -22.13 -37.12 -5.93
N GLY E 26 -22.16 -37.05 -4.60
CA GLY E 26 -22.05 -35.76 -3.94
C GLY E 26 -20.77 -35.56 -3.17
N LEU E 27 -19.73 -36.32 -3.51
CA LEU E 27 -18.45 -36.24 -2.80
C LEU E 27 -17.78 -34.88 -2.95
N THR E 28 -17.97 -34.21 -4.08
CA THR E 28 -17.36 -32.91 -4.28
C THR E 28 -17.86 -31.90 -3.26
N HIS E 29 -19.18 -31.91 -3.00
CA HIS E 29 -19.73 -30.98 -2.02
C HIS E 29 -19.32 -31.36 -0.60
N ASN E 30 -19.25 -32.65 -0.31
CA ASN E 30 -19.03 -33.08 1.05
C ASN E 30 -17.58 -32.86 1.50
N ASN E 31 -16.63 -33.11 0.61
CA ASN E 31 -15.20 -32.95 0.93
C ASN E 31 -14.79 -33.83 2.11
N CYS E 32 -15.27 -35.06 2.14
CA CYS E 32 -14.85 -36.03 3.14
C CYS E 32 -13.79 -36.96 2.55
N GLY E 33 -13.18 -37.75 3.42
CA GLY E 33 -12.15 -38.69 3.00
C GLY E 33 -12.71 -40.02 2.57
N LEU E 34 -11.85 -40.83 1.96
CA LEU E 34 -12.29 -42.13 1.47
C LEU E 34 -11.36 -43.25 1.92
N ASP E 35 -11.94 -44.39 2.29
CA ASP E 35 -11.19 -45.53 2.77
C ASP E 35 -11.60 -46.76 1.99
N TRP E 36 -10.61 -47.55 1.59
CA TRP E 36 -10.79 -48.89 1.07
C TRP E 36 -10.39 -49.90 2.13
N TYR E 37 -11.29 -50.83 2.43
CA TYR E 37 -11.02 -51.94 3.32
C TYR E 37 -11.23 -53.23 2.55
N ARG E 38 -10.63 -54.32 3.04
CA ARG E 38 -10.79 -55.61 2.37
C ARG E 38 -11.04 -56.70 3.38
N ARG E 39 -11.76 -57.73 2.93
CA ARG E 39 -12.08 -58.92 3.71
C ARG E 39 -11.71 -60.13 2.88
N ALA E 40 -10.71 -60.89 3.34
CA ALA E 40 -10.42 -62.16 2.71
C ALA E 40 -10.96 -63.31 3.55
N PRO E 41 -11.31 -64.44 2.92
CA PRO E 41 -11.94 -65.52 3.68
C PRO E 41 -11.03 -66.03 4.78
N GLY E 42 -11.64 -66.46 5.89
CA GLY E 42 -10.90 -67.01 7.00
C GLY E 42 -10.32 -66.00 7.96
N LYS E 43 -10.73 -64.73 7.87
CA LYS E 43 -10.23 -63.71 8.77
C LYS E 43 -11.18 -62.52 8.75
N GLU E 44 -10.73 -61.43 9.35
CA GLU E 44 -11.53 -60.22 9.48
C GLU E 44 -11.02 -59.14 8.52
N ARG E 45 -11.85 -58.11 8.32
CA ARG E 45 -11.53 -57.05 7.38
C ARG E 45 -10.27 -56.30 7.80
N GLU E 46 -9.52 -55.82 6.81
CA GLU E 46 -8.34 -55.03 7.08
C GLU E 46 -8.30 -53.82 6.17
N PHE E 47 -7.65 -52.76 6.66
CA PHE E 47 -7.44 -51.55 5.89
C PHE E 47 -6.65 -51.83 4.63
N VAL E 48 -7.11 -51.27 3.51
CA VAL E 48 -6.38 -51.38 2.25
C VAL E 48 -5.71 -50.05 1.97
N SER E 49 -6.52 -49.00 1.83
CA SER E 49 -5.97 -47.74 1.35
C SER E 49 -6.83 -46.60 1.86
N SER E 50 -6.29 -45.38 1.75
CA SER E 50 -7.01 -44.20 2.19
C SER E 50 -6.54 -43.00 1.37
N ILE E 51 -7.50 -42.11 1.10
CA ILE E 51 -7.21 -40.85 0.43
C ILE E 51 -7.93 -39.73 1.15
N SER E 52 -7.22 -38.64 1.38
CA SER E 52 -7.80 -37.45 1.96
C SER E 52 -8.20 -36.47 0.87
N ALA E 53 -8.89 -35.41 1.27
CA ALA E 53 -9.36 -34.41 0.31
C ALA E 53 -8.19 -33.73 -0.39
N ASP E 54 -7.01 -33.73 0.22
CA ASP E 54 -5.84 -33.09 -0.35
C ASP E 54 -4.90 -34.08 -1.04
N GLY E 55 -5.27 -35.35 -1.14
CA GLY E 55 -4.51 -36.30 -1.90
C GLY E 55 -3.39 -37.00 -1.18
N THR E 56 -3.28 -36.85 0.14
CA THR E 56 -2.30 -37.62 0.90
C THR E 56 -2.72 -39.08 0.94
N THR E 57 -2.12 -39.89 0.08
CA THR E 57 -2.47 -41.29 -0.10
C THR E 57 -1.80 -42.13 0.97
N SER E 58 -2.49 -43.19 1.38
CA SER E 58 -1.91 -44.17 2.28
C SER E 58 -2.30 -45.56 1.80
N TYR E 59 -1.36 -46.48 1.87
CA TYR E 59 -1.52 -47.79 1.24
C TYR E 59 -1.25 -48.88 2.25
N ALA E 60 -1.81 -50.06 1.98
CA ALA E 60 -1.49 -51.23 2.79
C ALA E 60 -0.08 -51.69 2.48
N ASP E 61 0.50 -52.41 3.45
CA ASP E 61 1.86 -52.92 3.28
C ASP E 61 1.97 -53.85 2.07
N SER E 62 0.97 -54.71 1.88
CA SER E 62 1.06 -55.72 0.84
C SER E 62 0.82 -55.16 -0.55
N VAL E 63 -0.02 -54.14 -0.68
CA VAL E 63 -0.46 -53.66 -2.00
C VAL E 63 0.34 -52.47 -2.49
N LYS E 64 1.14 -51.83 -1.65
CA LYS E 64 1.89 -50.65 -2.06
C LYS E 64 2.93 -51.02 -3.11
N GLY E 65 3.10 -50.15 -4.08
CA GLY E 65 4.03 -50.39 -5.17
C GLY E 65 3.32 -50.49 -6.50
N ARG E 66 2.17 -51.16 -6.53
CA ARG E 66 1.35 -51.27 -7.72
C ARG E 66 -0.10 -50.86 -7.53
N PHE E 67 -0.65 -50.99 -6.32
CA PHE E 67 -1.96 -50.45 -6.02
C PHE E 67 -1.81 -48.95 -5.74
N THR E 68 -2.40 -48.12 -6.59
CA THR E 68 -2.29 -46.67 -6.45
C THR E 68 -3.71 -46.10 -6.31
N ILE E 69 -3.92 -45.36 -5.22
CA ILE E 69 -5.22 -44.73 -4.98
C ILE E 69 -5.16 -43.29 -5.48
N SER E 70 -6.20 -42.88 -6.20
CA SER E 70 -6.23 -41.56 -6.82
C SER E 70 -7.66 -41.07 -6.90
N LYS E 71 -7.80 -39.76 -7.12
CA LYS E 71 -9.09 -39.10 -7.18
C LYS E 71 -9.15 -38.19 -8.39
N ASP E 72 -10.21 -38.33 -9.19
CA ASP E 72 -10.37 -37.49 -10.37
C ASP E 72 -10.75 -36.07 -9.96
N LYS E 73 -10.45 -35.13 -10.86
CA LYS E 73 -10.76 -33.73 -10.58
C LYS E 73 -12.27 -33.52 -10.51
N VAL E 74 -13.03 -34.21 -11.38
CA VAL E 74 -14.45 -33.96 -11.53
C VAL E 74 -15.21 -35.28 -11.56
N GLU E 75 -16.53 -35.17 -11.54
CA GLU E 75 -17.52 -36.25 -11.57
C GLU E 75 -17.50 -37.11 -10.32
N ASP E 76 -16.68 -36.80 -9.31
CA ASP E 76 -16.64 -37.53 -8.05
C ASP E 76 -16.37 -39.02 -8.29
N THR E 77 -15.25 -39.30 -8.95
CA THR E 77 -14.82 -40.65 -9.25
C THR E 77 -13.41 -40.88 -8.73
N VAL E 78 -13.20 -42.00 -8.06
CA VAL E 78 -11.89 -42.38 -7.53
C VAL E 78 -11.41 -43.61 -8.26
N TYR E 79 -10.13 -43.90 -8.13
CA TYR E 79 -9.55 -45.11 -8.70
C TYR E 79 -8.58 -45.75 -7.71
N LEU E 80 -8.48 -47.07 -7.82
CA LEU E 80 -7.42 -47.84 -7.15
C LEU E 80 -6.85 -48.77 -8.23
N GLN E 81 -5.78 -48.31 -8.88
CA GLN E 81 -5.11 -49.14 -9.86
C GLN E 81 -4.44 -50.33 -9.16
N MET E 82 -4.70 -51.52 -9.68
CA MET E 82 -4.04 -52.72 -9.19
C MET E 82 -3.25 -53.36 -10.32
N ASN E 83 -2.00 -53.72 -10.01
CA ASN E 83 -1.16 -54.51 -10.89
C ASN E 83 -0.52 -55.61 -10.05
N SER E 84 0.49 -56.28 -10.61
CA SER E 84 1.36 -57.18 -9.84
C SER E 84 0.56 -58.05 -8.89
N LEU E 85 -0.53 -58.60 -9.39
CA LEU E 85 -1.49 -59.28 -8.53
C LEU E 85 -0.98 -60.67 -8.15
N LYS E 86 -1.60 -61.23 -7.12
CA LYS E 86 -1.24 -62.54 -6.60
C LYS E 86 -2.51 -63.25 -6.15
N PRO E 87 -2.55 -64.58 -6.21
CA PRO E 87 -3.82 -65.28 -5.99
C PRO E 87 -4.47 -65.02 -4.65
N GLU E 88 -3.70 -64.63 -3.64
CA GLU E 88 -4.28 -64.34 -2.34
C GLU E 88 -5.03 -63.00 -2.33
N ASP E 89 -4.95 -62.22 -3.40
CA ASP E 89 -5.73 -60.99 -3.51
C ASP E 89 -7.22 -61.25 -3.64
N THR E 90 -7.64 -62.50 -3.88
CA THR E 90 -9.05 -62.82 -4.01
C THR E 90 -9.77 -62.55 -2.70
N ALA E 91 -10.55 -61.48 -2.68
CA ALA E 91 -11.22 -61.02 -1.45
C ALA E 91 -12.40 -60.16 -1.86
N ILE E 92 -13.10 -59.63 -0.86
CA ILE E 92 -14.21 -58.70 -1.07
C ILE E 92 -13.78 -57.36 -0.50
N TYR E 93 -13.70 -56.35 -1.36
CA TYR E 93 -13.32 -55.03 -0.89
C TYR E 93 -14.56 -54.18 -0.64
N SER E 94 -14.37 -53.08 0.07
CA SER E 94 -15.49 -52.21 0.43
C SER E 94 -14.99 -50.79 0.64
N CYS E 95 -15.90 -49.85 0.43
CA CYS E 95 -15.67 -48.42 0.59
C CYS E 95 -16.19 -47.95 1.95
N LYS E 96 -15.97 -46.68 2.23
CA LYS E 96 -16.57 -46.01 3.38
C LYS E 96 -16.45 -44.52 3.16
N THR E 97 -17.55 -43.82 3.39
CA THR E 97 -17.66 -42.41 3.05
C THR E 97 -18.60 -41.75 4.06
N ALA E 98 -18.59 -40.43 4.09
CA ALA E 98 -19.35 -39.66 5.06
C ALA E 98 -20.36 -38.75 4.35
N PHE E 99 -21.45 -38.48 5.05
CA PHE E 99 -22.63 -37.85 4.48
C PHE E 99 -23.22 -36.84 5.46
N PRO E 100 -24.04 -35.90 4.97
CA PRO E 100 -24.48 -34.78 5.83
C PRO E 100 -25.63 -35.13 6.76
N TYR E 101 -25.66 -34.46 7.91
CA TYR E 101 -26.75 -34.57 8.87
C TYR E 101 -26.57 -33.47 9.91
N PHE E 102 -27.62 -32.68 10.15
CA PHE E 102 -27.48 -31.42 10.89
C PHE E 102 -26.35 -30.56 10.37
N GLY E 103 -26.47 -30.09 9.12
CA GLY E 103 -25.53 -29.11 8.63
C GLY E 103 -24.28 -29.70 8.04
N ASN E 104 -23.21 -29.75 8.84
CA ASN E 104 -21.94 -30.30 8.42
C ASN E 104 -22.08 -31.65 7.71
N SER E 105 -21.20 -31.88 6.74
CA SER E 105 -21.47 -32.90 5.74
C SER E 105 -20.52 -34.10 5.80
N CYS E 106 -20.06 -34.45 6.99
CA CYS E 106 -19.23 -35.65 7.09
C CYS E 106 -19.58 -36.51 8.29
N VAL E 107 -20.69 -36.23 8.97
CA VAL E 107 -20.97 -36.92 10.23
C VAL E 107 -21.33 -38.38 10.01
N LEU E 108 -22.19 -38.66 9.03
CA LEU E 108 -22.73 -40.02 8.88
C LEU E 108 -21.79 -40.88 8.05
N ASP E 109 -21.19 -41.89 8.68
CA ASP E 109 -20.30 -42.81 8.01
C ASP E 109 -21.09 -43.99 7.43
N TYR E 110 -20.59 -44.50 6.31
CA TYR E 110 -21.37 -45.37 5.45
C TYR E 110 -20.44 -46.27 4.66
N TRP E 111 -20.60 -47.58 4.83
CA TRP E 111 -19.87 -48.57 4.04
C TRP E 111 -20.73 -49.04 2.89
N GLY E 112 -20.15 -49.10 1.71
CA GLY E 112 -20.85 -49.66 0.57
C GLY E 112 -20.99 -51.16 0.68
N GLN E 113 -21.28 -51.80 -0.45
CA GLN E 113 -21.42 -53.25 -0.48
C GLN E 113 -20.05 -53.92 -0.52
N GLY E 114 -19.26 -53.63 -1.54
CA GLY E 114 -17.98 -54.29 -1.76
C GLY E 114 -18.01 -54.98 -3.11
N THR E 115 -16.82 -55.27 -3.64
CA THR E 115 -16.68 -55.94 -4.92
C THR E 115 -15.63 -57.04 -4.80
N SER E 116 -15.78 -58.09 -5.60
CA SER E 116 -14.91 -59.25 -5.56
C SER E 116 -13.69 -59.05 -6.44
N VAL E 117 -12.51 -59.16 -5.82
CA VAL E 117 -11.24 -59.12 -6.53
C VAL E 117 -10.65 -60.52 -6.48
N THR E 118 -10.81 -61.27 -7.58
CA THR E 118 -10.45 -62.68 -7.64
C THR E 118 -9.20 -62.82 -8.52
N VAL E 119 -8.06 -62.95 -7.89
CA VAL E 119 -6.80 -63.16 -8.61
C VAL E 119 -6.44 -64.64 -8.56
N SER E 120 -6.03 -65.17 -9.70
CA SER E 120 -5.63 -66.56 -9.82
C SER E 120 -4.11 -66.67 -9.99
N GLN F 1 -15.57 -46.60 -51.72
CA GLN F 1 -16.69 -45.70 -51.43
C GLN F 1 -17.99 -46.47 -51.23
N VAL F 2 -17.90 -47.61 -50.56
CA VAL F 2 -19.05 -48.38 -50.11
C VAL F 2 -19.03 -48.37 -48.59
N LYS F 3 -20.12 -47.88 -47.99
CA LYS F 3 -20.15 -47.60 -46.55
C LYS F 3 -21.08 -48.54 -45.78
N LEU F 4 -21.99 -49.23 -46.46
CA LEU F 4 -22.86 -50.21 -45.81
C LEU F 4 -23.12 -51.34 -46.79
N GLU F 5 -23.89 -52.33 -46.32
CA GLU F 5 -24.31 -53.43 -47.18
C GLU F 5 -25.65 -53.98 -46.69
N GLU F 6 -26.42 -54.50 -47.65
CA GLU F 6 -27.62 -55.27 -47.36
C GLU F 6 -27.58 -56.55 -48.15
N SER F 7 -27.71 -57.67 -47.46
CA SER F 7 -27.78 -58.98 -48.11
C SER F 7 -28.39 -59.95 -47.11
N GLY F 8 -28.66 -61.17 -47.58
CA GLY F 8 -29.30 -62.17 -46.77
C GLY F 8 -30.72 -62.52 -47.17
N GLY F 9 -31.26 -61.88 -48.21
CA GLY F 9 -32.58 -62.24 -48.70
C GLY F 9 -32.56 -63.54 -49.48
N GLY F 10 -33.69 -63.83 -50.11
CA GLY F 10 -33.81 -65.07 -50.85
C GLY F 10 -35.20 -65.20 -51.44
N SER F 11 -35.48 -66.38 -51.97
CA SER F 11 -36.78 -66.71 -52.54
C SER F 11 -37.36 -67.90 -51.79
N VAL F 12 -38.07 -67.63 -50.69
CA VAL F 12 -38.67 -68.65 -49.86
C VAL F 12 -40.13 -68.31 -49.63
N GLN F 13 -40.92 -69.34 -49.32
CA GLN F 13 -42.37 -69.21 -49.27
C GLN F 13 -42.82 -68.53 -47.97
N ALA F 14 -44.13 -68.37 -47.86
CA ALA F 14 -44.73 -67.86 -46.62
C ALA F 14 -44.65 -68.93 -45.54
N GLY F 15 -43.98 -68.58 -44.43
CA GLY F 15 -43.62 -69.54 -43.41
C GLY F 15 -42.17 -69.96 -43.43
N GLY F 16 -41.40 -69.51 -44.43
CA GLY F 16 -40.00 -69.86 -44.52
C GLY F 16 -39.13 -68.98 -43.62
N SER F 17 -37.85 -69.36 -43.52
CA SER F 17 -36.92 -68.69 -42.62
C SER F 17 -35.60 -68.40 -43.32
N LEU F 18 -34.98 -67.29 -42.93
CA LEU F 18 -33.66 -66.89 -43.43
C LEU F 18 -33.22 -65.68 -42.61
N ARG F 19 -31.92 -65.38 -42.67
CA ARG F 19 -31.32 -64.33 -41.86
C ARG F 19 -30.79 -63.22 -42.73
N LEU F 20 -30.99 -61.98 -42.27
CA LEU F 20 -30.49 -60.78 -42.94
C LEU F 20 -29.21 -60.30 -42.27
N ILE F 21 -28.39 -59.60 -43.05
CA ILE F 21 -27.10 -59.11 -42.57
C ILE F 21 -26.87 -57.65 -42.97
N CYS F 22 -27.14 -56.73 -42.04
CA CYS F 22 -26.77 -55.34 -42.21
C CYS F 22 -25.40 -55.09 -41.60
N THR F 23 -24.37 -55.10 -42.44
CA THR F 23 -22.98 -55.00 -42.02
C THR F 23 -22.61 -53.52 -41.90
N ALA F 24 -22.48 -53.05 -40.66
CA ALA F 24 -22.04 -51.69 -40.42
C ALA F 24 -20.54 -51.67 -40.10
N PRO F 25 -19.72 -50.94 -40.85
CA PRO F 25 -18.27 -51.03 -40.65
C PRO F 25 -17.80 -50.48 -39.31
N GLY F 26 -18.21 -49.26 -38.97
CA GLY F 26 -17.69 -48.63 -37.77
C GLY F 26 -18.74 -47.93 -36.93
N LEU F 27 -19.97 -48.44 -36.95
CA LEU F 27 -21.06 -47.85 -36.18
C LEU F 27 -20.82 -47.88 -34.68
N THR F 28 -20.06 -48.86 -34.17
CA THR F 28 -19.69 -48.84 -32.77
C THR F 28 -18.97 -47.54 -32.43
N HIS F 29 -18.03 -47.14 -33.28
CA HIS F 29 -17.39 -45.84 -33.12
C HIS F 29 -18.37 -44.71 -33.44
N ASN F 30 -19.11 -44.83 -34.54
CA ASN F 30 -20.03 -43.78 -34.94
C ASN F 30 -21.15 -43.59 -33.92
N ASN F 31 -21.73 -44.70 -33.44
CA ASN F 31 -22.70 -44.71 -32.35
C ASN F 31 -24.01 -44.01 -32.75
N CYS F 32 -24.29 -43.95 -34.04
CA CYS F 32 -25.56 -43.43 -34.52
C CYS F 32 -26.57 -44.56 -34.61
N GLY F 33 -27.85 -44.20 -34.78
CA GLY F 33 -28.92 -45.16 -34.77
C GLY F 33 -29.02 -45.96 -36.07
N LEU F 34 -29.84 -47.00 -36.03
CA LEU F 34 -30.04 -47.86 -37.20
C LEU F 34 -31.52 -48.12 -37.44
N ASP F 35 -31.92 -48.19 -38.72
CA ASP F 35 -33.29 -48.47 -39.08
C ASP F 35 -33.30 -49.49 -40.22
N TRP F 36 -34.23 -50.44 -40.14
CA TRP F 36 -34.57 -51.30 -41.25
C TRP F 36 -35.79 -50.72 -41.96
N TYR F 37 -35.70 -50.61 -43.29
CA TYR F 37 -36.79 -50.14 -44.11
C TYR F 37 -37.08 -51.17 -45.19
N ARG F 38 -38.26 -51.08 -45.80
CA ARG F 38 -38.56 -51.85 -47.00
C ARG F 38 -39.37 -50.99 -47.97
N ARG F 39 -39.31 -51.39 -49.24
CA ARG F 39 -40.11 -50.78 -50.29
C ARG F 39 -40.90 -51.88 -51.01
N ALA F 40 -42.12 -51.57 -51.39
CA ALA F 40 -42.97 -52.42 -52.21
C ALA F 40 -43.14 -51.80 -53.58
N PRO F 41 -43.29 -52.61 -54.63
CA PRO F 41 -43.43 -52.06 -55.99
C PRO F 41 -44.65 -51.16 -56.11
N GLY F 42 -44.45 -50.01 -56.75
CA GLY F 42 -45.52 -49.07 -56.96
C GLY F 42 -45.90 -48.22 -55.76
N LYS F 43 -45.29 -48.47 -54.61
CA LYS F 43 -45.61 -47.74 -53.39
C LYS F 43 -44.32 -47.17 -52.82
N GLU F 44 -44.43 -46.08 -52.07
CA GLU F 44 -43.28 -45.41 -51.52
C GLU F 44 -42.66 -46.23 -50.39
N ARG F 45 -41.44 -45.84 -50.01
CA ARG F 45 -40.72 -46.56 -48.98
C ARG F 45 -41.42 -46.44 -47.63
N GLU F 46 -41.53 -47.58 -46.94
CA GLU F 46 -42.28 -47.66 -45.69
C GLU F 46 -41.36 -48.08 -44.56
N PHE F 47 -41.67 -47.62 -43.35
CA PHE F 47 -40.88 -47.94 -42.17
C PHE F 47 -41.06 -49.41 -41.80
N VAL F 48 -40.00 -50.01 -41.27
CA VAL F 48 -40.05 -51.41 -40.85
C VAL F 48 -39.68 -51.56 -39.38
N SER F 49 -38.46 -51.17 -39.01
CA SER F 49 -38.05 -51.40 -37.63
C SER F 49 -36.93 -50.44 -37.27
N SER F 50 -36.74 -50.24 -35.97
CA SER F 50 -35.74 -49.30 -35.49
C SER F 50 -34.96 -49.91 -34.34
N ILE F 51 -33.67 -49.59 -34.29
CA ILE F 51 -32.83 -49.92 -33.14
C ILE F 51 -31.93 -48.72 -32.85
N SER F 52 -31.85 -48.35 -31.57
CA SER F 52 -31.15 -47.16 -31.15
C SER F 52 -29.71 -47.47 -30.76
N ALA F 53 -29.01 -46.45 -30.24
CA ALA F 53 -27.61 -46.61 -29.89
C ALA F 53 -27.43 -47.33 -28.56
N ASP F 54 -28.49 -47.44 -27.77
CA ASP F 54 -28.42 -48.12 -26.48
C ASP F 54 -29.03 -49.50 -26.50
N GLY F 55 -29.57 -49.94 -27.65
CA GLY F 55 -30.13 -51.27 -27.75
C GLY F 55 -31.62 -51.36 -27.56
N THR F 56 -32.33 -50.24 -27.52
CA THR F 56 -33.80 -50.28 -27.51
C THR F 56 -34.32 -50.56 -28.90
N THR F 57 -35.21 -51.55 -29.00
CA THR F 57 -35.69 -52.04 -30.28
C THR F 57 -37.18 -51.76 -30.44
N SER F 58 -37.59 -51.55 -31.70
CA SER F 58 -39.00 -51.31 -31.99
C SER F 58 -39.33 -51.90 -33.35
N TYR F 59 -40.57 -52.39 -33.45
CA TYR F 59 -41.04 -53.12 -34.62
C TYR F 59 -42.32 -52.50 -35.14
N ALA F 60 -42.58 -52.71 -36.43
CA ALA F 60 -43.80 -52.21 -37.05
C ALA F 60 -45.00 -53.06 -36.63
N ASP F 61 -46.19 -52.48 -36.80
CA ASP F 61 -47.41 -53.19 -36.43
C ASP F 61 -47.69 -54.37 -37.36
N SER F 62 -47.29 -54.26 -38.63
CA SER F 62 -47.49 -55.37 -39.56
C SER F 62 -46.40 -56.43 -39.42
N VAL F 63 -45.38 -56.17 -38.60
CA VAL F 63 -44.29 -57.12 -38.42
C VAL F 63 -44.13 -57.58 -36.99
N LYS F 64 -44.83 -56.96 -36.02
CA LYS F 64 -44.62 -57.29 -34.62
C LYS F 64 -45.09 -58.70 -34.31
N GLY F 65 -44.26 -59.42 -33.56
CA GLY F 65 -44.61 -60.78 -33.14
C GLY F 65 -43.70 -61.84 -33.70
N ARG F 66 -43.13 -61.59 -34.87
CA ARG F 66 -42.31 -62.58 -35.57
C ARG F 66 -40.93 -62.07 -35.96
N PHE F 67 -40.75 -60.77 -36.13
CA PHE F 67 -39.47 -60.22 -36.52
C PHE F 67 -38.57 -60.06 -35.29
N THR F 68 -37.27 -60.31 -35.48
CA THR F 68 -36.33 -60.21 -34.37
C THR F 68 -35.09 -59.45 -34.86
N ILE F 69 -34.95 -58.20 -34.41
CA ILE F 69 -33.75 -57.44 -34.71
C ILE F 69 -32.78 -57.54 -33.54
N SER F 70 -31.51 -57.70 -33.84
CA SER F 70 -30.49 -57.80 -32.80
C SER F 70 -29.20 -57.17 -33.28
N LYS F 71 -28.43 -56.64 -32.34
CA LYS F 71 -27.20 -55.92 -32.59
C LYS F 71 -26.03 -56.72 -32.05
N ASP F 72 -24.96 -56.82 -32.83
CA ASP F 72 -23.79 -57.57 -32.42
C ASP F 72 -23.15 -56.93 -31.20
N LYS F 73 -22.45 -57.75 -30.41
CA LYS F 73 -21.66 -57.19 -29.31
C LYS F 73 -20.39 -56.53 -29.84
N VAL F 74 -19.80 -57.11 -30.89
CA VAL F 74 -18.62 -56.56 -31.54
C VAL F 74 -18.79 -56.69 -33.05
N GLU F 75 -18.05 -55.86 -33.79
CA GLU F 75 -17.99 -55.94 -35.25
C GLU F 75 -19.40 -55.81 -35.84
N ASP F 76 -19.91 -54.58 -35.76
CA ASP F 76 -21.30 -54.27 -36.08
C ASP F 76 -21.75 -54.93 -37.38
N THR F 77 -22.65 -55.90 -37.26
CA THR F 77 -23.36 -56.49 -38.40
C THR F 77 -24.75 -56.85 -37.85
N VAL F 78 -25.66 -55.91 -37.93
CA VAL F 78 -26.94 -56.05 -37.25
C VAL F 78 -27.83 -57.01 -38.02
N TYR F 79 -28.47 -57.91 -37.27
CA TYR F 79 -29.28 -58.97 -37.84
C TYR F 79 -30.75 -58.61 -37.71
N LEU F 80 -31.49 -58.89 -38.78
CA LEU F 80 -32.95 -58.86 -38.76
C LEU F 80 -33.42 -60.26 -39.15
N GLN F 81 -33.49 -61.15 -38.15
CA GLN F 81 -34.04 -62.47 -38.39
C GLN F 81 -35.54 -62.38 -38.64
N MET F 82 -35.99 -63.00 -39.72
CA MET F 82 -37.41 -63.10 -40.05
C MET F 82 -37.84 -64.55 -39.86
N ASN F 83 -39.03 -64.72 -39.28
CA ASN F 83 -39.61 -66.03 -39.07
C ASN F 83 -41.12 -65.93 -39.22
N SER F 84 -41.75 -67.05 -39.55
CA SER F 84 -43.19 -67.11 -39.84
C SER F 84 -43.53 -66.15 -40.97
N LEU F 85 -42.90 -66.39 -42.12
CA LEU F 85 -43.06 -65.51 -43.26
C LEU F 85 -44.51 -65.52 -43.74
N LYS F 86 -44.96 -64.38 -44.24
CA LYS F 86 -46.30 -64.19 -44.75
C LYS F 86 -46.21 -63.55 -46.13
N PRO F 87 -47.25 -63.71 -46.96
CA PRO F 87 -47.17 -63.19 -48.33
C PRO F 87 -46.99 -61.68 -48.40
N GLU F 88 -47.34 -60.94 -47.35
CA GLU F 88 -47.16 -59.50 -47.34
C GLU F 88 -45.69 -59.09 -47.21
N ASP F 89 -44.78 -60.03 -46.99
CA ASP F 89 -43.37 -59.72 -46.78
C ASP F 89 -42.60 -59.53 -48.07
N THR F 90 -43.21 -59.73 -49.24
CA THR F 90 -42.51 -59.53 -50.49
C THR F 90 -42.21 -58.05 -50.68
N ALA F 91 -40.96 -57.69 -50.49
CA ALA F 91 -40.51 -56.30 -50.59
C ALA F 91 -38.99 -56.30 -50.60
N ILE F 92 -38.41 -55.11 -50.67
CA ILE F 92 -36.96 -54.96 -50.71
C ILE F 92 -36.53 -54.23 -49.44
N TYR F 93 -35.66 -54.88 -48.66
CA TYR F 93 -35.10 -54.31 -47.46
C TYR F 93 -33.98 -53.31 -47.78
N SER F 94 -33.75 -52.41 -46.84
CA SER F 94 -32.65 -51.45 -46.93
C SER F 94 -32.28 -50.99 -45.52
N CYS F 95 -31.05 -50.53 -45.39
CA CYS F 95 -30.49 -50.04 -44.14
C CYS F 95 -30.26 -48.52 -44.22
N LYS F 96 -29.96 -47.94 -43.07
CA LYS F 96 -29.62 -46.54 -42.97
C LYS F 96 -28.74 -46.33 -41.74
N THR F 97 -27.71 -45.52 -41.89
CA THR F 97 -26.79 -45.26 -40.79
C THR F 97 -26.26 -43.84 -40.99
N ALA F 98 -25.60 -43.31 -39.97
CA ALA F 98 -25.04 -41.97 -40.00
C ALA F 98 -23.55 -42.02 -39.68
N PHE F 99 -22.79 -41.11 -40.27
CA PHE F 99 -21.33 -41.14 -40.25
C PHE F 99 -20.78 -39.77 -39.92
N PRO F 100 -19.53 -39.69 -39.47
CA PRO F 100 -18.93 -38.40 -39.15
C PRO F 100 -18.73 -37.52 -40.38
N TYR F 101 -18.87 -36.22 -40.18
CA TYR F 101 -18.50 -35.20 -41.16
C TYR F 101 -18.60 -33.86 -40.44
N PHE F 102 -17.73 -32.93 -40.79
CA PHE F 102 -17.59 -31.67 -40.05
C PHE F 102 -17.18 -31.92 -38.59
N GLY F 103 -16.63 -33.11 -38.34
CA GLY F 103 -16.32 -33.49 -36.98
C GLY F 103 -17.45 -34.22 -36.28
N ASN F 104 -18.60 -33.56 -36.14
CA ASN F 104 -19.78 -34.18 -35.56
C ASN F 104 -20.04 -35.53 -36.22
N SER F 105 -20.11 -36.57 -35.40
CA SER F 105 -20.11 -37.94 -35.92
C SER F 105 -21.50 -38.53 -36.13
N CYS F 106 -22.43 -37.80 -36.72
CA CYS F 106 -23.60 -38.41 -37.36
C CYS F 106 -24.01 -37.70 -38.64
N VAL F 107 -23.64 -36.43 -38.81
CA VAL F 107 -24.31 -35.48 -39.70
C VAL F 107 -24.63 -36.06 -41.07
N LEU F 108 -23.72 -36.86 -41.62
CA LEU F 108 -23.89 -37.43 -42.95
C LEU F 108 -24.66 -38.74 -42.82
N ASP F 109 -25.94 -38.73 -43.18
CA ASP F 109 -26.69 -39.97 -43.20
C ASP F 109 -26.57 -40.63 -44.58
N TYR F 110 -26.49 -41.96 -44.57
CA TYR F 110 -26.20 -42.73 -45.76
C TYR F 110 -27.00 -44.03 -45.72
N TRP F 111 -27.54 -44.40 -46.88
CA TRP F 111 -28.40 -45.57 -47.03
C TRP F 111 -27.69 -46.62 -47.88
N GLY F 112 -27.91 -47.89 -47.52
CA GLY F 112 -27.54 -48.96 -48.41
C GLY F 112 -28.50 -49.10 -49.58
N GLN F 113 -28.18 -50.02 -50.49
CA GLN F 113 -28.98 -50.18 -51.69
C GLN F 113 -30.29 -50.93 -51.40
N GLY F 114 -30.18 -52.17 -50.92
CA GLY F 114 -31.34 -52.95 -50.55
C GLY F 114 -31.34 -54.30 -51.25
N THR F 115 -32.05 -55.26 -50.66
CA THR F 115 -32.15 -56.63 -51.18
C THR F 115 -33.59 -57.08 -51.14
N SER F 116 -34.06 -57.68 -52.22
CA SER F 116 -35.47 -58.03 -52.37
C SER F 116 -35.73 -59.48 -51.99
N VAL F 117 -36.94 -59.73 -51.48
CA VAL F 117 -37.44 -61.07 -51.19
C VAL F 117 -38.85 -61.18 -51.78
N THR F 118 -39.13 -62.31 -52.43
CA THR F 118 -40.46 -62.60 -52.98
C THR F 118 -41.02 -63.76 -52.18
N VAL F 119 -42.19 -63.53 -51.57
CA VAL F 119 -42.78 -64.54 -50.70
C VAL F 119 -43.98 -65.17 -51.40
N SER F 120 -43.95 -66.49 -51.55
CA SER F 120 -45.04 -67.22 -52.19
C SER F 120 -45.95 -67.88 -51.16
C1 NAG G . -41.36 -36.58 4.46
C2 NAG G . -40.86 -35.62 5.54
C3 NAG G . -40.02 -36.37 6.58
C4 NAG G . -40.79 -37.57 7.13
C5 NAG G . -41.32 -38.44 5.98
C6 NAG G . -42.25 -39.54 6.44
C7 NAG G . -40.47 -33.27 4.96
C8 NAG G . -39.54 -32.29 4.30
N2 NAG G . -40.08 -34.55 4.94
O3 NAG G . -39.71 -35.48 7.63
O4 NAG G . -39.90 -38.33 7.92
O5 NAG G . -42.08 -37.63 5.07
O6 NAG G . -41.52 -40.63 6.99
O7 NAG G . -41.52 -32.92 5.48
C1 NAG G . -40.47 -38.66 9.22
C2 NAG G . -39.31 -39.06 10.14
C3 NAG G . -39.84 -39.45 11.51
C4 NAG G . -40.70 -38.34 12.08
C5 NAG G . -41.78 -37.92 11.08
C6 NAG G . -42.56 -36.71 11.53
C7 NAG G . -38.98 -41.34 9.24
C8 NAG G . -37.99 -42.31 8.66
N2 NAG G . -38.51 -40.13 9.56
O3 NAG G . -38.74 -39.72 12.37
O4 NAG G . -41.34 -38.78 13.27
O5 NAG G . -41.19 -37.58 9.81
O6 NAG G . -41.94 -36.04 12.61
O7 NAG G . -40.16 -41.65 9.40
C1 BMA G . -40.58 -38.39 14.43
C2 BMA G . -41.57 -38.16 15.60
C3 BMA G . -40.80 -37.90 16.88
C4 BMA G . -39.72 -38.98 17.13
C5 BMA G . -38.81 -39.10 15.89
C6 BMA G . -37.79 -40.20 16.02
O2 BMA G . -42.37 -39.30 15.81
O3 BMA G . -41.67 -37.83 18.01
O4 BMA G . -38.92 -38.63 18.25
O5 BMA G . -39.65 -39.41 14.76
O6 BMA G . -36.95 -40.16 14.88
C1 NAG H . 17.19 56.28 37.43
C2 NAG H . 17.50 57.20 38.60
C3 NAG H . 18.77 56.77 39.30
C4 NAG H . 18.69 55.30 39.69
C5 NAG H . 18.34 54.47 38.48
C6 NAG H . 18.11 53.00 38.80
C7 NAG H . 16.81 59.55 38.56
C8 NAG H . 17.07 60.91 37.98
N2 NAG H . 17.63 58.57 38.14
O3 NAG H . 18.96 57.56 40.45
O4 NAG H . 19.95 54.88 40.22
O5 NAG H . 17.14 54.95 37.89
O6 NAG H . 17.23 52.41 37.87
O7 NAG H . 15.90 59.33 39.35
C1 NAG H . 19.77 54.39 41.56
C2 NAG H . 20.81 53.33 41.85
C3 NAG H . 20.63 52.79 43.27
C4 NAG H . 20.66 53.94 44.26
C5 NAG H . 19.69 55.06 43.86
C6 NAG H . 19.86 56.30 44.69
C7 NAG H . 21.79 51.78 40.22
C8 NAG H . 21.53 50.65 39.27
N2 NAG H . 20.72 52.23 40.88
O3 NAG H . 21.68 51.88 43.54
O4 NAG H . 20.27 53.47 45.54
O5 NAG H . 19.92 55.46 42.49
O6 NAG H . 20.84 57.17 44.12
O7 NAG H . 22.91 52.26 40.38
C1 BMA H . 21.45 53.26 46.36
C2 BMA H . 21.18 53.75 47.79
C3 BMA H . 22.41 53.49 48.65
C4 BMA H . 22.84 52.02 48.54
C5 BMA H . 23.04 51.64 47.08
C6 BMA H . 23.41 50.19 46.89
O2 BMA H . 20.13 53.00 48.37
O3 BMA H . 22.19 53.84 50.00
O4 BMA H . 24.07 51.84 49.24
O5 BMA H . 21.81 51.88 46.38
O6 BMA H . 24.76 50.03 47.30
C1 NAG I . 33.47 41.06 33.87
C2 NAG I . 34.65 41.47 34.73
C3 NAG I . 35.30 40.23 35.34
C4 NAG I . 34.26 39.40 36.09
C5 NAG I . 33.10 39.09 35.16
C6 NAG I . 31.97 38.38 35.87
C7 NAG I . 36.35 43.20 34.47
C8 NAG I . 37.30 43.87 33.54
N2 NAG I . 35.62 42.21 33.94
O3 NAG I . 36.32 40.66 36.22
O4 NAG I . 34.83 38.18 36.51
O5 NAG I . 32.56 40.31 34.64
O6 NAG I . 31.77 38.92 37.16
O7 NAG I . 36.24 43.53 35.64
C1 NAG I . 35.25 38.27 37.89
C2 NAG I . 35.07 36.93 38.58
C3 NAG I . 35.56 37.01 40.01
C4 NAG I . 37.00 37.52 40.06
C5 NAG I . 37.12 38.83 39.27
C6 NAG I . 38.56 39.28 39.13
C7 NAG I . 33.30 35.39 37.90
C8 NAG I . 31.84 35.08 37.96
N2 NAG I . 33.69 36.50 38.53
O3 NAG I . 35.48 35.73 40.60
O4 NAG I . 37.37 37.76 41.41
O5 NAG I . 36.62 38.66 37.94
O6 NAG I . 39.12 38.85 37.90
O7 NAG I . 34.09 34.66 37.31
C1 NAG J . 8.28 76.05 36.86
C2 NAG J . 8.29 75.73 38.31
C3 NAG J . 9.15 76.75 39.03
C4 NAG J . 10.49 76.98 38.31
C5 NAG J . 10.41 76.88 36.78
C6 NAG J . 11.75 76.60 36.15
C7 NAG J . 6.47 74.72 39.59
C8 NAG J . 5.07 74.88 40.09
N2 NAG J . 6.94 75.73 38.86
O3 NAG J . 9.40 76.31 40.35
O4 NAG J . 10.89 78.31 38.57
O5 NAG J . 9.53 75.84 36.34
O6 NAG J . 12.42 75.52 36.78
O7 NAG J . 7.14 73.73 39.84
C1 NAG J . 11.98 78.37 39.50
C2 NAG J . 12.49 79.80 39.50
C3 NAG J . 13.63 79.95 40.50
C4 NAG J . 13.18 79.49 41.87
C5 NAG J . 12.61 78.07 41.79
C6 NAG J . 12.03 77.59 43.09
C7 NAG J . 12.32 81.17 37.47
C8 NAG J . 12.88 81.46 36.13
N2 NAG J . 12.93 80.21 38.18
O3 NAG J . 14.02 81.31 40.56
O4 NAG J . 14.29 79.49 42.77
O5 NAG J . 11.56 78.01 40.82
O6 NAG J . 12.89 76.67 43.75
O7 NAG J . 11.34 81.76 37.90
C1 NAG K . -3.87 85.36 23.88
C2 NAG K . -5.11 85.84 24.62
C3 NAG K . -6.07 86.52 23.65
C4 NAG K . -5.35 87.64 22.92
C5 NAG K . -4.12 87.08 22.24
C6 NAG K . -3.29 88.14 21.54
C7 NAG K . -6.27 83.66 24.70
C8 NAG K . -6.91 82.65 25.60
N2 NAG K . -5.77 84.74 25.31
O3 NAG K . -7.19 87.02 24.38
O4 NAG K . -6.19 88.23 21.93
O5 NAG K . -3.27 86.46 23.22
O6 NAG K . -2.06 88.36 22.22
O7 NAG K . -6.22 83.50 23.49
C1 NAG K . -6.84 89.39 22.48
C2 NAG K . -6.28 90.67 21.86
C3 NAG K . -7.07 91.89 22.34
C4 NAG K . -8.56 91.68 22.13
C5 NAG K . -9.00 90.38 22.78
C6 NAG K . -10.46 90.06 22.55
C7 NAG K . -4.33 90.97 23.36
C8 NAG K . -2.84 91.14 23.41
N2 NAG K . -4.86 90.84 22.12
O3 NAG K . -6.63 93.05 21.64
O4 NAG K . -9.29 92.76 22.70
O5 NAG K . -8.24 89.29 22.22
O6 NAG K . -10.88 88.98 23.36
O7 NAG K . -5.02 90.95 24.37
C1 NAG L . 30.00 -29.04 31.31
C2 NAG L . 30.31 -28.31 32.60
C3 NAG L . 31.70 -27.72 32.56
C4 NAG L . 32.73 -28.78 32.18
C5 NAG L . 32.29 -29.53 30.93
C6 NAG L . 33.17 -30.70 30.61
C7 NAG L . 28.12 -27.49 33.37
C8 NAG L . 27.25 -26.30 33.56
N2 NAG L . 29.32 -27.26 32.85
O3 NAG L . 32.04 -27.17 33.83
O4 NAG L . 33.97 -28.15 31.91
O5 NAG L . 30.96 -30.05 31.10
O6 NAG L . 33.77 -31.23 31.79
O7 NAG L . 27.75 -28.62 33.67
C1 NAG L . 34.93 -28.49 32.91
C2 NAG L . 36.18 -27.63 32.63
C3 NAG L . 37.27 -27.86 33.69
C4 NAG L . 36.68 -27.71 35.08
C5 NAG L . 35.43 -28.57 35.24
C6 NAG L . 34.76 -28.39 36.57
C7 NAG L . 37.15 -28.87 30.65
C8 NAG L . 37.19 -30.16 31.43
N2 NAG L . 36.69 -27.77 31.27
O3 NAG L . 38.32 -26.92 33.49
O4 NAG L . 37.65 -28.08 36.06
O5 NAG L . 34.47 -28.23 34.23
O6 NAG L . 35.68 -28.52 37.64
O7 NAG L . 37.54 -28.83 29.49
C1 NAG M . 25.39 -54.66 27.71
C2 NAG M . 26.85 -54.91 28.06
C3 NAG M . 27.77 -54.09 27.17
C4 NAG M . 27.44 -54.31 25.69
C5 NAG M . 25.96 -54.05 25.46
C6 NAG M . 25.50 -54.36 24.06
C7 NAG M . 26.72 -55.42 30.46
C8 NAG M . 27.08 -54.96 31.84
N2 NAG M . 27.11 -54.62 29.46
O3 NAG M . 29.13 -54.43 27.42
O4 NAG M . 28.22 -53.42 24.89
O5 NAG M . 25.18 -54.90 26.32
O6 NAG M . 26.09 -55.56 23.57
O7 NAG M . 26.11 -56.46 30.27
C1 NAG M . 29.02 -54.07 23.86
C2 NAG M . 29.67 -55.36 24.38
C3 NAG M . 30.43 -56.06 23.26
C4 NAG M . 29.53 -56.29 22.05
C5 NAG M . 28.92 -54.96 21.61
C6 NAG M . 27.93 -55.11 20.48
C7 NAG M . 31.62 -54.30 25.46
C8 NAG M . 32.39 -54.16 26.74
N2 NAG M . 30.55 -55.10 25.51
O3 NAG M . 30.91 -57.31 23.73
O4 NAG M . 30.27 -56.83 20.97
O5 NAG M . 28.19 -54.37 22.70
O6 NAG M . 28.23 -56.25 19.68
O7 NAG M . 31.96 -53.70 24.44
C1 NAG N . 41.56 55.60 26.19
C2 NAG N . 41.03 56.27 27.43
C3 NAG N . 42.10 57.16 28.04
C4 NAG N . 43.39 56.38 28.25
C5 NAG N . 43.79 55.63 26.98
C6 NAG N . 44.94 54.68 27.21
C7 NAG N . 39.74 58.07 26.35
C8 NAG N . 38.38 58.68 26.20
N2 NAG N . 39.81 57.01 27.16
O3 NAG N . 41.63 57.67 29.29
O4 NAG N . 44.43 57.29 28.57
O5 NAG N . 42.69 54.84 26.50
O6 NAG N . 45.16 53.85 26.08
O7 NAG N . 40.72 58.53 25.77
C1 NAG N . 44.83 57.08 29.93
C2 NAG N . 46.34 57.26 30.04
C3 NAG N . 46.78 57.06 31.48
C4 NAG N . 46.00 57.99 32.40
C5 NAG N . 44.50 57.83 32.18
C6 NAG N . 43.69 58.83 32.96
C7 NAG N . 48.22 56.65 28.61
C8 NAG N . 48.82 55.59 27.72
N2 NAG N . 47.04 56.35 29.16
O3 NAG N . 48.17 57.31 31.58
O4 NAG N . 46.31 57.69 33.76
O5 NAG N . 44.17 58.01 30.80
O6 NAG N . 42.63 58.20 33.68
O7 NAG N . 48.78 57.71 28.81
C1 NAG O . 36.95 56.75 -6.53
C2 NAG O . 38.06 57.73 -6.87
C3 NAG O . 38.08 58.00 -8.36
C4 NAG O . 38.17 56.69 -9.14
C5 NAG O . 37.04 55.77 -8.70
C6 NAG O . 37.09 54.41 -9.34
C7 NAG O . 38.96 59.63 -5.63
C8 NAG O . 38.64 60.89 -4.89
N2 NAG O . 37.92 58.96 -6.12
O3 NAG O . 39.19 58.83 -8.66
O4 NAG O . 38.04 56.96 -10.53
O5 NAG O . 37.10 55.57 -7.29
O6 NAG O . 36.32 53.48 -8.60
O7 NAG O . 40.11 59.23 -5.78
C1 NAG O . 39.14 56.38 -11.27
C2 NAG O . 38.68 56.13 -12.70
C3 NAG O . 39.82 55.54 -13.52
C4 NAG O . 41.04 56.45 -13.45
C5 NAG O . 41.41 56.70 -11.99
C6 NAG O . 42.53 57.71 -11.84
C7 NAG O . 36.38 55.59 -13.34
C8 NAG O . 35.28 54.57 -13.30
N2 NAG O . 37.52 55.26 -12.74
O3 NAG O . 39.40 55.40 -14.87
O4 NAG O . 42.13 55.83 -14.11
O5 NAG O . 40.28 57.24 -11.28
O6 NAG O . 42.11 59.00 -12.25
O7 NAG O . 36.24 56.68 -13.90
C1 BMA O . 42.49 56.60 -15.28
C2 BMA O . 43.82 56.04 -15.84
C3 BMA O . 44.20 56.80 -17.11
C4 BMA O . 43.03 56.85 -18.11
C5 BMA O . 41.76 57.37 -17.43
C6 BMA O . 40.55 57.34 -18.36
O2 BMA O . 43.68 54.69 -16.22
O3 BMA O . 45.33 56.22 -17.73
O4 BMA O . 43.36 57.71 -19.18
O5 BMA O . 41.47 56.56 -16.28
O6 BMA O . 40.36 56.00 -18.78
C1 NAG P . 45.18 69.27 8.68
C2 NAG P . 46.54 69.30 7.98
C3 NAG P . 46.91 70.73 7.59
C4 NAG P . 45.81 71.28 6.71
C5 NAG P . 44.53 71.34 7.52
C6 NAG P . 43.36 71.88 6.75
C7 NAG P . 48.10 67.51 8.57
C8 NAG P . 47.57 66.80 7.36
N2 NAG P . 47.57 68.72 8.81
O3 NAG P . 48.15 70.73 6.90
O4 NAG P . 46.13 72.52 6.05
O5 NAG P . 44.20 69.99 7.89
O6 NAG P . 43.22 71.23 5.49
O7 NAG P . 48.97 67.03 9.28
C1 NAG P . 46.55 73.65 6.82
C2 NAG P . 46.97 74.63 5.74
C3 NAG P . 47.40 75.96 6.36
C4 NAG P . 46.27 76.50 7.24
C5 NAG P . 45.89 75.45 8.27
C6 NAG P . 44.73 75.87 9.12
C7 NAG P . 47.86 73.62 3.69
C8 NAG P . 49.08 73.10 3.00
N2 NAG P . 48.06 74.09 4.93
O3 NAG P . 47.69 76.89 5.33
O4 NAG P . 46.69 77.68 7.89
O5 NAG P . 45.53 74.23 7.62
O6 NAG P . 44.32 77.19 8.81
O7 NAG P . 46.76 73.63 3.15
C1 NAG Q . 40.81 72.87 28.64
C2 NAG Q . 41.78 72.05 29.46
C3 NAG Q . 41.53 72.27 30.93
C4 NAG Q . 41.57 73.76 31.27
C5 NAG Q . 40.62 74.53 30.36
C6 NAG Q . 40.70 76.02 30.54
C7 NAG Q . 42.74 69.89 28.84
C8 NAG Q . 42.46 68.45 28.52
N2 NAG Q . 41.68 70.64 29.13
O3 NAG Q . 42.51 71.56 31.67
O4 NAG Q . 41.18 73.97 32.62
O5 NAG Q . 40.93 74.25 28.99
O6 NAG Q . 41.09 76.68 29.34
O7 NAG Q . 43.87 70.35 28.82
C1 NAG Q . 42.34 74.05 33.46
C2 NAG Q . 41.93 74.60 34.81
C3 NAG Q . 43.12 74.63 35.77
C4 NAG Q . 43.75 73.24 35.85
C5 NAG Q . 44.10 72.75 34.45
C6 NAG Q . 44.63 71.33 34.43
C7 NAG Q . 40.08 76.20 34.97
C8 NAG Q . 39.65 77.63 34.78
N2 NAG Q . 41.36 75.93 34.68
O3 NAG Q . 42.68 75.03 37.06
O4 NAG Q . 44.93 73.29 36.63
O5 NAG Q . 42.94 72.76 33.62
O6 NAG Q . 44.07 70.59 33.36
O7 NAG Q . 39.30 75.34 35.35
C1 NAG R . 23.46 51.86 -23.92
C2 NAG R . 23.82 52.81 -25.06
C3 NAG R . 23.76 52.09 -26.38
C4 NAG R . 24.61 50.83 -26.35
C5 NAG R . 24.21 49.97 -25.16
C6 NAG R . 25.10 48.76 -24.98
C7 NAG R . 23.34 55.18 -25.40
C8 NAG R . 22.29 56.25 -25.35
N2 NAG R . 22.93 53.96 -25.06
O3 NAG R . 24.21 52.95 -27.40
O4 NAG R . 24.44 50.09 -27.55
O5 NAG R . 24.32 50.73 -23.96
O6 NAG R . 26.45 49.08 -25.27
O7 NAG R . 24.49 55.41 -25.73
C1 NAG R . 25.70 50.01 -28.23
C2 NAG R . 25.78 48.68 -28.97
C3 NAG R . 27.11 48.59 -29.71
C4 NAG R . 27.26 49.78 -30.65
C5 NAG R . 27.07 51.09 -29.89
C6 NAG R . 27.02 52.28 -30.82
C7 NAG R . 24.71 46.58 -28.33
C8 NAG R . 24.67 45.48 -27.32
N2 NAG R . 25.61 47.55 -28.09
O3 NAG R . 27.15 47.37 -30.44
O4 NAG R . 28.56 49.75 -31.24
O5 NAG R . 25.83 51.09 -29.17
O6 NAG R . 25.99 52.12 -31.79
O7 NAG R . 23.99 46.60 -29.31
C1 BMA R . 28.43 49.38 -32.63
C2 BMA R . 29.77 49.75 -33.34
C3 BMA R . 29.83 49.13 -34.73
C4 BMA R . 29.41 47.66 -34.71
C5 BMA R . 28.02 47.54 -34.11
C6 BMA R . 27.52 46.11 -34.09
O2 BMA R . 30.87 49.24 -32.61
O3 BMA R . 31.13 49.26 -35.28
O4 BMA R . 29.39 47.13 -36.03
O5 BMA R . 28.11 48.00 -32.75
O6 BMA R . 28.39 45.34 -33.27
C1 NAG S . 17.17 68.84 -20.53
C2 NAG S . 18.45 69.54 -20.08
C3 NAG S . 18.75 70.72 -20.97
C4 NAG S . 18.72 70.33 -22.44
C5 NAG S . 17.43 69.59 -22.75
C6 NAG S . 17.37 69.06 -24.16
C7 NAG S . 19.22 69.64 -17.75
C8 NAG S . 18.94 70.16 -16.38
N2 NAG S . 18.33 69.95 -18.70
O3 NAG S . 20.03 71.24 -20.64
O4 NAG S . 18.76 71.52 -23.24
O5 NAG S . 17.28 68.47 -21.88
O6 NAG S . 16.03 68.98 -24.63
O7 NAG S . 20.22 68.97 -18.00
C1 NAG S . 19.92 71.50 -24.09
C2 NAG S . 19.66 72.43 -25.28
C3 NAG S . 20.90 72.46 -26.18
C4 NAG S . 22.13 72.84 -25.38
C5 NAG S . 22.29 71.92 -24.17
C6 NAG S . 23.41 72.34 -23.25
C7 NAG S . 17.42 72.80 -26.18
C8 NAG S . 16.30 72.22 -26.99
N2 NAG S . 18.49 72.02 -26.03
O3 NAG S . 20.67 73.42 -27.22
O4 NAG S . 23.29 72.71 -26.20
O5 NAG S . 21.08 71.94 -23.38
O6 NAG S . 23.14 73.61 -22.66
O7 NAG S . 17.35 73.91 -25.68
C1 NAG T . -20.58 58.75 15.73
C2 NAG T . -21.44 59.71 16.51
C3 NAG T . -22.78 59.08 16.85
C4 NAG T . -23.46 58.54 15.60
C5 NAG T . -22.49 57.64 14.83
C6 NAG T . -23.03 57.21 13.48
C7 NAG T . -20.95 61.37 18.25
C8 NAG T . -20.19 61.67 19.49
N2 NAG T . -20.78 60.16 17.72
O3 NAG T . -23.61 60.04 17.47
O4 NAG T . -24.58 57.75 15.98
O5 NAG T . -21.26 58.34 14.56
O6 NAG T . -22.60 55.90 13.15
O7 NAG T . -21.67 62.20 17.72
C1 NAG T . -25.78 58.28 15.38
C2 NAG T . -26.80 57.16 15.31
C3 NAG T . -28.09 57.67 14.70
C4 NAG T . -28.61 58.85 15.51
C5 NAG T . -27.51 59.92 15.63
C6 NAG T . -27.90 61.05 16.56
C7 NAG T . -26.29 54.78 15.02
C8 NAG T . -25.76 53.72 14.10
N2 NAG T . -26.30 56.03 14.54
O3 NAG T . -29.03 56.61 14.69
O4 NAG T . -29.74 59.43 14.87
O5 NAG T . -26.31 59.36 16.16
O6 NAG T . -27.66 60.69 17.91
O7 NAG T . -26.71 54.52 16.14
C1 BMA T . -30.96 58.85 15.39
C2 BMA T . -31.92 59.98 15.80
C3 BMA T . -33.25 59.38 16.22
C4 BMA T . -33.80 58.43 15.15
C5 BMA T . -32.75 57.34 14.85
C6 BMA T . -33.20 56.38 13.77
O2 BMA T . -32.19 60.83 14.70
O3 BMA T . -34.22 60.40 16.48
O4 BMA T . -34.98 57.82 15.60
O5 BMA T . -31.55 58.00 14.41
O6 BMA T . -32.43 55.20 13.87
C1 NAG U . 2.72 -12.53 -48.07
C2 NAG U . 4.01 -11.86 -48.55
C3 NAG U . 3.69 -10.64 -49.40
C4 NAG U . 2.73 -10.98 -50.51
C5 NAG U . 1.49 -11.67 -49.94
C6 NAG U . 0.52 -12.16 -50.99
C7 NAG U . 5.45 -12.39 -46.62
C8 NAG U . 6.28 -11.84 -45.51
N2 NAG U . 4.86 -11.50 -47.42
O3 NAG U . 4.90 -10.12 -49.94
O4 NAG U . 2.32 -9.78 -51.16
O5 NAG U . 1.90 -12.83 -49.18
O6 NAG U . 1.20 -12.55 -52.18
O7 NAG U . 5.29 -13.60 -46.78
C1 NAG U . 2.66 -9.80 -52.56
C2 NAG U . 3.85 -8.87 -52.79
C3 NAG U . 4.28 -8.92 -54.26
C4 NAG U . 4.53 -10.36 -54.69
C5 NAG U . 3.30 -11.21 -54.38
C6 NAG U . 3.50 -12.67 -54.70
C7 NAG U . 2.60 -6.75 -52.98
C8 NAG U . 2.43 -5.37 -52.42
N2 NAG U . 3.54 -7.51 -52.40
O3 NAG U . 5.48 -8.15 -54.42
O4 NAG U . 4.77 -10.40 -56.10
O5 NAG U . 3.00 -11.12 -52.98
O6 NAG U . 4.15 -13.35 -53.62
O7 NAG U . 1.92 -7.16 -53.92
C1 NAG V . -9.31 68.70 -0.76
C2 NAG V . -9.73 70.11 -1.10
C3 NAG V . -10.97 70.50 -0.31
C4 NAG V . -12.07 69.48 -0.50
C5 NAG V . -11.54 68.08 -0.18
C6 NAG V . -12.52 66.99 -0.48
C7 NAG V . -8.50 72.18 -1.53
C8 NAG V . -7.33 73.03 -1.15
N2 NAG V . -8.64 71.04 -0.85
O3 NAG V . -11.41 71.77 -0.75
O4 NAG V . -13.13 69.78 0.39
O5 NAG V . -10.38 67.81 -1.00
O6 NAG V . -11.93 65.71 -0.28
O7 NAG V . -9.28 72.50 -2.41
C1 NAG V . -14.39 69.88 -0.32
C2 NAG V . -15.51 69.50 0.64
C3 NAG V . -16.86 69.63 -0.06
C4 NAG V . -17.01 71.03 -0.66
C5 NAG V . -15.81 71.36 -1.54
C6 NAG V . -15.83 72.79 -2.03
C7 NAG V . -15.40 67.89 2.47
C8 NAG V . -15.21 66.45 2.85
N2 NAG V . -15.35 68.16 1.17
O3 NAG V . -17.89 69.38 0.88
O4 NAG V . -18.19 71.09 -1.45
O5 NAG V . -14.58 71.20 -0.80
O6 NAG V . -15.34 73.69 -1.03
O7 NAG V . -15.59 68.76 3.31
C1 NAG W . 3.86 83.01 -9.31
C2 NAG W . 2.53 83.62 -9.67
C3 NAG W . 2.63 85.13 -9.62
C4 NAG W . 3.14 85.58 -8.27
C5 NAG W . 4.43 84.84 -7.91
C6 NAG W . 4.88 85.10 -6.50
C7 NAG W . 2.71 83.40 -12.13
C8 NAG W . 2.06 82.84 -13.36
N2 NAG W . 2.07 83.17 -10.97
O3 NAG W . 1.34 85.69 -9.86
O4 NAG W . 3.39 86.98 -8.29
O5 NAG W . 4.24 83.42 -8.03
O6 NAG W . 3.78 85.08 -5.61
O7 NAG W . 3.74 84.05 -12.18
C1 NAG W . 2.64 87.60 -7.22
C2 NAG W . 2.90 89.12 -7.26
C3 NAG W . 2.07 89.85 -6.20
C4 NAG W . 0.61 89.45 -6.30
C5 NAG W . 0.47 87.93 -6.30
C6 NAG W . -0.96 87.46 -6.49
C7 NAG W . 5.20 89.26 -6.20
C8 NAG W . 4.71 88.56 -4.96
N2 NAG W . 4.32 89.47 -7.20
O3 NAG W . 2.21 91.25 -6.37
O4 NAG W . -0.11 89.98 -5.19
O5 NAG W . 1.24 87.36 -7.36
O6 NAG W . -1.34 86.55 -5.48
O7 NAG W . 6.36 89.63 -6.30
C1 NAG X . 24.26 83.29 -13.74
C2 NAG X . 24.32 83.04 -15.23
C3 NAG X . 25.77 82.95 -15.69
C4 NAG X . 26.54 84.18 -15.25
C5 NAG X . 26.38 84.41 -13.75
C6 NAG X . 27.01 85.69 -13.27
C7 NAG X . 23.18 81.56 -16.80
C8 NAG X . 22.45 80.25 -16.97
N2 NAG X . 23.60 81.83 -15.57
O3 NAG X . 25.81 82.84 -17.10
O4 NAG X . 27.92 84.00 -15.53
O5 NAG X . 24.98 84.48 -13.43
O6 NAG X . 26.03 86.63 -12.84
O7 NAG X . 23.38 82.32 -17.73
C1 NAG X . 28.33 84.90 -16.57
C2 NAG X . 29.85 85.00 -16.53
C3 NAG X . 30.36 85.91 -17.64
C4 NAG X . 29.82 85.44 -18.99
C5 NAG X . 28.30 85.32 -18.93
C6 NAG X . 27.73 84.73 -20.20
C7 NAG X . 30.03 86.63 -14.68
C8 NAG X . 30.62 86.89 -13.34
N2 NAG X . 30.34 85.45 -15.23
O3 NAG X . 31.78 85.91 -17.65
O4 NAG X . 30.18 86.36 -20.01
O5 NAG X . 27.92 84.45 -17.86
O6 NAG X . 28.64 83.84 -20.82
O7 NAG X . 29.30 87.45 -15.25
C1 NAG Y . -28.14 16.53 31.59
C2 NAG Y . -28.49 17.69 30.68
C3 NAG Y . -29.49 18.61 31.36
C4 NAG Y . -30.71 17.82 31.81
C5 NAG Y . -30.27 16.64 32.68
C6 NAG Y . -31.42 15.73 33.05
C7 NAG Y . -26.80 18.41 29.05
C8 NAG Y . -25.57 19.23 28.83
N2 NAG Y . -27.30 18.43 30.29
O3 NAG Y . -29.88 19.63 30.44
O4 NAG Y . -31.57 18.66 32.56
O5 NAG Y . -29.32 15.84 31.96
O6 NAG Y . -31.69 14.81 31.99
O7 NAG Y . -27.33 17.76 28.15
C1 NAG Z . -20.78 31.77 43.64
C2 NAG Z . -21.37 30.86 44.71
C3 NAG Z . -22.80 30.47 44.35
C4 NAG Z . -23.63 31.72 44.09
C5 NAG Z . -22.95 32.63 43.07
C6 NAG Z . -23.65 33.95 42.89
C7 NAG Z . -19.89 29.41 46.03
C8 NAG Z . -19.09 28.15 46.05
N2 NAG Z . -20.55 29.68 44.90
O3 NAG Z . -23.36 29.72 45.41
O4 NAG Z . -24.91 31.35 43.61
O5 NAG Z . -21.61 32.93 43.50
O6 NAG Z . -23.38 34.84 43.98
O7 NAG Z . -19.94 30.17 46.99
C1 NAG AA . -10.71 70.09 26.36
C2 NAG AA . -10.58 71.18 25.31
C3 NAG AA . -11.03 72.51 25.88
C4 NAG AA . -12.43 72.39 26.46
C5 NAG AA . -12.47 71.24 27.45
C6 NAG AA . -13.84 70.99 28.02
C7 NAG AA . -8.88 71.79 23.66
C8 NAG AA . -7.41 71.81 23.34
N2 NAG AA . -9.20 71.27 24.84
O3 NAG AA . -11.02 73.49 24.85
O4 NAG AA . -12.80 73.59 27.12
O5 NAG AA . -12.05 70.03 26.81
O6 NAG AA . -13.76 70.30 29.26
O7 NAG AA . -9.72 72.23 22.89
C1 NAG BA . -1.96 62.38 36.27
C2 NAG BA . -1.54 61.08 36.96
C3 NAG BA . -2.76 60.19 37.17
C4 NAG BA . -3.84 60.94 37.94
C5 NAG BA . -4.18 62.24 37.21
C6 NAG BA . -5.14 63.10 38.01
C7 NAG BA . 0.60 59.92 36.75
C8 NAG BA . 1.54 59.21 35.83
N2 NAG BA . -0.52 60.39 36.20
O3 NAG BA . -2.37 59.03 37.92
O4 NAG BA . -5.00 60.13 38.03
O5 NAG BA . -3.00 63.02 37.02
O6 NAG BA . -4.45 64.12 38.70
O7 NAG BA . 0.85 60.07 37.94
C1 NAG CA . 25.43 -4.52 41.27
C2 NAG CA . 25.09 -3.34 42.18
C3 NAG CA . 26.35 -2.63 42.64
C4 NAG CA . 27.34 -3.63 43.24
C5 NAG CA . 27.58 -4.79 42.28
C6 NAG CA . 28.46 -5.86 42.86
C7 NAG CA . 23.33 -1.64 42.17
C8 NAG CA . 22.50 -0.72 41.32
N2 NAG CA . 24.19 -2.41 41.51
O3 NAG CA . 26.03 -1.64 43.59
O4 NAG CA . 28.58 -2.97 43.51
O5 NAG CA . 26.33 -5.40 41.94
O6 NAG CA . 29.51 -6.21 41.96
O7 NAG CA . 23.21 -1.68 43.39
C1 NAG DA . -8.52 -31.82 31.75
C2 NAG DA . -8.82 -33.28 31.37
C3 NAG DA . -9.03 -33.39 29.87
C4 NAG DA . -10.07 -32.38 29.39
C5 NAG DA . -9.72 -30.98 29.88
C6 NAG DA . -10.79 -29.96 29.57
C7 NAG DA . -7.70 -34.66 33.06
C8 NAG DA . -6.53 -35.56 33.33
N2 NAG DA . -7.77 -34.17 31.82
O3 NAG DA . -9.44 -34.71 29.54
O4 NAG DA . -10.13 -32.38 27.97
O5 NAG DA . -9.56 -30.99 31.31
O6 NAG DA . -11.12 -29.20 30.72
O7 NAG DA . -8.52 -34.38 33.92
C1 NAG EA . -50.67 -9.51 16.32
C2 NAG EA . -51.14 -8.74 17.54
C3 NAG EA . -52.13 -7.66 17.13
C4 NAG EA . -51.54 -6.77 16.05
C5 NAG EA . -51.02 -7.62 14.89
C6 NAG EA . -50.30 -6.81 13.85
C7 NAG EA . -51.90 -9.32 19.80
C8 NAG EA . -52.55 -10.36 20.66
N2 NAG EA . -51.75 -9.64 18.51
O3 NAG EA . -52.47 -6.86 18.27
O4 NAG EA . -52.51 -5.87 15.56
O5 NAG EA . -50.09 -8.59 15.38
O6 NAG EA . -50.85 -5.50 13.75
O7 NAG EA . -51.54 -8.24 20.25
C1 NAG FA . -12.25 -8.00 52.29
C2 NAG FA . -12.13 -6.49 52.19
C3 NAG FA . -13.40 -5.83 52.73
C4 NAG FA . -13.98 -6.61 53.91
C5 NAG FA . -14.19 -8.08 53.56
C6 NAG FA . -15.65 -8.47 53.46
C7 NAG FA . -10.07 -5.17 52.40
C8 NAG FA . -10.36 -4.68 51.01
N2 NAG FA . -10.97 -6.03 52.90
O3 NAG FA . -14.37 -5.73 51.69
O4 NAG FA . -13.11 -6.52 55.02
O5 NAG FA . -13.60 -8.37 52.29
O6 NAG FA . -15.80 -9.88 53.40
O7 NAG FA . -9.10 -4.80 53.03
C1 NAG GA . 14.18 -39.08 53.10
C2 NAG GA . 13.79 -38.92 54.58
C3 NAG GA . 13.16 -40.21 55.12
C4 NAG GA . 12.04 -40.69 54.20
C5 NAG GA . 12.56 -40.80 52.78
C6 NAG GA . 11.49 -41.22 51.80
C7 NAG GA . 14.93 -37.55 56.27
C8 NAG GA . 16.21 -37.29 57.00
N2 NAG GA . 14.95 -38.54 55.39
O3 NAG GA . 12.64 -39.95 56.42
O4 NAG GA . 11.57 -41.96 54.64
O5 NAG GA . 13.04 -39.53 52.35
O6 NAG GA . 10.24 -41.44 52.45
O7 NAG GA . 13.93 -36.86 56.46
C1 NAG HA . 19.71 -32.20 -20.13
C2 NAG HA . 19.00 -33.55 -20.20
C3 NAG HA . 17.88 -33.62 -19.17
C4 NAG HA . 18.42 -33.30 -17.78
C5 NAG HA . 19.16 -31.96 -17.82
C6 NAG HA . 19.82 -31.62 -16.50
C7 NAG HA . 17.62 -33.04 -22.20
C8 NAG HA . 17.22 -33.50 -23.57
N2 NAG HA . 18.49 -33.82 -21.54
O3 NAG HA . 17.32 -34.93 -19.18
O4 NAG HA . 17.36 -33.22 -16.85
O5 NAG HA . 20.20 -31.99 -18.81
O6 NAG HA . 18.87 -31.59 -15.44
O7 NAG HA . 17.17 -32.01 -21.71
C1 NAG IA . 39.92 -0.37 14.14
C2 NAG IA . 39.67 0.38 15.45
C3 NAG IA . 40.95 0.45 16.26
C4 NAG IA . 41.52 -0.94 16.48
C5 NAG IA . 41.70 -1.65 15.14
C6 NAG IA . 42.14 -3.09 15.28
C7 NAG IA . 37.87 1.93 14.88
C8 NAG IA . 37.50 3.38 14.68
N2 NAG IA . 39.14 1.70 15.21
O3 NAG IA . 40.69 1.07 17.52
O4 NAG IA . 42.77 -0.87 17.15
O5 NAG IA . 40.47 -1.67 14.42
O6 NAG IA . 43.11 -3.43 14.31
O7 NAG IA . 37.06 1.03 14.71
C1 NAG JA . 51.00 16.88 9.30
C2 NAG JA . 52.12 15.94 8.87
C3 NAG JA . 52.32 14.85 9.91
C4 NAG JA . 52.54 15.47 11.29
C5 NAG JA . 51.42 16.46 11.62
C6 NAG JA . 51.64 17.20 12.91
C7 NAG JA . 52.76 15.28 6.60
C8 NAG JA . 52.30 14.65 5.32
N2 NAG JA . 51.85 15.36 7.57
O3 NAG JA . 53.45 14.06 9.57
O4 NAG JA . 52.58 14.46 12.28
O5 NAG JA . 51.30 17.43 10.58
O6 NAG JA . 51.68 18.61 12.69
O7 NAG JA . 53.90 15.70 6.75
C1 NAG KA . 45.05 52.56 11.14
C2 NAG KA . 45.30 51.75 9.87
C3 NAG KA . 45.68 50.32 10.23
C4 NAG KA . 46.87 50.31 11.16
C5 NAG KA . 46.58 51.16 12.39
C6 NAG KA . 47.79 51.32 13.29
C7 NAG KA . 44.23 51.79 7.66
C8 NAG KA . 42.94 51.80 6.92
N2 NAG KA . 44.14 51.77 9.00
O3 NAG KA . 45.99 49.61 9.04
O4 NAG KA . 47.16 48.98 11.57
O5 NAG KA . 46.21 52.49 11.99
O6 NAG KA . 48.03 50.12 14.02
O7 NAG KA . 45.31 51.80 7.09
C1 NAG LA . 44.79 -11.71 -18.00
C2 NAG LA . 44.65 -11.35 -16.52
C3 NAG LA . 45.83 -10.52 -16.07
C4 NAG LA . 47.14 -11.24 -16.39
C5 NAG LA . 47.18 -11.62 -17.87
C6 NAG LA . 48.39 -12.45 -18.24
C7 NAG LA . 43.02 -9.51 -16.82
C8 NAG LA . 41.69 -8.98 -16.39
N2 NAG LA . 43.39 -10.67 -16.26
O3 NAG LA . 45.75 -10.27 -14.67
O4 NAG LA . 48.24 -10.39 -16.08
O5 NAG LA . 46.03 -12.39 -18.21
O6 NAG LA . 48.23 -13.07 -19.50
O7 NAG LA . 43.72 -8.91 -17.63
C1 NAG MA . 21.14 7.62 -40.14
C2 NAG MA . 22.53 8.22 -39.96
C3 NAG MA . 22.80 9.29 -41.00
C4 NAG MA . 22.52 8.77 -42.40
C5 NAG MA . 21.12 8.19 -42.47
C6 NAG MA . 20.81 7.55 -43.80
C7 NAG MA . 21.99 9.74 -38.09
C8 NAG MA . 22.34 10.14 -36.69
N2 NAG MA . 22.72 8.74 -38.62
O3 NAG MA . 24.16 9.72 -40.89
O4 NAG MA . 22.63 9.83 -43.35
O5 NAG MA . 20.98 7.16 -41.48
O6 NAG MA . 21.97 6.96 -44.36
O7 NAG MA . 21.09 10.29 -38.71
C1 NAG NA . -45.50 19.35 7.51
C2 NAG NA . -45.99 20.57 6.74
C3 NAG NA . -46.52 21.64 7.69
C4 NAG NA . -47.56 21.03 8.62
C5 NAG NA . -47.00 19.81 9.32
C6 NAG NA . -48.02 19.10 10.18
C7 NAG NA . -45.15 21.90 4.86
C8 NAG NA . -43.94 22.38 4.12
N2 NAG NA . -44.92 21.13 5.92
O3 NAG NA . -47.11 22.70 6.94
O4 NAG NA . -47.95 22.00 9.61
O5 NAG NA . -46.55 18.86 8.35
O6 NAG NA . -49.21 19.87 10.29
O7 NAG NA . -46.28 22.18 4.49
C1 NAG OA . -29.84 36.20 -6.11
C2 NAG OA . -29.98 37.57 -6.79
C3 NAG OA . -30.77 38.52 -5.90
C4 NAG OA . -32.10 37.89 -5.51
C5 NAG OA . -31.89 36.51 -4.90
C6 NAG OA . -33.19 35.77 -4.65
C7 NAG OA . -28.10 37.98 -8.32
C8 NAG OA . -26.76 38.62 -8.48
N2 NAG OA . -28.69 38.12 -7.12
O3 NAG OA . -30.98 39.74 -6.59
O4 NAG OA . -32.78 38.72 -4.57
O5 NAG OA . -31.13 35.69 -5.80
O6 NAG OA . -33.68 35.18 -5.83
O7 NAG OA . -28.65 37.35 -9.21
C1 NAG PA . -12.00 40.45 -35.36
C2 NAG PA . -13.12 40.27 -36.38
C3 NAG PA . -12.60 39.53 -37.61
C4 NAG PA . -11.37 40.22 -38.18
C5 NAG PA . -10.32 40.40 -37.08
C6 NAG PA . -9.13 41.19 -37.54
C7 NAG PA . -15.18 40.16 -35.05
C8 NAG PA . -16.28 39.28 -34.54
N2 NAG PA . -14.25 39.56 -35.80
O3 NAG PA . -13.63 39.49 -38.59
O4 NAG PA . -10.83 39.45 -39.23
O5 NAG PA . -10.90 41.11 -35.97
O6 NAG PA . -9.36 42.59 -37.39
O7 NAG PA . -15.13 41.35 -34.79
C1 NAG QA . 2.25 69.86 -16.89
C2 NAG QA . 1.24 68.73 -17.12
C3 NAG QA . 1.65 67.88 -18.30
C4 NAG QA . 1.82 68.75 -19.54
C5 NAG QA . 2.80 69.90 -19.26
C6 NAG QA . 2.87 70.90 -20.38
C7 NAG QA . -0.14 67.67 -15.39
C8 NAG QA . -0.14 66.81 -14.17
N2 NAG QA . 1.07 67.92 -15.93
O3 NAG QA . 0.66 66.89 -18.55
O4 NAG QA . 2.30 67.97 -20.63
O5 NAG QA . 2.39 70.62 -18.09
O6 NAG QA . 2.51 72.20 -19.91
O7 NAG QA . -1.17 68.12 -15.88
C1 NAG RA . -8.46 20.52 -37.01
C2 NAG RA . -7.00 20.84 -37.40
C3 NAG RA . -6.93 21.41 -38.81
C4 NAG RA . -7.64 20.49 -39.80
C5 NAG RA . -9.07 20.24 -39.33
C6 NAG RA . -9.80 19.25 -40.20
C7 NAG RA . -5.90 21.37 -35.28
C8 NAG RA . -5.31 22.45 -34.42
N2 NAG RA . -6.40 21.76 -36.45
O3 NAG RA . -5.57 21.56 -39.18
O4 NAG RA . -7.66 21.09 -41.09
O5 NAG RA . -9.04 19.68 -38.02
O6 NAG RA . -9.50 17.92 -39.84
O7 NAG RA . -5.92 20.20 -34.92
C1 NAG SA . -41.70 -12.87 -24.10
C2 NAG SA . -40.37 -13.60 -24.13
C3 NAG SA . -39.53 -13.10 -25.31
C4 NAG SA . -40.31 -13.27 -26.60
C5 NAG SA . -41.66 -12.57 -26.49
C6 NAG SA . -42.54 -12.81 -27.70
C7 NAG SA . -39.71 -14.30 -21.88
C8 NAG SA . -38.90 -13.97 -20.67
N2 NAG SA . -39.64 -13.42 -22.88
O3 NAG SA . -38.32 -13.83 -25.37
O4 NAG SA . -39.58 -12.73 -27.69
O5 NAG SA . -42.38 -13.06 -25.35
O6 NAG SA . -42.48 -11.72 -28.61
O7 NAG SA . -40.41 -15.31 -21.95
C1 NAG TA . -6.27 -37.52 -51.60
C2 NAG TA . -6.57 -36.33 -50.69
C3 NAG TA . -7.94 -35.75 -51.01
C4 NAG TA . -8.03 -35.39 -52.49
C5 NAG TA . -7.69 -36.61 -53.34
C6 NAG TA . -7.64 -36.28 -54.81
C7 NAG TA . -5.55 -36.26 -48.46
C8 NAG TA . -5.63 -36.72 -47.04
N2 NAG TA . -6.50 -36.70 -49.29
O3 NAG TA . -8.17 -34.60 -50.23
O4 NAG TA . -9.33 -34.92 -52.81
O5 NAG TA . -6.40 -37.12 -52.98
O6 NAG TA . -8.12 -34.97 -55.06
O7 NAG TA . -4.66 -35.50 -48.85
#